data_7UKL
#
_entry.id   7UKL
#
loop_
_entity.id
_entity.type
_entity.pdbx_description
1 polymer '12-16 Fab Light Chain'
2 polymer 'Spike glycoprotein'
3 polymer '12-16 Fab Heavy Chain'
4 non-polymer 2-acetamido-2-deoxy-beta-D-glucopyranose
#
loop_
_entity_poly.entity_id
_entity_poly.type
_entity_poly.pdbx_seq_one_letter_code
_entity_poly.pdbx_strand_id
1 'polypeptide(L)'
;SYELTQPPSVSVSPGQTASITCSGDKLGDKYACWYQQKPGQSPVLVIYQDNKRPSGIPERFSGSNSGNTATLTISGTQAM
DEADYYCQGWDRSTGYYVFGTGTKVTVL
;
Y,L,N
2 'polypeptide(L)'
;MFVFLVLLPLVSSQCVNLTTRTQLPPAYTNSFTRGVYYPDKVFRSSVLHSTQDLFLPFFSNVTWFHAIHVSGTNGTKRFD
NPVLPFNDGVYFASTEKSNIIRGWIFGTTLDSKTQSLLIVNNATNVVIKVCEFQFCNDPFLGVYYHKNNKSWMESEFRVY
SSANNCTFEYVSQPFLMDLEGKQGNFKNLREFVFKNIDGYFKIYSKHTPINLVRDLPQGFSALEPLVDLPIGINITRFQT
LLALHRSYLTPGDSSSGWTAGAAAYYVGYLQPRTFLLKYNENGTITDAVDCALDPLSETKCTLKSFTVEKGIYQTSNFRV
QPTESIVRFPNITNLCPFGEVFNATRFASVYAWNRKRISNCVADYSVLYNSASFSTFKCYGVSPTKLNDLCFTNVYADSF
VIRGDEVRQIAPGQTGKIADYNYKLPDDFTGCVIAWNSNNLDSKVGGNYNYLYRLFRKSNLKPFERDISTEIYQAGSTPC
NGVEGFNCYFPLQSYGFQPTNGVGYQPYRVVVLSFELLHAPATVCGPKKSTNLVKNKCVNFNFNGLTGTGVLTESNKKFL
PFQQFGRDIADTTDAVRDPQTLEILDITPCSFGGVSVITPGTNTSNQVAVLYQGVNCTEVPVAIHADQLTPTWRVYSTGS
NVFQTRAGCLIGAEHVNNSYECDIPIGAGICASYQTQTNSPRRARSVASQSIIAYTMSLGAENSVAYSNNSIAIPTNFTI
SVTTEILPVSMTKTSVDCTMYICGDSTECSNLLLQYGSFCTQLNRALTGIAVEQDKNTQEVFAQVKQIYKTPPIKDFGGF
NFSQILPDPSKPSKRSFIEDLLFNKVTLADAGFIKQYGDCLGDIAARDLICAQKFNGLTVLPPLLTDEMIAQYTSALLAG
TITSGWTFGAGAALQIPFAMQMAYRFNGIGVTQNVLYENQKLIANQFNSAIGKIQDSLSSTASALGKLQDVVNQNAQALN
TLVKQLSSNFGAISSVLNDILSRLDPPEAEVQIDRLITGRLQSLQTYVTQQLIRAAEIRASANLAATKMSECVLGQSKRV
DFCGKGYHLMSFPQSAPHGVVFLHVTYVPAQEKNFTTAPAICHDGKAHFPREGVFVSNGTHWFVTQRNFYEPQIITTDNT
FVSGNCDVVIGIVNNTVYDPLQPELDSFKEELDKYFKNHTSPDVDLGDISGINASVVNIQKEIDRLNEVAKNLNESLIDL
QELGKYEQYIKWPWYIWLGFIAGLIAIVMVTIMLCCMTSCCSCLKGCCSCGSCCKFDEDDSEPVLKGVKLHYT
;
B,C,A
3 'polypeptide(L)'
;QVQLVESGGGVVQPGRSLRLSCAASGFTFSNYGMHWVRQAPGKGLEWVAIISFDGSNRYYADSVKGRFTISRDNSKNTLY
LQMDSLRAEDTAVYYCAKDLSFYYDISTGYYPQSYNSGTDVWGQGTTVTVSS
;
X,H,M
#
loop_
_chem_comp.id
_chem_comp.type
_chem_comp.name
_chem_comp.formula
NAG D-saccharide, beta linking 2-acetamido-2-deoxy-beta-D-glucopyranose 'C8 H15 N O6'
#
# COMPACT_ATOMS: atom_id res chain seq x y z
N SER A 1 56.24 14.74 -37.31
CA SER A 1 56.24 16.20 -37.56
C SER A 1 55.62 16.49 -38.94
N TYR A 2 55.17 17.73 -39.19
CA TYR A 2 54.57 18.13 -40.48
C TYR A 2 54.96 19.58 -40.82
N GLU A 3 55.12 19.92 -42.10
CA GLU A 3 55.45 21.26 -42.57
C GLU A 3 55.34 21.27 -44.08
N LEU A 4 54.83 22.37 -44.62
CA LEU A 4 54.63 22.54 -46.07
C LEU A 4 55.76 23.37 -46.64
N THR A 5 56.24 22.98 -47.81
CA THR A 5 57.34 23.66 -48.49
C THR A 5 56.85 24.28 -49.79
N GLN A 6 57.22 25.53 -50.00
CA GLN A 6 56.86 26.29 -51.19
C GLN A 6 58.12 27.00 -51.69
N PRO A 7 58.18 27.32 -52.98
CA PRO A 7 59.35 28.04 -53.48
C PRO A 7 59.41 29.44 -52.90
N PRO A 8 60.61 30.02 -52.77
CA PRO A 8 60.69 31.36 -52.17
C PRO A 8 59.96 32.43 -52.98
N SER A 9 60.07 32.38 -54.30
CA SER A 9 59.41 33.36 -55.15
C SER A 9 59.29 32.79 -56.55
N VAL A 10 58.34 33.32 -57.31
CA VAL A 10 58.13 32.95 -58.72
C VAL A 10 57.98 34.23 -59.52
N SER A 11 58.71 34.31 -60.63
CA SER A 11 58.71 35.48 -61.51
C SER A 11 57.83 35.20 -62.71
N VAL A 12 56.96 36.16 -63.05
CA VAL A 12 56.04 36.00 -64.17
C VAL A 12 55.73 37.38 -64.73
N SER A 13 55.50 37.43 -66.07
CA SER A 13 55.15 38.66 -66.77
C SER A 13 53.63 38.78 -66.89
N PRO A 14 53.09 39.99 -67.07
CA PRO A 14 51.64 40.12 -67.27
C PRO A 14 51.17 39.34 -68.48
N GLY A 15 50.03 38.67 -68.34
CA GLY A 15 49.49 37.85 -69.39
C GLY A 15 50.01 36.43 -69.38
N GLN A 16 51.19 36.22 -68.79
CA GLN A 16 51.78 34.89 -68.73
C GLN A 16 51.16 34.07 -67.61
N THR A 17 51.11 32.75 -67.83
CA THR A 17 50.62 31.85 -66.80
C THR A 17 51.59 31.78 -65.63
N ALA A 18 51.05 31.78 -64.42
CA ALA A 18 51.83 31.69 -63.19
C ALA A 18 51.43 30.42 -62.45
N SER A 19 52.39 29.57 -62.17
CA SER A 19 52.17 28.31 -61.46
C SER A 19 52.77 28.42 -60.07
N ILE A 20 51.91 28.37 -59.05
CA ILE A 20 52.31 28.51 -57.65
C ILE A 20 52.04 27.17 -56.98
N THR A 21 53.09 26.58 -56.41
CA THR A 21 53.05 25.21 -55.92
C THR A 21 53.28 25.16 -54.41
N CYS A 22 52.64 24.16 -53.78
CA CYS A 22 52.85 23.83 -52.38
C CYS A 22 52.87 22.32 -52.25
N SER A 23 53.80 21.80 -51.44
CA SER A 23 54.06 20.37 -51.40
C SER A 23 54.13 19.89 -49.96
N GLY A 24 53.72 18.64 -49.75
CA GLY A 24 53.76 18.00 -48.45
C GLY A 24 53.48 16.51 -48.56
N ASP A 25 53.94 15.74 -47.57
CA ASP A 25 53.79 14.29 -47.64
C ASP A 25 52.33 13.84 -47.61
N LYS A 26 51.49 14.51 -46.80
CA LYS A 26 50.07 14.18 -46.69
C LYS A 26 49.18 15.29 -47.24
N LEU A 27 49.73 16.20 -48.05
CA LEU A 27 48.98 17.37 -48.48
C LEU A 27 47.76 17.00 -49.34
N GLY A 28 47.91 16.01 -50.22
CA GLY A 28 46.79 15.62 -51.07
C GLY A 28 45.77 14.74 -50.39
N ASP A 29 46.10 14.17 -49.22
CA ASP A 29 45.09 13.37 -48.48
C ASP A 29 44.24 14.34 -47.66
N LYS A 30 44.56 15.64 -47.74
CA LYS A 30 43.86 16.65 -46.91
C LYS A 30 43.36 17.74 -47.85
N TYR A 31 42.34 18.47 -47.43
CA TYR A 31 41.89 19.61 -48.27
C TYR A 31 42.87 20.76 -48.05
N ALA A 32 43.39 21.33 -49.12
CA ALA A 32 44.34 22.42 -49.02
C ALA A 32 43.70 23.72 -49.48
N CYS A 33 44.11 24.83 -48.89
CA CYS A 33 43.55 26.14 -49.19
C CYS A 33 44.67 27.14 -49.43
N TRP A 34 44.32 28.23 -50.11
CA TRP A 34 45.27 29.28 -50.46
C TRP A 34 44.74 30.63 -50.01
N TYR A 35 45.65 31.51 -49.63
CA TYR A 35 45.32 32.85 -49.17
C TYR A 35 46.21 33.86 -49.89
N GLN A 36 45.62 34.95 -50.35
CA GLN A 36 46.34 36.04 -50.98
C GLN A 36 46.53 37.15 -49.95
N GLN A 37 47.78 37.46 -49.64
CA GLN A 37 48.14 38.47 -48.64
C GLN A 37 48.90 39.59 -49.34
N LYS A 38 48.25 40.74 -49.50
CA LYS A 38 48.97 41.90 -50.00
C LYS A 38 49.97 42.37 -48.95
N PRO A 39 51.03 43.08 -49.35
CA PRO A 39 51.96 43.61 -48.33
C PRO A 39 51.25 44.54 -47.35
N GLY A 40 51.36 44.20 -46.07
CA GLY A 40 50.79 45.02 -45.01
C GLY A 40 49.33 44.77 -44.70
N GLN A 41 48.62 44.02 -45.54
CA GLN A 41 47.20 43.74 -45.33
C GLN A 41 47.00 42.30 -44.88
N SER A 42 45.80 42.02 -44.38
CA SER A 42 45.48 40.68 -43.92
C SER A 42 45.27 39.75 -45.13
N PRO A 43 45.39 38.44 -44.94
CA PRO A 43 45.17 37.52 -46.07
C PRO A 43 43.73 37.55 -46.55
N VAL A 44 43.54 37.23 -47.82
CA VAL A 44 42.23 37.10 -48.44
C VAL A 44 42.14 35.72 -49.08
N LEU A 45 41.10 34.97 -48.72
CA LEU A 45 40.92 33.63 -49.27
C LEU A 45 40.73 33.70 -50.78
N VAL A 46 41.44 32.82 -51.50
CA VAL A 46 41.39 32.77 -52.95
C VAL A 46 40.95 31.39 -53.45
N ILE A 47 41.49 30.32 -52.88
CA ILE A 47 41.13 28.95 -53.26
C ILE A 47 40.92 28.14 -51.98
N TYR A 48 39.90 27.30 -52.00
CA TYR A 48 39.64 26.37 -50.90
C TYR A 48 39.05 25.09 -51.47
N GLN A 49 39.23 24.00 -50.72
CA GLN A 49 38.79 22.67 -51.15
C GLN A 49 39.55 22.21 -52.40
N ASP A 50 40.74 22.79 -52.61
CA ASP A 50 41.71 22.42 -53.64
C ASP A 50 41.32 22.83 -55.05
N ASN A 51 40.06 23.20 -55.29
CA ASN A 51 39.68 23.76 -56.58
C ASN A 51 38.60 24.83 -56.51
N LYS A 52 38.03 25.10 -55.33
CA LYS A 52 36.85 25.96 -55.26
C LYS A 52 37.26 27.42 -55.13
N ARG A 53 36.34 28.30 -55.53
CA ARG A 53 36.60 29.73 -55.60
C ARG A 53 35.58 30.48 -54.76
N PRO A 54 35.98 31.32 -53.79
CA PRO A 54 34.99 32.10 -53.05
C PRO A 54 34.24 33.07 -53.95
N SER A 55 33.01 33.38 -53.56
CA SER A 55 32.19 34.31 -54.32
C SER A 55 32.85 35.68 -54.40
N GLY A 56 32.86 36.26 -55.60
CA GLY A 56 33.47 37.55 -55.83
C GLY A 56 34.91 37.51 -56.29
N ILE A 57 35.62 36.41 -56.09
CA ILE A 57 37.00 36.31 -56.57
C ILE A 57 36.98 36.14 -58.08
N PRO A 58 37.89 36.76 -58.84
CA PRO A 58 37.86 36.58 -60.30
C PRO A 58 38.03 35.12 -60.70
N GLU A 59 37.28 34.72 -61.72
CA GLU A 59 37.33 33.34 -62.21
C GLU A 59 38.73 32.97 -62.72
N ARG A 60 39.55 33.95 -63.07
CA ARG A 60 40.89 33.68 -63.57
C ARG A 60 41.78 33.00 -62.53
N PHE A 61 41.41 33.02 -61.26
CA PHE A 61 42.13 32.25 -60.25
C PHE A 61 41.67 30.80 -60.29
N SER A 62 42.62 29.88 -60.08
CA SER A 62 42.33 28.45 -60.12
C SER A 62 43.37 27.70 -59.30
N GLY A 63 43.02 26.48 -58.92
CA GLY A 63 43.92 25.66 -58.12
C GLY A 63 43.61 24.19 -58.29
N SER A 64 44.54 23.37 -57.82
CA SER A 64 44.42 21.92 -57.93
C SER A 64 45.26 21.26 -56.84
N ASN A 65 45.00 19.98 -56.62
CA ASN A 65 45.73 19.20 -55.62
C ASN A 65 45.74 17.74 -56.03
N SER A 66 46.86 17.07 -55.79
CA SER A 66 47.00 15.66 -56.13
C SER A 66 48.27 15.12 -55.49
N GLY A 67 48.17 13.93 -54.92
CA GLY A 67 49.33 13.26 -54.33
C GLY A 67 49.96 14.04 -53.19
N ASN A 68 51.20 14.48 -53.38
CA ASN A 68 51.93 15.23 -52.38
C ASN A 68 52.05 16.72 -52.72
N THR A 69 51.38 17.19 -53.77
CA THR A 69 51.55 18.55 -54.27
C THR A 69 50.19 19.21 -54.45
N ALA A 70 50.06 20.41 -53.91
CA ALA A 70 48.93 21.30 -54.19
C ALA A 70 49.45 22.52 -54.93
N THR A 71 48.67 22.96 -55.92
CA THR A 71 49.15 23.96 -56.87
C THR A 71 48.04 24.97 -57.15
N LEU A 72 48.28 26.23 -56.78
CA LEU A 72 47.46 27.33 -57.24
C LEU A 72 48.01 27.84 -58.56
N THR A 73 47.12 28.09 -59.52
CA THR A 73 47.50 28.47 -60.87
C THR A 73 46.71 29.69 -61.30
N ILE A 74 47.39 30.59 -62.02
CA ILE A 74 46.79 31.82 -62.52
C ILE A 74 46.79 31.74 -64.04
N SER A 75 45.62 31.87 -64.65
CA SER A 75 45.51 31.79 -66.10
C SER A 75 46.29 32.92 -66.78
N GLY A 76 46.21 34.13 -66.23
CA GLY A 76 46.94 35.26 -66.77
C GLY A 76 47.25 36.30 -65.72
N THR A 77 48.53 36.68 -65.62
CA THR A 77 48.94 37.62 -64.60
C THR A 77 48.44 39.02 -64.92
N GLN A 78 48.06 39.75 -63.88
CA GLN A 78 47.63 41.14 -64.01
C GLN A 78 48.27 41.96 -62.90
N ALA A 79 48.05 43.28 -62.96
CA ALA A 79 48.73 44.19 -62.04
C ALA A 79 48.32 43.99 -60.58
N MET A 80 47.19 43.34 -60.33
CA MET A 80 46.73 43.16 -58.95
C MET A 80 47.38 41.98 -58.25
N ASP A 81 48.24 41.22 -58.95
CA ASP A 81 48.73 39.96 -58.41
C ASP A 81 49.99 40.10 -57.57
N GLU A 82 50.57 41.29 -57.47
CA GLU A 82 51.79 41.45 -56.69
C GLU A 82 51.47 41.27 -55.21
N ALA A 83 51.75 40.09 -54.67
CA ALA A 83 51.38 39.76 -53.30
C ALA A 83 52.13 38.50 -52.89
N ASP A 84 51.75 37.98 -51.72
CA ASP A 84 52.32 36.75 -51.17
C ASP A 84 51.19 35.72 -50.99
N TYR A 85 51.45 34.50 -51.43
CA TYR A 85 50.46 33.42 -51.43
C TYR A 85 50.90 32.33 -50.47
N TYR A 86 49.98 31.88 -49.61
CA TYR A 86 50.27 30.94 -48.55
C TYR A 86 49.35 29.74 -48.67
N CYS A 87 49.92 28.53 -48.62
CA CYS A 87 49.13 27.31 -48.65
C CYS A 87 48.88 26.81 -47.23
N GLN A 88 47.72 26.20 -47.03
CA GLN A 88 47.30 25.67 -45.74
C GLN A 88 46.69 24.28 -45.93
N GLY A 89 47.27 23.28 -45.29
CA GLY A 89 46.66 21.96 -45.24
C GLY A 89 45.61 21.91 -44.14
N TRP A 90 44.44 21.39 -44.49
CA TRP A 90 43.26 21.49 -43.65
C TRP A 90 42.69 20.11 -43.36
N ASP A 91 42.40 19.86 -42.09
CA ASP A 91 41.74 18.61 -41.69
C ASP A 91 41.08 18.82 -40.33
N ARG A 92 39.75 18.84 -40.30
CA ARG A 92 39.03 19.07 -39.06
C ARG A 92 39.19 17.92 -38.06
N SER A 93 39.16 16.67 -38.54
CA SER A 93 39.21 15.53 -37.64
C SER A 93 40.54 15.49 -36.87
N THR A 94 41.65 15.70 -37.57
CA THR A 94 42.95 15.62 -36.92
C THR A 94 43.30 16.91 -36.18
N GLY A 95 42.58 17.99 -36.44
CA GLY A 95 42.96 19.29 -35.90
C GLY A 95 44.22 19.83 -36.54
N TYR A 96 44.38 19.61 -37.84
CA TYR A 96 45.60 19.96 -38.57
C TYR A 96 45.29 21.12 -39.51
N TYR A 97 45.85 22.30 -39.22
CA TYR A 97 45.56 23.50 -40.00
C TYR A 97 46.82 24.29 -40.31
N VAL A 98 47.99 23.65 -40.38
CA VAL A 98 49.25 24.39 -40.47
C VAL A 98 49.33 25.11 -41.81
N PHE A 99 50.07 26.21 -41.83
CA PHE A 99 50.32 26.99 -43.03
C PHE A 99 51.65 26.61 -43.65
N GLY A 100 51.86 27.06 -44.89
CA GLY A 100 53.12 26.86 -45.58
C GLY A 100 54.05 28.04 -45.44
N THR A 101 55.25 27.88 -46.00
CA THR A 101 56.25 28.94 -45.94
C THR A 101 55.90 30.14 -46.81
N GLY A 102 54.95 30.00 -47.74
CA GLY A 102 54.56 31.08 -48.61
C GLY A 102 55.49 31.20 -49.81
N THR A 103 55.08 32.06 -50.74
CA THR A 103 55.86 32.30 -51.95
C THR A 103 55.46 33.65 -52.53
N LYS A 104 56.46 34.43 -52.95
CA LYS A 104 56.23 35.77 -53.48
C LYS A 104 56.12 35.70 -55.00
N VAL A 105 54.93 35.93 -55.53
CA VAL A 105 54.78 36.09 -56.97
C VAL A 105 55.24 37.48 -57.36
N THR A 106 56.13 37.54 -58.35
CA THR A 106 56.76 38.79 -58.78
C THR A 106 56.27 39.11 -60.19
N VAL A 107 55.44 40.14 -60.31
CA VAL A 107 55.01 40.65 -61.61
C VAL A 107 56.12 41.54 -62.14
N LEU A 108 57.03 40.97 -62.92
CA LEU A 108 58.20 41.69 -63.41
C LEU A 108 57.78 42.84 -64.33
N ALA B 27 15.54 49.93 28.10
CA ALA B 27 16.40 48.81 28.56
C ALA B 27 16.06 47.55 27.80
N TYR B 28 16.65 46.41 28.13
CA TYR B 28 16.32 45.10 27.52
C TYR B 28 16.52 44.04 28.60
N THR B 29 15.62 43.08 28.73
CA THR B 29 15.70 42.03 29.74
C THR B 29 15.34 40.70 29.10
N ASN B 30 15.59 39.62 29.83
CA ASN B 30 15.43 38.27 29.32
C ASN B 30 14.06 37.73 29.72
N SER B 31 13.24 37.40 28.72
CA SER B 31 11.96 36.73 28.94
C SER B 31 12.21 35.23 28.95
N PHE B 32 12.44 34.70 30.14
CA PHE B 32 12.95 33.33 30.29
C PHE B 32 11.98 32.30 29.71
N THR B 33 10.79 32.18 30.30
CA THR B 33 9.77 31.24 29.85
C THR B 33 8.39 31.86 29.95
N ARG B 34 8.30 33.17 29.90
CA ARG B 34 7.03 33.87 30.06
C ARG B 34 6.28 33.93 28.72
N GLY B 35 5.04 34.36 28.79
CA GLY B 35 4.25 34.56 27.58
C GLY B 35 3.74 33.32 26.91
N VAL B 36 3.38 32.29 27.69
CA VAL B 36 2.78 31.07 27.18
C VAL B 36 1.34 31.00 27.67
N TYR B 37 0.44 30.57 26.79
CA TYR B 37 -0.99 30.64 27.06
C TYR B 37 -1.66 29.38 26.56
N TYR B 38 -2.89 29.18 27.02
CA TYR B 38 -3.71 28.06 26.59
C TYR B 38 -4.13 28.26 25.14
N PRO B 39 -3.58 27.54 24.17
CA PRO B 39 -3.87 27.87 22.75
C PRO B 39 -5.33 27.75 22.38
N ASP B 40 -6.09 26.83 22.97
CA ASP B 40 -7.44 26.53 22.52
C ASP B 40 -8.35 26.32 23.73
N LYS B 41 -9.63 26.09 23.45
CA LYS B 41 -10.65 25.94 24.47
C LYS B 41 -10.80 24.49 24.91
N VAL B 42 -9.81 23.65 24.60
CA VAL B 42 -9.90 22.21 24.81
C VAL B 42 -9.20 21.87 26.12
N PHE B 43 -9.86 21.07 26.95
CA PHE B 43 -9.26 20.55 28.17
C PHE B 43 -8.39 19.35 27.84
N ARG B 44 -7.23 19.27 28.48
CA ARG B 44 -6.31 18.15 28.28
C ARG B 44 -5.59 17.86 29.58
N SER B 45 -5.52 16.58 29.95
CA SER B 45 -5.01 16.16 31.24
C SER B 45 -3.94 15.09 31.04
N SER B 46 -2.79 15.29 31.69
CA SER B 46 -1.71 14.31 31.69
C SER B 46 -1.29 13.94 30.27
N VAL B 47 -0.92 14.95 29.48
CA VAL B 47 -0.53 14.74 28.10
C VAL B 47 0.41 15.86 27.69
N LEU B 48 1.34 15.54 26.79
CA LEU B 48 2.20 16.52 26.13
C LEU B 48 1.64 16.78 24.74
N HIS B 49 1.30 18.03 24.46
CA HIS B 49 0.64 18.42 23.23
C HIS B 49 1.51 19.42 22.48
N SER B 50 1.63 19.22 21.16
CA SER B 50 2.43 20.07 20.29
C SER B 50 1.50 20.98 19.50
N THR B 51 1.70 22.29 19.64
CA THR B 51 0.83 23.29 19.03
C THR B 51 1.66 24.29 18.25
N GLN B 52 1.26 24.56 17.01
CA GLN B 52 1.85 25.61 16.20
C GLN B 52 0.97 26.85 16.30
N ASP B 53 1.49 27.91 16.92
CA ASP B 53 0.72 29.13 17.11
C ASP B 53 1.69 30.28 17.34
N LEU B 54 1.12 31.47 17.55
CA LEU B 54 1.91 32.67 17.80
C LEU B 54 2.28 32.73 19.27
N PHE B 55 3.51 32.29 19.59
CA PHE B 55 4.02 32.29 20.95
C PHE B 55 5.23 33.19 21.05
N LEU B 56 5.46 33.73 22.25
CA LEU B 56 6.68 34.46 22.51
C LEU B 56 7.83 33.48 22.61
N PRO B 57 8.91 33.62 21.81
CA PRO B 57 10.02 32.68 21.93
C PRO B 57 10.64 32.70 23.31
N PHE B 58 11.07 31.52 23.77
CA PHE B 58 11.74 31.42 25.05
C PHE B 58 13.05 32.19 25.03
N PHE B 59 13.38 32.80 26.17
CA PHE B 59 14.62 33.57 26.32
C PHE B 59 14.73 34.68 25.29
N SER B 60 13.59 35.30 24.96
CA SER B 60 13.58 36.41 24.04
C SER B 60 13.86 37.72 24.77
N ASN B 61 14.40 38.69 24.02
CA ASN B 61 14.70 40.03 24.58
C ASN B 61 13.44 40.87 24.56
N VAL B 62 12.95 41.26 25.74
CA VAL B 62 11.75 42.08 25.86
C VAL B 62 12.16 43.49 26.23
N THR B 63 11.62 44.47 25.50
CA THR B 63 11.97 45.86 25.75
C THR B 63 11.31 46.35 27.03
N TRP B 64 12.11 46.63 28.05
CA TRP B 64 11.63 47.13 29.33
C TRP B 64 11.58 48.65 29.26
N PHE B 65 10.39 49.22 29.41
CA PHE B 65 10.17 50.65 29.26
C PHE B 65 10.04 51.29 30.63
N HIS B 66 10.86 52.30 30.89
CA HIS B 66 10.76 53.11 32.10
C HIS B 66 9.80 54.28 31.82
N ALA B 67 8.50 53.93 31.81
CA ALA B 67 7.48 54.84 31.29
C ALA B 67 7.36 56.12 32.09
N ILE B 68 7.62 56.10 33.40
CA ILE B 68 7.50 57.25 34.27
C ILE B 68 8.87 57.56 34.87
N HIS B 69 9.19 58.84 34.94
CA HIS B 69 10.51 59.31 35.38
C HIS B 69 10.85 58.79 36.77
N ASP B 80 8.48 58.73 28.92
CA ASP B 80 7.06 58.79 28.56
C ASP B 80 6.65 57.54 27.80
N ASN B 81 5.39 57.48 27.38
CA ASN B 81 4.86 56.30 26.73
C ASN B 81 5.07 56.38 25.22
N PRO B 82 5.83 55.48 24.60
CA PRO B 82 5.98 55.51 23.15
C PRO B 82 4.91 54.71 22.44
N VAL B 83 4.57 55.16 21.23
CA VAL B 83 3.70 54.38 20.36
C VAL B 83 4.49 53.23 19.76
N LEU B 84 4.14 52.01 20.12
CA LEU B 84 4.92 50.84 19.78
C LEU B 84 4.27 50.07 18.63
N PRO B 85 5.06 49.39 17.80
CA PRO B 85 4.45 48.63 16.71
C PRO B 85 3.72 47.40 17.23
N PHE B 86 2.71 46.97 16.47
CA PHE B 86 1.97 45.75 16.76
C PHE B 86 2.29 44.75 15.66
N ASN B 87 3.26 43.87 15.93
CA ASN B 87 3.66 42.84 14.99
C ASN B 87 2.64 41.71 15.07
N ASP B 88 2.98 40.52 14.55
CA ASP B 88 2.09 39.37 14.59
C ASP B 88 1.41 39.20 15.94
N GLY B 89 2.08 39.54 17.03
CA GLY B 89 1.45 39.59 18.33
C GLY B 89 2.24 40.47 19.26
N VAL B 90 1.72 40.64 20.47
CA VAL B 90 2.38 41.41 21.50
C VAL B 90 2.20 40.69 22.84
N TYR B 91 3.29 40.56 23.58
CA TYR B 91 3.26 40.11 24.96
C TYR B 91 3.56 41.30 25.86
N PHE B 92 2.63 41.62 26.75
CA PHE B 92 2.73 42.78 27.61
C PHE B 92 2.79 42.31 29.06
N ALA B 93 3.75 42.84 29.81
CA ALA B 93 3.91 42.50 31.22
C ALA B 93 4.21 43.77 32.00
N SER B 94 3.65 43.84 33.20
CA SER B 94 3.85 44.98 34.07
C SER B 94 3.78 44.52 35.52
N THR B 95 4.55 45.19 36.38
CA THR B 95 4.60 44.83 37.79
C THR B 95 4.64 46.09 38.66
N GLU B 96 4.01 47.16 38.20
CA GLU B 96 3.93 48.37 39.00
C GLU B 96 3.17 48.08 40.29
N LYS B 97 3.61 48.68 41.39
CA LYS B 97 3.15 48.28 42.72
C LYS B 97 1.89 49.03 43.15
N SER B 98 1.32 49.87 42.27
CA SER B 98 0.07 50.55 42.63
C SER B 98 -0.92 50.60 41.48
N ASN B 99 -0.76 49.80 40.42
CA ASN B 99 -1.72 49.70 39.33
C ASN B 99 -1.95 51.05 38.66
N ILE B 100 -0.88 51.56 38.04
CA ILE B 100 -1.00 52.79 37.27
C ILE B 100 -1.51 52.50 35.86
N ILE B 101 -1.20 51.29 35.35
CA ILE B 101 -1.67 50.92 34.02
C ILE B 101 -3.15 50.57 34.09
N ARG B 102 -3.93 51.14 33.17
CA ARG B 102 -5.37 50.95 33.14
C ARG B 102 -5.91 50.47 31.80
N GLY B 103 -5.08 50.32 30.78
CA GLY B 103 -5.55 49.82 29.50
C GLY B 103 -4.61 50.21 28.39
N TRP B 104 -5.06 49.90 27.17
CA TRP B 104 -4.23 50.09 25.98
C TRP B 104 -5.08 50.64 24.85
N ILE B 105 -4.41 51.17 23.84
CA ILE B 105 -5.04 51.67 22.62
C ILE B 105 -4.38 50.94 21.45
N PHE B 106 -5.22 50.44 20.53
CA PHE B 106 -4.74 49.72 19.36
C PHE B 106 -5.30 50.35 18.10
N GLY B 107 -4.55 50.25 17.02
CA GLY B 107 -4.97 50.82 15.75
C GLY B 107 -3.85 50.81 14.73
N THR B 108 -4.07 51.52 13.63
CA THR B 108 -3.10 51.61 12.55
C THR B 108 -2.68 53.06 12.33
N THR B 109 -3.62 53.99 12.41
CA THR B 109 -3.32 55.41 12.24
C THR B 109 -3.43 56.18 13.55
N LEU B 110 -4.41 55.83 14.39
CA LEU B 110 -4.60 56.46 15.69
C LEU B 110 -4.83 57.97 15.58
N ASP B 111 -5.47 58.41 14.47
CA ASP B 111 -5.77 59.82 14.30
C ASP B 111 -7.15 60.06 13.70
N SER B 112 -8.10 59.14 13.88
CA SER B 112 -9.47 59.23 13.39
C SER B 112 -9.59 58.98 11.89
N LYS B 113 -8.49 58.67 11.21
CA LYS B 113 -8.56 58.29 9.81
C LYS B 113 -8.89 56.81 9.62
N THR B 114 -8.80 56.00 10.68
CA THR B 114 -9.09 54.58 10.60
C THR B 114 -9.59 54.12 11.95
N GLN B 115 -10.37 53.04 11.96
CA GLN B 115 -10.93 52.52 13.20
C GLN B 115 -9.82 52.09 14.15
N SER B 116 -10.08 52.23 15.44
CA SER B 116 -9.10 51.94 16.47
C SER B 116 -9.80 51.33 17.68
N LEU B 117 -9.12 50.39 18.33
CA LEU B 117 -9.67 49.66 19.47
C LEU B 117 -9.18 50.29 20.76
N LEU B 118 -10.10 50.57 21.67
CA LEU B 118 -9.79 51.13 22.98
C LEU B 118 -10.17 50.13 24.05
N ILE B 119 -9.23 49.85 24.95
CA ILE B 119 -9.48 49.10 26.18
C ILE B 119 -8.98 49.96 27.33
N VAL B 120 -9.86 50.18 28.32
CA VAL B 120 -9.54 51.01 29.52
C VAL B 120 -10.43 50.57 30.69
N ASN B 121 -9.86 50.35 31.89
CA ASN B 121 -10.59 49.77 33.04
C ASN B 121 -10.65 50.73 34.23
N ASN B 122 -11.76 51.46 34.42
CA ASN B 122 -11.94 52.31 35.62
C ASN B 122 -12.39 51.38 36.75
N ALA B 123 -12.25 51.78 38.01
CA ALA B 123 -12.58 50.93 39.19
C ALA B 123 -13.90 50.17 39.00
N THR B 124 -14.94 50.81 38.45
CA THR B 124 -16.28 50.21 38.27
C THR B 124 -16.41 49.26 37.08
N ASN B 125 -15.82 49.54 35.90
CA ASN B 125 -16.10 48.75 34.68
C ASN B 125 -15.01 48.79 33.59
N VAL B 126 -14.86 47.74 32.78
CA VAL B 126 -13.97 47.77 31.58
C VAL B 126 -14.81 48.59 30.63
N VAL B 127 -14.26 49.24 29.61
CA VAL B 127 -15.11 49.95 28.61
C VAL B 127 -14.47 49.75 27.26
N ILE B 128 -14.72 48.61 26.61
CA ILE B 128 -14.09 48.35 25.33
C ILE B 128 -14.86 49.10 24.25
N LYS B 129 -14.12 49.69 23.31
CA LYS B 129 -14.72 50.42 22.20
C LYS B 129 -13.86 50.26 20.96
N VAL B 130 -14.53 50.18 19.81
CA VAL B 130 -13.89 50.27 18.50
C VAL B 130 -14.61 51.35 17.73
N CYS B 131 -14.11 52.58 17.82
CA CYS B 131 -14.77 53.74 17.25
C CYS B 131 -13.80 54.39 16.28
N GLU B 132 -14.25 55.47 15.63
CA GLU B 132 -13.37 56.31 14.82
C GLU B 132 -12.67 57.31 15.73
N PHE B 133 -11.78 56.78 16.57
CA PHE B 133 -11.24 57.55 17.69
C PHE B 133 -10.37 58.69 17.20
N GLN B 134 -10.59 59.87 17.77
CA GLN B 134 -9.69 61.00 17.61
C GLN B 134 -8.78 61.14 18.84
N PHE B 135 -7.85 60.19 18.95
CA PHE B 135 -7.01 60.09 20.13
C PHE B 135 -6.19 61.36 20.33
N CYS B 136 -6.01 61.74 21.59
CA CYS B 136 -5.07 62.79 21.93
C CYS B 136 -3.65 62.31 21.60
N ASN B 137 -2.75 63.26 21.38
CA ASN B 137 -1.38 62.91 21.05
C ASN B 137 -0.66 62.23 22.20
N ASP B 138 -1.10 62.44 23.44
CA ASP B 138 -0.55 61.77 24.62
C ASP B 138 -1.71 61.29 25.47
N PRO B 139 -2.39 60.21 25.06
CA PRO B 139 -3.56 59.76 25.81
C PRO B 139 -3.21 59.33 27.23
N PHE B 140 -4.13 59.59 28.14
CA PHE B 140 -4.01 59.15 29.52
C PHE B 140 -5.38 59.26 30.18
N LEU B 141 -5.53 58.60 31.32
CA LEU B 141 -6.79 58.58 32.05
C LEU B 141 -6.67 59.51 33.26
N GLY B 142 -7.61 60.45 33.37
CA GLY B 142 -7.59 61.37 34.50
C GLY B 142 -8.17 60.72 35.75
N VAL B 143 -7.61 61.08 36.89
CA VAL B 143 -8.06 60.56 38.18
C VAL B 143 -7.92 61.62 39.26
N VAL B 159 -13.51 59.40 31.90
CA VAL B 159 -12.71 60.62 31.92
C VAL B 159 -12.10 60.86 30.54
N TYR B 160 -11.73 59.77 29.87
CA TYR B 160 -11.18 59.81 28.52
C TYR B 160 -11.89 58.77 27.67
N SER B 161 -12.53 59.22 26.60
CA SER B 161 -13.30 58.34 25.73
C SER B 161 -13.76 59.13 24.51
N SER B 162 -14.43 58.43 23.59
CA SER B 162 -15.01 59.06 22.40
C SER B 162 -16.00 58.08 21.78
N ALA B 163 -16.86 58.62 20.89
CA ALA B 163 -17.90 57.82 20.26
C ALA B 163 -18.14 58.22 18.81
N ASN B 164 -17.09 58.67 18.12
CA ASN B 164 -17.25 59.20 16.73
C ASN B 164 -17.47 58.04 15.74
N ASN B 165 -18.62 58.00 15.06
CA ASN B 165 -18.84 56.97 14.01
C ASN B 165 -18.49 55.60 14.58
N CYS B 166 -18.99 55.29 15.79
CA CYS B 166 -18.56 54.03 16.44
C CYS B 166 -19.25 52.79 15.84
N THR B 167 -18.68 51.62 16.09
CA THR B 167 -19.21 50.35 15.59
C THR B 167 -19.28 49.21 16.60
N PHE B 168 -18.46 49.21 17.65
CA PHE B 168 -18.46 48.13 18.62
C PHE B 168 -18.21 48.68 20.02
N GLU B 169 -18.85 48.06 21.00
CA GLU B 169 -18.68 48.45 22.39
C GLU B 169 -19.05 47.27 23.28
N TYR B 170 -18.33 47.14 24.41
CA TYR B 170 -18.62 46.11 25.40
C TYR B 170 -18.21 46.64 26.77
N VAL B 171 -19.18 47.21 27.48
CA VAL B 171 -18.96 47.66 28.85
C VAL B 171 -19.31 46.52 29.80
N SER B 172 -18.40 46.20 30.71
CA SER B 172 -18.55 45.03 31.56
C SER B 172 -17.70 45.23 32.82
N GLN B 173 -17.51 44.13 33.55
CA GLN B 173 -16.73 44.17 34.78
C GLN B 173 -15.24 44.36 34.45
N PRO B 174 -14.47 45.05 35.29
CA PRO B 174 -13.05 45.25 34.97
C PRO B 174 -12.19 44.06 35.34
N PHE B 175 -10.98 44.04 34.75
CA PHE B 175 -10.00 43.00 35.04
C PHE B 175 -8.68 43.54 35.58
N LEU B 176 -8.55 44.87 35.69
CA LEU B 176 -7.35 45.46 36.35
C LEU B 176 -7.81 46.08 37.66
N MET B 177 -7.35 45.53 38.78
CA MET B 177 -7.84 45.99 40.10
C MET B 177 -6.72 46.39 41.06
N ASP B 178 -7.00 47.31 41.98
CA ASP B 178 -5.99 47.76 42.98
C ASP B 178 -5.83 46.74 44.10
N LEU B 179 -4.91 45.78 43.94
CA LEU B 179 -4.77 44.69 44.94
C LEU B 179 -3.53 44.87 45.82
N GLU B 180 -2.90 46.04 45.79
CA GLU B 180 -1.61 46.26 46.51
C GLU B 180 -1.58 45.67 47.92
N GLY B 181 -2.42 46.15 48.85
CA GLY B 181 -2.34 45.72 50.25
C GLY B 181 -2.26 44.22 50.44
N LYS B 182 -3.05 43.45 49.70
CA LYS B 182 -3.11 41.98 49.90
C LYS B 182 -1.75 41.36 49.61
N GLN B 183 -1.07 41.82 48.56
CA GLN B 183 0.23 41.21 48.18
C GLN B 183 1.23 41.41 49.32
N GLY B 184 1.16 42.55 50.02
CA GLY B 184 2.16 42.81 51.07
C GLY B 184 3.53 42.94 50.46
N ASN B 185 4.47 42.09 50.88
CA ASN B 185 5.86 42.17 50.37
C ASN B 185 5.89 41.95 48.85
N PHE B 186 5.09 41.01 48.34
CA PHE B 186 5.15 40.67 46.90
C PHE B 186 4.60 41.80 46.04
N LYS B 187 5.06 41.96 44.79
CA LYS B 187 4.48 42.96 43.86
C LYS B 187 3.76 42.11 42.82
N ASN B 188 2.49 42.39 42.52
CA ASN B 188 1.69 41.49 41.66
C ASN B 188 2.16 41.68 40.23
N LEU B 189 2.77 40.66 39.63
CA LEU B 189 3.18 40.70 38.21
C LEU B 189 1.90 40.56 37.42
N ARG B 190 1.66 41.40 36.42
CA ARG B 190 0.54 41.25 35.51
C ARG B 190 1.07 41.01 34.10
N GLU B 191 0.52 40.01 33.43
CA GLU B 191 0.97 39.63 32.09
C GLU B 191 -0.23 39.60 31.15
N PHE B 192 0.01 39.97 29.89
CA PHE B 192 -1.03 39.97 28.87
C PHE B 192 -0.43 39.54 27.54
N VAL B 193 -1.28 38.94 26.70
CA VAL B 193 -0.91 38.56 25.35
C VAL B 193 -2.05 38.99 24.42
N PHE B 194 -1.69 39.66 23.33
CA PHE B 194 -2.66 40.20 22.37
C PHE B 194 -2.40 39.59 21.00
N LYS B 195 -3.47 39.15 20.35
CA LYS B 195 -3.42 38.64 18.99
C LYS B 195 -4.57 39.22 18.18
N ASN B 196 -4.43 39.17 16.86
CA ASN B 196 -5.46 39.70 15.96
C ASN B 196 -5.66 38.81 14.74
N ILE B 197 -5.50 37.49 14.90
CA ILE B 197 -5.64 36.57 13.77
C ILE B 197 -7.09 36.16 13.59
N ASP B 198 -7.43 35.79 12.36
CA ASP B 198 -8.77 35.29 12.01
C ASP B 198 -9.86 36.32 12.29
N GLY B 199 -9.50 37.61 12.32
CA GLY B 199 -10.48 38.65 12.60
C GLY B 199 -10.94 38.71 14.03
N TYR B 200 -10.29 37.99 14.94
CA TYR B 200 -10.62 37.99 16.36
C TYR B 200 -9.48 38.62 17.14
N PHE B 201 -9.82 39.59 17.98
CA PHE B 201 -8.85 40.17 18.91
C PHE B 201 -8.87 39.35 20.20
N LYS B 202 -7.86 38.51 20.39
CA LYS B 202 -7.80 37.59 21.51
C LYS B 202 -6.86 38.15 22.57
N ILE B 203 -7.34 38.16 23.81
CA ILE B 203 -6.59 38.67 24.96
C ILE B 203 -6.45 37.53 25.97
N TYR B 204 -5.24 37.34 26.49
CA TYR B 204 -4.95 36.37 27.53
C TYR B 204 -4.33 37.12 28.70
N SER B 205 -4.40 36.53 29.89
CA SER B 205 -3.86 37.21 31.06
C SER B 205 -3.65 36.23 32.20
N LYS B 206 -2.66 36.55 33.02
CA LYS B 206 -2.45 35.92 34.31
C LYS B 206 -1.68 36.90 35.20
N HIS B 207 -1.98 36.85 36.50
CA HIS B 207 -1.28 37.66 37.49
C HIS B 207 -0.83 36.76 38.63
N THR B 208 0.46 36.87 38.98
CA THR B 208 1.07 36.07 40.03
C THR B 208 1.87 36.98 40.95
N PRO B 209 1.91 36.69 42.26
CA PRO B 209 2.82 37.45 43.13
C PRO B 209 4.27 37.08 42.86
N ILE B 210 5.14 38.09 42.91
CA ILE B 210 6.58 37.89 42.78
C ILE B 210 7.31 38.80 43.75
N ASN B 211 8.52 38.38 44.13
CA ASN B 211 9.40 39.17 44.97
C ASN B 211 10.66 39.63 44.25
N LEU B 212 10.96 39.06 43.08
CA LEU B 212 12.11 39.51 42.31
C LEU B 212 11.90 40.96 41.88
N VAL B 213 12.98 41.75 41.91
CA VAL B 213 12.86 43.19 41.78
C VAL B 213 13.13 43.63 40.35
N ARG B 214 14.23 43.18 39.76
CA ARG B 214 14.80 43.81 38.58
C ARG B 214 14.54 43.07 37.28
N ASP B 215 13.80 41.96 37.29
CA ASP B 215 13.60 41.20 36.07
C ASP B 215 12.37 40.31 36.25
N LEU B 216 11.85 39.82 35.13
CA LEU B 216 10.74 38.89 35.17
C LEU B 216 11.18 37.60 35.86
N PRO B 217 10.29 36.90 36.57
CA PRO B 217 10.73 35.75 37.36
C PRO B 217 11.21 34.60 36.48
N GLN B 218 12.15 33.83 37.02
CA GLN B 218 12.60 32.59 36.39
C GLN B 218 11.64 31.48 36.78
N GLY B 219 10.48 31.49 36.14
CA GLY B 219 9.43 30.54 36.47
C GLY B 219 8.52 30.32 35.29
N PHE B 220 7.43 29.59 35.55
CA PHE B 220 6.47 29.19 34.53
C PHE B 220 5.06 29.42 35.03
N SER B 221 4.21 29.97 34.17
CA SER B 221 2.79 30.14 34.48
C SER B 221 2.06 30.43 33.18
N ALA B 222 1.03 29.62 32.88
CA ALA B 222 0.29 29.76 31.63
C ALA B 222 -0.82 30.78 31.77
N LEU B 223 -1.06 31.55 30.71
CA LEU B 223 -2.03 32.63 30.72
C LEU B 223 -3.37 32.13 30.22
N GLU B 224 -4.42 32.29 31.03
CA GLU B 224 -5.76 31.93 30.59
C GLU B 224 -6.36 33.07 29.75
N PRO B 225 -7.30 32.75 28.83
CA PRO B 225 -7.93 33.81 28.06
C PRO B 225 -8.73 34.80 28.90
N LEU B 226 -8.86 36.03 28.41
CA LEU B 226 -9.76 37.03 29.00
C LEU B 226 -10.97 37.27 28.10
N VAL B 227 -10.75 37.63 26.85
CA VAL B 227 -11.81 37.89 25.89
C VAL B 227 -11.41 37.31 24.55
N ASP B 228 -12.41 37.15 23.67
CA ASP B 228 -12.23 36.64 22.32
C ASP B 228 -13.03 37.57 21.41
N LEU B 229 -12.78 38.87 21.55
CA LEU B 229 -13.63 39.91 20.97
C LEU B 229 -13.76 39.73 19.46
N PRO B 230 -15.00 39.81 18.89
CA PRO B 230 -15.14 39.74 17.42
C PRO B 230 -14.96 41.10 16.76
N ILE B 231 -13.70 41.54 16.66
CA ILE B 231 -13.43 42.92 16.27
C ILE B 231 -13.21 43.04 14.77
N GLY B 232 -12.17 42.40 14.23
CA GLY B 232 -11.98 42.32 12.80
C GLY B 232 -11.15 43.41 12.15
N ILE B 233 -10.76 44.45 12.89
CA ILE B 233 -10.05 45.57 12.26
C ILE B 233 -8.59 45.22 12.06
N ASN B 234 -7.90 46.11 11.34
CA ASN B 234 -6.44 45.95 11.05
C ASN B 234 -5.67 46.73 12.11
N ILE B 235 -4.73 46.08 12.80
CA ILE B 235 -3.94 46.71 13.86
C ILE B 235 -2.47 46.59 13.49
N THR B 236 -1.74 47.70 13.58
CA THR B 236 -0.30 47.71 13.36
C THR B 236 0.47 48.51 14.39
N ARG B 237 -0.18 49.18 15.33
CA ARG B 237 0.49 49.95 16.37
C ARG B 237 -0.38 49.94 17.63
N PHE B 238 0.25 50.23 18.76
CA PHE B 238 -0.49 50.30 20.01
C PHE B 238 0.32 51.11 21.02
N GLN B 239 -0.35 51.53 22.09
CA GLN B 239 0.31 52.20 23.20
C GLN B 239 -0.53 52.04 24.46
N THR B 240 0.15 52.11 25.61
CA THR B 240 -0.52 52.01 26.89
C THR B 240 -1.00 53.39 27.34
N LEU B 241 -2.06 53.38 28.15
CA LEU B 241 -2.60 54.58 28.77
C LEU B 241 -2.63 54.38 30.27
N LEU B 242 -2.34 55.46 31.01
CA LEU B 242 -2.08 55.39 32.44
C LEU B 242 -2.99 56.34 33.20
N ALA B 243 -3.11 56.10 34.51
CA ALA B 243 -3.89 56.96 35.39
C ALA B 243 -2.96 57.99 36.05
N LEU B 244 -3.19 59.26 35.77
CA LEU B 244 -2.36 60.36 36.25
C LEU B 244 -3.23 61.37 36.99
N HIS B 245 -2.82 61.72 38.21
CA HIS B 245 -3.52 62.73 38.99
C HIS B 245 -3.17 64.15 38.58
N ARG B 246 -2.08 64.35 37.83
CA ARG B 246 -1.66 65.66 37.33
C ARG B 246 -1.89 65.65 35.83
N SER B 247 -3.05 66.14 35.41
CA SER B 247 -3.51 66.00 34.02
C SER B 247 -2.93 67.05 33.08
N TYR B 248 -1.61 67.09 32.93
CA TYR B 248 -0.99 67.94 31.92
C TYR B 248 -0.94 67.21 30.58
N LEU B 249 -1.46 67.86 29.54
CA LEU B 249 -1.51 67.27 28.21
C LEU B 249 -0.11 67.34 27.60
N THR B 250 0.76 66.45 28.09
CA THR B 250 2.13 66.37 27.62
C THR B 250 2.21 65.69 26.26
N ALA B 264 8.48 50.50 33.99
CA ALA B 264 7.07 50.26 34.32
C ALA B 264 6.62 48.94 33.69
N TYR B 265 6.67 48.79 32.37
CA TYR B 265 6.11 47.61 31.68
C TYR B 265 7.02 46.98 30.62
N TYR B 266 7.04 45.65 30.46
CA TYR B 266 7.84 44.96 29.47
C TYR B 266 6.97 44.64 28.26
N VAL B 267 7.59 44.61 27.08
CA VAL B 267 6.88 44.33 25.84
C VAL B 267 7.68 43.32 25.03
N GLY B 268 7.03 42.22 24.64
CA GLY B 268 7.61 41.27 23.73
C GLY B 268 6.67 41.05 22.56
N TYR B 269 7.20 40.41 21.52
CA TYR B 269 6.46 40.21 20.27
C TYR B 269 6.38 38.72 19.97
N LEU B 270 5.18 38.25 19.64
CA LEU B 270 4.97 36.85 19.32
C LEU B 270 5.49 36.55 17.92
N GLN B 271 5.82 35.27 17.71
CA GLN B 271 6.26 34.78 16.42
C GLN B 271 5.65 33.40 16.19
N PRO B 272 5.53 32.97 14.92
CA PRO B 272 5.03 31.60 14.69
C PRO B 272 6.03 30.56 15.19
N ARG B 273 5.68 29.86 16.26
CA ARG B 273 6.55 28.90 16.90
C ARG B 273 5.75 27.65 17.27
N THR B 274 6.42 26.51 17.26
CA THR B 274 5.81 25.24 17.65
C THR B 274 6.23 24.93 19.08
N PHE B 275 5.25 24.82 19.97
CA PHE B 275 5.49 24.61 21.39
C PHE B 275 4.93 23.25 21.81
N LEU B 276 5.71 22.53 22.62
CA LEU B 276 5.25 21.29 23.24
C LEU B 276 4.81 21.61 24.66
N LEU B 277 3.50 21.54 24.91
CA LEU B 277 2.91 21.98 26.16
C LEU B 277 2.58 20.76 27.02
N LYS B 278 2.97 20.83 28.29
CA LYS B 278 2.79 19.74 29.24
C LYS B 278 1.61 20.05 30.15
N TYR B 279 0.60 19.18 30.11
CA TYR B 279 -0.60 19.31 30.94
C TYR B 279 -0.51 18.32 32.09
N ASN B 280 -0.64 18.82 33.32
CA ASN B 280 -0.64 17.95 34.49
C ASN B 280 -2.01 17.27 34.62
N GLU B 281 -2.15 16.44 35.67
CA GLU B 281 -3.39 15.71 35.85
C GLU B 281 -4.57 16.65 36.09
N ASN B 282 -4.33 17.78 36.75
CA ASN B 282 -5.38 18.78 36.92
C ASN B 282 -5.81 19.41 35.61
N GLY B 283 -4.97 19.35 34.57
CA GLY B 283 -5.29 19.95 33.30
C GLY B 283 -4.71 21.32 33.07
N THR B 284 -3.80 21.77 33.95
CA THR B 284 -3.15 23.06 33.80
C THR B 284 -1.77 22.88 33.19
N ILE B 285 -1.39 23.81 32.31
CA ILE B 285 -0.06 23.77 31.71
C ILE B 285 0.97 24.10 32.78
N THR B 286 1.90 23.17 33.03
CA THR B 286 2.92 23.32 34.05
C THR B 286 4.31 23.55 33.49
N ASP B 287 4.56 23.16 32.24
CA ASP B 287 5.88 23.34 31.65
C ASP B 287 5.72 23.25 30.13
N ALA B 288 6.71 23.76 29.40
CA ALA B 288 6.65 23.78 27.96
C ALA B 288 8.05 23.79 27.39
N VAL B 289 8.16 23.38 26.12
CA VAL B 289 9.42 23.34 25.38
C VAL B 289 9.24 24.14 24.10
N ASP B 290 10.15 25.07 23.86
CA ASP B 290 10.17 25.83 22.61
C ASP B 290 10.97 25.02 21.59
N CYS B 291 10.27 24.41 20.63
CA CYS B 291 10.90 23.41 19.78
C CYS B 291 12.02 23.98 18.92
N ALA B 292 12.02 25.27 18.64
CA ALA B 292 13.02 25.90 17.79
C ALA B 292 14.09 26.66 18.57
N LEU B 293 14.13 26.52 19.90
CA LEU B 293 15.08 27.30 20.68
C LEU B 293 16.51 26.82 20.47
N ASP B 294 16.73 25.52 20.53
CA ASP B 294 18.08 24.96 20.47
C ASP B 294 17.96 23.50 20.02
N PRO B 295 19.08 22.87 19.66
CA PRO B 295 19.00 21.46 19.20
C PRO B 295 18.40 20.53 20.22
N LEU B 296 18.64 20.73 21.51
CA LEU B 296 18.07 19.83 22.52
C LEU B 296 16.54 19.93 22.53
N SER B 297 16.00 21.14 22.41
CA SER B 297 14.55 21.28 22.39
C SER B 297 13.94 20.60 21.17
N GLU B 298 14.66 20.61 20.05
CA GLU B 298 14.21 19.85 18.89
C GLU B 298 14.17 18.35 19.20
N THR B 299 15.18 17.86 19.92
CA THR B 299 15.19 16.46 20.33
C THR B 299 14.03 16.16 21.27
N LYS B 300 13.78 17.05 22.23
CA LYS B 300 12.62 16.90 23.10
C LYS B 300 11.33 16.95 22.30
N CYS B 301 11.26 17.86 21.33
CA CYS B 301 10.01 18.11 20.63
C CYS B 301 9.68 16.97 19.67
N THR B 302 10.70 16.40 19.01
CA THR B 302 10.45 15.30 18.09
C THR B 302 10.18 13.99 18.82
N LEU B 303 10.76 13.82 20.02
CA LEU B 303 10.49 12.65 20.83
C LEU B 303 9.19 12.77 21.62
N LYS B 304 8.58 13.95 21.66
CA LYS B 304 7.35 14.18 22.43
C LYS B 304 7.56 13.81 23.91
N SER B 305 8.70 14.25 24.44
CA SER B 305 9.02 14.03 25.84
C SER B 305 9.89 15.18 26.33
N PHE B 306 9.80 15.44 27.63
CA PHE B 306 10.60 16.48 28.27
C PHE B 306 11.94 15.95 28.76
N THR B 307 12.01 14.66 29.08
CA THR B 307 13.26 14.01 29.42
C THR B 307 13.72 13.15 28.26
N VAL B 308 15.01 13.27 27.92
CA VAL B 308 15.60 12.62 26.76
C VAL B 308 16.67 11.64 27.25
N GLU B 309 16.60 10.41 26.77
CA GLU B 309 17.59 9.41 27.14
C GLU B 309 18.88 9.62 26.36
N LYS B 310 19.95 9.03 26.86
CA LYS B 310 21.24 9.10 26.18
C LYS B 310 21.15 8.44 24.81
N GLY B 311 21.71 9.11 23.81
CA GLY B 311 21.73 8.54 22.47
C GLY B 311 21.92 9.64 21.43
N ILE B 312 21.72 9.23 20.18
CA ILE B 312 21.80 10.13 19.03
C ILE B 312 20.46 10.05 18.29
N TYR B 313 19.82 11.20 18.11
CA TYR B 313 18.48 11.29 17.57
C TYR B 313 18.48 12.18 16.34
N GLN B 314 17.83 11.72 15.26
CA GLN B 314 17.66 12.53 14.06
C GLN B 314 16.45 13.43 14.26
N THR B 315 16.69 14.74 14.34
CA THR B 315 15.66 15.71 14.66
C THR B 315 15.09 16.42 13.44
N SER B 316 15.91 16.76 12.46
CA SER B 316 15.44 17.50 11.29
C SER B 316 16.38 17.20 10.13
N ASN B 317 16.11 17.86 9.01
CA ASN B 317 16.87 17.68 7.77
C ASN B 317 17.51 19.01 7.38
N PHE B 318 18.79 19.03 7.05
CA PHE B 318 19.50 20.27 6.62
C PHE B 318 19.41 20.38 5.11
N ARG B 319 18.92 21.49 4.55
CA ARG B 319 18.93 21.66 3.07
C ARG B 319 19.47 23.04 2.73
N VAL B 320 20.53 23.14 1.92
CA VAL B 320 21.13 24.48 1.66
C VAL B 320 20.20 25.21 0.69
N GLN B 321 19.66 26.38 1.07
CA GLN B 321 18.70 27.02 0.20
C GLN B 321 19.40 27.70 -0.98
N PRO B 322 18.71 27.90 -2.10
CA PRO B 322 19.32 28.61 -3.22
C PRO B 322 19.61 30.07 -2.86
N THR B 323 20.78 30.55 -3.32
CA THR B 323 21.18 31.92 -3.00
C THR B 323 20.42 32.94 -3.82
N GLU B 324 20.18 32.66 -5.10
CA GLU B 324 19.58 33.64 -6.00
C GLU B 324 18.82 32.88 -7.08
N SER B 325 18.34 33.63 -8.08
CA SER B 325 17.58 33.08 -9.20
C SER B 325 18.32 33.36 -10.50
N ILE B 326 18.26 32.41 -11.43
CA ILE B 326 18.96 32.49 -12.70
C ILE B 326 17.99 32.14 -13.82
N VAL B 327 18.04 32.90 -14.91
CA VAL B 327 17.26 32.64 -16.12
C VAL B 327 18.19 32.76 -17.31
N ARG B 328 18.11 31.80 -18.23
CA ARG B 328 18.92 31.79 -19.45
C ARG B 328 18.02 31.37 -20.60
N PHE B 329 17.30 32.32 -21.19
CA PHE B 329 16.45 32.03 -22.36
C PHE B 329 17.31 32.36 -23.57
N PRO B 330 17.04 31.86 -24.79
CA PRO B 330 17.93 32.06 -25.93
C PRO B 330 17.77 33.48 -26.49
N ASN B 331 18.65 33.91 -27.42
CA ASN B 331 18.69 35.30 -27.94
C ASN B 331 17.72 35.50 -29.11
N ILE B 332 16.43 35.22 -28.95
CA ILE B 332 15.35 35.56 -29.92
C ILE B 332 14.86 36.96 -29.56
N THR B 333 14.76 37.89 -30.52
CA THR B 333 14.35 39.29 -30.26
C THR B 333 13.01 39.62 -30.94
N ASN B 334 12.79 39.14 -32.17
CA ASN B 334 11.59 39.48 -32.91
C ASN B 334 10.34 39.18 -32.09
N LEU B 335 9.40 40.12 -32.10
CA LEU B 335 8.09 39.87 -31.49
C LEU B 335 7.32 38.86 -32.33
N CYS B 336 6.36 38.21 -31.69
CA CYS B 336 5.76 37.03 -32.30
C CYS B 336 4.49 37.41 -33.05
N PRO B 337 4.27 36.87 -34.27
CA PRO B 337 3.16 37.39 -35.09
C PRO B 337 1.80 36.82 -34.72
N PHE B 338 1.32 37.11 -33.50
CA PHE B 338 -0.08 36.89 -33.19
C PHE B 338 -0.97 37.93 -33.87
N GLY B 339 -0.43 39.11 -34.12
CA GLY B 339 -1.20 40.16 -34.78
C GLY B 339 -1.67 39.81 -36.18
N GLU B 340 -1.00 38.85 -36.83
CA GLU B 340 -1.39 38.42 -38.16
C GLU B 340 -2.41 37.28 -38.15
N VAL B 341 -2.76 36.77 -36.97
CA VAL B 341 -3.69 35.64 -36.85
C VAL B 341 -5.05 36.15 -36.39
N PHE B 342 -5.11 36.96 -35.34
CA PHE B 342 -6.41 37.42 -34.76
C PHE B 342 -7.05 38.45 -35.70
N ASN B 343 -6.24 39.35 -36.29
CA ASN B 343 -6.73 40.43 -37.20
C ASN B 343 -6.91 39.91 -38.64
N ALA B 344 -6.77 38.62 -38.90
CA ALA B 344 -6.83 38.10 -40.29
C ALA B 344 -8.16 38.59 -40.89
N THR B 345 -8.14 39.21 -42.07
CA THR B 345 -9.35 39.81 -42.70
C THR B 345 -10.40 38.73 -42.95
N ARG B 346 -9.98 37.52 -43.34
CA ARG B 346 -10.88 36.42 -43.64
C ARG B 346 -10.47 35.20 -42.84
N PHE B 347 -11.41 34.66 -42.06
CA PHE B 347 -11.21 33.40 -41.35
C PHE B 347 -11.64 32.24 -42.24
N ALA B 348 -11.05 31.08 -41.99
CA ALA B 348 -11.31 29.92 -42.83
C ALA B 348 -12.55 29.17 -42.37
N SER B 349 -13.11 28.39 -43.29
CA SER B 349 -14.23 27.51 -42.97
C SER B 349 -13.79 26.42 -42.01
N VAL B 350 -14.73 25.95 -41.19
CA VAL B 350 -14.39 24.94 -40.19
C VAL B 350 -13.94 23.64 -40.84
N TYR B 351 -14.40 23.35 -42.05
CA TYR B 351 -13.95 22.15 -42.76
C TYR B 351 -12.57 22.34 -43.38
N ALA B 352 -12.09 23.58 -43.47
CA ALA B 352 -10.77 23.90 -43.99
C ALA B 352 -10.03 24.80 -43.02
N TRP B 353 -10.04 24.44 -41.74
CA TRP B 353 -9.41 25.24 -40.70
C TRP B 353 -7.93 25.46 -41.01
N ASN B 354 -7.47 26.68 -40.77
CA ASN B 354 -6.10 27.06 -41.11
C ASN B 354 -5.11 26.45 -40.14
N ARG B 355 -3.84 26.51 -40.51
CA ARG B 355 -2.76 25.93 -39.71
C ARG B 355 -1.52 26.79 -39.93
N LYS B 356 -1.14 27.57 -38.91
CA LYS B 356 0.02 28.44 -38.96
C LYS B 356 1.07 27.92 -37.99
N ARG B 357 2.27 27.67 -38.50
CA ARG B 357 3.38 27.27 -37.65
C ARG B 357 3.99 28.50 -37.01
N ILE B 358 4.07 28.51 -35.68
CA ILE B 358 4.63 29.61 -34.92
C ILE B 358 5.86 29.09 -34.19
N SER B 359 7.03 29.64 -34.53
CA SER B 359 8.28 29.23 -33.92
C SER B 359 9.25 30.40 -33.97
N ASN B 360 10.26 30.34 -33.10
CA ASN B 360 11.27 31.39 -32.97
C ASN B 360 10.60 32.74 -32.67
N CYS B 361 9.96 32.76 -31.51
CA CYS B 361 9.13 33.87 -31.07
C CYS B 361 9.57 34.37 -29.70
N VAL B 362 9.28 35.64 -29.45
CA VAL B 362 9.13 36.17 -28.10
C VAL B 362 7.65 36.47 -27.94
N ALA B 363 6.89 35.50 -27.45
CA ALA B 363 5.43 35.53 -27.46
C ALA B 363 4.95 36.13 -26.14
N ASP B 364 4.39 37.33 -26.23
CA ASP B 364 3.75 37.97 -25.08
C ASP B 364 2.27 37.58 -25.07
N TYR B 365 1.86 36.82 -24.06
CA TYR B 365 0.47 36.39 -23.93
C TYR B 365 -0.35 37.30 -23.03
N SER B 366 0.28 38.25 -22.34
CA SER B 366 -0.48 39.21 -21.53
C SER B 366 -1.36 40.08 -22.42
N VAL B 367 -0.83 40.54 -23.56
CA VAL B 367 -1.58 41.41 -24.46
C VAL B 367 -2.82 40.71 -24.99
N LEU B 368 -2.82 39.39 -25.05
CA LEU B 368 -3.99 38.63 -25.50
C LEU B 368 -4.97 38.42 -24.35
N TYR B 369 -4.47 37.94 -23.20
CA TYR B 369 -5.35 37.56 -22.10
C TYR B 369 -6.05 38.78 -21.51
N ASN B 370 -5.37 39.93 -21.46
CA ASN B 370 -5.97 41.12 -20.87
C ASN B 370 -7.04 41.74 -21.75
N SER B 371 -7.02 41.47 -23.05
CA SER B 371 -7.99 42.06 -23.98
C SER B 371 -9.39 41.55 -23.66
N ALA B 372 -10.36 42.47 -23.67
CA ALA B 372 -11.75 42.11 -23.40
C ALA B 372 -12.48 41.61 -24.64
N SER B 373 -11.84 41.64 -25.81
CA SER B 373 -12.52 41.24 -27.03
C SER B 373 -12.87 39.75 -27.03
N PHE B 374 -12.15 38.95 -26.25
CA PHE B 374 -12.31 37.50 -26.28
C PHE B 374 -13.41 37.10 -25.30
N SER B 375 -14.56 36.67 -25.84
CA SER B 375 -15.65 36.21 -25.00
C SER B 375 -15.36 34.87 -24.33
N THR B 376 -14.44 34.10 -24.88
CA THR B 376 -14.07 32.80 -24.32
C THR B 376 -12.56 32.66 -24.37
N PHE B 377 -11.95 32.39 -23.22
CA PHE B 377 -10.50 32.22 -23.13
C PHE B 377 -10.24 31.20 -22.02
N LYS B 378 -10.10 29.94 -22.41
CA LYS B 378 -9.89 28.85 -21.46
C LYS B 378 -8.89 27.86 -22.04
N CYS B 379 -7.93 27.46 -21.21
CA CYS B 379 -6.86 26.56 -21.59
C CYS B 379 -6.95 25.28 -20.75
N TYR B 380 -6.60 24.16 -21.36
CA TYR B 380 -6.81 22.85 -20.75
C TYR B 380 -5.54 22.21 -20.20
N GLY B 381 -4.39 22.85 -20.35
CA GLY B 381 -3.15 22.28 -19.84
C GLY B 381 -2.18 23.31 -19.27
N VAL B 382 -2.61 24.58 -19.18
CA VAL B 382 -1.77 25.64 -18.66
C VAL B 382 -2.66 26.71 -18.08
N SER B 383 -2.17 27.40 -17.06
CA SER B 383 -2.88 28.58 -16.58
C SER B 383 -2.73 29.71 -17.60
N PRO B 384 -3.82 30.40 -17.97
CA PRO B 384 -3.68 31.50 -18.94
C PRO B 384 -2.72 32.59 -18.48
N THR B 385 -2.65 32.84 -17.16
CA THR B 385 -1.77 33.88 -16.66
C THR B 385 -0.31 33.46 -16.72
N LYS B 386 -0.04 32.15 -16.68
CA LYS B 386 1.33 31.66 -16.61
C LYS B 386 1.95 31.41 -17.98
N LEU B 387 1.25 31.71 -19.07
CA LEU B 387 1.84 31.57 -20.40
C LEU B 387 3.05 32.48 -20.56
N ASN B 388 3.08 33.61 -19.86
CA ASN B 388 4.16 34.58 -20.00
C ASN B 388 5.49 34.08 -19.45
N ASP B 389 5.48 33.02 -18.64
CA ASP B 389 6.72 32.49 -18.06
C ASP B 389 7.09 31.11 -18.57
N LEU B 390 6.17 30.36 -19.19
CA LEU B 390 6.48 29.03 -19.80
C LEU B 390 7.19 29.27 -21.14
N CYS B 391 7.98 28.33 -21.66
CA CYS B 391 8.62 28.36 -23.00
C CYS B 391 8.15 27.08 -23.72
N PHE B 392 7.63 27.13 -24.96
CA PHE B 392 6.97 26.00 -25.66
C PHE B 392 7.69 25.65 -26.96
N THR B 393 7.27 24.62 -27.69
CA THR B 393 7.80 24.24 -28.99
C THR B 393 6.65 24.20 -29.98
N ASN B 394 6.96 24.49 -31.25
CA ASN B 394 6.08 24.37 -32.42
C ASN B 394 4.63 24.75 -32.10
N VAL B 395 4.47 26.00 -31.66
CA VAL B 395 3.14 26.52 -31.37
C VAL B 395 2.33 26.55 -32.64
N TYR B 396 1.10 26.05 -32.57
CA TYR B 396 0.17 26.02 -33.71
C TYR B 396 -0.99 26.95 -33.43
N ALA B 397 -1.42 27.68 -34.45
CA ALA B 397 -2.60 28.53 -34.37
C ALA B 397 -3.62 28.07 -35.39
N ASP B 398 -4.75 27.55 -34.91
CA ASP B 398 -5.83 27.07 -35.75
C ASP B 398 -6.98 28.07 -35.72
N SER B 399 -7.37 28.57 -36.89
CA SER B 399 -8.39 29.60 -37.00
C SER B 399 -9.54 29.10 -37.87
N PHE B 400 -10.76 29.38 -37.42
CA PHE B 400 -11.96 28.98 -38.14
C PHE B 400 -13.14 29.71 -37.53
N VAL B 401 -14.31 29.57 -38.18
CA VAL B 401 -15.55 30.20 -37.76
C VAL B 401 -16.55 29.12 -37.38
N ILE B 402 -17.20 29.30 -36.23
CA ILE B 402 -18.15 28.34 -35.68
C ILE B 402 -19.54 28.94 -35.75
N ARG B 403 -20.55 28.06 -35.85
CA ARG B 403 -21.92 28.49 -36.06
C ARG B 403 -22.43 29.45 -35.00
N GLY B 404 -21.99 29.31 -33.76
CA GLY B 404 -22.50 30.17 -32.70
C GLY B 404 -21.95 29.76 -31.35
N ASP B 405 -22.86 29.62 -30.39
CA ASP B 405 -22.49 29.30 -29.02
C ASP B 405 -22.11 27.83 -28.85
N GLU B 406 -22.07 27.07 -29.95
CA GLU B 406 -21.57 25.70 -29.93
C GLU B 406 -20.05 25.62 -29.91
N VAL B 407 -19.35 26.73 -29.66
CA VAL B 407 -17.89 26.72 -29.56
C VAL B 407 -17.44 25.87 -28.37
N ARG B 408 -18.35 25.62 -27.42
CA ARG B 408 -18.05 24.71 -26.33
C ARG B 408 -17.69 23.32 -26.82
N GLN B 409 -18.12 22.95 -28.04
CA GLN B 409 -17.68 21.70 -28.64
C GLN B 409 -16.17 21.69 -28.88
N ILE B 410 -15.52 22.85 -28.89
CA ILE B 410 -14.07 22.93 -29.06
C ILE B 410 -13.42 22.76 -27.69
N ALA B 411 -13.23 21.51 -27.28
CA ALA B 411 -12.64 21.17 -26.00
C ALA B 411 -12.31 19.69 -26.01
N PRO B 412 -11.34 19.24 -25.23
CA PRO B 412 -10.97 17.82 -25.24
C PRO B 412 -12.13 16.94 -24.80
N GLY B 413 -12.29 15.80 -25.49
CA GLY B 413 -13.30 14.84 -25.13
C GLY B 413 -14.71 15.20 -25.50
N GLN B 414 -14.91 16.28 -26.25
CA GLN B 414 -16.25 16.68 -26.65
C GLN B 414 -16.73 15.83 -27.83
N THR B 415 -18.05 15.81 -28.01
CA THR B 415 -18.67 15.10 -29.11
C THR B 415 -19.79 15.97 -29.67
N GLY B 416 -19.89 16.02 -30.99
CA GLY B 416 -20.89 16.83 -31.63
C GLY B 416 -20.63 16.90 -33.13
N LYS B 417 -21.44 17.72 -33.79
CA LYS B 417 -21.31 17.87 -35.24
C LYS B 417 -19.96 18.48 -35.61
N ILE B 418 -19.51 19.49 -34.86
CA ILE B 418 -18.22 20.10 -35.14
C ILE B 418 -17.09 19.19 -34.69
N ALA B 419 -17.18 18.64 -33.48
CA ALA B 419 -16.08 17.86 -32.92
C ALA B 419 -15.88 16.56 -33.69
N ASP B 420 -16.96 15.87 -34.03
CA ASP B 420 -16.84 14.52 -34.58
C ASP B 420 -16.30 14.55 -36.02
N TYR B 421 -16.83 15.45 -36.85
CA TYR B 421 -16.63 15.36 -38.29
C TYR B 421 -15.89 16.55 -38.91
N ASN B 422 -15.74 17.67 -38.21
CA ASN B 422 -15.19 18.89 -38.80
C ASN B 422 -13.82 19.26 -38.25
N TYR B 423 -13.72 19.51 -36.94
CA TYR B 423 -12.46 19.90 -36.32
C TYR B 423 -12.38 19.22 -34.97
N LYS B 424 -11.52 18.21 -34.87
CA LYS B 424 -11.35 17.43 -33.65
C LYS B 424 -9.99 17.73 -33.06
N LEU B 425 -9.95 17.92 -31.74
CA LEU B 425 -8.73 18.10 -30.99
C LEU B 425 -8.66 17.07 -29.87
N PRO B 426 -7.47 16.61 -29.50
CA PRO B 426 -7.36 15.38 -28.72
C PRO B 426 -7.89 15.54 -27.30
N ASP B 427 -8.21 14.40 -26.69
CA ASP B 427 -8.68 14.39 -25.31
C ASP B 427 -7.61 14.83 -24.31
N ASP B 428 -6.33 14.63 -24.63
CA ASP B 428 -5.24 15.12 -23.81
C ASP B 428 -4.68 16.45 -24.33
N PHE B 429 -5.55 17.27 -24.92
CA PHE B 429 -5.11 18.52 -25.53
C PHE B 429 -4.52 19.46 -24.49
N THR B 430 -3.37 20.03 -24.83
CA THR B 430 -2.74 21.07 -24.04
C THR B 430 -2.62 22.32 -24.92
N GLY B 431 -3.37 23.35 -24.58
CA GLY B 431 -3.45 24.53 -25.41
C GLY B 431 -4.54 25.45 -24.90
N CYS B 432 -4.77 26.52 -25.67
CA CYS B 432 -5.76 27.53 -25.32
C CYS B 432 -6.74 27.70 -26.48
N VAL B 433 -8.03 27.74 -26.15
CA VAL B 433 -9.09 27.97 -27.12
C VAL B 433 -9.60 29.38 -26.91
N ILE B 434 -9.55 30.19 -27.96
CA ILE B 434 -9.93 31.60 -27.92
C ILE B 434 -11.03 31.81 -28.94
N ALA B 435 -12.12 32.46 -28.53
CA ALA B 435 -13.24 32.70 -29.41
C ALA B 435 -13.88 34.04 -29.07
N TRP B 436 -14.47 34.68 -30.08
CA TRP B 436 -15.19 35.94 -29.89
C TRP B 436 -16.23 36.08 -30.98
N ASN B 437 -17.27 36.86 -30.69
CA ASN B 437 -18.35 37.05 -31.65
C ASN B 437 -17.90 37.95 -32.79
N SER B 438 -18.33 37.60 -34.01
CA SER B 438 -18.02 38.38 -35.20
C SER B 438 -19.24 38.55 -36.10
N ASN B 439 -20.42 38.77 -35.52
CA ASN B 439 -21.63 38.86 -36.32
C ASN B 439 -21.58 40.06 -37.27
N ASN B 440 -21.09 41.20 -36.79
CA ASN B 440 -20.99 42.38 -37.66
C ASN B 440 -19.98 42.17 -38.77
N LEU B 441 -18.87 41.49 -38.49
CA LEU B 441 -17.80 41.34 -39.46
C LEU B 441 -18.07 40.23 -40.48
N ASP B 442 -18.79 39.19 -40.08
CA ASP B 442 -18.99 38.00 -40.91
C ASP B 442 -20.44 37.85 -41.38
N SER B 443 -21.17 38.95 -41.51
CA SER B 443 -22.54 38.88 -42.01
C SER B 443 -22.97 40.22 -42.60
N GLY B 447 -26.76 38.93 -46.81
CA GLY B 447 -26.31 37.64 -46.30
C GLY B 447 -24.95 37.24 -46.84
N ASN B 448 -24.29 36.32 -46.13
CA ASN B 448 -22.96 35.84 -46.50
C ASN B 448 -22.96 34.32 -46.55
N TYR B 449 -22.29 33.76 -47.55
CA TYR B 449 -22.23 32.33 -47.76
C TYR B 449 -20.82 31.79 -47.95
N ASN B 450 -19.79 32.64 -47.81
CA ASN B 450 -18.42 32.17 -48.00
C ASN B 450 -17.91 31.31 -46.85
N TYR B 451 -18.63 31.26 -45.72
CA TYR B 451 -18.29 30.38 -44.61
C TYR B 451 -19.13 29.11 -44.70
N LEU B 452 -18.48 27.95 -44.53
CA LEU B 452 -19.11 26.67 -44.80
C LEU B 452 -18.72 25.66 -43.73
N TYR B 453 -19.50 24.59 -43.64
CA TYR B 453 -19.17 23.41 -42.85
C TYR B 453 -19.69 22.19 -43.60
N ARG B 454 -19.46 20.99 -43.03
CA ARG B 454 -19.64 19.73 -43.73
C ARG B 454 -20.81 18.98 -43.11
N LEU B 455 -21.57 18.29 -43.96
CA LEU B 455 -22.71 17.51 -43.47
C LEU B 455 -22.27 16.20 -42.85
N PHE B 456 -21.55 15.37 -43.60
CA PHE B 456 -21.27 14.00 -43.20
C PHE B 456 -19.80 13.66 -43.40
N ARG B 457 -19.30 12.76 -42.54
CA ARG B 457 -17.97 12.19 -42.66
C ARG B 457 -18.09 10.70 -42.38
N LYS B 458 -17.42 9.89 -43.19
CA LYS B 458 -17.58 8.44 -43.10
C LYS B 458 -17.04 7.85 -41.81
N SER B 459 -16.25 8.59 -41.04
CA SER B 459 -15.80 8.15 -39.73
C SER B 459 -15.47 9.39 -38.90
N ASN B 460 -15.48 9.21 -37.58
CA ASN B 460 -15.13 10.30 -36.68
C ASN B 460 -13.68 10.72 -36.92
N LEU B 461 -13.47 12.03 -37.01
CA LEU B 461 -12.15 12.55 -37.32
C LEU B 461 -11.15 12.24 -36.21
N LYS B 462 -9.92 11.92 -36.60
CA LYS B 462 -8.82 11.87 -35.67
C LYS B 462 -8.44 13.29 -35.25
N PRO B 463 -7.72 13.45 -34.15
CA PRO B 463 -7.36 14.80 -33.70
C PRO B 463 -6.57 15.56 -34.77
N PHE B 464 -6.94 16.83 -34.94
CA PHE B 464 -6.30 17.72 -35.90
C PHE B 464 -6.36 17.18 -37.33
N GLU B 465 -7.39 16.42 -37.65
CA GLU B 465 -7.60 15.92 -39.00
C GLU B 465 -8.44 16.91 -39.80
N ARG B 466 -8.25 16.88 -41.12
CA ARG B 466 -8.97 17.76 -42.03
C ARG B 466 -9.49 16.94 -43.22
N ASP B 467 -10.53 17.46 -43.86
CA ASP B 467 -11.16 16.80 -45.01
C ASP B 467 -11.61 17.88 -45.99
N ILE B 468 -10.95 17.90 -47.16
CA ILE B 468 -11.32 18.84 -48.23
C ILE B 468 -12.08 18.15 -49.36
N SER B 469 -12.22 16.83 -49.31
CA SER B 469 -12.88 16.11 -50.39
C SER B 469 -14.35 16.51 -50.49
N THR B 470 -14.86 16.50 -51.72
CA THR B 470 -16.25 16.82 -52.00
C THR B 470 -17.04 15.63 -52.50
N GLU B 471 -16.57 14.40 -52.24
CA GLU B 471 -17.28 13.22 -52.69
C GLU B 471 -18.64 13.11 -52.02
N ILE B 472 -19.61 12.56 -52.75
CA ILE B 472 -20.98 12.51 -52.25
C ILE B 472 -21.10 11.42 -51.20
N TYR B 473 -21.71 11.76 -50.06
CA TYR B 473 -21.88 10.82 -48.97
C TYR B 473 -23.10 9.95 -49.23
N GLN B 474 -22.91 8.63 -49.21
CA GLN B 474 -23.99 7.68 -49.47
C GLN B 474 -24.69 7.36 -48.15
N ALA B 475 -25.58 8.25 -47.74
CA ALA B 475 -26.35 8.02 -46.53
C ALA B 475 -27.28 6.82 -46.69
N GLY B 476 -27.92 6.69 -47.85
CA GLY B 476 -28.83 5.59 -48.10
C GLY B 476 -28.17 4.42 -48.81
N SER B 477 -28.79 3.25 -48.67
CA SER B 477 -28.28 2.04 -49.32
C SER B 477 -28.55 2.02 -50.82
N THR B 478 -29.42 2.91 -51.32
CA THR B 478 -29.72 2.93 -52.74
C THR B 478 -28.47 3.33 -53.52
N PRO B 479 -28.35 2.94 -54.80
CA PRO B 479 -27.15 3.30 -55.56
C PRO B 479 -26.98 4.81 -55.68
N CYS B 480 -25.73 5.25 -55.64
CA CYS B 480 -25.41 6.68 -55.75
C CYS B 480 -24.09 6.79 -56.50
N ASN B 481 -24.17 6.98 -57.82
CA ASN B 481 -22.99 7.02 -58.67
C ASN B 481 -22.57 8.44 -58.99
N GLY B 482 -21.94 9.12 -58.04
CA GLY B 482 -21.36 10.43 -58.30
C GLY B 482 -22.35 11.55 -58.50
N VAL B 483 -23.59 11.39 -58.03
CA VAL B 483 -24.61 12.42 -58.15
C VAL B 483 -25.43 12.43 -56.87
N GLU B 484 -26.00 13.59 -56.54
CA GLU B 484 -26.79 13.72 -55.33
C GLU B 484 -28.13 13.01 -55.49
N GLY B 485 -28.12 11.68 -55.45
CA GLY B 485 -29.33 10.91 -55.60
C GLY B 485 -30.17 10.91 -54.35
N PHE B 486 -31.24 10.11 -54.39
CA PHE B 486 -32.14 10.01 -53.26
C PHE B 486 -31.42 9.44 -52.05
N ASN B 487 -31.54 10.13 -50.92
CA ASN B 487 -30.84 9.76 -49.68
C ASN B 487 -29.33 9.78 -49.86
N CYS B 488 -28.85 10.60 -50.80
CA CYS B 488 -27.43 10.78 -51.05
C CYS B 488 -27.16 12.27 -51.19
N TYR B 489 -26.21 12.78 -50.41
CA TYR B 489 -26.09 14.21 -50.16
C TYR B 489 -24.69 14.72 -50.50
N PHE B 490 -24.64 15.92 -51.05
CA PHE B 490 -23.36 16.62 -51.23
C PHE B 490 -22.81 16.98 -49.85
N PRO B 491 -21.52 16.74 -49.58
CA PRO B 491 -21.05 16.80 -48.18
C PRO B 491 -20.92 18.19 -47.60
N LEU B 492 -20.75 19.23 -48.41
CA LEU B 492 -20.48 20.58 -47.91
C LEU B 492 -21.68 21.49 -48.13
N GLN B 493 -21.88 22.40 -47.19
CA GLN B 493 -22.96 23.37 -47.26
C GLN B 493 -22.55 24.61 -46.48
N SER B 494 -23.28 25.70 -46.72
CA SER B 494 -22.94 27.00 -46.15
C SER B 494 -23.72 27.27 -44.87
N TYR B 495 -23.11 28.06 -43.97
CA TYR B 495 -23.81 28.50 -42.78
C TYR B 495 -24.99 29.41 -43.12
N GLY B 496 -24.83 30.28 -44.11
CA GLY B 496 -25.85 31.28 -44.40
C GLY B 496 -25.99 32.31 -43.31
N PHE B 497 -24.88 32.82 -42.79
CA PHE B 497 -24.92 33.83 -41.74
C PHE B 497 -25.59 35.10 -42.24
N GLN B 498 -26.47 35.66 -41.41
CA GLN B 498 -27.06 36.97 -41.64
C GLN B 498 -27.05 37.76 -40.33
N PRO B 499 -26.98 39.09 -40.39
CA PRO B 499 -26.87 39.87 -39.15
C PRO B 499 -28.06 39.73 -38.21
N THR B 500 -29.23 39.35 -38.72
CA THR B 500 -30.42 39.25 -37.90
C THR B 500 -30.56 37.89 -37.21
N ASN B 501 -29.63 36.98 -37.41
CA ASN B 501 -29.72 35.66 -36.80
C ASN B 501 -29.67 35.78 -35.28
N GLY B 502 -30.41 34.89 -34.60
CA GLY B 502 -30.43 34.91 -33.16
C GLY B 502 -29.17 34.31 -32.56
N VAL B 503 -29.09 34.39 -31.23
CA VAL B 503 -27.94 33.83 -30.52
C VAL B 503 -27.90 32.34 -30.74
N GLY B 504 -26.72 31.81 -31.05
CA GLY B 504 -26.55 30.41 -31.40
C GLY B 504 -26.57 30.14 -32.90
N TYR B 505 -26.90 31.14 -33.71
CA TYR B 505 -26.88 31.00 -35.16
C TYR B 505 -26.09 32.12 -35.85
N GLN B 506 -25.30 32.89 -35.09
CA GLN B 506 -24.47 33.96 -35.62
C GLN B 506 -23.00 33.57 -35.55
N PRO B 507 -22.14 34.07 -36.45
CA PRO B 507 -20.78 33.53 -36.53
C PRO B 507 -19.95 33.83 -35.29
N TYR B 508 -19.05 32.91 -34.98
CA TYR B 508 -18.07 33.08 -33.91
C TYR B 508 -16.68 32.79 -34.47
N ARG B 509 -15.80 33.77 -34.42
CA ARG B 509 -14.41 33.56 -34.83
C ARG B 509 -13.64 32.89 -33.70
N VAL B 510 -12.97 31.78 -34.03
CA VAL B 510 -12.31 30.93 -33.05
C VAL B 510 -10.84 30.80 -33.42
N VAL B 511 -9.96 30.96 -32.43
CA VAL B 511 -8.53 30.74 -32.59
C VAL B 511 -8.11 29.77 -31.49
N VAL B 512 -7.53 28.64 -31.89
CA VAL B 512 -7.05 27.62 -30.97
C VAL B 512 -5.53 27.63 -31.01
N LEU B 513 -4.92 27.99 -29.90
CA LEU B 513 -3.45 28.02 -29.78
C LEU B 513 -3.00 26.68 -29.21
N SER B 514 -2.67 25.75 -30.10
CA SER B 514 -2.13 24.46 -29.69
C SER B 514 -0.61 24.55 -29.60
N PHE B 515 -0.06 23.92 -28.58
CA PHE B 515 1.39 23.92 -28.40
C PHE B 515 1.81 22.72 -27.58
N GLU B 516 3.10 22.40 -27.67
CA GLU B 516 3.70 21.27 -26.98
C GLU B 516 4.90 21.75 -26.18
N LEU B 517 5.19 21.06 -25.09
CA LEU B 517 6.33 21.41 -24.25
C LEU B 517 6.83 20.18 -23.52
N LEU B 518 8.09 20.22 -23.09
CA LEU B 518 8.77 19.08 -22.41
C LEU B 518 8.92 17.94 -23.42
N HIS B 519 9.03 18.26 -24.72
CA HIS B 519 9.21 17.26 -25.80
C HIS B 519 10.51 17.46 -26.60
N ALA B 520 11.01 18.69 -26.79
CA ALA B 520 12.18 18.98 -27.66
C ALA B 520 12.83 20.31 -27.24
N PRO B 521 13.93 20.79 -27.89
CA PRO B 521 14.47 22.13 -27.58
C PRO B 521 13.39 23.22 -27.71
N ALA B 522 13.25 24.10 -26.70
CA ALA B 522 12.19 25.14 -26.66
C ALA B 522 12.54 26.32 -27.56
N THR B 523 11.54 27.01 -28.15
CA THR B 523 11.78 28.10 -29.13
C THR B 523 10.84 29.31 -28.93
N VAL B 524 9.50 29.14 -28.84
CA VAL B 524 8.52 30.24 -28.61
C VAL B 524 8.55 30.57 -27.13
N CYS B 525 9.67 31.07 -26.63
CA CYS B 525 9.80 31.43 -25.19
C CYS B 525 9.01 32.71 -24.92
N GLY B 526 8.55 32.94 -23.69
CA GLY B 526 7.75 34.12 -23.32
C GLY B 526 8.60 35.36 -23.11
N PRO B 527 8.06 36.52 -22.68
CA PRO B 527 8.86 37.75 -22.59
C PRO B 527 9.92 37.83 -21.49
N LYS B 528 10.03 36.86 -20.59
CA LYS B 528 10.96 36.89 -19.42
C LYS B 528 12.40 37.15 -19.88
N LYS B 529 13.17 37.94 -19.11
CA LYS B 529 14.55 38.38 -19.50
C LYS B 529 15.63 37.48 -18.92
N SER B 530 16.81 37.43 -19.53
CA SER B 530 17.89 36.54 -19.11
C SER B 530 18.82 37.25 -18.14
N THR B 531 19.26 36.50 -17.13
CA THR B 531 20.16 37.01 -16.11
C THR B 531 21.57 36.48 -16.35
N ASN B 532 22.50 36.88 -15.49
CA ASN B 532 23.87 36.39 -15.57
C ASN B 532 23.89 34.91 -15.19
N LEU B 533 25.07 34.30 -15.34
CA LEU B 533 25.30 32.90 -14.99
C LEU B 533 26.26 32.83 -13.82
N VAL B 534 25.87 32.07 -12.79
CA VAL B 534 26.67 31.91 -11.58
C VAL B 534 26.96 30.43 -11.37
N LYS B 535 28.16 30.14 -10.91
CA LYS B 535 28.66 28.78 -10.78
C LYS B 535 29.23 28.57 -9.38
N ASN B 536 29.24 27.30 -8.96
CA ASN B 536 29.82 26.86 -7.71
C ASN B 536 29.06 27.35 -6.47
N LYS B 537 27.83 27.81 -6.65
CA LYS B 537 26.96 28.18 -5.52
C LYS B 537 25.56 27.66 -5.79
N CYS B 538 24.92 27.16 -4.72
CA CYS B 538 23.58 26.62 -4.83
C CYS B 538 22.62 27.70 -5.33
N VAL B 539 21.79 27.34 -6.30
CA VAL B 539 20.98 28.31 -7.04
C VAL B 539 19.88 27.57 -7.79
N ASN B 540 18.76 28.26 -8.00
CA ASN B 540 17.67 27.74 -8.83
C ASN B 540 17.67 28.48 -10.16
N PHE B 541 17.61 27.71 -11.24
CA PHE B 541 17.90 28.21 -12.57
C PHE B 541 16.72 27.96 -13.51
N ASN B 542 16.87 28.43 -14.74
CA ASN B 542 15.84 28.26 -15.77
C ASN B 542 16.54 28.34 -17.12
N PHE B 543 16.76 27.17 -17.74
CA PHE B 543 17.39 27.07 -19.06
C PHE B 543 16.33 26.64 -20.06
N ASN B 544 15.89 27.57 -20.90
CA ASN B 544 14.89 27.26 -21.94
C ASN B 544 13.61 26.69 -21.33
N GLY B 545 13.29 27.10 -20.10
CA GLY B 545 12.15 26.58 -19.39
C GLY B 545 12.43 25.37 -18.51
N LEU B 546 13.59 24.74 -18.67
CA LEU B 546 13.97 23.63 -17.79
C LEU B 546 14.37 24.18 -16.43
N THR B 547 13.42 24.18 -15.48
CA THR B 547 13.61 24.78 -14.18
C THR B 547 14.05 23.71 -13.18
N GLY B 548 14.93 24.11 -12.26
CA GLY B 548 15.42 23.19 -11.24
C GLY B 548 16.22 23.95 -10.22
N THR B 549 16.84 23.19 -9.31
CA THR B 549 17.67 23.74 -8.26
C THR B 549 18.93 22.90 -8.12
N GLY B 550 20.07 23.56 -7.97
CA GLY B 550 21.34 22.88 -7.84
C GLY B 550 22.47 23.87 -7.93
N VAL B 551 23.70 23.33 -7.91
CA VAL B 551 24.91 24.14 -8.02
C VAL B 551 25.56 23.80 -9.35
N LEU B 552 25.76 24.82 -10.18
CA LEU B 552 26.32 24.63 -11.51
C LEU B 552 27.84 24.57 -11.44
N THR B 553 28.43 23.93 -12.45
CA THR B 553 29.87 23.73 -12.48
C THR B 553 30.30 23.52 -13.93
N GLU B 554 31.53 23.91 -14.23
CA GLU B 554 32.11 23.64 -15.55
C GLU B 554 32.13 22.14 -15.78
N SER B 555 31.62 21.70 -16.94
CA SER B 555 31.45 20.29 -17.22
C SER B 555 32.48 19.81 -18.23
N ASN B 556 33.02 18.62 -18.00
CA ASN B 556 33.92 17.96 -18.94
C ASN B 556 33.18 17.07 -19.93
N LYS B 557 31.86 17.04 -19.89
CA LYS B 557 31.10 16.22 -20.83
C LYS B 557 31.15 16.85 -22.22
N LYS B 558 31.45 16.02 -23.22
CA LYS B 558 31.54 16.48 -24.61
C LYS B 558 30.20 16.26 -25.29
N PHE B 559 29.31 17.24 -25.15
CA PHE B 559 28.04 17.19 -25.84
C PHE B 559 28.27 17.28 -27.35
N LEU B 560 27.54 16.47 -28.10
CA LEU B 560 27.50 16.64 -29.54
C LEU B 560 26.71 17.90 -29.87
N PRO B 561 26.92 18.50 -31.06
CA PRO B 561 26.31 19.80 -31.34
C PRO B 561 24.79 19.81 -31.20
N PHE B 562 24.13 18.70 -31.52
CA PHE B 562 22.67 18.64 -31.47
C PHE B 562 22.13 18.40 -30.07
N GLN B 563 22.97 18.04 -29.10
CA GLN B 563 22.51 17.73 -27.77
C GLN B 563 22.41 19.00 -26.93
N GLN B 564 21.26 19.18 -26.28
CA GLN B 564 20.98 20.38 -25.49
C GLN B 564 21.13 20.19 -23.99
N PHE B 565 20.88 18.98 -23.48
CA PHE B 565 21.03 18.72 -22.06
C PHE B 565 21.34 17.26 -21.85
N GLY B 566 21.90 16.94 -20.68
CA GLY B 566 22.26 15.57 -20.34
C GLY B 566 21.33 14.97 -19.32
N ARG B 567 21.42 13.64 -19.15
CA ARG B 567 20.58 12.88 -18.19
C ARG B 567 21.47 11.80 -17.58
N ASP B 568 21.20 11.37 -16.34
CA ASP B 568 22.05 10.41 -15.57
C ASP B 568 21.63 8.97 -15.85
N ILE B 569 22.14 8.01 -15.09
CA ILE B 569 21.76 6.57 -15.21
C ILE B 569 20.28 6.45 -14.85
N ALA B 570 19.74 7.34 -14.01
CA ALA B 570 18.35 7.25 -13.56
C ALA B 570 17.47 8.31 -14.21
N ASP B 571 17.85 8.81 -15.38
CA ASP B 571 17.11 9.80 -16.16
C ASP B 571 16.96 11.14 -15.45
N THR B 572 17.75 11.39 -14.41
CA THR B 572 17.77 12.70 -13.78
C THR B 572 18.69 13.63 -14.56
N THR B 573 18.20 14.83 -14.87
CA THR B 573 19.02 15.80 -15.59
C THR B 573 20.21 16.21 -14.75
N ASP B 574 21.42 15.89 -15.22
CA ASP B 574 22.65 16.19 -14.53
C ASP B 574 23.61 17.05 -15.32
N ALA B 575 23.18 17.58 -16.47
CA ALA B 575 23.99 18.52 -17.24
C ALA B 575 23.05 19.30 -18.15
N VAL B 576 23.53 20.47 -18.59
CA VAL B 576 22.73 21.34 -19.43
C VAL B 576 23.66 22.23 -20.23
N ARG B 577 23.26 22.52 -21.47
CA ARG B 577 23.97 23.47 -22.32
C ARG B 577 23.36 24.85 -22.11
N ASP B 578 24.19 25.81 -21.73
CA ASP B 578 23.69 27.16 -21.54
C ASP B 578 23.32 27.75 -22.89
N PRO B 579 22.06 28.15 -23.13
CA PRO B 579 21.68 28.59 -24.47
C PRO B 579 22.41 29.82 -24.96
N GLN B 580 22.98 30.63 -24.06
CA GLN B 580 23.64 31.86 -24.49
C GLN B 580 25.07 31.57 -24.96
N THR B 581 25.91 31.06 -24.06
CA THR B 581 27.32 30.82 -24.37
C THR B 581 27.59 29.41 -24.89
N LEU B 582 26.59 28.52 -24.88
CA LEU B 582 26.66 27.16 -25.41
C LEU B 582 27.64 26.27 -24.64
N GLU B 583 28.10 26.67 -23.47
CA GLU B 583 28.94 25.80 -22.67
C GLU B 583 28.09 24.82 -21.88
N ILE B 584 28.68 23.67 -21.57
CA ILE B 584 28.00 22.60 -20.86
C ILE B 584 28.25 22.80 -19.36
N LEU B 585 27.17 22.78 -18.58
CA LEU B 585 27.22 23.00 -17.14
C LEU B 585 26.70 21.77 -16.43
N ASP B 586 27.49 21.24 -15.49
CA ASP B 586 27.05 20.12 -14.68
C ASP B 586 26.12 20.61 -13.57
N ILE B 587 24.97 19.97 -13.45
CA ILE B 587 23.99 20.28 -12.42
C ILE B 587 24.15 19.28 -11.29
N THR B 588 24.56 19.76 -10.13
CA THR B 588 24.74 18.98 -8.92
C THR B 588 23.71 19.43 -7.88
N PRO B 589 22.99 18.52 -7.22
CA PRO B 589 21.94 18.96 -6.31
C PRO B 589 22.52 19.69 -5.10
N CYS B 590 21.77 20.67 -4.62
CA CYS B 590 22.20 21.42 -3.44
C CYS B 590 22.29 20.49 -2.24
N SER B 591 23.33 20.68 -1.44
CA SER B 591 23.68 19.71 -0.40
C SER B 591 22.56 19.58 0.63
N PHE B 592 22.40 18.37 1.15
CA PHE B 592 21.38 18.07 2.12
C PHE B 592 21.84 16.91 2.99
N GLY B 593 21.21 16.76 4.13
CA GLY B 593 21.52 15.65 5.02
C GLY B 593 20.76 15.79 6.32
N GLY B 594 20.56 14.65 6.97
CA GLY B 594 19.89 14.65 8.26
C GLY B 594 20.71 15.35 9.32
N VAL B 595 20.02 15.94 10.28
CA VAL B 595 20.65 16.62 11.42
C VAL B 595 20.39 15.76 12.63
N SER B 596 21.45 15.19 13.19
CA SER B 596 21.37 14.30 14.34
C SER B 596 21.88 15.02 15.58
N VAL B 597 21.09 15.00 16.64
CA VAL B 597 21.43 15.65 17.90
C VAL B 597 21.99 14.60 18.85
N ILE B 598 23.20 14.86 19.34
CA ILE B 598 23.94 13.93 20.20
C ILE B 598 23.85 14.46 21.62
N THR B 599 23.16 13.71 22.48
CA THR B 599 22.86 14.16 23.84
C THR B 599 23.37 13.12 24.83
N PRO B 600 23.99 13.53 25.96
CA PRO B 600 24.28 12.55 27.02
C PRO B 600 23.07 12.17 27.84
N GLY B 601 21.91 12.74 27.53
CA GLY B 601 20.71 12.56 28.31
C GLY B 601 20.47 13.73 29.22
N THR B 602 19.22 14.20 29.26
CA THR B 602 18.89 15.41 30.08
C THR B 602 19.26 15.16 31.55
N ASN B 603 19.18 13.90 31.99
CA ASN B 603 19.49 13.56 33.40
C ASN B 603 20.94 13.92 33.69
N THR B 604 21.85 13.61 32.76
CA THR B 604 23.31 13.87 32.98
C THR B 604 23.60 15.35 32.73
N SER B 605 23.30 15.84 31.53
CA SER B 605 23.61 17.22 31.17
C SER B 605 22.66 17.68 30.09
N ASN B 606 22.51 19.00 29.97
CA ASN B 606 21.61 19.62 29.01
C ASN B 606 22.32 20.14 27.77
N GLN B 607 23.62 19.91 27.62
CA GLN B 607 24.35 20.30 26.43
C GLN B 607 24.41 19.13 25.45
N VAL B 608 24.40 19.47 24.16
CA VAL B 608 24.34 18.47 23.10
C VAL B 608 25.30 18.88 21.98
N ALA B 609 25.68 17.90 21.17
CA ALA B 609 26.40 18.11 19.92
C ALA B 609 25.49 17.74 18.75
N VAL B 610 25.73 18.39 17.61
CA VAL B 610 24.88 18.25 16.44
C VAL B 610 25.71 17.72 15.28
N LEU B 611 25.24 16.65 14.66
CA LEU B 611 25.90 16.02 13.52
C LEU B 611 25.07 16.28 12.27
N TYR B 612 25.68 16.92 11.28
CA TYR B 612 25.06 17.13 9.97
C TYR B 612 25.59 16.04 9.06
N GLN B 613 24.75 15.04 8.78
CA GLN B 613 25.20 13.85 8.08
C GLN B 613 25.54 14.15 6.63
N GLY B 614 26.71 13.68 6.20
CA GLY B 614 27.11 13.70 4.80
C GLY B 614 27.20 15.13 4.24
N VAL B 615 27.59 16.10 5.07
CA VAL B 615 27.86 17.44 4.56
C VAL B 615 29.21 17.97 5.04
N ASN B 616 29.69 19.02 4.37
CA ASN B 616 31.02 19.60 4.72
C ASN B 616 30.78 20.89 5.52
N CYS B 617 31.48 21.06 6.64
CA CYS B 617 31.33 22.28 7.45
C CYS B 617 31.77 23.53 6.69
N THR B 618 32.14 23.42 5.41
CA THR B 618 32.29 24.61 4.59
C THR B 618 30.94 25.18 4.16
N GLU B 619 29.85 24.43 4.36
CA GLU B 619 28.51 24.84 3.97
C GLU B 619 27.49 24.74 5.10
N VAL B 620 27.86 24.19 6.25
CA VAL B 620 27.03 24.19 7.45
C VAL B 620 26.85 25.58 8.06
N PRO B 621 27.82 26.51 7.98
CA PRO B 621 27.63 27.82 8.63
C PRO B 621 26.37 28.58 8.23
N VAL B 622 25.65 28.14 7.20
CA VAL B 622 24.33 28.72 6.93
C VAL B 622 23.41 28.46 8.12
N ALA B 623 23.54 27.31 8.77
CA ALA B 623 22.74 26.97 9.94
C ALA B 623 23.38 27.47 11.23
N ILE B 624 24.59 27.00 11.53
CA ILE B 624 25.30 27.42 12.74
C ILE B 624 25.91 28.80 12.49
N ASN B 641 33.41 24.16 18.79
CA ASN B 641 34.13 23.01 18.28
C ASN B 641 33.53 22.52 16.97
N VAL B 642 34.39 22.26 15.99
CA VAL B 642 33.97 21.76 14.68
C VAL B 642 34.92 20.65 14.27
N PHE B 643 34.35 19.59 13.70
CA PHE B 643 35.12 18.37 13.39
C PHE B 643 34.50 17.73 12.17
N GLN B 644 35.34 17.44 11.16
CA GLN B 644 34.88 16.82 9.91
C GLN B 644 35.00 15.32 10.04
N THR B 645 33.92 14.68 10.52
CA THR B 645 33.86 13.23 10.56
C THR B 645 33.52 12.68 9.17
N ARG B 646 33.89 11.41 8.96
CA ARG B 646 33.54 10.76 7.69
C ARG B 646 32.03 10.52 7.58
N ALA B 647 31.30 10.57 8.68
CA ALA B 647 29.85 10.42 8.69
C ALA B 647 29.12 11.75 8.72
N GLY B 648 29.72 12.82 8.21
CA GLY B 648 29.19 14.16 8.30
C GLY B 648 29.85 14.96 9.41
N CYS B 649 30.10 16.23 9.14
CA CYS B 649 30.94 17.01 10.01
C CYS B 649 30.18 17.40 11.28
N LEU B 650 30.83 17.17 12.41
CA LEU B 650 30.22 17.21 13.74
C LEU B 650 30.62 18.50 14.45
N ILE B 651 29.62 19.25 14.93
CA ILE B 651 29.84 20.48 15.67
C ILE B 651 29.32 20.30 17.09
N GLY B 652 30.01 20.94 18.04
CA GLY B 652 29.64 20.87 19.43
C GLY B 652 30.36 19.84 20.26
N ALA B 653 31.13 18.95 19.63
CA ALA B 653 31.90 17.92 20.31
C ALA B 653 33.38 18.10 19.98
N GLU B 654 34.22 18.08 21.00
CA GLU B 654 35.66 18.30 20.81
C GLU B 654 36.33 16.98 20.44
N HIS B 655 37.15 17.02 19.39
CA HIS B 655 37.89 15.85 18.98
C HIS B 655 39.04 15.59 19.96
N VAL B 656 39.18 14.33 20.38
CA VAL B 656 40.21 13.92 21.31
C VAL B 656 40.95 12.73 20.73
N ASN B 657 42.28 12.76 20.83
CA ASN B 657 43.12 11.73 20.24
C ASN B 657 42.99 10.38 20.94
N ASN B 658 42.62 10.36 22.21
CA ASN B 658 42.48 9.10 22.92
C ASN B 658 41.32 8.29 22.35
N SER B 659 41.40 6.98 22.55
CA SER B 659 40.37 6.05 22.11
C SER B 659 39.77 5.33 23.31
N TYR B 660 38.45 5.34 23.41
CA TYR B 660 37.73 4.73 24.50
C TYR B 660 36.67 3.79 23.93
N GLU B 661 35.93 3.13 24.83
CA GLU B 661 34.82 2.30 24.42
C GLU B 661 33.73 3.17 23.80
N CYS B 662 33.04 2.62 22.81
CA CYS B 662 32.02 3.38 22.09
C CYS B 662 30.81 3.59 22.99
N ASP B 663 30.51 4.86 23.29
CA ASP B 663 29.34 5.21 24.08
C ASP B 663 28.16 5.58 23.19
N ILE B 664 28.34 6.59 22.36
CA ILE B 664 27.34 7.03 21.38
C ILE B 664 27.90 6.74 19.98
N PRO B 665 27.34 5.80 19.23
CA PRO B 665 27.89 5.51 17.90
C PRO B 665 27.52 6.59 16.91
N ILE B 666 28.53 7.24 16.34
CA ILE B 666 28.31 8.28 15.32
C ILE B 666 28.31 7.67 13.93
N GLY B 667 29.38 6.95 13.58
CA GLY B 667 29.50 6.33 12.28
C GLY B 667 30.91 6.37 11.73
N ALA B 668 31.27 5.40 10.90
CA ALA B 668 32.59 5.33 10.28
C ALA B 668 33.69 5.24 11.33
N GLY B 669 33.43 4.49 12.40
CA GLY B 669 34.43 4.23 13.42
C GLY B 669 34.59 5.31 14.45
N ILE B 670 33.73 6.34 14.44
CA ILE B 670 33.79 7.44 15.39
C ILE B 670 32.64 7.30 16.36
N CYS B 671 32.93 7.50 17.65
CA CYS B 671 31.92 7.48 18.69
C CYS B 671 32.11 8.69 19.59
N ALA B 672 31.01 9.13 20.22
CA ALA B 672 31.01 10.29 21.07
C ALA B 672 30.60 9.88 22.49
N SER B 673 30.97 10.70 23.46
CA SER B 673 30.68 10.42 24.86
C SER B 673 30.81 11.71 25.66
N TYR B 674 30.29 11.66 26.88
CA TYR B 674 30.37 12.77 27.83
C TYR B 674 31.53 12.52 28.78
N GLN B 675 32.52 13.41 28.74
CA GLN B 675 33.79 13.19 29.43
C GLN B 675 34.17 14.45 30.19
N THR B 676 34.99 14.26 31.22
CA THR B 676 35.48 15.38 32.04
C THR B 676 36.36 16.30 31.20
N SER B 689 35.11 20.09 35.25
CA SER B 689 34.30 20.44 34.08
C SER B 689 34.07 19.23 33.20
N GLN B 690 32.90 19.19 32.57
CA GLN B 690 32.50 18.08 31.70
C GLN B 690 32.11 18.63 30.33
N SER B 691 32.33 17.81 29.31
CA SER B 691 32.00 18.18 27.93
C SER B 691 31.77 16.92 27.12
N ILE B 692 31.30 17.11 25.90
CA ILE B 692 31.04 16.01 24.96
C ILE B 692 32.24 15.88 24.05
N ILE B 693 32.79 14.67 23.98
CA ILE B 693 33.99 14.38 23.19
C ILE B 693 33.59 13.52 22.01
N ALA B 694 34.46 13.52 20.99
CA ALA B 694 34.31 12.67 19.82
C ALA B 694 35.64 12.00 19.55
N TYR B 695 35.64 10.66 19.50
CA TYR B 695 36.86 9.89 19.38
C TYR B 695 36.62 8.70 18.46
N THR B 696 37.72 8.11 17.98
CA THR B 696 37.64 6.85 17.26
C THR B 696 37.60 5.70 18.26
N MET B 697 36.60 4.83 18.13
CA MET B 697 36.33 3.83 19.13
C MET B 697 37.45 2.79 19.18
N SER B 698 37.72 2.28 20.38
CA SER B 698 38.69 1.21 20.58
C SER B 698 37.96 -0.12 20.63
N LEU B 699 38.49 -1.11 19.89
CA LEU B 699 37.85 -2.41 19.83
C LEU B 699 38.06 -3.23 21.10
N GLY B 700 39.11 -2.96 21.86
CA GLY B 700 39.34 -3.66 23.10
C GLY B 700 40.76 -3.49 23.55
N ALA B 701 41.02 -3.94 24.78
CA ALA B 701 42.36 -3.89 25.32
C ALA B 701 43.30 -4.74 24.48
N GLU B 702 44.45 -4.17 24.13
CA GLU B 702 45.41 -4.88 23.31
C GLU B 702 46.10 -5.95 24.15
N ASN B 703 46.31 -7.12 23.55
CA ASN B 703 46.84 -8.27 24.28
C ASN B 703 47.76 -9.05 23.34
N SER B 704 48.99 -9.30 23.80
CA SER B 704 49.94 -10.15 23.08
C SER B 704 50.10 -11.43 23.87
N VAL B 705 49.36 -12.46 23.47
CA VAL B 705 49.43 -13.75 24.14
C VAL B 705 50.81 -14.35 23.95
N ALA B 706 51.40 -14.84 25.04
CA ALA B 706 52.78 -15.31 25.03
C ALA B 706 52.88 -16.72 24.45
N TYR B 707 52.57 -16.87 23.17
CA TYR B 707 52.66 -18.17 22.53
C TYR B 707 54.10 -18.62 22.43
N SER B 708 54.32 -19.91 22.69
CA SER B 708 55.61 -20.55 22.49
C SER B 708 55.35 -22.00 22.17
N ASN B 709 56.32 -22.64 21.50
CA ASN B 709 56.10 -24.00 21.01
C ASN B 709 56.24 -25.06 22.09
N ASN B 710 56.68 -24.69 23.30
CA ASN B 710 56.74 -25.63 24.42
C ASN B 710 56.27 -24.98 25.72
N SER B 711 55.26 -24.12 25.67
CA SER B 711 54.70 -23.45 26.84
C SER B 711 53.20 -23.56 26.82
N ILE B 712 52.61 -23.92 27.96
CA ILE B 712 51.17 -24.05 28.12
C ILE B 712 50.75 -23.37 29.41
N ALA B 713 49.59 -22.73 29.40
CA ALA B 713 49.00 -22.10 30.58
C ALA B 713 47.75 -22.87 30.98
N ILE B 714 47.71 -23.30 32.24
CA ILE B 714 46.64 -24.15 32.75
C ILE B 714 46.00 -23.41 33.93
N PRO B 715 44.68 -23.25 33.97
CA PRO B 715 44.08 -22.56 35.12
C PRO B 715 44.27 -23.35 36.41
N THR B 716 44.59 -22.65 37.50
CA THR B 716 44.78 -23.32 38.81
C THR B 716 43.59 -23.01 39.71
N ASN B 717 42.61 -22.25 39.21
CA ASN B 717 41.42 -21.84 40.01
C ASN B 717 40.29 -21.53 39.04
N PHE B 718 39.10 -21.21 39.54
CA PHE B 718 37.96 -21.00 38.62
C PHE B 718 36.97 -19.97 39.17
N THR B 719 36.01 -19.57 38.34
CA THR B 719 34.97 -18.63 38.76
C THR B 719 33.64 -19.15 38.22
N ILE B 720 32.66 -19.33 39.11
CA ILE B 720 31.33 -19.77 38.72
C ILE B 720 30.50 -18.54 38.40
N SER B 721 30.46 -18.16 37.12
CA SER B 721 29.76 -16.96 36.71
C SER B 721 28.32 -17.27 36.33
N VAL B 722 27.41 -16.45 36.81
CA VAL B 722 25.99 -16.52 36.46
C VAL B 722 25.64 -15.27 35.67
N THR B 723 25.20 -15.46 34.43
CA THR B 723 24.86 -14.37 33.53
C THR B 723 23.39 -14.47 33.15
N THR B 724 22.76 -13.32 32.95
CA THR B 724 21.35 -13.24 32.62
C THR B 724 21.18 -12.91 31.15
N GLU B 725 20.32 -13.65 30.46
CA GLU B 725 20.01 -13.43 29.05
C GLU B 725 18.51 -13.25 28.91
N ILE B 726 18.12 -12.18 28.22
CA ILE B 726 16.72 -11.81 28.04
C ILE B 726 16.35 -12.05 26.58
N LEU B 727 15.22 -12.72 26.35
CA LEU B 727 14.74 -13.03 25.01
C LEU B 727 13.24 -12.71 24.94
N PRO B 728 12.81 -11.84 24.01
CA PRO B 728 11.36 -11.72 23.78
C PRO B 728 10.78 -13.04 23.30
N VAL B 729 9.55 -13.32 23.74
CA VAL B 729 8.88 -14.58 23.44
C VAL B 729 7.56 -14.29 22.72
N SER B 730 6.80 -13.34 23.23
CA SER B 730 5.51 -13.00 22.66
C SER B 730 5.31 -11.49 22.74
N MET B 731 4.27 -11.02 22.06
CA MET B 731 3.88 -9.62 22.09
C MET B 731 2.37 -9.53 22.26
N THR B 732 1.89 -8.30 22.42
CA THR B 732 0.48 -8.10 22.72
C THR B 732 -0.40 -8.60 21.59
N LYS B 733 -1.55 -9.19 21.96
CA LYS B 733 -2.49 -9.77 21.00
C LYS B 733 -3.52 -8.72 20.60
N THR B 734 -3.06 -7.74 19.84
CA THR B 734 -3.96 -6.70 19.35
C THR B 734 -4.85 -7.26 18.24
N SER B 735 -6.10 -6.84 18.16
CA SER B 735 -7.03 -7.25 17.07
C SER B 735 -7.78 -5.99 16.66
N VAL B 736 -7.93 -5.69 15.38
CA VAL B 736 -8.52 -4.40 14.93
C VAL B 736 -9.75 -4.70 14.09
N ASP B 737 -10.88 -4.04 14.36
CA ASP B 737 -12.07 -4.16 13.50
C ASP B 737 -11.81 -3.17 12.37
N CYS B 738 -11.80 -3.60 11.12
CA CYS B 738 -11.65 -2.73 9.97
C CYS B 738 -12.81 -1.76 9.81
N THR B 739 -14.04 -2.26 9.84
CA THR B 739 -15.19 -1.39 9.68
C THR B 739 -15.29 -0.37 10.81
N MET B 740 -15.02 -0.80 12.04
CA MET B 740 -15.11 0.13 13.16
C MET B 740 -13.98 1.15 13.11
N TYR B 741 -12.75 0.70 12.84
CA TYR B 741 -11.62 1.63 12.80
C TYR B 741 -11.79 2.66 11.71
N ILE B 742 -12.05 2.21 10.47
CA ILE B 742 -12.15 3.14 9.36
C ILE B 742 -13.29 4.12 9.59
N CYS B 743 -14.52 3.61 9.64
CA CYS B 743 -15.70 4.46 9.74
C CYS B 743 -16.80 3.88 10.64
N GLY B 744 -16.42 3.46 11.84
CA GLY B 744 -17.35 2.84 12.76
C GLY B 744 -18.62 3.64 13.04
N ASP B 745 -19.75 2.94 13.07
CA ASP B 745 -21.05 3.54 13.36
C ASP B 745 -21.42 4.59 12.31
N SER B 746 -21.39 4.16 11.05
CA SER B 746 -21.89 4.97 9.94
C SER B 746 -22.19 4.03 8.79
N THR B 747 -23.47 3.88 8.46
CA THR B 747 -23.87 2.89 7.46
C THR B 747 -23.53 3.34 6.03
N GLU B 748 -23.46 4.66 5.80
CA GLU B 748 -23.07 5.15 4.48
C GLU B 748 -21.68 4.66 4.11
N CYS B 749 -20.71 4.87 4.99
CA CYS B 749 -19.38 4.35 4.76
C CYS B 749 -19.34 2.83 4.82
N SER B 750 -20.16 2.22 5.66
CA SER B 750 -20.19 0.76 5.68
C SER B 750 -20.61 0.19 4.33
N ASN B 751 -21.49 0.90 3.62
CA ASN B 751 -21.87 0.50 2.27
C ASN B 751 -20.76 0.83 1.27
N LEU B 752 -20.14 2.01 1.42
CA LEU B 752 -19.08 2.40 0.48
C LEU B 752 -17.87 1.48 0.59
N LEU B 753 -17.64 0.91 1.77
CA LEU B 753 -16.43 0.11 1.98
C LEU B 753 -16.54 -1.27 1.34
N LEU B 754 -17.77 -1.74 1.08
CA LEU B 754 -17.94 -3.01 0.39
C LEU B 754 -17.42 -2.97 -1.03
N GLN B 755 -17.29 -1.78 -1.62
CA GLN B 755 -16.75 -1.68 -2.97
C GLN B 755 -15.30 -2.12 -3.04
N TYR B 756 -14.56 -2.02 -1.93
CA TYR B 756 -13.17 -2.42 -1.89
C TYR B 756 -12.98 -3.91 -1.66
N GLY B 757 -14.06 -4.66 -1.47
CA GLY B 757 -13.93 -6.11 -1.39
C GLY B 757 -13.68 -6.60 0.02
N SER B 758 -12.88 -7.66 0.11
CA SER B 758 -12.60 -8.36 1.35
C SER B 758 -11.31 -7.91 2.03
N PHE B 759 -10.94 -6.64 1.92
CA PHE B 759 -9.74 -6.16 2.58
C PHE B 759 -9.84 -6.32 4.10
N CYS B 760 -11.01 -5.99 4.67
CA CYS B 760 -11.21 -6.19 6.09
C CYS B 760 -11.06 -7.65 6.51
N THR B 761 -11.60 -8.57 5.71
CA THR B 761 -11.46 -9.98 6.05
C THR B 761 -10.00 -10.38 6.09
N GLN B 762 -9.21 -9.91 5.12
CA GLN B 762 -7.80 -10.28 5.06
C GLN B 762 -7.04 -9.68 6.23
N LEU B 763 -7.31 -8.40 6.56
CA LEU B 763 -6.60 -7.76 7.66
C LEU B 763 -6.93 -8.42 8.99
N ASN B 764 -8.21 -8.67 9.25
CA ASN B 764 -8.61 -9.35 10.48
C ASN B 764 -8.03 -10.76 10.55
N ARG B 765 -7.99 -11.47 9.42
CA ARG B 765 -7.40 -12.81 9.40
C ARG B 765 -5.93 -12.75 9.76
N ALA B 766 -5.20 -11.76 9.22
CA ALA B 766 -3.77 -11.63 9.55
C ALA B 766 -3.47 -11.42 11.03
N LEU B 767 -4.19 -10.49 11.67
CA LEU B 767 -3.97 -10.26 13.10
C LEU B 767 -4.44 -11.43 13.98
N THR B 768 -5.47 -12.14 13.51
CA THR B 768 -5.93 -13.32 14.24
C THR B 768 -4.80 -14.33 14.16
N GLY B 769 -4.18 -14.47 12.99
CA GLY B 769 -3.03 -15.36 12.89
C GLY B 769 -1.89 -14.94 13.80
N ILE B 770 -1.59 -13.64 13.83
CA ILE B 770 -0.54 -13.15 14.72
C ILE B 770 -0.89 -13.43 16.17
N ALA B 771 -2.15 -13.18 16.55
CA ALA B 771 -2.58 -13.37 17.93
C ALA B 771 -2.45 -14.82 18.35
N VAL B 772 -2.86 -15.75 17.48
CA VAL B 772 -2.72 -17.17 17.80
C VAL B 772 -1.24 -17.55 17.86
N GLU B 773 -0.43 -16.93 16.99
CA GLU B 773 1.00 -17.22 17.00
C GLU B 773 1.65 -16.83 18.32
N GLN B 774 1.18 -15.75 18.96
CA GLN B 774 1.75 -15.38 20.25
C GLN B 774 1.51 -16.46 21.30
N ASP B 775 0.30 -17.00 21.37
CA ASP B 775 0.03 -18.09 22.30
C ASP B 775 0.85 -19.31 21.95
N LYS B 776 1.01 -19.60 20.66
CA LYS B 776 1.87 -20.70 20.24
C LYS B 776 3.30 -20.50 20.73
N ASN B 777 3.80 -19.26 20.62
CA ASN B 777 5.16 -18.97 21.07
C ASN B 777 5.31 -19.21 22.56
N THR B 778 4.37 -18.69 23.35
CA THR B 778 4.47 -18.87 24.80
C THR B 778 4.39 -20.34 25.19
N GLN B 779 3.46 -21.08 24.57
CA GLN B 779 3.34 -22.52 24.87
C GLN B 779 4.61 -23.26 24.48
N GLU B 780 5.18 -22.91 23.32
CA GLU B 780 6.39 -23.57 22.86
C GLU B 780 7.56 -23.32 23.80
N VAL B 781 7.72 -22.08 24.27
CA VAL B 781 8.86 -21.76 25.12
C VAL B 781 8.70 -22.39 26.50
N PHE B 782 7.54 -22.21 27.13
CA PHE B 782 7.41 -22.58 28.53
C PHE B 782 6.88 -23.99 28.75
N ALA B 783 5.84 -24.39 28.04
CA ALA B 783 5.22 -25.69 28.28
C ALA B 783 6.06 -26.83 27.70
N GLN B 784 7.24 -27.06 28.28
CA GLN B 784 8.12 -28.14 27.88
C GLN B 784 8.19 -29.27 28.90
N VAL B 785 7.35 -29.23 29.94
CA VAL B 785 7.29 -30.27 30.96
C VAL B 785 5.84 -30.75 31.05
N LYS B 786 5.65 -32.07 30.99
CA LYS B 786 4.32 -32.64 31.08
C LYS B 786 3.78 -32.67 32.50
N GLN B 787 4.65 -32.53 33.51
CA GLN B 787 4.26 -32.58 34.91
C GLN B 787 4.80 -31.37 35.64
N ILE B 788 4.05 -30.90 36.65
CA ILE B 788 4.42 -29.72 37.42
C ILE B 788 5.17 -30.23 38.65
N TYR B 789 6.50 -30.21 38.57
CA TYR B 789 7.34 -30.70 39.66
C TYR B 789 7.36 -29.68 40.79
N LYS B 790 7.13 -30.13 42.01
CA LYS B 790 7.20 -29.28 43.18
C LYS B 790 8.55 -29.47 43.89
N THR B 791 9.12 -28.36 44.35
CA THR B 791 10.39 -28.44 45.04
C THR B 791 10.18 -29.00 46.45
N PRO B 792 11.15 -29.72 47.01
CA PRO B 792 10.94 -30.35 48.31
C PRO B 792 10.91 -29.33 49.44
N PRO B 793 10.37 -29.71 50.60
CA PRO B 793 10.54 -28.83 51.77
C PRO B 793 11.92 -28.94 52.40
N ILE B 794 12.56 -30.11 52.26
CA ILE B 794 13.93 -30.31 52.73
C ILE B 794 14.92 -29.83 51.67
N LYS B 795 15.17 -28.52 51.66
CA LYS B 795 16.02 -27.92 50.64
C LYS B 795 17.49 -28.04 51.01
N ASP B 796 18.01 -29.27 51.00
CA ASP B 796 19.43 -29.54 51.26
C ASP B 796 20.14 -29.80 49.94
N PHE B 797 20.51 -28.70 49.26
CA PHE B 797 21.14 -28.75 47.95
C PHE B 797 22.66 -28.61 48.03
N GLY B 798 23.28 -29.04 49.12
CA GLY B 798 24.72 -29.01 49.22
C GLY B 798 25.32 -27.64 49.40
N GLY B 799 24.55 -26.68 49.90
CA GLY B 799 25.00 -25.32 50.11
C GLY B 799 24.55 -24.33 49.06
N PHE B 800 24.08 -24.84 47.92
CA PHE B 800 23.59 -23.96 46.83
C PHE B 800 22.25 -23.35 47.26
N ASN B 801 22.15 -22.02 47.26
CA ASN B 801 20.91 -21.35 47.74
C ASN B 801 20.10 -20.93 46.51
N PHE B 802 18.84 -21.36 46.43
CA PHE B 802 18.00 -21.04 45.26
C PHE B 802 16.78 -20.23 45.71
N SER B 803 16.80 -19.73 46.95
CA SER B 803 15.68 -18.95 47.45
C SER B 803 15.40 -17.73 46.59
N GLN B 804 16.42 -17.20 45.91
CA GLN B 804 16.22 -16.04 45.05
C GLN B 804 15.50 -16.37 43.76
N ILE B 805 15.51 -17.64 43.33
CA ILE B 805 14.89 -18.03 42.08
C ILE B 805 13.66 -18.92 42.26
N LEU B 806 13.54 -19.65 43.38
CA LEU B 806 12.36 -20.46 43.61
C LEU B 806 11.20 -19.61 44.08
N PRO B 807 9.94 -20.05 43.81
CA PRO B 807 8.79 -19.27 44.19
C PRO B 807 8.64 -19.27 45.70
N ASP B 808 8.13 -18.20 46.29
CA ASP B 808 7.88 -18.12 47.76
C ASP B 808 6.36 -18.05 47.98
N PRO B 809 5.74 -18.87 48.85
CA PRO B 809 4.28 -18.86 48.99
C PRO B 809 3.66 -17.53 49.45
N SER B 810 4.44 -16.65 50.10
CA SER B 810 3.96 -15.37 50.67
C SER B 810 3.24 -14.51 49.63
N LYS B 811 3.75 -14.42 48.42
CA LYS B 811 3.16 -13.58 47.34
C LYS B 811 1.83 -14.20 46.89
N PRO B 812 0.86 -13.43 46.33
CA PRO B 812 -0.40 -14.00 45.83
C PRO B 812 -0.25 -14.84 44.56
N SER B 813 0.97 -14.98 44.02
CA SER B 813 1.24 -15.78 42.83
C SER B 813 2.52 -16.57 43.06
N LYS B 814 2.71 -17.59 42.23
CA LYS B 814 3.87 -18.47 42.35
C LYS B 814 5.09 -17.84 41.69
N ARG B 815 5.42 -16.60 42.08
CA ARG B 815 6.43 -15.80 41.42
C ARG B 815 7.62 -15.62 42.35
N SER B 816 8.82 -15.91 41.85
CA SER B 816 10.02 -15.83 42.66
C SER B 816 10.41 -14.38 42.90
N PHE B 817 11.49 -14.20 43.66
CA PHE B 817 11.98 -12.86 43.95
C PHE B 817 12.51 -12.18 42.69
N ILE B 818 13.38 -12.87 41.96
CA ILE B 818 13.95 -12.29 40.74
C ILE B 818 12.85 -12.12 39.68
N GLU B 819 11.92 -13.07 39.61
CA GLU B 819 10.80 -12.91 38.69
C GLU B 819 9.98 -11.67 39.04
N ASP B 820 9.73 -11.45 40.33
CA ASP B 820 8.98 -10.26 40.74
C ASP B 820 9.75 -8.99 40.42
N LEU B 821 11.08 -9.01 40.58
CA LEU B 821 11.88 -7.86 40.17
C LEU B 821 11.77 -7.61 38.68
N LEU B 822 11.74 -8.68 37.88
CA LEU B 822 11.66 -8.53 36.43
C LEU B 822 10.29 -7.98 36.01
N PHE B 823 9.22 -8.44 36.66
CA PHE B 823 7.89 -7.98 36.26
C PHE B 823 7.68 -6.51 36.62
N ASN B 824 8.22 -6.05 37.74
CA ASN B 824 8.06 -4.66 38.13
C ASN B 824 9.00 -3.72 37.38
N LYS B 825 10.04 -4.25 36.74
CA LYS B 825 11.00 -3.39 36.05
C LYS B 825 10.51 -2.99 34.66
N VAL B 826 9.67 -3.81 34.03
CA VAL B 826 9.15 -3.49 32.71
C VAL B 826 7.91 -2.61 32.84
N LYS B 854 -8.93 1.59 23.37
CA LYS B 854 -9.80 0.59 22.77
C LYS B 854 -11.09 1.22 22.29
N PHE B 855 -11.02 2.49 21.89
CA PHE B 855 -12.22 3.29 21.67
C PHE B 855 -12.66 3.36 20.22
N ASN B 856 -11.82 2.98 19.27
CA ASN B 856 -12.10 3.15 17.84
C ASN B 856 -11.80 1.87 17.09
N GLY B 857 -12.32 0.75 17.59
CA GLY B 857 -12.23 -0.52 16.91
C GLY B 857 -11.04 -1.37 17.28
N LEU B 858 -10.07 -0.82 18.01
CA LEU B 858 -8.91 -1.59 18.42
C LEU B 858 -9.21 -2.27 19.74
N THR B 859 -8.71 -3.50 19.88
CA THR B 859 -8.94 -4.28 21.10
C THR B 859 -7.74 -5.19 21.34
N VAL B 860 -7.39 -5.33 22.61
CA VAL B 860 -6.24 -6.12 23.03
C VAL B 860 -6.77 -7.39 23.70
N LEU B 861 -6.47 -8.54 23.11
CA LEU B 861 -6.92 -9.80 23.65
C LEU B 861 -6.00 -10.25 24.79
N PRO B 862 -6.49 -11.06 25.72
CA PRO B 862 -5.65 -11.50 26.82
C PRO B 862 -4.84 -12.73 26.44
N PRO B 863 -3.64 -12.91 26.99
CA PRO B 863 -2.90 -14.15 26.72
C PRO B 863 -3.63 -15.38 27.24
N LEU B 864 -3.44 -16.49 26.55
CA LEU B 864 -4.06 -17.75 27.00
C LEU B 864 -3.50 -18.17 28.35
N LEU B 865 -2.19 -18.06 28.53
CA LEU B 865 -1.54 -18.38 29.79
C LEU B 865 -1.32 -17.11 30.58
N THR B 866 -1.94 -17.02 31.76
CA THR B 866 -1.73 -15.87 32.62
C THR B 866 -0.32 -15.88 33.21
N ASP B 867 0.11 -14.72 33.70
CA ASP B 867 1.45 -14.61 34.25
C ASP B 867 1.63 -15.52 35.45
N GLU B 868 0.57 -15.68 36.26
CA GLU B 868 0.61 -16.65 37.35
C GLU B 868 0.71 -18.07 36.82
N MET B 869 0.31 -18.31 35.57
CA MET B 869 0.34 -19.63 34.96
C MET B 869 1.68 -19.94 34.31
N ILE B 870 2.33 -18.94 33.70
CA ILE B 870 3.68 -19.14 33.18
C ILE B 870 4.67 -19.34 34.33
N ALA B 871 4.45 -18.62 35.43
CA ALA B 871 5.30 -18.78 36.60
C ALA B 871 5.23 -20.20 37.15
N GLN B 872 4.09 -20.87 37.07
CA GLN B 872 4.02 -22.27 37.46
C GLN B 872 4.90 -23.13 36.57
N TYR B 873 4.91 -22.88 35.26
CA TYR B 873 5.76 -23.64 34.36
C TYR B 873 7.23 -23.42 34.68
N THR B 874 7.62 -22.16 34.92
CA THR B 874 9.03 -21.90 35.23
C THR B 874 9.42 -22.50 36.58
N SER B 875 8.50 -22.49 37.55
CA SER B 875 8.80 -23.12 38.83
C SER B 875 8.92 -24.63 38.69
N ALA B 876 8.10 -25.24 37.84
CA ALA B 876 8.24 -26.68 37.57
C ALA B 876 9.58 -26.98 36.93
N LEU B 877 9.99 -26.16 35.96
CA LEU B 877 11.29 -26.37 35.33
C LEU B 877 12.41 -26.20 36.34
N LEU B 878 12.32 -25.20 37.21
CA LEU B 878 13.34 -25.00 38.24
C LEU B 878 13.41 -26.19 39.17
N ALA B 879 12.26 -26.67 39.64
CA ALA B 879 12.25 -27.81 40.56
C ALA B 879 12.83 -29.04 39.89
N GLY B 880 12.44 -29.31 38.65
CA GLY B 880 12.97 -30.44 37.92
C GLY B 880 14.47 -30.35 37.74
N THR B 881 14.97 -29.18 37.33
CA THR B 881 16.40 -29.02 37.13
C THR B 881 17.17 -29.19 38.43
N ILE B 882 16.63 -28.63 39.52
CA ILE B 882 17.34 -28.66 40.79
C ILE B 882 17.37 -30.07 41.38
N THR B 883 16.25 -30.80 41.30
CA THR B 883 16.12 -32.08 41.97
C THR B 883 16.55 -33.27 41.12
N SER B 884 16.53 -33.14 39.79
CA SER B 884 16.80 -34.27 38.91
C SER B 884 17.70 -33.93 37.74
N GLY B 885 18.19 -32.70 37.64
CA GLY B 885 19.08 -32.35 36.54
C GLY B 885 18.34 -32.33 35.22
N TRP B 886 18.78 -33.20 34.31
CA TRP B 886 18.20 -33.30 32.97
C TRP B 886 17.47 -34.61 32.73
N THR B 887 17.41 -35.50 33.72
CA THR B 887 16.68 -36.75 33.55
C THR B 887 15.19 -36.49 33.32
N PHE B 888 14.67 -35.37 33.84
CA PHE B 888 13.28 -35.04 33.62
C PHE B 888 13.02 -34.55 32.20
N GLY B 889 14.06 -34.15 31.48
CA GLY B 889 13.88 -33.75 30.09
C GLY B 889 13.85 -34.92 29.12
N ALA B 890 14.42 -36.06 29.52
CA ALA B 890 14.41 -37.24 28.66
C ALA B 890 13.25 -38.16 28.98
N GLY B 891 13.00 -38.42 30.27
CA GLY B 891 11.91 -39.27 30.68
C GLY B 891 11.35 -38.85 32.02
N ALA B 892 11.11 -39.83 32.90
CA ALA B 892 10.65 -39.52 34.24
C ALA B 892 11.77 -38.88 35.05
N ALA B 893 11.41 -37.91 35.88
CA ALA B 893 12.41 -37.21 36.69
C ALA B 893 13.04 -38.16 37.70
N LEU B 894 14.34 -38.36 37.57
CA LEU B 894 15.10 -39.23 38.46
C LEU B 894 15.87 -38.36 39.45
N GLN B 895 15.54 -38.47 40.73
CA GLN B 895 16.17 -37.63 41.73
C GLN B 895 17.66 -37.97 41.85
N ILE B 896 18.42 -36.96 42.26
CA ILE B 896 19.87 -37.12 42.47
C ILE B 896 20.31 -35.99 43.41
N PRO B 897 21.24 -36.22 44.33
CA PRO B 897 21.73 -35.12 45.16
C PRO B 897 22.35 -34.03 44.28
N PHE B 898 22.10 -32.78 44.65
CA PHE B 898 22.55 -31.67 43.80
C PHE B 898 24.07 -31.62 43.75
N ALA B 899 24.74 -32.04 44.82
CA ALA B 899 26.19 -32.12 44.79
C ALA B 899 26.66 -33.06 43.69
N MET B 900 26.03 -34.23 43.59
CA MET B 900 26.40 -35.18 42.53
C MET B 900 25.99 -34.69 41.15
N GLN B 901 24.87 -33.97 41.05
CA GLN B 901 24.47 -33.40 39.77
C GLN B 901 25.52 -32.41 39.28
N MET B 902 25.96 -31.50 40.15
CA MET B 902 26.99 -30.56 39.77
C MET B 902 28.32 -31.26 39.55
N ALA B 903 28.59 -32.35 40.26
CA ALA B 903 29.81 -33.11 40.00
C ALA B 903 29.81 -33.68 38.60
N TYR B 904 28.68 -34.23 38.14
CA TYR B 904 28.64 -34.76 36.79
C TYR B 904 28.71 -33.62 35.77
N ARG B 905 28.04 -32.50 36.07
CA ARG B 905 28.07 -31.36 35.15
C ARG B 905 29.48 -30.79 35.04
N PHE B 906 30.26 -30.85 36.11
CA PHE B 906 31.69 -30.56 36.03
C PHE B 906 32.38 -31.59 35.15
N ASN B 907 32.04 -32.87 35.36
CA ASN B 907 32.61 -33.93 34.53
C ASN B 907 32.22 -33.78 33.06
N GLY B 908 31.16 -33.04 32.77
CA GLY B 908 30.74 -32.81 31.40
C GLY B 908 31.50 -31.72 30.68
N ILE B 909 32.26 -30.89 31.41
CA ILE B 909 33.05 -29.81 30.81
C ILE B 909 34.54 -30.12 30.83
N GLY B 910 34.93 -31.32 31.28
CA GLY B 910 36.31 -31.75 31.19
C GLY B 910 37.12 -31.63 32.47
N VAL B 911 36.50 -31.27 33.59
CA VAL B 911 37.15 -31.27 34.89
C VAL B 911 36.58 -32.41 35.70
N THR B 912 37.45 -33.19 36.35
CA THR B 912 37.03 -34.39 37.05
C THR B 912 36.04 -34.06 38.16
N GLN B 913 35.40 -35.10 38.68
CA GLN B 913 34.41 -34.92 39.74
C GLN B 913 35.03 -34.35 40.99
N ASN B 914 36.23 -34.84 41.35
CA ASN B 914 36.85 -34.42 42.61
C ASN B 914 37.16 -32.94 42.64
N VAL B 915 37.25 -32.29 41.48
CA VAL B 915 37.50 -30.85 41.45
C VAL B 915 36.36 -30.10 42.13
N LEU B 916 35.14 -30.62 42.04
CA LEU B 916 34.01 -29.99 42.73
C LEU B 916 33.94 -30.43 44.19
N TYR B 917 34.06 -31.73 44.43
CA TYR B 917 33.90 -32.25 45.78
C TYR B 917 34.94 -31.69 46.73
N GLU B 918 36.20 -31.59 46.27
CA GLU B 918 37.25 -31.09 47.14
C GLU B 918 37.07 -29.63 47.51
N ASN B 919 36.33 -28.87 46.71
CA ASN B 919 36.05 -27.47 47.01
C ASN B 919 34.57 -27.16 46.75
N GLN B 920 33.68 -28.01 47.28
CA GLN B 920 32.25 -27.81 47.09
C GLN B 920 31.78 -26.51 47.74
N LYS B 921 32.27 -26.21 48.94
CA LYS B 921 31.84 -25.01 49.64
C LYS B 921 32.19 -23.74 48.87
N LEU B 922 33.39 -23.71 48.29
CA LEU B 922 33.79 -22.55 47.50
C LEU B 922 32.86 -22.35 46.31
N ILE B 923 32.52 -23.45 45.62
CA ILE B 923 31.62 -23.36 44.47
C ILE B 923 30.24 -22.88 44.90
N ALA B 924 29.72 -23.41 46.00
CA ALA B 924 28.41 -22.98 46.47
C ALA B 924 28.41 -21.51 46.84
N ASN B 925 29.45 -21.05 47.53
CA ASN B 925 29.55 -19.64 47.89
C ASN B 925 29.64 -18.76 46.65
N GLN B 926 30.41 -19.19 45.64
CA GLN B 926 30.51 -18.42 44.40
C GLN B 926 29.16 -18.33 43.70
N PHE B 927 28.42 -19.44 43.64
CA PHE B 927 27.11 -19.41 43.00
C PHE B 927 26.15 -18.49 43.76
N ASN B 928 26.15 -18.55 45.09
CA ASN B 928 25.28 -17.69 45.87
C ASN B 928 25.64 -16.22 45.66
N SER B 929 26.94 -15.91 45.65
CA SER B 929 27.36 -14.53 45.41
C SER B 929 26.96 -14.07 44.02
N ALA B 930 27.07 -14.94 43.02
CA ALA B 930 26.67 -14.57 41.67
C ALA B 930 25.19 -14.29 41.60
N ILE B 931 24.36 -15.09 42.27
CA ILE B 931 22.92 -14.85 42.25
C ILE B 931 22.60 -13.55 42.98
N GLY B 932 23.29 -13.28 44.08
CA GLY B 932 23.10 -11.99 44.76
C GLY B 932 23.46 -10.82 43.87
N LYS B 933 24.52 -10.97 43.08
CA LYS B 933 24.90 -9.93 42.14
C LYS B 933 23.88 -9.77 41.02
N ILE B 934 23.24 -10.86 40.58
CA ILE B 934 22.13 -10.72 39.63
C ILE B 934 21.00 -9.92 40.26
N GLN B 935 20.67 -10.21 41.52
CA GLN B 935 19.66 -9.43 42.21
C GLN B 935 20.02 -7.95 42.24
N ASP B 936 21.26 -7.65 42.60
CA ASP B 936 21.70 -6.25 42.67
C ASP B 936 21.62 -5.59 41.29
N SER B 937 22.03 -6.31 40.25
CA SER B 937 21.99 -5.76 38.90
C SER B 937 20.57 -5.47 38.45
N LEU B 938 19.62 -6.35 38.77
CA LEU B 938 18.23 -6.13 38.39
C LEU B 938 17.54 -5.06 39.24
N SER B 939 18.19 -4.59 40.31
CA SER B 939 17.64 -3.49 41.11
C SER B 939 18.24 -2.15 40.77
N SER B 940 19.40 -2.10 40.12
CA SER B 940 20.01 -0.82 39.78
C SER B 940 19.20 -0.12 38.69
N THR B 941 19.41 1.20 38.60
CA THR B 941 18.66 1.99 37.62
C THR B 941 18.95 1.54 36.20
N ALA B 942 20.22 1.29 35.88
CA ALA B 942 20.57 0.76 34.57
C ALA B 942 19.96 -0.62 34.39
N SER B 943 19.13 -0.77 33.38
CA SER B 943 18.34 -1.98 33.15
C SER B 943 18.87 -2.70 31.92
N ALA B 944 19.26 -3.97 32.10
CA ALA B 944 19.58 -4.83 30.96
C ALA B 944 18.33 -5.48 30.39
N LEU B 945 17.16 -5.22 30.97
CA LEU B 945 15.90 -5.83 30.55
C LEU B 945 15.22 -5.04 29.43
N GLY B 946 15.97 -4.26 28.66
CA GLY B 946 15.36 -3.41 27.67
C GLY B 946 14.97 -4.12 26.39
N LYS B 947 15.32 -5.41 26.28
CA LYS B 947 14.95 -6.16 25.09
C LYS B 947 13.45 -6.44 25.04
N LEU B 948 12.80 -6.53 26.20
CA LEU B 948 11.35 -6.66 26.27
C LEU B 948 10.66 -5.30 26.26
N GLN B 949 11.30 -4.30 26.88
CA GLN B 949 10.77 -2.96 26.83
C GLN B 949 10.75 -2.43 25.40
N ASP B 950 11.71 -2.85 24.57
CA ASP B 950 11.68 -2.49 23.16
C ASP B 950 10.43 -3.04 22.48
N VAL B 951 10.07 -4.29 22.77
CA VAL B 951 8.88 -4.88 22.18
C VAL B 951 7.64 -4.12 22.63
N VAL B 952 7.55 -3.84 23.93
CA VAL B 952 6.38 -3.12 24.45
C VAL B 952 6.28 -1.74 23.80
N ASN B 953 7.40 -1.02 23.74
CA ASN B 953 7.40 0.32 23.16
C ASN B 953 7.04 0.28 21.68
N GLN B 954 7.55 -0.70 20.94
CA GLN B 954 7.23 -0.78 19.52
C GLN B 954 5.75 -1.06 19.30
N ASN B 955 5.17 -1.98 20.06
CA ASN B 955 3.74 -2.25 19.92
C ASN B 955 2.91 -1.02 20.28
N ALA B 956 3.26 -0.36 21.38
CA ALA B 956 2.52 0.83 21.78
C ALA B 956 2.65 1.94 20.75
N GLN B 957 3.84 2.12 20.19
CA GLN B 957 4.05 3.16 19.18
C GLN B 957 3.27 2.86 17.91
N ALA B 958 3.22 1.59 17.50
CA ALA B 958 2.42 1.23 16.33
C ALA B 958 0.95 1.52 16.57
N LEU B 959 0.43 1.16 17.75
CA LEU B 959 -0.97 1.43 18.05
C LEU B 959 -1.23 2.94 18.08
N ASN B 960 -0.31 3.71 18.68
CA ASN B 960 -0.50 5.15 18.77
C ASN B 960 -0.50 5.78 17.39
N THR B 961 0.40 5.35 16.51
CA THR B 961 0.42 5.87 15.15
C THR B 961 -0.86 5.51 14.40
N LEU B 962 -1.33 4.27 14.56
CA LEU B 962 -2.57 3.87 13.90
C LEU B 962 -3.74 4.72 14.38
N VAL B 963 -3.80 4.99 15.67
CA VAL B 963 -4.88 5.83 16.20
C VAL B 963 -4.76 7.26 15.70
N LYS B 964 -3.54 7.80 15.68
CA LYS B 964 -3.36 9.17 15.23
C LYS B 964 -3.65 9.33 13.74
N GLN B 965 -3.55 8.24 12.98
CA GLN B 965 -3.91 8.33 11.56
C GLN B 965 -5.39 8.64 11.36
N LEU B 966 -6.23 8.47 12.38
CA LEU B 966 -7.63 8.82 12.27
C LEU B 966 -7.86 10.32 12.29
N SER B 967 -6.90 11.10 12.80
CA SER B 967 -7.04 12.55 12.82
C SER B 967 -6.69 13.20 11.50
N SER B 968 -6.04 12.48 10.60
CA SER B 968 -5.72 13.04 9.29
C SER B 968 -6.94 13.00 8.38
N ASN B 969 -7.03 13.99 7.49
CA ASN B 969 -8.18 14.09 6.58
C ASN B 969 -7.90 13.52 5.20
N PHE B 970 -6.62 13.34 4.83
CA PHE B 970 -6.24 12.69 3.58
C PHE B 970 -6.83 13.41 2.36
N GLY B 971 -7.03 14.73 2.47
CA GLY B 971 -7.60 15.51 1.39
C GLY B 971 -9.09 15.78 1.53
N ALA B 972 -9.78 15.11 2.43
CA ALA B 972 -11.20 15.37 2.64
C ALA B 972 -11.39 16.72 3.33
N ILE B 973 -12.64 17.19 3.32
CA ILE B 973 -12.95 18.47 3.95
C ILE B 973 -12.72 18.43 5.45
N SER B 974 -12.86 17.25 6.07
CA SER B 974 -12.65 17.12 7.50
C SER B 974 -12.22 15.70 7.80
N SER B 975 -11.57 15.51 8.96
CA SER B 975 -11.13 14.20 9.40
C SER B 975 -12.17 13.48 10.25
N VAL B 976 -13.34 14.07 10.45
CA VAL B 976 -14.43 13.48 11.22
C VAL B 976 -15.56 13.15 10.26
N LEU B 977 -15.99 11.90 10.23
CA LEU B 977 -17.02 11.49 9.30
C LEU B 977 -18.39 12.06 9.67
N ASN B 978 -18.62 12.33 10.96
CA ASN B 978 -19.86 12.97 11.35
C ASN B 978 -19.98 14.35 10.72
N ASP B 979 -18.88 15.10 10.67
CA ASP B 979 -18.91 16.41 10.04
C ASP B 979 -19.24 16.29 8.56
N ILE B 980 -18.63 15.32 7.86
CA ILE B 980 -18.88 15.16 6.44
C ILE B 980 -20.34 14.77 6.20
N LEU B 981 -20.85 13.86 7.01
CA LEU B 981 -22.22 13.37 6.80
C LEU B 981 -23.27 14.40 7.19
N SER B 982 -22.97 15.27 8.16
CA SER B 982 -23.92 16.31 8.53
C SER B 982 -23.83 17.53 7.64
N ARG B 983 -22.67 17.75 7.00
CA ARG B 983 -22.49 18.94 6.17
C ARG B 983 -22.95 18.72 4.73
N LEU B 984 -22.68 17.54 4.17
CA LEU B 984 -22.84 17.29 2.76
C LEU B 984 -23.90 16.22 2.52
N ASP B 985 -24.63 16.39 1.42
CA ASP B 985 -25.58 15.40 0.94
C ASP B 985 -24.86 14.24 0.27
N PRO B 986 -25.50 13.10 0.09
CA PRO B 986 -24.79 11.89 -0.36
C PRO B 986 -24.08 12.06 -1.69
N PRO B 987 -24.64 12.82 -2.67
CA PRO B 987 -23.93 12.94 -3.96
C PRO B 987 -22.50 13.44 -3.83
N GLU B 988 -22.24 14.42 -2.97
CA GLU B 988 -20.89 14.95 -2.75
C GLU B 988 -20.26 14.45 -1.46
N ALA B 989 -21.06 13.95 -0.52
CA ALA B 989 -20.49 13.38 0.70
C ALA B 989 -19.68 12.12 0.38
N GLU B 990 -20.15 11.32 -0.58
CA GLU B 990 -19.45 10.09 -0.92
C GLU B 990 -18.07 10.36 -1.50
N VAL B 991 -17.89 11.51 -2.15
CA VAL B 991 -16.57 11.85 -2.68
C VAL B 991 -15.59 12.10 -1.54
N GLN B 992 -16.03 12.82 -0.50
CA GLN B 992 -15.16 13.08 0.64
C GLN B 992 -14.93 11.82 1.45
N ILE B 993 -15.96 10.98 1.58
CA ILE B 993 -15.84 9.76 2.38
C ILE B 993 -14.84 8.81 1.75
N ASP B 994 -14.78 8.77 0.42
CA ASP B 994 -13.86 7.86 -0.26
C ASP B 994 -12.41 8.16 0.09
N ARG B 995 -12.06 9.45 0.19
CA ARG B 995 -10.68 9.80 0.55
C ARG B 995 -10.33 9.29 1.95
N LEU B 996 -11.24 9.47 2.90
CA LEU B 996 -11.02 8.94 4.24
C LEU B 996 -10.92 7.42 4.23
N ILE B 997 -11.77 6.75 3.45
CA ILE B 997 -11.72 5.30 3.38
C ILE B 997 -10.37 4.84 2.86
N THR B 998 -9.90 5.45 1.77
CA THR B 998 -8.62 5.05 1.20
C THR B 998 -7.47 5.31 2.17
N GLY B 999 -7.46 6.49 2.79
CA GLY B 999 -6.38 6.80 3.71
C GLY B 999 -6.34 5.89 4.92
N ARG B 1000 -7.49 5.65 5.54
CA ARG B 1000 -7.53 4.80 6.72
C ARG B 1000 -7.27 3.34 6.36
N LEU B 1001 -7.70 2.91 5.16
CA LEU B 1001 -7.40 1.57 4.71
C LEU B 1001 -5.90 1.39 4.50
N GLN B 1002 -5.23 2.38 3.90
CA GLN B 1002 -3.79 2.30 3.75
C GLN B 1002 -3.08 2.32 5.11
N SER B 1003 -3.55 3.14 6.05
CA SER B 1003 -2.95 3.15 7.37
C SER B 1003 -3.08 1.79 8.05
N LEU B 1004 -4.27 1.19 7.97
CA LEU B 1004 -4.48 -0.11 8.58
C LEU B 1004 -3.65 -1.20 7.90
N GLN B 1005 -3.54 -1.13 6.57
CA GLN B 1005 -2.70 -2.11 5.86
C GLN B 1005 -1.24 -1.98 6.26
N THR B 1006 -0.76 -0.74 6.39
CA THR B 1006 0.61 -0.53 6.86
C THR B 1006 0.81 -1.10 8.24
N TYR B 1007 -0.15 -0.85 9.14
CA TYR B 1007 -0.05 -1.39 10.50
C TYR B 1007 0.05 -2.91 10.55
N VAL B 1008 -0.78 -3.59 9.77
CA VAL B 1008 -0.77 -5.05 9.76
C VAL B 1008 0.51 -5.60 9.12
N THR B 1009 1.05 -4.88 8.14
CA THR B 1009 2.27 -5.35 7.49
C THR B 1009 3.41 -5.23 8.50
N GLN B 1010 3.51 -4.09 9.19
CA GLN B 1010 4.52 -3.96 10.24
C GLN B 1010 4.30 -4.99 11.33
N GLN B 1011 3.05 -5.26 11.69
CA GLN B 1011 2.78 -6.26 12.72
C GLN B 1011 3.16 -7.66 12.25
N LEU B 1012 2.95 -7.97 10.97
CA LEU B 1012 3.35 -9.28 10.46
C LEU B 1012 4.87 -9.43 10.51
N ILE B 1013 5.60 -8.40 10.10
CA ILE B 1013 7.07 -8.49 10.13
C ILE B 1013 7.57 -8.59 11.56
N ARG B 1014 7.00 -7.78 12.47
CA ARG B 1014 7.42 -7.82 13.86
C ARG B 1014 7.06 -9.15 14.50
N ALA B 1015 5.92 -9.74 14.10
CA ALA B 1015 5.55 -11.06 14.59
C ALA B 1015 6.51 -12.12 14.08
N ALA B 1016 7.00 -11.98 12.85
CA ALA B 1016 8.04 -12.89 12.38
C ALA B 1016 9.30 -12.77 13.22
N GLU B 1017 9.71 -11.54 13.55
CA GLU B 1017 10.87 -11.34 14.41
C GLU B 1017 10.65 -11.98 15.78
N ILE B 1018 9.47 -11.77 16.37
CA ILE B 1018 9.18 -12.31 17.69
C ILE B 1018 9.10 -13.82 17.64
N ARG B 1019 8.61 -14.38 16.53
CA ARG B 1019 8.58 -15.83 16.40
C ARG B 1019 9.98 -16.40 16.31
N ALA B 1020 10.88 -15.73 15.60
CA ALA B 1020 12.27 -16.16 15.58
C ALA B 1020 12.87 -16.12 16.98
N SER B 1021 12.60 -15.04 17.73
CA SER B 1021 13.08 -14.94 19.10
C SER B 1021 12.49 -16.03 19.99
N ALA B 1022 11.21 -16.37 19.78
CA ALA B 1022 10.57 -17.39 20.61
C ALA B 1022 11.10 -18.78 20.27
N ASN B 1023 11.38 -19.05 19.00
CA ASN B 1023 12.02 -20.31 18.65
C ASN B 1023 13.40 -20.40 19.27
N LEU B 1024 14.16 -19.30 19.25
CA LEU B 1024 15.46 -19.30 19.91
C LEU B 1024 15.32 -19.53 21.41
N ALA B 1025 14.31 -18.92 22.03
CA ALA B 1025 14.10 -19.09 23.46
C ALA B 1025 13.72 -20.53 23.80
N ALA B 1026 12.87 -21.14 22.98
CA ALA B 1026 12.52 -22.54 23.20
C ALA B 1026 13.72 -23.44 23.03
N THR B 1027 14.56 -23.18 22.03
CA THR B 1027 15.79 -23.97 21.86
C THR B 1027 16.71 -23.80 23.06
N LYS B 1028 16.86 -22.56 23.55
CA LYS B 1028 17.68 -22.33 24.73
C LYS B 1028 17.12 -23.05 25.94
N MET B 1029 15.81 -23.01 26.15
CA MET B 1029 15.21 -23.78 27.24
C MET B 1029 15.56 -25.25 27.12
N SER B 1030 15.29 -25.83 25.95
CA SER B 1030 15.46 -27.27 25.76
C SER B 1030 16.92 -27.68 25.96
N GLU B 1031 17.87 -26.87 25.49
CA GLU B 1031 19.26 -27.30 25.45
C GLU B 1031 20.05 -26.88 26.69
N CYS B 1032 19.74 -25.73 27.29
CA CYS B 1032 20.45 -25.26 28.47
C CYS B 1032 19.76 -25.70 29.76
N VAL B 1033 18.45 -25.51 29.85
CA VAL B 1033 17.74 -25.81 31.09
C VAL B 1033 17.55 -27.31 31.25
N LEU B 1034 17.03 -27.96 30.20
CA LEU B 1034 16.78 -29.39 30.23
C LEU B 1034 18.03 -30.22 29.92
N GLY B 1035 19.18 -29.59 29.75
CA GLY B 1035 20.41 -30.32 29.48
C GLY B 1035 21.65 -29.53 29.83
N GLN B 1036 22.77 -29.88 29.20
CA GLN B 1036 24.02 -29.15 29.37
C GLN B 1036 24.65 -29.04 27.99
N SER B 1037 24.54 -27.87 27.37
CA SER B 1037 24.95 -27.71 25.99
C SER B 1037 26.47 -27.52 25.89
N LYS B 1038 27.06 -28.21 24.91
CA LYS B 1038 28.46 -28.01 24.56
C LYS B 1038 28.64 -26.92 23.51
N ARG B 1039 27.57 -26.27 23.08
CA ARG B 1039 27.64 -25.22 22.08
C ARG B 1039 28.27 -23.98 22.72
N VAL B 1040 29.32 -23.46 22.10
CA VAL B 1040 30.11 -22.41 22.73
C VAL B 1040 29.33 -21.09 22.68
N ASP B 1041 29.25 -20.42 23.83
CA ASP B 1041 28.59 -19.13 23.97
C ASP B 1041 27.11 -19.20 23.58
N PHE B 1042 26.53 -20.40 23.56
CA PHE B 1042 25.10 -20.51 23.38
C PHE B 1042 24.38 -20.26 24.70
N CYS B 1043 24.69 -21.05 25.72
CA CYS B 1043 24.16 -20.87 27.06
C CYS B 1043 25.16 -20.09 27.93
N GLY B 1044 25.44 -18.86 27.50
CA GLY B 1044 26.29 -17.96 28.26
C GLY B 1044 27.77 -18.17 28.01
N LYS B 1045 28.54 -17.13 28.33
CA LYS B 1045 29.99 -17.18 28.19
C LYS B 1045 30.59 -18.20 29.16
N GLY B 1046 31.66 -18.86 28.71
CA GLY B 1046 32.31 -19.88 29.51
C GLY B 1046 31.73 -21.25 29.26
N TYR B 1047 32.25 -22.23 30.01
CA TYR B 1047 31.77 -23.59 29.91
C TYR B 1047 30.46 -23.73 30.68
N HIS B 1048 29.42 -24.16 29.98
CA HIS B 1048 28.08 -24.21 30.55
C HIS B 1048 27.99 -25.30 31.61
N LEU B 1049 27.38 -24.95 32.75
CA LEU B 1049 27.04 -25.92 33.79
C LEU B 1049 25.54 -26.17 33.83
N MET B 1050 24.74 -25.11 34.00
CA MET B 1050 23.29 -25.25 34.02
C MET B 1050 22.69 -23.86 33.85
N SER B 1051 21.39 -23.85 33.57
CA SER B 1051 20.64 -22.60 33.39
C SER B 1051 19.33 -22.71 34.14
N PHE B 1052 18.82 -21.54 34.55
CA PHE B 1052 17.58 -21.43 35.31
C PHE B 1052 16.64 -20.46 34.62
N PRO B 1053 15.42 -20.86 34.25
CA PRO B 1053 14.53 -19.91 33.58
C PRO B 1053 13.76 -19.05 34.57
N GLN B 1054 13.54 -17.81 34.18
CA GLN B 1054 12.75 -16.86 34.96
C GLN B 1054 11.79 -16.14 34.03
N SER B 1055 10.53 -16.09 34.42
CA SER B 1055 9.52 -15.41 33.61
C SER B 1055 9.73 -13.91 33.64
N ALA B 1056 9.47 -13.27 32.49
CA ALA B 1056 9.46 -11.83 32.37
C ALA B 1056 8.27 -11.46 31.50
N PRO B 1057 7.73 -10.25 31.64
CA PRO B 1057 6.57 -9.88 30.82
C PRO B 1057 6.95 -9.83 29.34
N HIS B 1058 6.24 -10.63 28.54
CA HIS B 1058 6.50 -10.76 27.11
C HIS B 1058 7.90 -11.30 26.83
N GLY B 1059 8.40 -12.22 27.65
CA GLY B 1059 9.70 -12.77 27.43
C GLY B 1059 10.08 -13.79 28.49
N VAL B 1060 11.31 -14.26 28.39
CA VAL B 1060 11.89 -15.21 29.34
C VAL B 1060 13.33 -14.83 29.61
N VAL B 1061 13.77 -15.09 30.83
CA VAL B 1061 15.11 -14.73 31.29
C VAL B 1061 15.81 -16.00 31.75
N PHE B 1062 17.00 -16.25 31.21
CA PHE B 1062 17.81 -17.41 31.55
C PHE B 1062 19.00 -16.97 32.39
N LEU B 1063 19.22 -17.65 33.51
CA LEU B 1063 20.36 -17.40 34.38
C LEU B 1063 21.42 -18.46 34.10
N HIS B 1064 22.29 -18.18 33.13
CA HIS B 1064 23.26 -19.15 32.65
C HIS B 1064 24.41 -19.28 33.64
N VAL B 1065 24.45 -20.39 34.37
CA VAL B 1065 25.57 -20.69 35.24
C VAL B 1065 26.68 -21.34 34.41
N THR B 1066 27.87 -20.75 34.45
CA THR B 1066 28.98 -21.20 33.61
C THR B 1066 30.27 -21.27 34.42
N TYR B 1067 31.14 -22.17 34.02
CA TYR B 1067 32.43 -22.37 34.67
C TYR B 1067 33.50 -21.58 33.91
N VAL B 1068 34.02 -20.54 34.54
CA VAL B 1068 35.04 -19.66 33.95
C VAL B 1068 36.37 -19.95 34.64
N PRO B 1069 37.39 -20.46 33.94
CA PRO B 1069 38.68 -20.67 34.60
C PRO B 1069 39.37 -19.34 34.89
N ALA B 1070 40.28 -19.38 35.86
CA ALA B 1070 41.00 -18.19 36.29
C ALA B 1070 42.30 -18.60 36.96
N GLN B 1071 43.20 -17.62 37.09
CA GLN B 1071 44.48 -17.81 37.79
C GLN B 1071 45.32 -18.89 37.13
N GLU B 1072 45.72 -18.63 35.88
CA GLU B 1072 46.55 -19.58 35.15
C GLU B 1072 48.03 -19.39 35.48
N LYS B 1073 48.81 -20.44 35.23
CA LYS B 1073 50.24 -20.43 35.42
C LYS B 1073 50.93 -21.02 34.20
N ASN B 1074 52.06 -20.42 33.82
CA ASN B 1074 52.86 -20.94 32.72
C ASN B 1074 53.51 -22.26 33.11
N PHE B 1075 53.52 -23.21 32.17
CA PHE B 1075 54.21 -24.48 32.34
C PHE B 1075 54.89 -24.86 31.04
N THR B 1076 56.03 -25.53 31.16
CA THR B 1076 56.65 -26.15 30.00
C THR B 1076 55.95 -27.47 29.70
N THR B 1077 55.70 -27.73 28.42
CA THR B 1077 54.88 -28.86 28.00
C THR B 1077 55.58 -29.62 26.88
N ALA B 1078 55.23 -30.89 26.75
CA ALA B 1078 55.75 -31.76 25.71
C ALA B 1078 54.58 -32.57 25.15
N PRO B 1079 54.53 -32.80 23.83
CA PRO B 1079 53.44 -33.63 23.30
C PRO B 1079 53.47 -35.05 23.81
N ALA B 1080 54.65 -35.60 24.06
CA ALA B 1080 54.78 -36.98 24.53
C ALA B 1080 56.08 -37.12 25.30
N ILE B 1081 56.20 -38.22 26.02
CA ILE B 1081 57.36 -38.51 26.87
C ILE B 1081 57.91 -39.87 26.49
N CYS B 1082 59.23 -39.94 26.35
CA CYS B 1082 59.92 -41.15 25.90
C CYS B 1082 60.45 -41.92 27.09
N HIS B 1083 59.83 -43.06 27.39
CA HIS B 1083 60.38 -44.03 28.33
C HIS B 1083 61.36 -44.89 27.54
N ASP B 1084 61.75 -46.05 28.06
CA ASP B 1084 62.87 -46.80 27.50
C ASP B 1084 62.51 -47.37 26.12
N GLY B 1085 62.56 -46.48 25.13
CA GLY B 1085 62.40 -46.86 23.74
C GLY B 1085 61.01 -46.73 23.18
N LYS B 1086 60.10 -46.04 23.86
CA LYS B 1086 58.73 -45.90 23.40
C LYS B 1086 58.15 -44.57 23.88
N ALA B 1087 57.24 -44.01 23.09
CA ALA B 1087 56.65 -42.72 23.37
C ALA B 1087 55.33 -42.89 24.12
N HIS B 1088 55.17 -42.17 25.22
CA HIS B 1088 53.96 -42.21 26.03
C HIS B 1088 53.17 -40.92 25.84
N PHE B 1089 51.88 -41.05 25.56
CA PHE B 1089 50.98 -39.93 25.37
C PHE B 1089 49.97 -39.90 26.51
N PRO B 1090 49.43 -38.72 26.86
CA PRO B 1090 48.48 -38.66 27.97
C PRO B 1090 47.09 -39.12 27.54
N ARG B 1091 46.49 -39.97 28.38
CA ARG B 1091 45.16 -40.49 28.06
C ARG B 1091 44.12 -39.38 28.03
N GLU B 1092 44.14 -38.50 29.03
CA GLU B 1092 43.17 -37.41 29.13
C GLU B 1092 43.79 -36.05 29.43
N GLY B 1093 44.95 -35.99 30.06
CA GLY B 1093 45.55 -34.73 30.46
C GLY B 1093 46.60 -34.23 29.50
N VAL B 1094 47.44 -33.33 29.99
CA VAL B 1094 48.57 -32.78 29.26
C VAL B 1094 49.81 -32.89 30.13
N PHE B 1095 50.94 -33.16 29.49
CA PHE B 1095 52.21 -33.19 30.21
C PHE B 1095 52.69 -31.77 30.46
N VAL B 1096 53.00 -31.47 31.73
CA VAL B 1096 53.49 -30.16 32.13
C VAL B 1096 54.69 -30.36 33.05
N SER B 1097 55.49 -29.30 33.18
CA SER B 1097 56.71 -29.38 34.03
C SER B 1097 56.80 -28.11 34.89
N ASN B 1098 57.24 -28.26 36.14
CA ASN B 1098 57.42 -27.09 37.04
C ASN B 1098 58.84 -26.54 36.87
N GLY B 1099 59.64 -27.17 36.01
CA GLY B 1099 61.04 -26.75 35.80
C GLY B 1099 61.98 -27.84 36.27
N THR B 1100 61.47 -28.76 37.10
CA THR B 1100 62.28 -29.86 37.62
C THR B 1100 61.68 -31.23 37.34
N HIS B 1101 60.37 -31.39 37.51
CA HIS B 1101 59.69 -32.66 37.36
C HIS B 1101 58.56 -32.55 36.33
N TRP B 1102 58.20 -33.69 35.76
CA TRP B 1102 57.13 -33.77 34.77
C TRP B 1102 55.91 -34.43 35.39
N PHE B 1103 54.74 -33.81 35.16
CA PHE B 1103 53.47 -34.31 35.67
C PHE B 1103 52.46 -34.36 34.53
N VAL B 1104 51.31 -34.96 34.82
CA VAL B 1104 50.18 -35.02 33.89
C VAL B 1104 48.95 -34.49 34.60
N THR B 1105 48.25 -33.58 33.94
CA THR B 1105 47.10 -32.91 34.54
C THR B 1105 46.05 -32.65 33.47
N GLN B 1106 44.79 -32.56 33.90
CA GLN B 1106 43.73 -32.18 32.97
C GLN B 1106 43.91 -30.73 32.55
N ARG B 1107 43.38 -30.40 31.38
CA ARG B 1107 43.67 -29.10 30.78
C ARG B 1107 42.97 -27.97 31.51
N ASN B 1108 41.78 -28.22 32.04
CA ASN B 1108 40.92 -27.17 32.57
C ASN B 1108 41.13 -26.90 34.06
N PHE B 1109 42.07 -27.58 34.71
CA PHE B 1109 42.32 -27.34 36.12
C PHE B 1109 43.66 -27.97 36.49
N TYR B 1110 44.55 -27.19 37.09
CA TYR B 1110 45.89 -27.68 37.41
C TYR B 1110 45.79 -28.68 38.56
N GLU B 1111 45.90 -29.97 38.24
CA GLU B 1111 45.91 -31.04 39.24
C GLU B 1111 47.01 -32.01 38.86
N PRO B 1112 48.28 -31.67 39.15
CA PRO B 1112 49.38 -32.49 38.65
C PRO B 1112 49.42 -33.85 39.33
N GLN B 1113 49.57 -34.89 38.52
CA GLN B 1113 49.69 -36.27 38.99
C GLN B 1113 51.02 -36.85 38.52
N ILE B 1114 51.58 -37.73 39.34
CA ILE B 1114 52.79 -38.44 38.93
C ILE B 1114 52.50 -39.23 37.68
N ILE B 1115 53.40 -39.14 36.71
CA ILE B 1115 53.21 -39.82 35.43
C ILE B 1115 53.42 -41.31 35.63
N THR B 1116 52.41 -42.11 35.28
CA THR B 1116 52.48 -43.55 35.41
C THR B 1116 51.96 -44.19 34.13
N THR B 1117 51.97 -45.52 34.10
CA THR B 1117 51.50 -46.25 32.93
C THR B 1117 50.00 -46.40 32.88
N ASP B 1118 49.26 -45.86 33.86
CA ASP B 1118 47.81 -45.91 33.87
C ASP B 1118 47.16 -44.65 33.32
N ASN B 1119 47.81 -43.50 33.45
CA ASN B 1119 47.31 -42.24 32.90
C ASN B 1119 47.96 -41.87 31.58
N THR B 1120 48.79 -42.75 31.01
CA THR B 1120 49.40 -42.54 29.71
C THR B 1120 49.33 -43.82 28.89
N PHE B 1121 49.16 -43.66 27.59
CA PHE B 1121 49.15 -44.78 26.65
C PHE B 1121 50.32 -44.66 25.69
N VAL B 1122 50.88 -45.81 25.31
CA VAL B 1122 52.11 -45.88 24.54
C VAL B 1122 51.77 -46.17 23.09
N SER B 1123 52.45 -45.49 22.17
CA SER B 1123 52.23 -45.67 20.74
C SER B 1123 53.49 -45.25 19.99
N GLY B 1124 54.27 -46.24 19.54
CA GLY B 1124 55.38 -45.98 18.65
C GLY B 1124 56.68 -45.66 19.35
N ASN B 1125 57.68 -45.34 18.54
CA ASN B 1125 59.02 -45.04 19.03
C ASN B 1125 59.14 -43.58 19.42
N CYS B 1126 60.34 -43.22 19.90
CA CYS B 1126 60.58 -41.87 20.39
C CYS B 1126 61.08 -40.92 19.31
N ASP B 1127 61.24 -41.40 18.07
CA ASP B 1127 61.84 -40.59 17.01
C ASP B 1127 60.86 -40.16 15.93
N VAL B 1128 59.55 -40.44 16.10
CA VAL B 1128 58.59 -40.10 15.07
C VAL B 1128 57.85 -38.80 15.36
N VAL B 1129 57.81 -38.37 16.63
CA VAL B 1129 57.09 -37.16 17.05
C VAL B 1129 58.09 -36.07 17.37
N ILE B 1130 57.72 -34.84 17.00
CA ILE B 1130 58.55 -33.66 17.28
C ILE B 1130 58.21 -33.15 18.67
N GLY B 1131 59.23 -33.02 19.51
CA GLY B 1131 59.08 -32.47 20.84
C GLY B 1131 59.19 -33.46 21.98
N ILE B 1132 59.74 -34.65 21.75
CA ILE B 1132 59.92 -35.61 22.82
C ILE B 1132 60.79 -35.02 23.92
N VAL B 1133 60.43 -35.34 25.16
CA VAL B 1133 61.28 -34.97 26.33
C VAL B 1133 61.54 -36.29 27.06
N ASN B 1134 62.82 -36.64 27.27
CA ASN B 1134 63.12 -37.88 28.02
C ASN B 1134 62.63 -37.72 29.46
N ASN B 1135 61.98 -38.74 30.01
CA ASN B 1135 61.46 -38.70 31.41
C ASN B 1135 61.00 -40.10 31.79
N THR B 1136 61.00 -40.42 33.09
CA THR B 1136 60.61 -41.74 33.54
C THR B 1136 59.10 -41.81 33.71
N VAL B 1137 58.50 -42.89 33.21
CA VAL B 1137 57.08 -43.19 33.39
C VAL B 1137 57.00 -44.39 34.32
N TYR B 1138 56.36 -44.21 35.46
CA TYR B 1138 56.37 -45.24 36.49
C TYR B 1138 55.32 -46.31 36.22
N ASP B 1139 55.60 -47.51 36.73
CA ASP B 1139 54.68 -48.64 36.65
C ASP B 1139 54.28 -49.03 38.07
N PRO B 1140 53.07 -48.68 38.54
CA PRO B 1140 52.70 -49.04 39.91
C PRO B 1140 52.45 -50.53 40.12
N LEU B 1141 52.57 -51.34 39.07
CA LEU B 1141 52.32 -52.77 39.21
C LEU B 1141 53.47 -53.45 39.95
N GLN B 1142 54.71 -53.12 39.60
CA GLN B 1142 55.87 -53.84 40.12
C GLN B 1142 56.18 -53.55 41.59
N PRO B 1143 55.99 -52.34 42.15
CA PRO B 1143 56.16 -52.23 43.60
C PRO B 1143 55.18 -53.10 44.39
N GLU B 1144 53.94 -53.24 43.90
CA GLU B 1144 52.99 -54.13 44.56
C GLU B 1144 53.38 -55.58 44.37
N LEU B 1145 53.89 -55.93 43.19
CA LEU B 1145 54.18 -57.32 42.84
C LEU B 1145 55.54 -57.75 43.41
N ASP B 1146 55.55 -58.03 44.71
CA ASP B 1146 56.70 -58.65 45.35
C ASP B 1146 56.63 -60.16 45.35
N SER B 1147 55.47 -60.73 45.02
CA SER B 1147 55.31 -62.18 44.99
C SER B 1147 54.00 -62.56 44.30
N GLN C 1 27.67 44.22 -41.54
CA GLN C 1 28.81 43.78 -42.39
C GLN C 1 29.57 42.69 -41.63
N VAL C 2 30.01 41.63 -42.32
CA VAL C 2 30.82 40.56 -41.69
C VAL C 2 32.23 41.12 -41.51
N GLN C 3 32.63 41.38 -40.27
CA GLN C 3 33.94 41.95 -39.94
C GLN C 3 34.42 41.37 -38.61
N LEU C 4 35.75 41.33 -38.47
CA LEU C 4 36.41 40.96 -37.23
C LEU C 4 37.41 42.05 -36.88
N VAL C 5 37.41 42.46 -35.62
CA VAL C 5 38.29 43.53 -35.14
C VAL C 5 39.02 43.01 -33.90
N GLU C 6 40.34 43.05 -33.92
CA GLU C 6 41.15 42.63 -32.78
C GLU C 6 41.47 43.82 -31.89
N SER C 7 41.85 43.51 -30.65
CA SER C 7 42.25 44.54 -29.69
C SER C 7 43.10 43.89 -28.62
N GLY C 8 43.91 44.73 -27.95
CA GLY C 8 44.75 44.27 -26.87
C GLY C 8 46.21 44.10 -27.20
N GLY C 9 46.70 44.78 -28.24
CA GLY C 9 48.11 44.70 -28.56
C GLY C 9 48.95 45.61 -27.69
N GLY C 10 50.25 45.31 -27.65
CA GLY C 10 51.16 46.10 -26.87
C GLY C 10 52.54 45.46 -26.82
N VAL C 11 53.39 46.05 -25.98
CA VAL C 11 54.76 45.58 -25.76
C VAL C 11 54.78 44.87 -24.40
N VAL C 12 55.39 43.69 -24.38
CA VAL C 12 55.37 42.82 -23.20
C VAL C 12 56.79 42.33 -22.93
N GLN C 13 57.19 42.36 -21.67
CA GLN C 13 58.48 41.82 -21.29
C GLN C 13 58.45 40.29 -21.40
N PRO C 14 59.58 39.63 -21.66
CA PRO C 14 59.57 38.17 -21.71
C PRO C 14 59.15 37.57 -20.38
N GLY C 15 58.40 36.47 -20.44
CA GLY C 15 57.91 35.79 -19.27
C GLY C 15 56.62 36.32 -18.71
N ARG C 16 56.07 37.40 -19.26
CA ARG C 16 54.82 37.98 -18.80
C ARG C 16 53.65 37.34 -19.55
N SER C 17 52.45 37.89 -19.38
CA SER C 17 51.24 37.37 -20.00
C SER C 17 50.44 38.50 -20.63
N LEU C 18 49.66 38.16 -21.65
CA LEU C 18 48.81 39.11 -22.33
C LEU C 18 47.62 38.38 -22.92
N ARG C 19 46.46 39.03 -22.93
CA ARG C 19 45.22 38.47 -23.45
C ARG C 19 44.71 39.35 -24.59
N LEU C 20 44.59 38.77 -25.77
CA LEU C 20 43.97 39.47 -26.89
C LEU C 20 42.47 39.23 -26.89
N SER C 21 41.74 40.16 -27.51
CA SER C 21 40.30 40.06 -27.67
C SER C 21 39.93 40.38 -29.11
N CYS C 22 39.14 39.51 -29.73
CA CYS C 22 38.66 39.69 -31.10
C CYS C 22 37.15 39.73 -31.07
N ALA C 23 36.58 40.86 -31.49
CA ALA C 23 35.13 41.03 -31.54
C ALA C 23 34.61 40.72 -32.93
N ALA C 24 33.39 40.20 -32.99
CA ALA C 24 32.76 39.78 -34.24
C ALA C 24 31.38 40.40 -34.36
N SER C 25 31.03 40.82 -35.58
CA SER C 25 29.74 41.43 -35.84
C SER C 25 29.33 41.10 -37.28
N GLY C 26 28.03 41.20 -37.53
CA GLY C 26 27.48 40.96 -38.85
C GLY C 26 27.11 39.53 -39.14
N PHE C 27 27.36 38.60 -38.21
CA PHE C 27 27.03 37.20 -38.42
C PHE C 27 26.85 36.54 -37.07
N THR C 28 26.26 35.35 -37.08
CA THR C 28 26.05 34.56 -35.87
C THR C 28 27.40 33.99 -35.46
N PHE C 29 28.00 34.60 -34.43
CA PHE C 29 29.32 34.18 -33.98
C PHE C 29 29.29 32.77 -33.41
N SER C 30 28.17 32.39 -32.79
CA SER C 30 28.07 31.09 -32.14
C SER C 30 28.01 29.94 -33.14
N ASN C 31 27.80 30.20 -34.42
CA ASN C 31 27.69 29.14 -35.42
C ASN C 31 29.05 28.65 -35.90
N TYR C 32 30.07 29.51 -35.88
CA TYR C 32 31.34 29.25 -36.55
C TYR C 32 32.44 28.97 -35.54
N GLY C 33 33.38 28.10 -35.92
CA GLY C 33 34.64 28.02 -35.23
C GLY C 33 35.50 29.24 -35.50
N MET C 34 36.59 29.37 -34.75
CA MET C 34 37.46 30.53 -34.86
C MET C 34 38.91 30.11 -34.74
N HIS C 35 39.77 30.82 -35.46
CA HIS C 35 41.20 30.57 -35.48
C HIS C 35 41.97 31.77 -34.92
N TRP C 36 43.21 31.53 -34.53
CA TRP C 36 44.18 32.58 -34.29
C TRP C 36 45.40 32.29 -35.17
N VAL C 37 45.79 33.27 -35.97
CA VAL C 37 46.92 33.15 -36.89
C VAL C 37 47.82 34.35 -36.67
N ARG C 38 49.12 34.10 -36.54
CA ARG C 38 50.11 35.14 -36.28
C ARG C 38 51.14 35.16 -37.40
N GLN C 39 51.68 36.35 -37.66
CA GLN C 39 52.68 36.56 -38.70
C GLN C 39 53.82 37.36 -38.08
N ALA C 40 54.95 36.71 -37.84
CA ALA C 40 56.10 37.42 -37.32
C ALA C 40 56.68 38.32 -38.40
N PRO C 41 57.43 39.37 -38.03
CA PRO C 41 58.00 40.26 -39.05
C PRO C 41 58.92 39.50 -40.00
N GLY C 42 58.73 39.73 -41.29
CA GLY C 42 59.56 39.10 -42.29
C GLY C 42 59.52 37.59 -42.30
N LYS C 43 58.40 37.00 -41.88
CA LYS C 43 58.26 35.55 -41.81
C LYS C 43 56.85 35.16 -42.23
N GLY C 44 56.69 33.89 -42.57
CA GLY C 44 55.41 33.39 -43.02
C GLY C 44 54.40 33.25 -41.88
N LEU C 45 53.14 33.08 -42.28
CA LEU C 45 52.07 32.92 -41.30
C LEU C 45 52.22 31.60 -40.56
N GLU C 46 51.77 31.59 -39.31
CA GLU C 46 51.78 30.40 -38.47
C GLU C 46 50.45 30.31 -37.74
N TRP C 47 49.82 29.14 -37.81
CA TRP C 47 48.55 28.93 -37.12
C TRP C 47 48.81 28.81 -35.62
N VAL C 48 48.00 29.53 -34.83
CA VAL C 48 48.18 29.55 -33.38
C VAL C 48 47.27 28.53 -32.72
N ALA C 49 45.95 28.69 -32.86
CA ALA C 49 45.01 27.81 -32.19
C ALA C 49 43.66 27.88 -32.87
N ILE C 50 42.82 26.89 -32.56
CA ILE C 50 41.44 26.81 -33.05
C ILE C 50 40.54 26.48 -31.88
N ILE C 51 39.30 26.94 -31.96
CA ILE C 51 38.27 26.66 -30.95
C ILE C 51 36.98 26.30 -31.67
N SER C 52 36.27 25.30 -31.14
CA SER C 52 35.01 24.87 -31.74
C SER C 52 33.95 25.95 -31.56
N PHE C 53 32.76 25.69 -32.12
CA PHE C 53 31.69 26.67 -32.07
C PHE C 53 31.18 26.88 -30.65
N ASP C 54 31.23 25.83 -29.83
CA ASP C 54 30.80 25.89 -28.43
C ASP C 54 31.96 25.86 -27.45
N GLY C 55 33.20 25.79 -27.93
CA GLY C 55 34.36 25.79 -27.06
C GLY C 55 34.75 24.45 -26.48
N SER C 56 34.06 23.36 -26.86
CA SER C 56 34.38 22.06 -26.30
C SER C 56 35.71 21.51 -26.81
N ASN C 57 36.07 21.78 -28.06
CA ASN C 57 37.27 21.23 -28.68
C ASN C 57 38.22 22.35 -29.05
N ARG C 58 39.47 22.21 -28.64
CA ARG C 58 40.51 23.19 -28.93
C ARG C 58 41.79 22.48 -29.31
N TYR C 59 42.54 23.08 -30.24
CA TYR C 59 43.83 22.55 -30.67
C TYR C 59 44.81 23.71 -30.79
N TYR C 60 46.07 23.44 -30.47
CA TYR C 60 47.13 24.44 -30.47
C TYR C 60 48.30 23.94 -31.31
N ALA C 61 49.07 24.89 -31.84
CA ALA C 61 50.29 24.56 -32.53
C ALA C 61 51.39 24.16 -31.54
N ASP C 62 52.37 23.41 -32.03
CA ASP C 62 53.42 22.91 -31.16
C ASP C 62 54.25 24.04 -30.55
N SER C 63 54.34 25.19 -31.24
CA SER C 63 55.09 26.32 -30.70
C SER C 63 54.43 26.92 -29.47
N VAL C 64 53.10 26.91 -29.40
CA VAL C 64 52.37 27.53 -28.30
C VAL C 64 51.59 26.54 -27.46
N LYS C 65 51.62 25.24 -27.75
CA LYS C 65 50.88 24.27 -26.96
C LYS C 65 51.38 24.25 -25.52
N GLY C 66 50.44 24.24 -24.58
CA GLY C 66 50.76 24.28 -23.17
C GLY C 66 50.88 25.67 -22.59
N ARG C 67 51.30 26.67 -23.37
CA ARG C 67 51.42 28.04 -22.90
C ARG C 67 50.14 28.82 -23.13
N PHE C 68 49.64 28.81 -24.37
CA PHE C 68 48.48 29.61 -24.72
C PHE C 68 47.20 28.90 -24.30
N THR C 69 46.09 29.64 -24.33
CA THR C 69 44.79 29.09 -23.97
C THR C 69 43.72 29.90 -24.69
N ILE C 70 43.14 29.33 -25.74
CA ILE C 70 42.11 29.98 -26.53
C ILE C 70 40.76 29.79 -25.84
N SER C 71 39.91 30.80 -25.94
CA SER C 71 38.59 30.73 -25.34
C SER C 71 37.69 31.74 -26.06
N ARG C 72 36.38 31.58 -25.85
CA ARG C 72 35.40 32.42 -26.52
C ARG C 72 34.19 32.60 -25.62
N ASP C 73 33.45 33.67 -25.89
CA ASP C 73 32.18 33.96 -25.22
C ASP C 73 31.14 34.21 -26.31
N ASN C 74 30.35 33.19 -26.62
CA ASN C 74 29.38 33.28 -27.70
C ASN C 74 28.25 34.26 -27.42
N SER C 75 27.99 34.58 -26.15
CA SER C 75 26.95 35.54 -25.82
C SER C 75 27.38 36.97 -26.11
N LYS C 76 28.65 37.29 -25.88
CA LYS C 76 29.20 38.61 -26.15
C LYS C 76 29.78 38.73 -27.56
N ASN C 77 29.80 37.65 -28.33
CA ASN C 77 30.35 37.65 -29.69
C ASN C 77 31.81 38.12 -29.68
N THR C 78 32.63 37.47 -28.86
CA THR C 78 34.02 37.84 -28.71
C THR C 78 34.88 36.58 -28.59
N LEU C 79 36.11 36.67 -29.07
CA LEU C 79 37.09 35.59 -29.00
C LEU C 79 38.32 36.06 -28.24
N TYR C 80 38.89 35.17 -27.43
CA TYR C 80 40.02 35.50 -26.57
C TYR C 80 41.17 34.54 -26.81
N LEU C 81 42.38 34.98 -26.49
CA LEU C 81 43.58 34.16 -26.52
C LEU C 81 44.49 34.59 -25.37
N GLN C 82 44.54 33.77 -24.32
CA GLN C 82 45.41 34.05 -23.19
C GLN C 82 46.83 33.57 -23.49
N MET C 83 47.77 34.50 -23.60
CA MET C 83 49.17 34.17 -23.78
C MET C 83 49.88 34.22 -22.43
N ASP C 84 50.68 33.20 -22.15
CA ASP C 84 51.48 33.12 -20.93
C ASP C 84 52.91 32.78 -21.29
N SER C 85 53.85 33.36 -20.54
CA SER C 85 55.28 33.12 -20.74
C SER C 85 55.69 33.54 -22.15
N LEU C 86 55.40 34.79 -22.49
CA LEU C 86 55.73 35.30 -23.82
C LEU C 86 57.23 35.25 -24.06
N ARG C 87 57.63 34.77 -25.22
CA ARG C 87 59.02 34.65 -25.62
C ARG C 87 59.34 35.67 -26.71
N ALA C 88 60.63 35.75 -27.05
CA ALA C 88 61.05 36.68 -28.09
C ALA C 88 60.42 36.34 -29.44
N GLU C 89 60.33 35.05 -29.76
CA GLU C 89 59.77 34.61 -31.03
C GLU C 89 58.27 34.86 -31.14
N ASP C 90 57.58 35.16 -30.03
CA ASP C 90 56.15 35.40 -30.08
C ASP C 90 55.79 36.71 -30.76
N THR C 91 56.77 37.57 -31.04
CA THR C 91 56.51 38.86 -31.70
C THR C 91 55.87 38.62 -33.06
N ALA C 92 54.62 39.05 -33.22
CA ALA C 92 53.90 38.83 -34.47
C ALA C 92 52.57 39.57 -34.41
N VAL C 93 52.00 39.81 -35.59
CA VAL C 93 50.67 40.41 -35.70
C VAL C 93 49.64 39.28 -35.70
N TYR C 94 48.75 39.30 -34.71
CA TYR C 94 47.81 38.21 -34.47
C TYR C 94 46.47 38.52 -35.09
N TYR C 95 45.99 37.63 -35.97
CA TYR C 95 44.71 37.75 -36.64
C TYR C 95 43.74 36.70 -36.11
N CYS C 96 42.48 37.07 -36.02
CA CYS C 96 41.39 36.11 -35.77
C CYS C 96 40.62 35.87 -37.06
N ALA C 97 40.51 34.60 -37.44
CA ALA C 97 39.97 34.23 -38.74
C ALA C 97 38.73 33.36 -38.57
N LYS C 98 37.71 33.66 -39.36
CA LYS C 98 36.47 32.90 -39.34
C LYS C 98 36.51 31.80 -40.39
N ASP C 99 35.87 30.67 -40.07
CA ASP C 99 35.75 29.59 -41.04
C ASP C 99 34.71 29.93 -42.10
N LEU C 100 34.95 29.46 -43.33
CA LEU C 100 33.95 29.63 -44.37
C LEU C 100 32.69 28.83 -44.08
N SER C 101 32.83 27.70 -43.40
CA SER C 101 31.74 26.78 -43.13
C SER C 101 31.45 26.74 -41.63
N PHE C 102 30.20 26.98 -41.26
CA PHE C 102 29.80 26.90 -39.86
C PHE C 102 29.61 25.44 -39.44
N TYR C 103 29.93 25.17 -38.18
CA TYR C 103 29.83 23.80 -37.66
C TYR C 103 28.41 23.39 -37.33
N TYR C 104 27.58 24.33 -36.87
CA TYR C 104 26.23 24.00 -36.42
C TYR C 104 25.41 25.27 -36.35
N ASP C 105 24.17 25.20 -36.84
CA ASP C 105 23.27 26.35 -36.87
C ASP C 105 22.40 26.34 -35.63
N ILE C 106 22.63 27.30 -34.74
CA ILE C 106 21.82 27.41 -33.53
C ILE C 106 20.37 27.73 -33.88
N SER C 107 20.19 28.60 -34.88
CA SER C 107 18.84 29.08 -35.20
C SER C 107 17.91 27.98 -35.67
N THR C 108 18.39 27.04 -36.49
CA THR C 108 17.56 26.00 -37.06
C THR C 108 17.99 24.58 -36.71
N GLY C 109 19.14 24.40 -36.07
CA GLY C 109 19.63 23.08 -35.76
C GLY C 109 20.30 22.35 -36.91
N TYR C 110 20.54 23.03 -38.03
CA TYR C 110 21.14 22.39 -39.18
C TYR C 110 22.57 21.99 -38.87
N TYR C 111 22.87 20.70 -39.00
CA TYR C 111 24.15 20.10 -38.63
C TYR C 111 24.67 19.38 -39.86
N PRO C 112 25.37 20.07 -40.77
CA PRO C 112 25.74 19.44 -42.05
C PRO C 112 26.62 18.20 -41.93
N GLN C 113 27.53 18.15 -40.96
CA GLN C 113 28.47 17.04 -40.78
C GLN C 113 29.47 16.91 -41.93
N SER C 114 29.49 17.88 -42.84
CA SER C 114 30.45 17.92 -43.93
C SER C 114 30.67 19.37 -44.32
N TYR C 115 31.90 19.85 -44.16
CA TYR C 115 32.17 21.27 -44.14
C TYR C 115 33.29 21.62 -45.11
N ASN C 116 33.24 22.84 -45.63
CA ASN C 116 34.32 23.35 -46.47
C ASN C 116 35.53 23.70 -45.60
N SER C 117 36.66 23.94 -46.26
CA SER C 117 37.94 24.14 -45.58
C SER C 117 38.34 25.60 -45.43
N GLY C 118 37.78 26.50 -46.23
CA GLY C 118 38.26 27.86 -46.29
C GLY C 118 37.95 28.67 -45.04
N THR C 119 38.74 29.73 -44.85
CA THR C 119 38.51 30.73 -43.81
C THR C 119 38.36 32.08 -44.51
N ASP C 120 37.11 32.46 -44.77
CA ASP C 120 36.85 33.58 -45.67
C ASP C 120 37.17 34.92 -45.05
N VAL C 121 36.82 35.14 -43.78
CA VAL C 121 36.89 36.45 -43.15
C VAL C 121 38.05 36.46 -42.17
N TRP C 122 38.93 37.46 -42.30
CA TRP C 122 40.03 37.69 -41.38
C TRP C 122 39.91 39.08 -40.77
N GLY C 123 40.43 39.23 -39.57
CA GLY C 123 40.39 40.51 -38.88
C GLY C 123 41.52 41.42 -39.30
N GLN C 124 41.57 42.62 -38.73
CA GLN C 124 42.58 43.60 -39.11
C GLN C 124 43.96 43.22 -38.57
N GLY C 125 44.02 42.68 -37.35
CA GLY C 125 45.28 42.27 -36.77
C GLY C 125 45.87 43.30 -35.83
N THR C 126 46.31 42.86 -34.66
CA THR C 126 46.91 43.72 -33.65
C THR C 126 48.32 43.22 -33.35
N THR C 127 49.28 44.14 -33.39
CA THR C 127 50.68 43.77 -33.24
C THR C 127 51.01 43.47 -31.79
N VAL C 128 51.83 42.44 -31.58
CA VAL C 128 52.38 42.09 -30.28
C VAL C 128 53.89 41.94 -30.44
N THR C 129 54.64 42.58 -29.56
CA THR C 129 56.10 42.55 -29.60
C THR C 129 56.63 42.19 -28.22
N VAL C 130 57.67 41.37 -28.19
CA VAL C 130 58.31 40.91 -26.95
C VAL C 130 59.74 41.44 -26.97
N SER C 131 60.10 42.22 -25.96
CA SER C 131 61.43 42.81 -25.86
C SER C 131 61.60 43.37 -24.46
N SER C 132 62.77 43.99 -24.24
CA SER C 132 63.08 44.60 -22.94
C SER C 132 63.84 45.90 -23.14
N SER D 1 -41.50 -52.68 -20.74
CA SER D 1 -42.40 -52.44 -21.89
C SER D 1 -43.66 -51.71 -21.42
N TYR D 2 -44.33 -50.98 -22.31
CA TYR D 2 -45.59 -50.25 -22.00
C TYR D 2 -46.56 -50.43 -23.16
N GLU D 3 -47.73 -51.04 -22.93
CA GLU D 3 -48.70 -51.36 -23.98
C GLU D 3 -50.05 -50.77 -23.55
N LEU D 4 -50.33 -49.56 -24.01
CA LEU D 4 -51.63 -48.93 -23.77
C LEU D 4 -52.67 -49.65 -24.62
N THR D 5 -53.42 -50.56 -23.98
CA THR D 5 -54.32 -51.45 -24.69
C THR D 5 -55.63 -50.74 -24.98
N GLN D 6 -56.08 -50.82 -26.24
CA GLN D 6 -57.38 -50.38 -26.67
C GLN D 6 -58.04 -51.47 -27.51
N PRO D 7 -59.37 -51.54 -27.55
CA PRO D 7 -60.02 -52.51 -28.45
C PRO D 7 -59.70 -52.20 -29.89
N PRO D 8 -59.47 -53.21 -30.74
CA PRO D 8 -59.21 -52.92 -32.16
C PRO D 8 -60.26 -52.03 -32.81
N SER D 9 -61.54 -52.22 -32.51
CA SER D 9 -62.59 -51.44 -33.14
C SER D 9 -63.80 -51.38 -32.24
N VAL D 10 -64.62 -50.35 -32.45
CA VAL D 10 -65.90 -50.18 -31.76
C VAL D 10 -66.94 -49.76 -32.79
N SER D 11 -68.08 -50.44 -32.79
CA SER D 11 -69.18 -50.18 -33.72
C SER D 11 -70.23 -49.32 -33.05
N VAL D 12 -70.76 -48.35 -33.78
CA VAL D 12 -71.76 -47.43 -33.26
C VAL D 12 -72.71 -47.04 -34.39
N SER D 13 -74.00 -46.96 -34.05
CA SER D 13 -75.03 -46.46 -34.96
C SER D 13 -74.94 -44.94 -35.02
N PRO D 14 -75.25 -44.31 -36.16
CA PRO D 14 -75.15 -42.85 -36.21
C PRO D 14 -76.19 -42.20 -35.30
N GLY D 15 -75.74 -41.20 -34.53
CA GLY D 15 -76.54 -40.59 -33.50
C GLY D 15 -76.44 -41.26 -32.15
N GLN D 16 -75.77 -42.41 -32.06
CA GLN D 16 -75.64 -43.14 -30.82
C GLN D 16 -74.29 -42.87 -30.17
N THR D 17 -74.26 -42.90 -28.83
CA THR D 17 -73.03 -42.68 -28.10
C THR D 17 -72.03 -43.78 -28.37
N ALA D 18 -70.75 -43.42 -28.45
CA ALA D 18 -69.66 -44.37 -28.60
C ALA D 18 -68.65 -44.13 -27.49
N SER D 19 -68.37 -45.17 -26.71
CA SER D 19 -67.40 -45.11 -25.61
C SER D 19 -66.11 -45.77 -26.06
N ILE D 20 -65.09 -44.96 -26.30
CA ILE D 20 -63.79 -45.43 -26.76
C ILE D 20 -62.87 -45.46 -25.54
N THR D 21 -62.36 -46.63 -25.20
CA THR D 21 -61.63 -46.85 -23.96
C THR D 21 -60.17 -47.15 -24.25
N CYS D 22 -59.30 -46.61 -23.40
CA CYS D 22 -57.87 -46.90 -23.41
C CYS D 22 -57.45 -47.32 -22.02
N SER D 23 -56.62 -48.37 -21.94
CA SER D 23 -56.27 -49.00 -20.68
C SER D 23 -54.76 -49.04 -20.52
N GLY D 24 -54.32 -48.88 -19.26
CA GLY D 24 -52.91 -48.98 -18.92
C GLY D 24 -52.72 -49.24 -17.45
N ASP D 25 -51.63 -49.92 -17.08
CA ASP D 25 -51.42 -50.34 -15.70
C ASP D 25 -51.29 -49.16 -14.73
N LYS D 26 -50.70 -48.04 -15.16
CA LYS D 26 -50.56 -46.87 -14.29
C LYS D 26 -51.11 -45.61 -14.96
N LEU D 27 -52.12 -45.74 -15.81
CA LEU D 27 -52.57 -44.58 -16.59
C LEU D 27 -53.26 -43.55 -15.70
N GLY D 28 -53.77 -43.96 -14.54
CA GLY D 28 -54.42 -43.02 -13.64
C GLY D 28 -53.48 -41.95 -13.13
N ASP D 29 -52.24 -42.32 -12.82
CA ASP D 29 -51.24 -41.35 -12.40
C ASP D 29 -50.83 -40.41 -13.51
N LYS D 30 -51.01 -40.81 -14.77
CA LYS D 30 -50.58 -40.04 -15.92
C LYS D 30 -51.77 -39.35 -16.59
N TYR D 31 -51.46 -38.32 -17.36
CA TYR D 31 -52.47 -37.65 -18.17
C TYR D 31 -52.66 -38.41 -19.48
N ALA D 32 -53.87 -38.31 -20.03
CA ALA D 32 -54.23 -38.99 -21.27
C ALA D 32 -54.72 -37.98 -22.29
N CYS D 33 -54.32 -38.18 -23.54
CA CYS D 33 -54.73 -37.35 -24.66
C CYS D 33 -55.20 -38.24 -25.80
N TRP D 34 -56.13 -37.71 -26.60
CA TRP D 34 -56.74 -38.44 -27.69
C TRP D 34 -56.56 -37.66 -28.99
N TYR D 35 -56.24 -38.38 -30.06
CA TYR D 35 -55.99 -37.80 -31.37
C TYR D 35 -56.89 -38.47 -32.40
N GLN D 36 -57.57 -37.66 -33.21
CA GLN D 36 -58.41 -38.16 -34.30
C GLN D 36 -57.62 -38.16 -35.60
N GLN D 37 -57.77 -39.22 -36.38
CA GLN D 37 -57.04 -39.39 -37.63
C GLN D 37 -57.97 -39.99 -38.68
N LYS D 38 -58.42 -39.15 -39.61
CA LYS D 38 -59.04 -39.66 -40.81
C LYS D 38 -57.97 -40.30 -41.69
N PRO D 39 -58.33 -41.27 -42.54
CA PRO D 39 -57.32 -41.90 -43.39
C PRO D 39 -56.69 -40.88 -44.34
N GLY D 40 -55.38 -41.02 -44.52
CA GLY D 40 -54.65 -40.13 -45.41
C GLY D 40 -54.39 -38.75 -44.85
N GLN D 41 -54.63 -38.52 -43.56
CA GLN D 41 -54.43 -37.22 -42.94
C GLN D 41 -53.71 -37.38 -41.61
N SER D 42 -53.07 -36.32 -41.16
CA SER D 42 -52.31 -36.36 -39.92
C SER D 42 -53.27 -36.35 -38.72
N PRO D 43 -52.80 -36.79 -37.54
CA PRO D 43 -53.67 -36.76 -36.36
C PRO D 43 -54.07 -35.34 -35.99
N VAL D 44 -55.25 -35.23 -35.38
CA VAL D 44 -55.76 -33.98 -34.85
C VAL D 44 -56.11 -34.20 -33.39
N LEU D 45 -55.56 -33.35 -32.52
CA LEU D 45 -55.81 -33.47 -31.08
C LEU D 45 -57.27 -33.14 -30.78
N VAL D 46 -57.93 -34.01 -30.01
CA VAL D 46 -59.31 -33.80 -29.62
C VAL D 46 -59.46 -33.62 -28.10
N ILE D 47 -58.68 -34.34 -27.29
CA ILE D 47 -58.79 -34.26 -25.84
C ILE D 47 -57.38 -34.23 -25.26
N TYR D 48 -57.19 -33.37 -24.25
CA TYR D 48 -55.95 -33.31 -23.48
C TYR D 48 -56.30 -33.01 -22.04
N GLN D 49 -55.38 -33.34 -21.14
CA GLN D 49 -55.60 -33.23 -19.69
C GLN D 49 -56.84 -34.04 -19.26
N ASP D 50 -57.14 -35.09 -20.02
CA ASP D 50 -58.13 -36.12 -19.73
C ASP D 50 -59.58 -35.65 -19.87
N ASN D 51 -59.83 -34.33 -19.97
CA ASN D 51 -61.19 -33.88 -20.22
C ASN D 51 -61.29 -32.59 -21.04
N LYS D 52 -60.19 -32.01 -21.51
CA LYS D 52 -60.20 -30.66 -22.06
C LYS D 52 -60.14 -30.71 -23.58
N ARG D 53 -61.04 -29.96 -24.21
CA ARG D 53 -61.10 -29.84 -25.67
C ARG D 53 -60.28 -28.63 -26.13
N PRO D 54 -59.40 -28.75 -27.11
CA PRO D 54 -58.78 -27.54 -27.67
C PRO D 54 -59.79 -26.74 -28.48
N SER D 55 -59.49 -25.46 -28.66
CA SER D 55 -60.42 -24.57 -29.35
C SER D 55 -60.70 -25.06 -30.76
N GLY D 56 -61.98 -25.09 -31.13
CA GLY D 56 -62.41 -25.52 -32.44
C GLY D 56 -62.95 -26.93 -32.51
N ILE D 57 -62.63 -27.79 -31.54
CA ILE D 57 -63.17 -29.15 -31.54
C ILE D 57 -64.63 -29.08 -31.10
N PRO D 58 -65.54 -29.91 -31.63
CA PRO D 58 -66.94 -29.81 -31.21
C PRO D 58 -67.11 -30.19 -29.75
N GLU D 59 -68.10 -29.55 -29.11
CA GLU D 59 -68.32 -29.75 -27.68
C GLU D 59 -68.81 -31.15 -27.34
N ARG D 60 -69.28 -31.92 -28.31
CA ARG D 60 -69.79 -33.26 -28.04
C ARG D 60 -68.70 -34.25 -27.68
N PHE D 61 -67.43 -33.89 -27.85
CA PHE D 61 -66.33 -34.76 -27.43
C PHE D 61 -66.08 -34.61 -25.94
N SER D 62 -65.83 -35.74 -25.27
CA SER D 62 -65.55 -35.72 -23.85
C SER D 62 -64.69 -36.93 -23.50
N GLY D 63 -64.02 -36.85 -22.35
CA GLY D 63 -63.17 -37.92 -21.89
C GLY D 63 -63.07 -37.94 -20.38
N SER D 64 -62.47 -39.03 -19.88
CA SER D 64 -62.29 -39.21 -18.45
C SER D 64 -61.11 -40.13 -18.23
N ASN D 65 -60.56 -40.08 -17.03
CA ASN D 65 -59.40 -40.91 -16.70
C ASN D 65 -59.42 -41.21 -15.20
N SER D 66 -59.44 -42.49 -14.86
CA SER D 66 -59.36 -42.92 -13.46
C SER D 66 -58.86 -44.36 -13.42
N GLY D 67 -58.11 -44.66 -12.38
CA GLY D 67 -57.59 -46.01 -12.22
C GLY D 67 -56.67 -46.39 -13.37
N ASN D 68 -56.92 -47.56 -13.96
CA ASN D 68 -56.10 -48.11 -15.02
C ASN D 68 -56.66 -47.86 -16.42
N THR D 69 -57.68 -47.01 -16.55
CA THR D 69 -58.38 -46.82 -17.81
C THR D 69 -58.66 -45.34 -18.04
N ALA D 70 -58.44 -44.89 -19.27
CA ALA D 70 -58.91 -43.60 -19.74
C ALA D 70 -59.85 -43.80 -20.92
N THR D 71 -60.97 -43.08 -20.89
CA THR D 71 -62.07 -43.35 -21.81
C THR D 71 -62.51 -42.06 -22.47
N LEU D 72 -62.43 -42.02 -23.81
CA LEU D 72 -63.03 -40.95 -24.58
C LEU D 72 -64.44 -41.36 -25.00
N THR D 73 -65.34 -40.37 -25.04
CA THR D 73 -66.74 -40.61 -25.38
C THR D 73 -67.26 -39.46 -26.22
N ILE D 74 -68.20 -39.77 -27.11
CA ILE D 74 -68.85 -38.79 -27.96
C ILE D 74 -70.35 -38.87 -27.67
N SER D 75 -70.94 -37.73 -27.31
CA SER D 75 -72.36 -37.72 -26.94
C SER D 75 -73.24 -38.13 -28.11
N GLY D 76 -72.95 -37.62 -29.30
CA GLY D 76 -73.66 -38.01 -30.50
C GLY D 76 -72.71 -38.16 -31.68
N THR D 77 -72.67 -39.36 -32.27
CA THR D 77 -71.72 -39.65 -33.34
C THR D 77 -72.35 -39.28 -34.68
N GLN D 78 -71.62 -38.48 -35.46
CA GLN D 78 -72.05 -38.13 -36.80
C GLN D 78 -71.32 -38.97 -37.84
N ALA D 79 -71.70 -38.80 -39.10
CA ALA D 79 -71.11 -39.59 -40.17
C ALA D 79 -69.62 -39.28 -40.34
N MET D 80 -69.18 -38.09 -39.94
CA MET D 80 -67.80 -37.69 -40.14
C MET D 80 -66.87 -38.18 -39.01
N ASP D 81 -67.40 -38.84 -37.98
CA ASP D 81 -66.58 -39.27 -36.86
C ASP D 81 -65.87 -40.60 -37.10
N GLU D 82 -66.10 -41.25 -38.24
CA GLU D 82 -65.42 -42.49 -38.56
C GLU D 82 -63.93 -42.21 -38.74
N ALA D 83 -63.11 -42.66 -37.80
CA ALA D 83 -61.68 -42.36 -37.83
C ALA D 83 -60.96 -43.30 -36.88
N ASP D 84 -59.63 -43.14 -36.84
CA ASP D 84 -58.80 -43.86 -35.89
C ASP D 84 -58.47 -42.95 -34.70
N TYR D 85 -58.76 -43.44 -33.51
CA TYR D 85 -58.56 -42.70 -32.27
C TYR D 85 -57.46 -43.36 -31.47
N TYR D 86 -56.43 -42.58 -31.12
CA TYR D 86 -55.26 -43.07 -30.40
C TYR D 86 -55.14 -42.37 -29.07
N CYS D 87 -54.99 -43.14 -27.99
CA CYS D 87 -54.69 -42.58 -26.68
C CYS D 87 -53.18 -42.45 -26.50
N GLN D 88 -52.79 -41.55 -25.60
CA GLN D 88 -51.38 -41.29 -25.33
C GLN D 88 -51.20 -41.01 -23.84
N GLY D 89 -50.32 -41.77 -23.20
CA GLY D 89 -49.98 -41.52 -21.80
C GLY D 89 -48.87 -40.48 -21.72
N TRP D 90 -49.19 -39.35 -21.09
CA TRP D 90 -48.32 -38.18 -21.09
C TRP D 90 -47.78 -37.94 -19.68
N ASP D 91 -46.45 -37.83 -19.58
CA ASP D 91 -45.82 -37.53 -18.29
C ASP D 91 -44.47 -36.87 -18.60
N ARG D 92 -44.40 -35.55 -18.45
CA ARG D 92 -43.18 -34.83 -18.78
C ARG D 92 -42.02 -35.25 -17.89
N SER D 93 -42.28 -35.44 -16.58
CA SER D 93 -41.19 -35.70 -15.65
C SER D 93 -40.47 -37.00 -15.98
N THR D 94 -41.21 -38.05 -16.33
CA THR D 94 -40.59 -39.34 -16.65
C THR D 94 -40.19 -39.46 -18.12
N GLY D 95 -40.48 -38.46 -18.94
CA GLY D 95 -40.21 -38.57 -20.37
C GLY D 95 -41.01 -39.67 -21.04
N TYR D 96 -42.31 -39.75 -20.75
CA TYR D 96 -43.15 -40.88 -21.13
C TYR D 96 -44.29 -40.36 -21.99
N TYR D 97 -44.27 -40.71 -23.29
CA TYR D 97 -45.24 -40.19 -24.24
C TYR D 97 -45.75 -41.27 -25.19
N VAL D 98 -45.83 -42.52 -24.73
CA VAL D 98 -46.17 -43.62 -25.63
C VAL D 98 -47.62 -43.49 -26.09
N PHE D 99 -47.86 -43.79 -27.36
CA PHE D 99 -49.20 -43.81 -27.92
C PHE D 99 -49.88 -45.14 -27.65
N GLY D 100 -51.19 -45.18 -27.92
CA GLY D 100 -51.94 -46.41 -27.77
C GLY D 100 -52.00 -47.23 -29.05
N THR D 101 -52.63 -48.40 -28.94
CA THR D 101 -52.78 -49.29 -30.09
C THR D 101 -53.75 -48.74 -31.13
N GLY D 102 -54.57 -47.75 -30.79
CA GLY D 102 -55.51 -47.18 -31.73
C GLY D 102 -56.82 -47.94 -31.77
N THR D 103 -57.87 -47.27 -32.24
CA THR D 103 -59.20 -47.87 -32.34
C THR D 103 -59.94 -47.25 -33.51
N LYS D 104 -60.35 -48.09 -34.46
CA LYS D 104 -61.14 -47.65 -35.61
C LYS D 104 -62.61 -47.70 -35.24
N VAL D 105 -63.20 -46.52 -35.00
CA VAL D 105 -64.63 -46.47 -34.73
C VAL D 105 -65.39 -46.69 -36.03
N THR D 106 -66.35 -47.62 -36.01
CA THR D 106 -67.11 -48.01 -37.19
C THR D 106 -68.52 -47.43 -37.09
N VAL D 107 -68.91 -46.67 -38.10
CA VAL D 107 -70.24 -46.08 -38.20
C VAL D 107 -71.02 -46.88 -39.24
N LEU D 108 -72.14 -47.45 -38.83
CA LEU D 108 -72.94 -48.31 -39.70
C LEU D 108 -74.43 -48.16 -39.42
N ALA E 27 18.03 -6.07 -56.78
CA ALA E 27 18.79 -7.03 -55.96
C ALA E 27 18.31 -6.90 -54.52
N TYR E 28 18.96 -7.53 -53.54
CA TYR E 28 18.63 -7.41 -52.11
C TYR E 28 19.91 -7.67 -51.32
N THR E 29 20.13 -6.99 -50.20
CA THR E 29 21.30 -7.11 -49.33
C THR E 29 20.84 -7.09 -47.88
N ASN E 30 21.75 -7.51 -47.00
CA ASN E 30 21.44 -7.63 -45.58
C ASN E 30 21.92 -6.39 -44.84
N SER E 31 20.99 -5.69 -44.19
CA SER E 31 21.32 -4.56 -43.33
C SER E 31 21.59 -5.11 -41.93
N PHE E 32 22.87 -5.42 -41.68
CA PHE E 32 23.26 -6.14 -40.48
C PHE E 32 22.89 -5.39 -39.20
N THR E 33 23.49 -4.22 -39.00
CA THR E 33 23.24 -3.40 -37.82
C THR E 33 23.22 -1.92 -38.17
N ARG E 34 22.84 -1.60 -39.40
CA ARG E 34 22.84 -0.22 -39.87
C ARG E 34 21.51 0.46 -39.54
N GLY E 35 21.50 1.78 -39.67
CA GLY E 35 20.28 2.54 -39.58
C GLY E 35 19.85 2.94 -38.19
N VAL E 36 20.71 2.78 -37.18
CA VAL E 36 20.39 3.22 -35.83
C VAL E 36 20.88 4.66 -35.65
N TYR E 37 20.12 5.45 -34.90
CA TYR E 37 20.36 6.88 -34.79
C TYR E 37 20.13 7.32 -33.35
N TYR E 38 20.54 8.55 -33.07
CA TYR E 38 20.29 9.17 -31.77
C TYR E 38 18.83 9.58 -31.66
N PRO E 39 17.99 8.90 -30.86
CA PRO E 39 16.55 9.21 -30.88
C PRO E 39 16.20 10.63 -30.47
N ASP E 40 16.99 11.26 -29.60
CA ASP E 40 16.61 12.55 -29.03
C ASP E 40 17.85 13.40 -28.80
N LYS E 41 17.61 14.62 -28.32
CA LYS E 41 18.67 15.61 -28.14
C LYS E 41 19.27 15.54 -26.74
N VAL E 42 19.15 14.39 -26.08
CA VAL E 42 19.59 14.22 -24.69
C VAL E 42 20.94 13.52 -24.69
N PHE E 43 21.88 14.05 -23.92
CA PHE E 43 23.18 13.43 -23.76
C PHE E 43 23.11 12.37 -22.66
N ARG E 44 23.68 11.20 -22.93
CA ARG E 44 23.72 10.11 -21.97
C ARG E 44 25.07 9.43 -22.07
N SER E 45 25.66 9.10 -20.92
CA SER E 45 27.00 8.56 -20.85
C SER E 45 27.04 7.35 -19.93
N SER E 46 27.67 6.28 -20.42
CA SER E 46 27.86 5.05 -19.65
C SER E 46 26.55 4.52 -19.10
N VAL E 47 25.58 4.34 -19.99
CA VAL E 47 24.26 3.84 -19.61
C VAL E 47 23.63 3.14 -20.81
N LEU E 48 22.85 2.11 -20.52
CA LEU E 48 22.07 1.39 -21.52
C LEU E 48 20.64 1.90 -21.45
N HIS E 49 20.16 2.48 -22.54
CA HIS E 49 18.85 3.11 -22.59
C HIS E 49 17.96 2.36 -23.57
N SER E 50 16.74 2.06 -23.16
CA SER E 50 15.76 1.36 -24.00
C SER E 50 14.82 2.39 -24.60
N THR E 51 14.93 2.60 -25.91
CA THR E 51 14.17 3.61 -26.63
C THR E 51 13.25 2.92 -27.64
N GLN E 52 11.99 3.33 -27.65
CA GLN E 52 11.01 2.84 -28.62
C GLN E 52 10.78 3.93 -29.67
N ASP E 53 11.17 3.65 -30.91
CA ASP E 53 11.02 4.60 -31.99
C ASP E 53 11.10 3.84 -33.31
N LEU E 54 10.89 4.56 -34.40
CA LEU E 54 10.96 3.98 -35.74
C LEU E 54 12.42 3.69 -36.07
N PHE E 55 12.82 2.44 -35.91
CA PHE E 55 14.17 1.98 -36.20
C PHE E 55 14.14 0.96 -37.33
N LEU E 56 15.22 0.90 -38.09
CA LEU E 56 15.36 -0.14 -39.08
C LEU E 56 15.61 -1.47 -38.37
N PRO E 57 14.78 -2.50 -38.57
CA PRO E 57 15.04 -3.78 -37.88
C PRO E 57 16.40 -4.35 -38.25
N PHE E 58 17.06 -4.96 -37.27
CA PHE E 58 18.36 -5.57 -37.50
C PHE E 58 18.23 -6.73 -38.47
N PHE E 59 19.25 -6.88 -39.32
CA PHE E 59 19.32 -7.97 -40.30
C PHE E 59 18.10 -7.97 -41.22
N SER E 60 17.63 -6.78 -41.57
CA SER E 60 16.51 -6.65 -42.50
C SER E 60 17.02 -6.58 -43.94
N ASN E 61 16.13 -7.00 -44.86
CA ASN E 61 16.47 -6.98 -46.31
C ASN E 61 16.24 -5.58 -46.85
N VAL E 62 17.29 -5.00 -47.45
CA VAL E 62 17.21 -3.67 -48.04
C VAL E 62 17.48 -3.80 -49.53
N THR E 63 16.57 -3.25 -50.35
CA THR E 63 16.71 -3.35 -51.79
C THR E 63 17.92 -2.55 -52.25
N TRP E 64 18.72 -3.15 -53.14
CA TRP E 64 19.93 -2.53 -53.67
C TRP E 64 19.62 -2.04 -55.09
N PHE E 65 19.11 -0.82 -55.18
CA PHE E 65 18.77 -0.26 -56.49
C PHE E 65 20.04 0.07 -57.28
N HIS E 66 19.92 -0.02 -58.60
CA HIS E 66 21.06 0.09 -59.52
C HIS E 66 20.69 1.03 -60.66
N ALA E 67 20.21 2.22 -60.29
CA ALA E 67 19.57 3.14 -61.23
C ALA E 67 20.40 3.44 -62.46
N ILE E 68 21.73 3.51 -62.34
CA ILE E 68 22.63 3.75 -63.47
C ILE E 68 23.34 2.43 -63.79
N HIS E 69 23.38 2.09 -65.08
CA HIS E 69 23.96 0.82 -65.51
C HIS E 69 25.43 0.76 -65.17
N ASP E 80 16.65 2.54 -63.85
CA ASP E 80 16.50 3.97 -63.61
C ASP E 80 15.84 4.21 -62.26
N ASN E 81 15.77 5.47 -61.84
CA ASN E 81 15.24 5.81 -60.54
C ASN E 81 13.74 5.51 -60.47
N PRO E 82 13.29 4.65 -59.54
CA PRO E 82 11.85 4.47 -59.37
C PRO E 82 11.27 5.48 -58.39
N VAL E 83 9.94 5.57 -58.39
CA VAL E 83 9.21 6.34 -57.39
C VAL E 83 8.87 5.40 -56.23
N LEU E 84 9.66 5.47 -55.16
CA LEU E 84 9.58 4.49 -54.09
C LEU E 84 8.63 4.95 -52.99
N PRO E 85 8.04 4.03 -52.24
CA PRO E 85 7.11 4.44 -51.17
C PRO E 85 7.85 4.97 -49.96
N PHE E 86 7.07 5.57 -49.05
CA PHE E 86 7.55 6.13 -47.80
C PHE E 86 6.51 5.76 -46.76
N ASN E 87 6.67 4.58 -46.14
CA ASN E 87 5.62 4.02 -45.29
C ASN E 87 5.59 4.69 -43.92
N ASP E 88 6.68 4.52 -43.16
CA ASP E 88 6.85 5.21 -41.89
C ASP E 88 8.17 5.95 -41.85
N GLY E 89 9.19 5.38 -42.48
CA GLY E 89 10.47 6.04 -42.63
C GLY E 89 11.27 5.30 -43.67
N VAL E 90 12.40 5.88 -44.04
CA VAL E 90 13.27 5.31 -45.05
C VAL E 90 14.71 5.43 -44.59
N TYR E 91 15.44 4.31 -44.60
CA TYR E 91 16.87 4.30 -44.41
C TYR E 91 17.54 4.24 -45.76
N PHE E 92 18.17 5.35 -46.16
CA PHE E 92 18.79 5.48 -47.47
C PHE E 92 20.30 5.45 -47.30
N ALA E 93 20.94 4.55 -48.04
CA ALA E 93 22.39 4.41 -48.00
C ALA E 93 22.92 4.37 -49.43
N SER E 94 24.10 4.96 -49.62
CA SER E 94 24.72 5.03 -50.93
C SER E 94 26.23 5.01 -50.77
N THR E 95 26.91 4.54 -51.82
CA THR E 95 28.37 4.45 -51.80
C THR E 95 28.97 4.84 -53.16
N GLU E 96 28.34 5.77 -53.86
CA GLU E 96 28.83 6.16 -55.18
C GLU E 96 30.18 6.85 -55.07
N LYS E 97 31.00 6.68 -56.11
CA LYS E 97 32.39 7.10 -56.10
C LYS E 97 32.60 8.59 -56.36
N SER E 98 31.65 9.27 -56.99
CA SER E 98 31.85 10.67 -57.37
C SER E 98 30.63 11.51 -57.01
N ASN E 99 29.87 11.06 -56.01
CA ASN E 99 28.73 11.80 -55.46
C ASN E 99 27.74 12.14 -56.59
N ILE E 100 27.08 11.09 -57.09
CA ILE E 100 26.09 11.29 -58.14
C ILE E 100 24.73 11.62 -57.53
N ILE E 101 24.45 11.14 -56.30
CA ILE E 101 23.12 11.35 -55.63
C ILE E 101 23.18 12.72 -54.96
N ARG E 102 22.49 13.73 -55.52
CA ARG E 102 22.55 15.12 -55.01
C ARG E 102 21.44 15.36 -53.99
N GLY E 103 20.35 14.61 -53.98
CA GLY E 103 19.26 14.93 -53.05
C GLY E 103 18.06 14.03 -53.24
N TRP E 104 16.88 14.39 -52.75
CA TRP E 104 15.70 13.55 -52.81
C TRP E 104 14.47 14.43 -53.03
N ILE E 105 13.41 13.79 -53.52
CA ILE E 105 12.10 14.42 -53.71
C ILE E 105 11.08 13.61 -52.93
N PHE E 106 10.29 14.30 -52.11
CA PHE E 106 9.27 13.65 -51.28
C PHE E 106 7.90 14.26 -51.57
N GLY E 107 6.87 13.46 -51.35
CA GLY E 107 5.50 13.90 -51.57
C GLY E 107 4.55 12.72 -51.68
N THR E 108 3.33 12.98 -52.14
CA THR E 108 2.34 11.93 -52.33
C THR E 108 1.89 11.85 -53.78
N THR E 109 1.69 13.00 -54.42
CA THR E 109 1.30 13.04 -55.83
C THR E 109 2.47 13.38 -56.74
N LEU E 110 3.30 14.34 -56.35
CA LEU E 110 4.48 14.73 -57.13
C LEU E 110 4.09 15.28 -58.50
N ASP E 111 2.91 15.91 -58.60
CA ASP E 111 2.48 16.49 -59.88
C ASP E 111 1.78 17.84 -59.71
N SER E 112 2.11 18.61 -58.68
CA SER E 112 1.57 19.93 -58.40
C SER E 112 0.16 19.89 -57.81
N LYS E 113 -0.45 18.72 -57.70
CA LYS E 113 -1.76 18.63 -57.07
C LYS E 113 -1.68 18.71 -55.55
N THR E 114 -0.50 18.45 -54.97
CA THR E 114 -0.33 18.47 -53.53
C THR E 114 1.11 18.90 -53.24
N GLN E 115 1.31 19.49 -52.07
CA GLN E 115 2.63 19.99 -51.69
C GLN E 115 3.65 18.86 -51.69
N SER E 116 4.85 19.16 -52.18
CA SER E 116 5.94 18.20 -52.26
C SER E 116 7.22 18.86 -51.75
N LEU E 117 8.04 18.08 -51.07
CA LEU E 117 9.28 18.56 -50.46
C LEU E 117 10.45 18.21 -51.36
N LEU E 118 11.30 19.20 -51.63
CA LEU E 118 12.48 19.04 -52.45
C LEU E 118 13.73 19.31 -51.63
N ILE E 119 14.69 18.39 -51.69
CA ILE E 119 16.03 18.58 -51.17
C ILE E 119 16.99 18.28 -52.30
N VAL E 120 17.83 19.26 -52.65
CA VAL E 120 18.84 19.08 -53.68
C VAL E 120 20.04 19.94 -53.32
N ASN E 121 21.23 19.32 -53.36
CA ASN E 121 22.46 20.03 -52.92
C ASN E 121 23.28 20.45 -54.14
N ASN E 122 23.23 21.74 -54.50
CA ASN E 122 24.11 22.22 -55.59
C ASN E 122 25.53 22.38 -55.02
N ALA E 123 26.53 22.53 -55.89
CA ALA E 123 27.93 22.60 -55.43
C ALA E 123 28.16 23.54 -54.24
N THR E 124 27.37 24.61 -54.08
CA THR E 124 27.69 25.54 -53.01
C THR E 124 26.60 25.70 -51.96
N ASN E 125 25.39 25.18 -52.21
CA ASN E 125 24.29 25.36 -51.26
C ASN E 125 23.33 24.18 -51.37
N VAL E 126 22.70 23.87 -50.24
CA VAL E 126 21.52 23.02 -50.22
C VAL E 126 20.28 23.92 -50.30
N VAL E 127 19.26 23.46 -51.00
CA VAL E 127 17.98 24.17 -51.09
C VAL E 127 16.87 23.21 -50.69
N ILE E 128 16.42 23.33 -49.44
CA ILE E 128 15.27 22.60 -48.92
C ILE E 128 14.05 23.46 -49.22
N LYS E 129 13.06 22.87 -49.87
CA LYS E 129 11.98 23.63 -50.45
C LYS E 129 10.72 22.78 -50.51
N VAL E 130 9.60 23.35 -50.05
CA VAL E 130 8.30 22.70 -50.10
C VAL E 130 7.39 23.60 -50.91
N CYS E 131 7.26 23.30 -52.20
CA CYS E 131 6.40 24.04 -53.10
C CYS E 131 5.45 23.02 -53.73
N GLU E 132 4.43 23.51 -54.44
CA GLU E 132 3.58 22.65 -55.25
C GLU E 132 4.26 22.38 -56.59
N PHE E 133 5.31 21.56 -56.53
CA PHE E 133 6.20 21.37 -57.67
C PHE E 133 5.47 20.74 -58.84
N GLN E 134 5.84 21.17 -60.05
CA GLN E 134 5.43 20.50 -61.27
C GLN E 134 6.53 19.56 -61.73
N PHE E 135 6.78 18.51 -60.95
CA PHE E 135 7.89 17.60 -61.23
C PHE E 135 7.71 16.92 -62.58
N CYS E 136 8.81 16.77 -63.31
CA CYS E 136 8.80 15.96 -64.52
C CYS E 136 8.84 14.48 -64.16
N ASN E 137 8.59 13.64 -65.17
CA ASN E 137 8.48 12.20 -64.91
C ASN E 137 9.82 11.58 -64.53
N ASP E 138 10.93 12.20 -64.94
CA ASP E 138 12.28 11.72 -64.64
C ASP E 138 13.11 12.88 -64.11
N PRO E 139 12.92 13.26 -62.84
CA PRO E 139 13.71 14.36 -62.28
C PRO E 139 15.21 14.04 -62.27
N PHE E 140 16.01 15.07 -62.51
CA PHE E 140 17.46 14.95 -62.39
C PHE E 140 18.05 16.36 -62.36
N LEU E 141 19.32 16.44 -61.98
CA LEU E 141 20.05 17.70 -61.87
C LEU E 141 21.06 17.78 -63.00
N GLY E 142 21.08 18.91 -63.69
CA GLY E 142 21.97 19.10 -64.82
C GLY E 142 23.37 19.50 -64.36
N VAL E 143 24.12 20.04 -65.32
CA VAL E 143 25.48 20.50 -65.06
C VAL E 143 25.79 21.71 -65.93
N VAL E 159 19.29 24.39 -61.22
CA VAL E 159 18.92 23.76 -62.49
C VAL E 159 17.57 23.06 -62.37
N TYR E 160 17.13 22.80 -61.14
CA TYR E 160 15.84 22.17 -60.88
C TYR E 160 15.18 22.90 -59.72
N SER E 161 14.02 23.50 -59.98
CA SER E 161 13.33 24.30 -58.97
C SER E 161 11.92 24.62 -59.45
N SER E 162 11.17 25.29 -58.59
CA SER E 162 9.82 25.76 -58.91
C SER E 162 9.39 26.75 -57.83
N ALA E 163 8.32 27.50 -58.13
CA ALA E 163 7.79 28.49 -57.20
C ALA E 163 6.27 28.54 -57.20
N ASN E 164 5.62 27.39 -57.47
CA ASN E 164 4.13 27.37 -57.57
C ASN E 164 3.48 27.27 -56.19
N ASN E 165 2.76 28.32 -55.77
CA ASN E 165 2.04 28.31 -54.47
C ASN E 165 2.96 27.71 -53.39
N CYS E 166 4.15 28.28 -53.21
CA CYS E 166 5.12 27.71 -52.24
C CYS E 166 4.77 28.05 -50.78
N THR E 167 5.34 27.30 -49.83
CA THR E 167 5.10 27.51 -48.40
C THR E 167 6.34 27.45 -47.52
N PHE E 168 7.44 26.80 -47.93
CA PHE E 168 8.62 26.69 -47.10
C PHE E 168 9.87 26.68 -47.97
N GLU E 169 10.94 27.28 -47.47
CA GLU E 169 12.21 27.32 -48.16
C GLU E 169 13.32 27.49 -47.14
N TYR E 170 14.47 26.86 -47.40
CA TYR E 170 15.62 26.97 -46.51
C TYR E 170 16.88 26.71 -47.33
N VAL E 171 17.59 27.77 -47.69
CA VAL E 171 18.85 27.68 -48.43
C VAL E 171 19.99 27.81 -47.45
N SER E 172 20.90 26.84 -47.46
CA SER E 172 22.01 26.81 -46.52
C SER E 172 23.17 26.07 -47.17
N GLN E 173 24.16 25.70 -46.36
CA GLN E 173 25.35 25.05 -46.88
C GLN E 173 25.05 23.59 -47.20
N PRO E 174 25.81 22.96 -48.09
CA PRO E 174 25.50 21.59 -48.50
C PRO E 174 26.00 20.56 -47.50
N PHE E 175 25.19 19.50 -47.31
CA PHE E 175 25.61 18.35 -46.52
C PHE E 175 26.09 17.19 -47.38
N LEU E 176 26.01 17.31 -48.71
CA LEU E 176 26.50 16.30 -49.64
C LEU E 176 27.59 16.93 -50.51
N MET E 177 28.79 16.35 -50.47
CA MET E 177 29.93 16.89 -51.19
C MET E 177 30.77 15.75 -51.73
N ASP E 178 31.74 16.11 -52.58
CA ASP E 178 32.74 15.15 -53.01
C ASP E 178 33.68 14.82 -51.86
N LEU E 179 33.71 13.54 -51.47
CA LEU E 179 34.48 13.10 -50.31
C LEU E 179 35.29 11.84 -50.59
N GLU E 180 35.09 11.23 -51.76
CA GLU E 180 35.67 9.91 -52.02
C GLU E 180 37.16 9.98 -52.34
N GLY E 181 37.59 11.04 -53.01
CA GLY E 181 38.98 11.11 -53.47
C GLY E 181 40.00 11.13 -52.35
N LYS E 182 39.62 11.56 -51.15
CA LYS E 182 40.58 11.69 -50.02
C LYS E 182 40.64 10.36 -49.25
N GLN E 183 39.67 9.46 -49.47
CA GLN E 183 39.60 8.16 -48.77
C GLN E 183 40.77 7.25 -49.19
N GLY E 184 41.11 7.20 -50.48
CA GLY E 184 42.18 6.34 -51.01
C GLY E 184 41.66 4.94 -51.33
N ASN E 185 42.11 3.91 -50.62
CA ASN E 185 41.59 2.55 -50.79
C ASN E 185 40.10 2.47 -50.46
N PHE E 186 39.68 3.14 -49.39
CA PHE E 186 38.30 3.09 -48.96
C PHE E 186 37.43 4.01 -49.81
N LYS E 187 36.13 3.73 -49.80
CA LYS E 187 35.12 4.54 -50.48
C LYS E 187 34.04 4.94 -49.49
N ASN E 188 33.48 6.12 -49.72
CA ASN E 188 32.64 6.80 -48.73
C ASN E 188 31.23 6.24 -48.77
N LEU E 189 30.82 5.58 -47.68
CA LEU E 189 29.43 5.17 -47.51
C LEU E 189 28.67 6.31 -46.84
N ARG E 190 27.56 6.72 -47.44
CA ARG E 190 26.70 7.77 -46.92
C ARG E 190 25.35 7.17 -46.53
N GLU E 191 24.97 7.34 -45.27
CA GLU E 191 23.73 6.80 -44.73
C GLU E 191 22.79 7.93 -44.38
N PHE E 192 21.49 7.71 -44.58
CA PHE E 192 20.47 8.67 -44.23
C PHE E 192 19.25 7.94 -43.67
N VAL E 193 18.54 8.61 -42.78
CA VAL E 193 17.28 8.12 -42.22
C VAL E 193 16.28 9.26 -42.28
N PHE E 194 15.08 8.97 -42.79
CA PHE E 194 14.03 9.96 -42.96
C PHE E 194 12.81 9.56 -42.14
N LYS E 195 12.23 10.53 -41.42
CA LYS E 195 10.99 10.34 -40.71
C LYS E 195 10.10 11.57 -40.91
N ASN E 196 8.79 11.38 -40.76
CA ASN E 196 7.82 12.45 -40.90
C ASN E 196 6.77 12.39 -39.80
N ILE E 197 7.20 12.21 -38.56
CA ILE E 197 6.27 12.09 -37.44
C ILE E 197 6.12 13.43 -36.72
N ASP E 198 4.95 13.63 -36.10
CA ASP E 198 4.66 14.82 -35.31
C ASP E 198 4.79 16.09 -36.16
N GLY E 199 4.53 15.97 -37.46
CA GLY E 199 4.62 17.13 -38.33
C GLY E 199 6.02 17.63 -38.59
N TYR E 200 7.04 16.92 -38.12
CA TYR E 200 8.44 17.27 -38.35
C TYR E 200 9.04 16.28 -39.34
N PHE E 201 9.70 16.81 -40.38
CA PHE E 201 10.50 15.97 -41.27
C PHE E 201 11.91 15.92 -40.71
N LYS E 202 12.27 14.77 -40.12
CA LYS E 202 13.54 14.60 -39.45
C LYS E 202 14.49 13.82 -40.34
N ILE E 203 15.71 14.34 -40.50
CA ILE E 203 16.74 13.70 -41.31
C ILE E 203 17.94 13.45 -40.41
N TYR E 204 18.41 12.20 -40.40
CA TYR E 204 19.62 11.80 -39.71
C TYR E 204 20.62 11.34 -40.76
N SER E 205 21.92 11.43 -40.45
CA SER E 205 22.92 11.09 -41.45
C SER E 205 24.24 10.76 -40.78
N LYS E 206 25.07 10.05 -41.54
CA LYS E 206 26.47 9.83 -41.19
C LYS E 206 27.17 9.27 -42.41
N HIS E 207 28.45 9.64 -42.56
CA HIS E 207 29.29 9.12 -43.62
C HIS E 207 30.55 8.52 -43.02
N THR E 208 30.87 7.30 -43.44
CA THR E 208 32.02 6.56 -42.93
C THR E 208 32.76 5.91 -44.08
N PRO E 209 34.07 5.68 -43.96
CA PRO E 209 34.78 4.96 -45.03
C PRO E 209 34.57 3.46 -44.93
N ILE E 210 34.43 2.81 -46.08
CA ILE E 210 34.33 1.36 -46.15
C ILE E 210 35.12 0.87 -47.35
N ASN E 211 35.62 -0.36 -47.24
CA ASN E 211 36.27 -1.06 -48.34
C ASN E 211 35.42 -2.19 -48.92
N LEU E 212 34.30 -2.52 -48.28
CA LEU E 212 33.44 -3.59 -48.78
C LEU E 212 32.84 -3.21 -50.13
N VAL E 213 32.62 -4.21 -50.97
CA VAL E 213 32.34 -3.95 -52.38
C VAL E 213 30.85 -3.82 -52.65
N ARG E 214 30.08 -4.88 -52.42
CA ARG E 214 28.73 -4.99 -52.96
C ARG E 214 27.63 -4.94 -51.91
N ASP E 215 27.93 -4.61 -50.66
CA ASP E 215 26.90 -4.61 -49.62
C ASP E 215 27.33 -3.71 -48.48
N LEU E 216 26.41 -3.50 -47.54
CA LEU E 216 26.68 -2.64 -46.40
C LEU E 216 27.68 -3.32 -45.46
N PRO E 217 28.49 -2.54 -44.73
CA PRO E 217 29.51 -3.14 -43.89
C PRO E 217 28.89 -3.88 -42.70
N GLN E 218 29.61 -4.91 -42.23
CA GLN E 218 29.25 -5.63 -41.01
C GLN E 218 29.90 -4.90 -39.84
N GLY E 219 29.23 -3.84 -39.38
CA GLY E 219 29.76 -3.02 -38.31
C GLY E 219 28.65 -2.25 -37.65
N PHE E 220 29.05 -1.26 -36.85
CA PHE E 220 28.11 -0.44 -36.10
C PHE E 220 28.53 1.02 -36.16
N SER E 221 27.57 1.89 -36.43
CA SER E 221 27.83 3.33 -36.49
C SER E 221 26.49 4.06 -36.42
N ALA E 222 26.33 4.94 -35.42
CA ALA E 222 25.07 5.61 -35.20
C ALA E 222 24.99 6.91 -36.00
N LEU E 223 23.77 7.27 -36.41
CA LEU E 223 23.55 8.42 -37.27
C LEU E 223 23.15 9.64 -36.44
N GLU E 224 23.84 10.75 -36.63
CA GLU E 224 23.46 11.98 -35.96
C GLU E 224 22.37 12.71 -36.75
N PRO E 225 21.57 13.57 -36.10
CA PRO E 225 20.60 14.37 -36.85
C PRO E 225 21.24 15.34 -37.85
N LEU E 226 20.49 15.69 -38.90
CA LEU E 226 20.87 16.77 -39.80
C LEU E 226 19.94 17.97 -39.64
N VAL E 227 18.63 17.77 -39.79
CA VAL E 227 17.64 18.84 -39.69
C VAL E 227 16.42 18.32 -38.95
N ASP E 228 15.59 19.25 -38.51
CA ASP E 228 14.34 18.95 -37.82
C ASP E 228 13.25 19.82 -38.44
N LEU E 229 13.15 19.76 -39.76
CA LEU E 229 12.37 20.72 -40.54
C LEU E 229 10.92 20.75 -40.08
N PRO E 230 10.35 21.93 -39.75
CA PRO E 230 8.91 21.99 -39.43
C PRO E 230 8.06 22.06 -40.70
N ILE E 231 7.83 20.89 -41.29
CA ILE E 231 7.18 20.82 -42.60
C ILE E 231 5.69 20.57 -42.48
N GLY E 232 5.30 19.42 -41.93
CA GLY E 232 3.91 19.12 -41.64
C GLY E 232 3.10 18.55 -42.80
N ILE E 233 3.71 18.28 -43.96
CA ILE E 233 2.96 17.77 -45.09
C ILE E 233 2.88 16.26 -45.03
N ASN E 234 2.02 15.70 -45.90
CA ASN E 234 1.83 14.23 -45.97
C ASN E 234 2.77 13.65 -47.01
N ILE E 235 3.64 12.72 -46.61
CA ILE E 235 4.59 12.08 -47.52
C ILE E 235 4.26 10.59 -47.56
N THR E 236 4.11 10.06 -48.77
CA THR E 236 3.89 8.64 -48.99
C THR E 236 4.76 8.04 -50.08
N ARG E 237 5.49 8.85 -50.85
CA ARG E 237 6.38 8.36 -51.89
C ARG E 237 7.58 9.29 -51.99
N PHE E 238 8.67 8.78 -52.56
CA PHE E 238 9.86 9.57 -52.75
C PHE E 238 10.70 8.97 -53.87
N GLN E 239 11.66 9.75 -54.36
CA GLN E 239 12.62 9.25 -55.32
C GLN E 239 13.88 10.11 -55.29
N THR E 240 15.01 9.47 -55.56
CA THR E 240 16.28 10.17 -55.61
C THR E 240 16.40 10.94 -56.93
N LEU E 241 17.19 12.01 -56.89
CA LEU E 241 17.55 12.77 -58.08
C LEU E 241 19.07 12.76 -58.21
N LEU E 242 19.54 12.68 -59.44
CA LEU E 242 20.95 12.44 -59.74
C LEU E 242 21.53 13.61 -60.53
N ALA E 243 22.85 13.76 -60.43
CA ALA E 243 23.58 14.71 -61.25
C ALA E 243 24.08 14.00 -62.49
N LEU E 244 23.58 14.38 -63.66
CA LEU E 244 23.85 13.69 -64.91
C LEU E 244 24.40 14.67 -65.93
N HIS E 245 25.52 14.30 -66.56
CA HIS E 245 26.04 15.06 -67.69
C HIS E 245 25.32 14.77 -68.99
N ARG E 246 24.54 13.68 -69.04
CA ARG E 246 23.67 13.38 -70.18
C ARG E 246 22.27 13.86 -69.83
N SER E 247 21.92 15.04 -70.35
CA SER E 247 20.76 15.80 -69.88
C SER E 247 19.48 15.50 -70.67
N TYR E 248 19.34 14.29 -71.21
CA TYR E 248 18.11 13.93 -71.91
C TYR E 248 16.93 13.98 -70.94
N LEU E 249 15.92 14.78 -71.29
CA LEU E 249 14.70 14.89 -70.48
C LEU E 249 13.68 13.84 -70.93
N THR E 250 13.98 12.60 -70.60
CA THR E 250 13.13 11.48 -70.98
C THR E 250 11.89 11.40 -70.10
N ALA E 264 23.46 1.15 -56.84
CA ALA E 264 23.79 2.56 -56.66
C ALA E 264 23.50 3.01 -55.25
N TYR E 265 22.29 2.72 -54.77
CA TYR E 265 21.88 3.12 -53.43
C TYR E 265 20.96 2.06 -52.85
N TYR E 266 20.99 1.96 -51.52
CA TYR E 266 20.19 1.00 -50.78
C TYR E 266 19.01 1.70 -50.13
N VAL E 267 17.91 0.98 -49.92
CA VAL E 267 16.71 1.52 -49.31
C VAL E 267 16.17 0.51 -48.31
N GLY E 268 15.92 0.97 -47.08
CA GLY E 268 15.25 0.16 -46.09
C GLY E 268 14.18 0.99 -45.41
N TYR E 269 13.21 0.31 -44.80
CA TYR E 269 12.03 0.95 -44.25
C TYR E 269 11.99 0.74 -42.74
N LEU E 270 11.77 1.84 -42.02
CA LEU E 270 11.72 1.78 -40.56
C LEU E 270 10.38 1.18 -40.11
N GLN E 271 10.41 0.60 -38.92
CA GLN E 271 9.23 0.04 -38.27
C GLN E 271 9.24 0.36 -36.79
N PRO E 272 8.07 0.38 -36.13
CA PRO E 272 8.07 0.58 -34.67
C PRO E 272 8.84 -0.51 -33.95
N ARG E 273 9.96 -0.15 -33.32
CA ARG E 273 10.85 -1.12 -32.71
C ARG E 273 11.37 -0.57 -31.39
N THR E 274 11.70 -1.47 -30.48
CA THR E 274 12.32 -1.12 -29.20
C THR E 274 13.79 -1.52 -29.26
N PHE E 275 14.67 -0.54 -29.08
CA PHE E 275 16.11 -0.74 -29.15
C PHE E 275 16.74 -0.43 -27.80
N LEU E 276 17.68 -1.27 -27.40
CA LEU E 276 18.51 -1.03 -26.22
C LEU E 276 19.84 -0.44 -26.68
N LEU E 277 20.04 0.84 -26.44
CA LEU E 277 21.18 1.59 -26.97
C LEU E 277 22.25 1.72 -25.90
N LYS E 278 23.49 1.42 -26.27
CA LYS E 278 24.63 1.47 -25.36
C LYS E 278 25.38 2.78 -25.59
N TYR E 279 25.36 3.65 -24.60
CA TYR E 279 26.09 4.92 -24.63
C TYR E 279 27.39 4.74 -23.86
N ASN E 280 28.52 4.92 -24.55
CA ASN E 280 29.82 4.76 -23.92
C ASN E 280 30.13 5.98 -23.06
N GLU E 281 31.34 6.00 -22.49
CA GLU E 281 31.71 7.08 -21.59
C GLU E 281 31.72 8.43 -22.29
N ASN E 282 32.05 8.46 -23.58
CA ASN E 282 32.08 9.69 -24.35
C ASN E 282 30.70 10.11 -24.85
N GLY E 283 29.66 9.32 -24.59
CA GLY E 283 28.31 9.69 -24.99
C GLY E 283 27.89 9.22 -26.36
N THR E 284 28.77 8.55 -27.11
CA THR E 284 28.44 8.09 -28.45
C THR E 284 27.87 6.67 -28.38
N ILE E 285 26.82 6.43 -29.16
CA ILE E 285 26.24 5.10 -29.24
C ILE E 285 27.23 4.18 -29.95
N THR E 286 27.64 3.11 -29.27
CA THR E 286 28.64 2.18 -29.78
C THR E 286 28.07 0.81 -30.14
N ASP E 287 26.93 0.42 -29.57
CA ASP E 287 26.32 -0.86 -29.88
C ASP E 287 24.87 -0.79 -29.46
N ALA E 288 24.05 -1.69 -30.02
CA ALA E 288 22.63 -1.70 -29.75
C ALA E 288 22.07 -3.10 -29.92
N VAL E 289 20.87 -3.30 -29.38
CA VAL E 289 20.17 -4.60 -29.43
C VAL E 289 18.77 -4.34 -29.95
N ASP E 290 18.36 -5.10 -30.96
CA ASP E 290 16.99 -5.05 -31.47
C ASP E 290 16.17 -6.06 -30.68
N CYS E 291 15.28 -5.56 -29.81
CA CYS E 291 14.62 -6.42 -28.84
C CYS E 291 13.73 -7.47 -29.49
N ALA E 292 13.16 -7.19 -30.65
CA ALA E 292 12.25 -8.11 -31.31
C ALA E 292 12.93 -9.01 -32.33
N LEU E 293 14.27 -8.95 -32.44
CA LEU E 293 14.95 -9.72 -33.47
C LEU E 293 14.85 -11.22 -33.20
N ASP E 294 15.17 -11.65 -31.98
CA ASP E 294 15.25 -13.06 -31.65
C ASP E 294 15.11 -13.21 -30.14
N PRO E 295 14.91 -14.42 -29.64
CA PRO E 295 14.75 -14.59 -28.18
C PRO E 295 15.94 -14.08 -27.37
N LEU E 296 17.16 -14.25 -27.87
CA LEU E 296 18.31 -13.79 -27.11
C LEU E 296 18.31 -12.27 -26.95
N SER E 297 17.99 -11.55 -28.02
CA SER E 297 17.92 -10.09 -27.92
C SER E 297 16.79 -9.67 -26.99
N GLU E 298 15.68 -10.39 -27.00
CA GLU E 298 14.60 -10.11 -26.07
C GLU E 298 15.04 -10.35 -24.63
N THR E 299 15.86 -11.38 -24.41
CA THR E 299 16.41 -11.60 -23.07
C THR E 299 17.32 -10.45 -22.65
N LYS E 300 18.15 -9.97 -23.56
CA LYS E 300 19.08 -8.91 -23.23
C LYS E 300 18.34 -7.61 -22.93
N CYS E 301 17.26 -7.33 -23.65
CA CYS E 301 16.46 -6.15 -23.36
C CYS E 301 15.72 -6.28 -22.03
N THR E 302 15.27 -7.50 -21.69
CA THR E 302 14.58 -7.70 -20.43
C THR E 302 15.51 -7.42 -19.25
N LEU E 303 16.76 -7.86 -19.34
CA LEU E 303 17.73 -7.63 -18.28
C LEU E 303 18.41 -6.26 -18.39
N LYS E 304 18.21 -5.55 -19.50
CA LYS E 304 18.87 -4.28 -19.76
C LYS E 304 20.39 -4.43 -19.63
N SER E 305 20.90 -5.47 -20.29
CA SER E 305 22.33 -5.73 -20.33
C SER E 305 22.66 -6.38 -21.66
N PHE E 306 23.93 -6.28 -22.06
CA PHE E 306 24.38 -6.82 -23.34
C PHE E 306 24.98 -8.22 -23.18
N THR E 307 25.40 -8.58 -21.98
CA THR E 307 25.82 -9.94 -21.67
C THR E 307 24.89 -10.55 -20.63
N VAL E 308 24.45 -11.78 -20.90
CA VAL E 308 23.53 -12.50 -20.04
C VAL E 308 24.21 -13.79 -19.60
N GLU E 309 24.20 -14.03 -18.28
CA GLU E 309 24.84 -15.21 -17.73
C GLU E 309 24.00 -16.45 -18.01
N LYS E 310 24.62 -17.61 -17.79
CA LYS E 310 23.92 -18.89 -17.97
C LYS E 310 22.72 -18.96 -17.04
N GLY E 311 21.58 -19.37 -17.60
CA GLY E 311 20.37 -19.50 -16.80
C GLY E 311 19.15 -19.51 -17.69
N ILE E 312 18.00 -19.43 -17.03
CA ILE E 312 16.70 -19.39 -17.68
C ILE E 312 16.00 -18.10 -17.26
N TYR E 313 15.61 -17.28 -18.23
CA TYR E 313 15.06 -15.95 -17.98
C TYR E 313 13.67 -15.86 -18.61
N GLN E 314 12.70 -15.39 -17.84
CA GLN E 314 11.36 -15.13 -18.36
C GLN E 314 11.37 -13.77 -19.07
N THR E 315 11.18 -13.78 -20.38
CA THR E 315 11.33 -12.58 -21.18
C THR E 315 10.00 -11.91 -21.54
N SER E 316 8.94 -12.68 -21.77
CA SER E 316 7.66 -12.11 -22.17
C SER E 316 6.58 -13.14 -21.88
N ASN E 317 5.35 -12.81 -22.28
CA ASN E 317 4.19 -13.67 -22.06
C ASN E 317 3.61 -14.09 -23.41
N PHE E 318 3.30 -15.36 -23.63
CA PHE E 318 2.68 -15.84 -24.88
C PHE E 318 1.18 -15.79 -24.63
N ARG E 319 0.36 -15.42 -25.62
CA ARG E 319 -1.11 -15.55 -25.50
C ARG E 319 -1.65 -15.80 -26.90
N VAL E 320 -2.58 -16.73 -27.09
CA VAL E 320 -3.14 -16.95 -28.44
C VAL E 320 -4.02 -15.75 -28.79
N GLN E 321 -4.02 -15.31 -30.05
CA GLN E 321 -4.75 -14.06 -30.37
C GLN E 321 -6.10 -14.41 -31.01
N PRO E 322 -7.23 -13.67 -30.84
CA PRO E 322 -8.50 -14.11 -31.44
C PRO E 322 -8.41 -14.14 -32.96
N THR E 323 -8.98 -15.18 -33.57
CA THR E 323 -8.91 -15.33 -35.02
C THR E 323 -9.89 -14.40 -35.72
N GLU E 324 -11.07 -14.19 -35.14
CA GLU E 324 -12.13 -13.43 -35.79
C GLU E 324 -13.05 -12.87 -34.71
N SER E 325 -14.20 -12.36 -35.14
CA SER E 325 -15.18 -11.74 -34.25
C SER E 325 -16.52 -12.44 -34.36
N ILE E 326 -17.27 -12.47 -33.25
CA ILE E 326 -18.57 -13.10 -33.19
C ILE E 326 -19.53 -12.15 -32.49
N VAL E 327 -20.74 -12.03 -33.04
CA VAL E 327 -21.83 -11.26 -32.44
C VAL E 327 -23.09 -12.12 -32.47
N ARG E 328 -23.76 -12.23 -31.34
CA ARG E 328 -24.98 -13.05 -31.21
C ARG E 328 -26.00 -12.26 -30.39
N PHE E 329 -26.88 -11.55 -31.07
CA PHE E 329 -27.98 -10.83 -30.48
C PHE E 329 -29.28 -11.61 -30.65
N PRO E 330 -30.28 -11.38 -29.81
CA PRO E 330 -31.54 -12.10 -29.98
C PRO E 330 -32.24 -11.67 -31.26
N ASN E 331 -33.02 -12.60 -31.81
CA ASN E 331 -33.69 -12.37 -33.10
C ASN E 331 -34.99 -11.61 -32.88
N ILE E 332 -34.83 -10.34 -32.50
CA ILE E 332 -35.99 -9.47 -32.30
C ILE E 332 -36.54 -9.06 -33.65
N THR E 333 -37.87 -9.17 -33.79
CA THR E 333 -38.51 -9.15 -35.11
C THR E 333 -39.06 -7.80 -35.52
N ASN E 334 -38.84 -6.73 -34.74
CA ASN E 334 -39.45 -5.45 -35.04
C ASN E 334 -38.55 -4.31 -34.62
N LEU E 335 -38.71 -3.17 -35.29
CA LEU E 335 -38.02 -1.94 -34.91
C LEU E 335 -38.71 -1.30 -33.71
N CYS E 336 -38.18 -0.17 -33.26
CA CYS E 336 -38.59 0.43 -32.00
C CYS E 336 -39.38 1.71 -32.23
N PRO E 337 -40.42 2.00 -31.41
CA PRO E 337 -41.19 3.23 -31.62
C PRO E 337 -40.66 4.43 -30.85
N PHE E 338 -39.43 4.87 -31.17
CA PHE E 338 -38.94 6.11 -30.60
C PHE E 338 -39.68 7.32 -31.16
N GLY E 339 -40.20 7.22 -32.38
CA GLY E 339 -40.90 8.34 -32.98
C GLY E 339 -42.12 8.76 -32.18
N GLU E 340 -42.85 7.79 -31.61
CA GLU E 340 -44.04 8.11 -30.83
C GLU E 340 -43.72 8.90 -29.57
N VAL E 341 -42.47 8.90 -29.11
CA VAL E 341 -42.09 9.61 -27.89
C VAL E 341 -41.57 11.00 -28.26
N PHE E 342 -40.61 11.05 -29.18
CA PHE E 342 -39.97 12.31 -29.53
C PHE E 342 -40.74 13.41 -30.26
N ASN E 343 -41.71 12.99 -31.09
CA ASN E 343 -42.60 13.88 -31.86
C ASN E 343 -44.01 13.55 -31.40
N ALA E 344 -44.32 13.69 -30.10
CA ALA E 344 -45.65 13.39 -29.55
C ALA E 344 -46.45 14.69 -29.60
N THR E 345 -47.73 14.67 -29.94
CA THR E 345 -48.50 15.92 -30.14
C THR E 345 -48.48 16.75 -28.86
N ARG E 346 -48.58 16.11 -27.69
CA ARG E 346 -48.63 16.84 -26.40
C ARG E 346 -47.74 16.19 -25.35
N PHE E 347 -46.74 16.92 -24.82
CA PHE E 347 -45.91 16.40 -23.75
C PHE E 347 -46.60 16.66 -22.41
N ALA E 348 -46.14 15.93 -21.39
CA ALA E 348 -46.74 16.04 -20.07
C ALA E 348 -46.06 17.14 -19.26
N SER E 349 -46.74 17.55 -18.18
CA SER E 349 -46.14 18.48 -17.25
C SER E 349 -45.01 17.82 -16.49
N VAL E 350 -44.08 18.63 -15.97
CA VAL E 350 -42.92 18.07 -15.29
C VAL E 350 -43.34 17.33 -14.03
N TYR E 351 -44.38 17.82 -13.35
CA TYR E 351 -44.85 17.14 -12.14
C TYR E 351 -45.59 15.84 -12.46
N ALA E 352 -46.06 15.67 -13.69
CA ALA E 352 -46.79 14.49 -14.13
C ALA E 352 -46.10 13.90 -15.35
N TRP E 353 -44.77 13.74 -15.25
CA TRP E 353 -43.96 13.27 -16.38
C TRP E 353 -44.45 11.92 -16.89
N ASN E 354 -44.46 11.78 -18.21
CA ASN E 354 -44.94 10.56 -18.83
C ASN E 354 -43.97 9.41 -18.59
N ARG E 355 -44.47 8.19 -18.82
CA ARG E 355 -43.68 6.98 -18.60
C ARG E 355 -44.05 5.98 -19.69
N LYS E 356 -43.09 5.66 -20.55
CA LYS E 356 -43.23 4.62 -21.55
C LYS E 356 -42.19 3.55 -21.29
N ARG E 357 -42.63 2.30 -21.17
CA ARG E 357 -41.75 1.16 -21.02
C ARG E 357 -41.51 0.54 -22.39
N ILE E 358 -40.24 0.45 -22.77
CA ILE E 358 -39.85 0.02 -24.12
C ILE E 358 -39.24 -1.37 -24.01
N SER E 359 -39.76 -2.30 -24.81
CA SER E 359 -39.27 -3.68 -24.81
C SER E 359 -39.50 -4.27 -26.19
N ASN E 360 -38.73 -5.32 -26.49
CA ASN E 360 -38.79 -6.01 -27.78
C ASN E 360 -38.58 -5.03 -28.94
N CYS E 361 -37.38 -4.47 -28.97
CA CYS E 361 -37.01 -3.42 -29.91
C CYS E 361 -35.71 -3.77 -30.61
N VAL E 362 -35.61 -3.39 -31.88
CA VAL E 362 -34.33 -3.16 -32.53
C VAL E 362 -34.11 -1.65 -32.45
N ALA E 363 -33.52 -1.19 -31.35
CA ALA E 363 -33.44 0.23 -31.03
C ALA E 363 -32.16 0.80 -31.63
N ASP E 364 -32.30 1.55 -32.72
CA ASP E 364 -31.17 2.22 -33.35
C ASP E 364 -31.06 3.62 -32.77
N TYR E 365 -30.10 3.81 -31.86
CA TYR E 365 -29.91 5.11 -31.24
C TYR E 365 -29.06 6.05 -32.10
N SER E 366 -28.42 5.54 -33.16
CA SER E 366 -27.59 6.39 -33.99
C SER E 366 -28.41 7.47 -34.69
N VAL E 367 -29.60 7.10 -35.18
CA VAL E 367 -30.43 8.07 -35.89
C VAL E 367 -30.84 9.22 -34.97
N LEU E 368 -31.11 8.92 -33.70
CA LEU E 368 -31.46 9.98 -32.76
C LEU E 368 -30.28 10.92 -32.55
N TYR E 369 -29.08 10.37 -32.39
CA TYR E 369 -27.92 11.20 -32.12
C TYR E 369 -27.54 12.04 -33.33
N ASN E 370 -27.62 11.48 -34.53
CA ASN E 370 -27.26 12.21 -35.74
C ASN E 370 -28.24 13.32 -36.07
N SER E 371 -29.46 13.27 -35.54
CA SER E 371 -30.44 14.32 -35.80
C SER E 371 -29.96 15.64 -35.20
N ALA E 372 -30.22 16.74 -35.93
CA ALA E 372 -29.76 18.05 -35.51
C ALA E 372 -30.72 18.76 -34.56
N SER E 373 -31.93 18.22 -34.38
CA SER E 373 -32.92 18.89 -33.53
C SER E 373 -32.47 18.95 -32.07
N PHE E 374 -31.88 17.87 -31.56
CA PHE E 374 -31.59 17.75 -30.14
C PHE E 374 -30.45 18.69 -29.77
N SER E 375 -30.79 19.82 -29.14
CA SER E 375 -29.76 20.73 -28.65
C SER E 375 -28.92 20.10 -27.56
N THR E 376 -29.55 19.37 -26.65
CA THR E 376 -28.87 18.71 -25.54
C THR E 376 -29.01 17.21 -25.69
N PHE E 377 -27.87 16.52 -25.74
CA PHE E 377 -27.88 15.05 -25.80
C PHE E 377 -26.63 14.59 -25.05
N LYS E 378 -26.80 14.28 -23.76
CA LYS E 378 -25.70 13.86 -22.90
C LYS E 378 -26.13 12.66 -22.09
N CYS E 379 -25.19 11.74 -21.88
CA CYS E 379 -25.45 10.48 -21.19
C CYS E 379 -24.48 10.34 -20.03
N TYR E 380 -24.92 9.68 -18.96
CA TYR E 380 -24.21 9.66 -17.70
C TYR E 380 -23.68 8.30 -17.28
N GLY E 381 -23.95 7.25 -18.05
CA GLY E 381 -23.40 5.93 -17.76
C GLY E 381 -23.07 5.13 -19.01
N VAL E 382 -23.04 5.81 -20.16
CA VAL E 382 -22.86 5.14 -21.45
C VAL E 382 -22.50 6.22 -22.47
N SER E 383 -21.80 5.81 -23.53
CA SER E 383 -21.42 6.74 -24.58
C SER E 383 -22.55 6.83 -25.60
N PRO E 384 -22.95 8.04 -26.04
CA PRO E 384 -24.03 8.11 -27.04
C PRO E 384 -23.71 7.38 -28.33
N THR E 385 -22.46 7.41 -28.76
CA THR E 385 -22.05 6.73 -29.98
C THR E 385 -21.89 5.22 -29.80
N LYS E 386 -21.93 4.72 -28.57
CA LYS E 386 -21.77 3.30 -28.29
C LYS E 386 -23.06 2.66 -27.78
N LEU E 387 -24.20 3.32 -27.95
CA LEU E 387 -25.47 2.71 -27.56
C LEU E 387 -25.87 1.61 -28.55
N ASN E 388 -25.53 1.78 -29.82
CA ASN E 388 -25.99 0.88 -30.88
C ASN E 388 -25.27 -0.48 -30.90
N ASP E 389 -24.50 -0.83 -29.86
CA ASP E 389 -23.84 -2.17 -29.77
C ASP E 389 -24.00 -2.74 -28.35
N LEU E 390 -25.00 -2.30 -27.60
CA LEU E 390 -25.29 -2.76 -26.22
C LEU E 390 -26.75 -3.17 -26.30
N CYS E 391 -27.19 -4.22 -25.62
CA CYS E 391 -28.56 -4.70 -25.53
C CYS E 391 -28.96 -4.43 -24.09
N PHE E 392 -30.11 -3.81 -23.81
CA PHE E 392 -30.52 -3.35 -22.46
C PHE E 392 -31.84 -3.98 -22.10
N THR E 393 -32.37 -3.72 -20.92
CA THR E 393 -33.69 -4.18 -20.47
C THR E 393 -34.53 -2.99 -20.02
N ASN E 394 -35.83 -3.12 -20.06
CA ASN E 394 -36.84 -2.15 -19.60
C ASN E 394 -36.42 -0.69 -19.83
N VAL E 395 -36.06 -0.38 -21.07
CA VAL E 395 -35.68 0.98 -21.41
C VAL E 395 -36.90 1.87 -21.19
N TYR E 396 -36.83 2.73 -20.19
CA TYR E 396 -37.92 3.64 -19.85
C TYR E 396 -37.65 5.00 -20.47
N ALA E 397 -38.63 5.54 -21.18
CA ALA E 397 -38.52 6.84 -21.83
C ALA E 397 -39.54 7.78 -21.21
N ASP E 398 -39.05 8.74 -20.43
CA ASP E 398 -39.89 9.74 -19.78
C ASP E 398 -39.87 11.01 -20.61
N SER E 399 -41.00 11.70 -20.65
CA SER E 399 -41.14 12.93 -21.42
C SER E 399 -41.82 13.99 -20.57
N PHE E 400 -41.41 15.24 -20.75
CA PHE E 400 -42.02 16.36 -20.05
C PHE E 400 -41.43 17.65 -20.63
N VAL E 401 -42.03 18.77 -20.23
CA VAL E 401 -41.63 20.10 -20.68
C VAL E 401 -41.02 20.85 -19.51
N ILE E 402 -39.90 21.53 -19.76
CA ILE E 402 -39.16 22.27 -18.74
C ILE E 402 -39.15 23.74 -19.14
N ARG E 403 -39.04 24.61 -18.13
CA ARG E 403 -39.15 26.04 -18.34
C ARG E 403 -38.15 26.60 -19.34
N GLY E 404 -36.99 25.96 -19.49
CA GLY E 404 -35.93 26.53 -20.29
C GLY E 404 -34.55 26.09 -19.87
N ASP E 405 -33.69 27.05 -19.54
CA ASP E 405 -32.30 26.76 -19.22
C ASP E 405 -32.13 25.90 -17.97
N GLU E 406 -33.19 25.73 -17.17
CA GLU E 406 -33.11 24.88 -15.98
C GLU E 406 -33.15 23.39 -16.29
N VAL E 407 -33.05 22.99 -17.57
CA VAL E 407 -32.95 21.59 -17.94
C VAL E 407 -31.67 21.00 -17.37
N ARG E 408 -30.67 21.85 -17.09
CA ARG E 408 -29.43 21.40 -16.47
C ARG E 408 -29.66 20.74 -15.12
N GLN E 409 -30.79 21.03 -14.46
CA GLN E 409 -31.14 20.34 -13.23
C GLN E 409 -31.51 18.88 -13.46
N ILE E 410 -31.73 18.47 -14.71
CA ILE E 410 -32.04 17.08 -15.03
C ILE E 410 -30.72 16.35 -15.22
N ALA E 411 -30.13 15.90 -14.11
CA ALA E 411 -28.85 15.22 -14.11
C ALA E 411 -28.58 14.70 -12.71
N PRO E 412 -27.79 13.65 -12.56
CA PRO E 412 -27.57 13.10 -11.21
C PRO E 412 -26.91 14.12 -10.29
N GLY E 413 -27.38 14.15 -9.04
CA GLY E 413 -26.81 15.00 -8.02
C GLY E 413 -27.19 16.46 -8.11
N GLN E 414 -28.07 16.84 -9.03
CA GLN E 414 -28.44 18.24 -9.17
C GLN E 414 -29.44 18.64 -8.09
N THR E 415 -29.37 19.91 -7.69
CA THR E 415 -30.23 20.48 -6.67
C THR E 415 -30.95 21.69 -7.24
N GLY E 416 -32.24 21.81 -6.92
CA GLY E 416 -33.04 22.92 -7.41
C GLY E 416 -34.52 22.61 -7.34
N LYS E 417 -35.35 23.53 -7.83
CA LYS E 417 -36.80 23.33 -7.79
C LYS E 417 -37.20 22.11 -8.62
N ILE E 418 -36.65 21.98 -9.83
CA ILE E 418 -37.01 20.86 -10.69
C ILE E 418 -36.45 19.55 -10.14
N ALA E 419 -35.17 19.55 -9.78
CA ALA E 419 -34.52 18.32 -9.35
C ALA E 419 -35.11 17.82 -8.03
N ASP E 420 -35.31 18.72 -7.08
CA ASP E 420 -35.71 18.30 -5.74
C ASP E 420 -37.16 17.84 -5.69
N TYR E 421 -38.07 18.59 -6.32
CA TYR E 421 -39.49 18.44 -6.09
C TYR E 421 -40.29 17.95 -7.29
N ASN E 422 -39.71 17.91 -8.49
CA ASN E 422 -40.47 17.63 -9.70
C ASN E 422 -40.06 16.31 -10.33
N TYR E 423 -38.78 16.17 -10.66
CA TYR E 423 -38.25 14.98 -11.32
C TYR E 423 -36.84 14.73 -10.80
N LYS E 424 -36.69 13.74 -9.95
CA LYS E 424 -35.41 13.33 -9.39
C LYS E 424 -34.98 12.02 -10.03
N LEU E 425 -33.72 11.95 -10.46
CA LEU E 425 -33.13 10.74 -10.97
C LEU E 425 -31.88 10.40 -10.17
N PRO E 426 -31.55 9.12 -10.03
CA PRO E 426 -30.55 8.73 -9.01
C PRO E 426 -29.16 9.23 -9.35
N ASP E 427 -28.34 9.36 -8.31
CA ASP E 427 -26.97 9.81 -8.48
C ASP E 427 -26.14 8.85 -9.32
N ASP E 428 -26.48 7.56 -9.33
CA ASP E 428 -25.81 6.57 -10.17
C ASP E 428 -26.62 6.30 -11.45
N PHE E 429 -27.26 7.33 -11.98
CA PHE E 429 -28.09 7.19 -13.16
C PHE E 429 -27.27 6.72 -14.36
N THR E 430 -27.81 5.75 -15.08
CA THR E 430 -27.26 5.29 -16.36
C THR E 430 -28.33 5.50 -17.42
N GLY E 431 -28.00 6.27 -18.43
CA GLY E 431 -28.97 6.63 -19.44
C GLY E 431 -28.58 7.93 -20.12
N CYS E 432 -29.53 8.49 -20.86
CA CYS E 432 -29.32 9.69 -21.64
C CYS E 432 -30.46 10.67 -21.42
N VAL E 433 -30.11 11.94 -21.30
CA VAL E 433 -31.07 13.03 -21.17
C VAL E 433 -31.07 13.80 -22.49
N ILE E 434 -32.24 13.91 -23.11
CA ILE E 434 -32.40 14.53 -24.41
C ILE E 434 -33.37 15.69 -24.27
N ALA E 435 -32.97 16.87 -24.76
CA ALA E 435 -33.81 18.05 -24.67
C ALA E 435 -33.59 18.92 -25.90
N TRP E 436 -34.66 19.58 -26.33
CA TRP E 436 -34.59 20.48 -27.47
C TRP E 436 -35.62 21.59 -27.29
N ASN E 437 -35.35 22.74 -27.90
CA ASN E 437 -36.24 23.87 -27.80
C ASN E 437 -37.54 23.59 -28.56
N SER E 438 -38.66 24.01 -27.96
CA SER E 438 -39.99 23.81 -28.55
C SER E 438 -40.83 25.08 -28.44
N ASN E 439 -40.25 26.23 -28.76
CA ASN E 439 -40.99 27.48 -28.67
C ASN E 439 -42.17 27.50 -29.62
N ASN E 440 -41.98 26.98 -30.84
CA ASN E 440 -43.01 27.00 -31.86
C ASN E 440 -44.01 25.85 -31.72
N LEU E 441 -43.99 25.11 -30.60
CA LEU E 441 -44.92 24.01 -30.36
C LEU E 441 -45.68 24.15 -29.05
N ASP E 442 -45.03 24.62 -27.99
CA ASP E 442 -45.63 24.69 -26.67
C ASP E 442 -45.99 26.11 -26.23
N SER E 443 -45.49 27.14 -26.91
CA SER E 443 -45.77 28.51 -26.52
C SER E 443 -47.18 28.92 -26.93
N GLY E 447 -49.64 32.60 -26.53
CA GLY E 447 -49.17 32.14 -25.25
C GLY E 447 -49.81 30.84 -24.83
N ASN E 448 -49.32 30.26 -23.73
CA ASN E 448 -49.84 29.00 -23.22
C ASN E 448 -49.59 28.92 -21.73
N TYR E 449 -50.52 28.27 -21.02
CA TYR E 449 -50.44 28.12 -19.58
C TYR E 449 -50.74 26.69 -19.10
N ASN E 450 -50.89 25.73 -20.00
CA ASN E 450 -51.30 24.38 -19.60
C ASN E 450 -50.14 23.51 -19.11
N TYR E 451 -48.91 24.02 -19.09
CA TYR E 451 -47.76 23.31 -18.55
C TYR E 451 -47.43 23.86 -17.17
N LEU E 452 -47.44 22.99 -16.16
CA LEU E 452 -47.32 23.40 -14.77
C LEU E 452 -46.12 22.70 -14.14
N TYR E 453 -45.73 23.20 -12.97
CA TYR E 453 -44.63 22.61 -12.20
C TYR E 453 -44.87 22.89 -10.72
N ARG E 454 -44.22 22.08 -9.89
CA ARG E 454 -44.46 22.11 -8.45
C ARG E 454 -43.45 23.01 -7.76
N LEU E 455 -43.93 24.03 -7.05
CA LEU E 455 -43.05 24.89 -6.26
C LEU E 455 -42.56 24.23 -4.99
N PHE E 456 -43.43 23.52 -4.27
CA PHE E 456 -43.16 23.10 -2.91
C PHE E 456 -43.44 21.61 -2.73
N ARG E 457 -42.63 20.99 -1.88
CA ARG E 457 -42.85 19.61 -1.47
C ARG E 457 -42.24 19.45 -0.08
N LYS E 458 -42.91 18.68 0.78
CA LYS E 458 -42.50 18.55 2.17
C LYS E 458 -41.17 17.80 2.32
N SER E 459 -40.69 17.14 1.28
CA SER E 459 -39.39 16.49 1.31
C SER E 459 -38.93 16.30 -0.13
N ASN E 460 -37.63 16.11 -0.29
CA ASN E 460 -37.07 15.88 -1.62
C ASN E 460 -37.57 14.55 -2.18
N LEU E 461 -37.93 14.55 -3.46
CA LEU E 461 -38.45 13.35 -4.09
C LEU E 461 -37.35 12.29 -4.21
N LYS E 462 -37.74 11.03 -4.05
CA LYS E 462 -36.83 9.93 -4.30
C LYS E 462 -36.62 9.80 -5.80
N PRO E 463 -35.56 9.10 -6.23
CA PRO E 463 -35.32 8.94 -7.66
C PRO E 463 -36.50 8.30 -8.36
N PHE E 464 -36.86 8.86 -9.52
CA PHE E 464 -38.00 8.42 -10.33
C PHE E 464 -39.29 8.39 -9.54
N GLU E 465 -39.51 9.36 -8.66
CA GLU E 465 -40.76 9.50 -7.94
C GLU E 465 -41.63 10.58 -8.58
N ARG E 466 -42.94 10.35 -8.55
CA ARG E 466 -43.92 11.30 -9.07
C ARG E 466 -44.92 11.64 -7.98
N ASP E 467 -45.34 12.90 -7.94
CA ASP E 467 -46.31 13.39 -6.97
C ASP E 467 -47.47 14.03 -7.73
N ILE E 468 -48.68 13.55 -7.46
CA ILE E 468 -49.90 14.10 -8.06
C ILE E 468 -50.78 14.80 -7.03
N SER E 469 -50.41 14.77 -5.76
CA SER E 469 -51.21 15.42 -4.72
C SER E 469 -51.23 16.93 -4.93
N THR E 470 -52.29 17.55 -4.44
CA THR E 470 -52.49 18.99 -4.59
C THR E 470 -52.91 19.66 -3.29
N GLU E 471 -52.58 19.06 -2.15
CA GLU E 471 -52.91 19.69 -0.87
C GLU E 471 -52.02 20.92 -0.65
N ILE E 472 -52.52 21.84 0.16
CA ILE E 472 -51.84 23.12 0.32
C ILE E 472 -50.65 22.94 1.25
N TYR E 473 -49.50 23.45 0.81
CA TYR E 473 -48.25 23.31 1.57
C TYR E 473 -48.20 24.35 2.68
N GLN E 474 -47.88 23.90 3.90
CA GLN E 474 -47.80 24.78 5.07
C GLN E 474 -46.36 25.25 5.21
N ALA E 475 -46.03 26.34 4.52
CA ALA E 475 -44.67 26.86 4.57
C ALA E 475 -44.31 27.38 5.96
N GLY E 476 -45.24 28.05 6.64
CA GLY E 476 -44.95 28.59 7.95
C GLY E 476 -45.03 27.54 9.04
N SER E 477 -44.77 28.00 10.27
CA SER E 477 -44.81 27.13 11.45
C SER E 477 -46.15 27.20 12.17
N THR E 478 -47.23 27.49 11.43
CA THR E 478 -48.57 27.57 11.98
C THR E 478 -49.50 26.78 11.07
N PRO E 479 -50.62 26.25 11.58
CA PRO E 479 -51.50 25.46 10.73
C PRO E 479 -52.12 26.27 9.61
N CYS E 480 -52.36 25.61 8.48
CA CYS E 480 -53.05 26.19 7.34
C CYS E 480 -53.89 25.11 6.68
N ASN E 481 -55.16 25.42 6.40
CA ASN E 481 -56.08 24.45 5.85
C ASN E 481 -57.04 25.14 4.89
N GLY E 482 -57.34 24.44 3.79
CA GLY E 482 -58.43 24.83 2.92
C GLY E 482 -58.11 25.89 1.88
N VAL E 483 -57.20 26.82 2.21
CA VAL E 483 -56.91 27.95 1.33
C VAL E 483 -55.51 28.47 1.65
N GLU E 484 -54.96 29.24 0.72
CA GLU E 484 -53.62 29.79 0.88
C GLU E 484 -53.63 30.92 1.92
N GLY E 485 -53.33 30.58 3.16
CA GLY E 485 -53.27 31.55 4.24
C GLY E 485 -51.90 32.17 4.38
N PHE E 486 -51.63 32.70 5.57
CA PHE E 486 -50.34 33.31 5.86
C PHE E 486 -49.23 32.27 5.77
N ASN E 487 -48.22 32.57 4.95
CA ASN E 487 -47.09 31.67 4.74
C ASN E 487 -47.57 30.28 4.34
N CYS E 488 -48.44 30.26 3.33
CA CYS E 488 -49.14 29.04 2.92
C CYS E 488 -49.53 29.19 1.46
N TYR E 489 -49.11 28.25 0.62
CA TYR E 489 -49.25 28.38 -0.83
C TYR E 489 -49.76 27.08 -1.44
N PHE E 490 -50.44 27.23 -2.57
CA PHE E 490 -50.76 26.06 -3.40
C PHE E 490 -49.49 25.64 -4.14
N PRO E 491 -49.16 24.34 -4.19
CA PRO E 491 -47.80 23.94 -4.58
C PRO E 491 -47.50 24.05 -6.07
N LEU E 492 -48.48 24.33 -6.93
CA LEU E 492 -48.28 24.33 -8.38
C LEU E 492 -48.72 25.64 -9.00
N GLN E 493 -48.09 25.99 -10.11
CA GLN E 493 -48.55 27.07 -10.97
C GLN E 493 -48.00 26.84 -12.37
N SER E 494 -48.50 27.61 -13.32
CA SER E 494 -48.12 27.42 -14.72
C SER E 494 -46.79 28.10 -15.03
N TYR E 495 -46.13 27.61 -16.08
CA TYR E 495 -44.91 28.24 -16.56
C TYR E 495 -45.16 29.61 -17.14
N GLY E 496 -46.22 29.76 -17.94
CA GLY E 496 -46.44 30.99 -18.70
C GLY E 496 -45.53 31.07 -19.90
N PHE E 497 -45.71 30.15 -20.85
CA PHE E 497 -44.90 30.11 -22.06
C PHE E 497 -45.46 31.07 -23.11
N GLN E 498 -45.28 32.35 -22.84
CA GLN E 498 -45.59 33.36 -23.85
C GLN E 498 -44.47 33.37 -24.90
N PRO E 499 -44.80 33.62 -26.17
CA PRO E 499 -43.72 33.69 -27.18
C PRO E 499 -42.74 34.81 -26.94
N THR E 500 -43.11 35.84 -26.18
CA THR E 500 -42.21 36.95 -25.87
C THR E 500 -41.07 36.55 -24.95
N ASN E 501 -41.13 35.37 -24.34
CA ASN E 501 -40.06 34.93 -23.45
C ASN E 501 -38.74 34.83 -24.22
N GLY E 502 -37.67 35.30 -23.59
CA GLY E 502 -36.37 35.28 -24.22
C GLY E 502 -35.73 33.90 -24.18
N VAL E 503 -34.51 33.85 -24.72
CA VAL E 503 -33.76 32.60 -24.74
C VAL E 503 -33.48 32.17 -23.31
N GLY E 504 -33.64 30.88 -23.03
CA GLY E 504 -33.49 30.34 -21.70
C GLY E 504 -34.75 30.31 -20.87
N TYR E 505 -35.86 30.85 -21.39
CA TYR E 505 -37.15 30.80 -20.71
C TYR E 505 -38.27 30.27 -21.59
N GLN E 506 -38.09 30.23 -22.90
CA GLN E 506 -39.04 29.61 -23.79
C GLN E 506 -39.06 28.09 -23.57
N PRO E 507 -40.17 27.43 -23.87
CA PRO E 507 -40.32 26.02 -23.45
C PRO E 507 -39.29 25.11 -24.09
N TYR E 508 -38.85 24.12 -23.31
CA TYR E 508 -37.94 23.08 -23.75
C TYR E 508 -38.56 21.72 -23.50
N ARG E 509 -38.74 20.94 -24.55
CA ARG E 509 -39.20 19.57 -24.41
C ARG E 509 -38.02 18.67 -24.03
N VAL E 510 -38.24 17.83 -23.02
CA VAL E 510 -37.19 16.97 -22.46
C VAL E 510 -37.64 15.52 -22.57
N VAL E 511 -36.76 14.67 -23.10
CA VAL E 511 -36.96 13.23 -23.13
C VAL E 511 -35.71 12.58 -22.54
N VAL E 512 -35.89 11.81 -21.48
CA VAL E 512 -34.79 11.16 -20.77
C VAL E 512 -35.00 9.65 -20.84
N LEU E 513 -34.03 8.91 -21.37
CA LEU E 513 -34.11 7.43 -21.51
C LEU E 513 -33.30 6.87 -20.34
N SER E 514 -33.77 5.83 -19.64
CA SER E 514 -33.07 5.20 -18.51
C SER E 514 -32.89 3.74 -18.88
N PHE E 515 -31.74 3.12 -18.64
CA PHE E 515 -31.45 1.75 -19.12
C PHE E 515 -31.04 0.78 -18.01
N GLU E 516 -31.44 -0.50 -18.09
CA GLU E 516 -30.93 -1.57 -17.25
C GLU E 516 -30.35 -2.64 -18.16
N LEU E 517 -29.18 -3.18 -17.80
CA LEU E 517 -28.45 -4.07 -18.68
C LEU E 517 -28.01 -5.33 -17.95
N LEU E 518 -28.16 -6.47 -18.64
CA LEU E 518 -27.66 -7.77 -18.20
C LEU E 518 -28.27 -8.20 -16.86
N HIS E 519 -29.42 -7.65 -16.49
CA HIS E 519 -30.16 -8.12 -15.32
C HIS E 519 -31.21 -9.17 -15.68
N ALA E 520 -31.44 -9.41 -16.96
CA ALA E 520 -32.55 -10.24 -17.41
C ALA E 520 -32.37 -10.50 -18.90
N PRO E 521 -33.19 -11.38 -19.51
CA PRO E 521 -33.19 -11.57 -20.96
C PRO E 521 -33.21 -10.18 -21.56
N ALA E 522 -32.12 -9.77 -22.21
CA ALA E 522 -32.00 -8.41 -22.76
C ALA E 522 -33.04 -8.27 -23.86
N THR E 523 -33.85 -7.20 -23.85
CA THR E 523 -34.98 -7.02 -24.82
C THR E 523 -34.77 -5.85 -25.80
N VAL E 524 -34.34 -4.67 -25.37
CA VAL E 524 -34.22 -3.48 -26.27
C VAL E 524 -32.83 -3.54 -26.89
N CYS E 525 -32.58 -4.54 -27.72
CA CYS E 525 -31.25 -4.75 -28.33
C CYS E 525 -30.94 -3.72 -29.39
N GLY E 526 -29.69 -3.26 -29.51
CA GLY E 526 -29.26 -2.30 -30.52
C GLY E 526 -29.22 -2.95 -31.89
N PRO E 527 -29.01 -2.21 -33.00
CA PRO E 527 -29.11 -2.77 -34.34
C PRO E 527 -28.02 -3.73 -34.83
N LYS E 528 -26.92 -3.93 -34.10
CA LYS E 528 -25.77 -4.73 -34.60
C LYS E 528 -26.28 -6.09 -35.07
N LYS E 529 -25.82 -6.56 -36.24
CA LYS E 529 -26.34 -7.83 -36.85
C LYS E 529 -25.62 -9.03 -36.24
N SER E 530 -26.34 -10.14 -36.00
CA SER E 530 -25.68 -11.32 -35.49
C SER E 530 -24.87 -12.00 -36.58
N THR E 531 -23.70 -12.52 -36.20
CA THR E 531 -22.84 -13.26 -37.11
C THR E 531 -22.98 -14.75 -36.83
N ASN E 532 -22.23 -15.56 -37.58
CA ASN E 532 -22.24 -16.99 -37.36
C ASN E 532 -21.56 -17.33 -36.02
N LEU E 533 -21.68 -18.59 -35.62
CA LEU E 533 -21.11 -19.08 -34.37
C LEU E 533 -19.98 -20.05 -34.68
N VAL E 534 -18.81 -19.79 -34.12
CA VAL E 534 -17.62 -20.61 -34.30
C VAL E 534 -17.20 -21.16 -32.94
N LYS E 535 -16.70 -22.40 -32.96
CA LYS E 535 -16.38 -23.12 -31.74
C LYS E 535 -14.99 -23.73 -31.86
N ASN E 536 -14.24 -23.92 -30.74
CA ASN E 536 -12.92 -24.53 -30.63
C ASN E 536 -11.80 -23.68 -31.22
N LYS E 537 -12.05 -22.41 -31.49
CA LYS E 537 -11.03 -21.46 -31.94
C LYS E 537 -11.13 -20.19 -31.11
N CYS E 538 -9.99 -19.68 -30.65
CA CYS E 538 -9.99 -18.48 -29.83
C CYS E 538 -10.58 -17.33 -30.63
N VAL E 539 -11.54 -16.62 -30.04
CA VAL E 539 -12.36 -15.65 -30.75
C VAL E 539 -13.03 -14.74 -29.73
N ASN E 540 -13.11 -13.45 -30.07
CA ASN E 540 -13.77 -12.47 -29.22
C ASN E 540 -15.22 -12.35 -29.64
N PHE E 541 -16.12 -12.46 -28.66
CA PHE E 541 -17.53 -12.67 -28.90
C PHE E 541 -18.34 -11.54 -28.28
N ASN E 542 -19.65 -11.56 -28.55
CA ASN E 542 -20.56 -10.56 -28.00
C ASN E 542 -21.94 -11.21 -27.91
N PHE E 543 -22.29 -11.69 -26.72
CA PHE E 543 -23.58 -12.32 -26.45
C PHE E 543 -24.45 -11.32 -25.68
N ASN E 544 -25.39 -10.69 -26.37
CA ASN E 544 -26.32 -9.74 -25.77
C ASN E 544 -25.59 -8.60 -25.07
N GLY E 545 -24.46 -8.17 -25.63
CA GLY E 545 -23.65 -7.13 -25.04
C GLY E 545 -22.52 -7.64 -24.17
N LEU E 546 -22.58 -8.90 -23.73
CA LEU E 546 -21.51 -9.48 -22.93
C LEU E 546 -20.29 -9.72 -23.81
N THR E 547 -19.33 -8.79 -23.79
CA THR E 547 -18.14 -8.86 -24.61
C THR E 547 -17.04 -9.61 -23.87
N GLY E 548 -16.17 -10.27 -24.63
CA GLY E 548 -15.09 -11.01 -24.02
C GLY E 548 -14.23 -11.67 -25.07
N THR E 549 -13.31 -12.51 -24.60
CA THR E 549 -12.42 -13.26 -25.47
C THR E 549 -12.19 -14.64 -24.89
N GLY E 550 -12.19 -15.64 -25.76
CA GLY E 550 -11.98 -17.01 -25.33
C GLY E 550 -12.39 -17.97 -26.42
N VAL E 551 -12.31 -19.26 -26.09
CA VAL E 551 -12.66 -20.35 -26.99
C VAL E 551 -14.01 -20.90 -26.56
N LEU E 552 -14.96 -20.95 -27.49
CA LEU E 552 -16.28 -21.49 -27.21
C LEU E 552 -16.32 -22.98 -27.49
N THR E 553 -17.04 -23.71 -26.66
CA THR E 553 -17.12 -25.16 -26.76
C THR E 553 -18.52 -25.61 -26.34
N GLU E 554 -18.94 -26.75 -26.87
CA GLU E 554 -20.21 -27.33 -26.46
C GLU E 554 -20.17 -27.67 -24.98
N SER E 555 -21.21 -27.30 -24.25
CA SER E 555 -21.21 -27.41 -22.80
C SER E 555 -22.10 -28.56 -22.34
N ASN E 556 -21.61 -29.26 -21.31
CA ASN E 556 -22.40 -30.28 -20.62
C ASN E 556 -23.22 -29.70 -19.47
N LYS E 557 -23.16 -28.38 -19.26
CA LYS E 557 -23.90 -27.76 -18.16
C LYS E 557 -25.38 -27.73 -18.49
N LYS E 558 -26.22 -28.15 -17.53
CA LYS E 558 -27.66 -28.17 -17.69
C LYS E 558 -28.24 -26.88 -17.11
N PHE E 559 -28.21 -25.83 -17.91
CA PHE E 559 -28.85 -24.58 -17.53
C PHE E 559 -30.35 -24.78 -17.36
N LEU E 560 -30.90 -24.23 -16.29
CA LEU E 560 -32.34 -24.18 -16.16
C LEU E 560 -32.89 -23.17 -17.16
N PRO E 561 -34.18 -23.26 -17.49
CA PRO E 561 -34.72 -22.38 -18.55
C PRO E 561 -34.52 -20.90 -18.30
N PHE E 562 -34.56 -20.47 -17.04
CA PHE E 562 -34.46 -19.05 -16.72
C PHE E 562 -33.02 -18.56 -16.66
N GLN E 563 -32.03 -19.44 -16.73
CA GLN E 563 -30.64 -19.06 -16.59
C GLN E 563 -30.03 -18.72 -17.96
N GLN E 564 -29.33 -17.60 -18.03
CA GLN E 564 -28.72 -17.13 -19.27
C GLN E 564 -27.20 -17.15 -19.25
N PHE E 565 -26.58 -17.15 -18.08
CA PHE E 565 -25.14 -17.13 -17.95
C PHE E 565 -24.70 -18.17 -16.92
N GLY E 566 -23.40 -18.47 -16.94
CA GLY E 566 -22.81 -19.32 -15.94
C GLY E 566 -21.58 -18.65 -15.35
N ARG E 567 -21.19 -19.11 -14.16
CA ARG E 567 -20.06 -18.53 -13.45
C ARG E 567 -19.34 -19.59 -12.65
N ASP E 568 -18.05 -19.37 -12.44
CA ASP E 568 -17.16 -20.33 -11.79
C ASP E 568 -17.17 -20.06 -10.28
N ILE E 569 -16.43 -20.87 -9.52
CA ILE E 569 -16.26 -20.61 -8.10
C ILE E 569 -15.66 -19.23 -7.86
N ALA E 570 -14.86 -18.75 -8.80
CA ALA E 570 -14.29 -17.40 -8.72
C ALA E 570 -15.29 -16.32 -9.07
N ASP E 571 -16.52 -16.69 -9.46
CA ASP E 571 -17.54 -15.72 -9.90
C ASP E 571 -17.14 -15.04 -11.21
N THR E 572 -16.39 -15.77 -12.04
CA THR E 572 -16.05 -15.29 -13.38
C THR E 572 -16.88 -16.03 -14.41
N THR E 573 -17.36 -15.31 -15.41
CA THR E 573 -18.23 -15.92 -16.41
C THR E 573 -17.47 -16.99 -17.19
N ASP E 574 -18.06 -18.19 -17.25
CA ASP E 574 -17.45 -19.31 -17.95
C ASP E 574 -18.44 -20.12 -18.77
N ALA E 575 -19.69 -19.67 -18.90
CA ALA E 575 -20.66 -20.31 -19.77
C ALA E 575 -21.71 -19.29 -20.14
N VAL E 576 -22.31 -19.47 -21.30
CA VAL E 576 -23.30 -18.53 -21.81
C VAL E 576 -24.27 -19.28 -22.71
N ARG E 577 -25.56 -18.99 -22.54
CA ARG E 577 -26.60 -19.52 -23.41
C ARG E 577 -26.67 -18.65 -24.67
N ASP E 578 -26.43 -19.26 -25.82
CA ASP E 578 -26.45 -18.52 -27.08
C ASP E 578 -27.86 -17.99 -27.31
N PRO E 579 -28.07 -16.68 -27.44
CA PRO E 579 -29.45 -16.17 -27.56
C PRO E 579 -30.18 -16.64 -28.80
N GLN E 580 -29.47 -17.07 -29.84
CA GLN E 580 -30.14 -17.49 -31.06
C GLN E 580 -30.61 -18.94 -30.95
N THR E 581 -29.69 -19.88 -30.76
CA THR E 581 -30.01 -21.29 -30.72
C THR E 581 -30.32 -21.80 -29.31
N LEU E 582 -30.12 -20.98 -28.28
CA LEU E 582 -30.39 -21.33 -26.89
C LEU E 582 -29.56 -22.51 -26.41
N GLU E 583 -28.40 -22.78 -27.01
CA GLU E 583 -27.50 -23.79 -26.52
C GLU E 583 -26.48 -23.17 -25.56
N ILE E 584 -25.94 -24.00 -24.68
CA ILE E 584 -25.00 -23.56 -23.65
C ILE E 584 -23.59 -23.76 -24.19
N LEU E 585 -22.80 -22.70 -24.16
CA LEU E 585 -21.43 -22.70 -24.67
C LEU E 585 -20.47 -22.41 -23.54
N ASP E 586 -19.53 -23.32 -23.30
CA ASP E 586 -18.49 -23.07 -22.31
C ASP E 586 -17.46 -22.10 -22.86
N ILE E 587 -17.15 -21.07 -22.07
CA ILE E 587 -16.14 -20.09 -22.41
C ILE E 587 -14.89 -20.40 -21.61
N THR E 588 -13.82 -20.80 -22.29
CA THR E 588 -12.53 -21.06 -21.69
C THR E 588 -11.52 -20.05 -22.20
N PRO E 589 -10.70 -19.42 -21.36
CA PRO E 589 -9.73 -18.46 -21.89
C PRO E 589 -8.67 -19.17 -22.72
N CYS E 590 -8.54 -18.75 -23.97
CA CYS E 590 -7.60 -19.43 -24.86
C CYS E 590 -6.18 -19.25 -24.37
N SER E 591 -5.32 -20.18 -24.78
CA SER E 591 -4.09 -20.49 -24.04
C SER E 591 -3.18 -19.27 -23.90
N PHE E 592 -2.59 -19.14 -22.71
CA PHE E 592 -1.61 -18.11 -22.40
C PHE E 592 -0.52 -18.74 -21.54
N GLY E 593 0.57 -18.01 -21.38
CA GLY E 593 1.63 -18.48 -20.52
C GLY E 593 2.89 -17.67 -20.73
N GLY E 594 3.79 -17.77 -19.75
CA GLY E 594 5.05 -17.08 -19.85
C GLY E 594 5.99 -17.76 -20.85
N VAL E 595 6.94 -16.98 -21.33
CA VAL E 595 7.97 -17.47 -22.25
C VAL E 595 9.32 -17.31 -21.54
N SER E 596 10.07 -18.40 -21.43
CA SER E 596 11.36 -18.41 -20.78
C SER E 596 12.43 -18.79 -21.79
N VAL E 597 13.51 -18.00 -21.82
CA VAL E 597 14.60 -18.21 -22.75
C VAL E 597 15.75 -18.87 -22.00
N ILE E 598 16.07 -20.11 -22.37
CA ILE E 598 17.18 -20.84 -21.79
C ILE E 598 18.42 -20.53 -22.61
N THR E 599 19.39 -19.87 -21.98
CA THR E 599 20.60 -19.42 -22.65
C THR E 599 21.82 -19.79 -21.83
N PRO E 600 22.88 -20.31 -22.45
CA PRO E 600 24.19 -20.26 -21.79
C PRO E 600 24.73 -18.84 -21.83
N GLY E 601 25.88 -18.65 -21.19
CA GLY E 601 26.52 -17.35 -21.23
C GLY E 601 26.81 -16.91 -22.66
N THR E 602 26.47 -15.65 -22.95
CA THR E 602 26.72 -15.10 -24.30
C THR E 602 28.22 -15.36 -24.51
N ASN E 603 28.98 -15.46 -23.41
CA ASN E 603 30.42 -15.79 -23.51
C ASN E 603 30.57 -17.11 -24.27
N THR E 604 29.82 -18.14 -23.86
CA THR E 604 29.88 -19.46 -24.53
C THR E 604 29.22 -19.54 -25.90
N SER E 605 27.97 -19.10 -26.03
CA SER E 605 27.27 -19.25 -27.31
C SER E 605 26.05 -18.34 -27.32
N ASN E 606 25.69 -17.87 -28.52
CA ASN E 606 24.48 -17.09 -28.73
C ASN E 606 23.26 -17.96 -28.98
N GLN E 607 23.43 -19.28 -29.03
CA GLN E 607 22.29 -20.18 -29.22
C GLN E 607 21.46 -20.25 -27.94
N VAL E 608 20.14 -20.23 -28.11
CA VAL E 608 19.20 -20.27 -26.99
C VAL E 608 18.07 -21.22 -27.30
N ALA E 609 17.37 -21.64 -26.24
CA ALA E 609 16.15 -22.41 -26.34
C ALA E 609 15.03 -21.67 -25.62
N VAL E 610 13.80 -21.84 -26.11
CA VAL E 610 12.65 -21.10 -25.63
C VAL E 610 11.67 -22.07 -25.02
N LEU E 611 11.20 -21.76 -23.80
CA LEU E 611 10.24 -22.57 -23.08
C LEU E 611 8.95 -21.77 -22.93
N TYR E 612 7.86 -22.31 -23.46
CA TYR E 612 6.53 -21.71 -23.31
C TYR E 612 5.86 -22.38 -22.12
N GLN E 613 5.85 -21.70 -20.98
CA GLN E 613 5.49 -22.33 -19.72
C GLN E 613 4.03 -22.75 -19.71
N GLY E 614 3.80 -24.04 -19.43
CA GLY E 614 2.47 -24.61 -19.29
C GLY E 614 1.65 -24.47 -20.58
N VAL E 615 2.34 -24.38 -21.71
CA VAL E 615 1.63 -24.27 -23.02
C VAL E 615 1.85 -25.53 -23.82
N ASN E 616 0.82 -26.04 -24.51
CA ASN E 616 0.91 -27.27 -25.34
C ASN E 616 1.52 -26.92 -26.69
N CYS E 617 2.34 -27.77 -27.27
CA CYS E 617 3.07 -27.52 -28.56
C CYS E 617 2.08 -27.31 -29.71
N THR E 618 0.94 -28.00 -29.72
CA THR E 618 -0.05 -27.97 -30.83
C THR E 618 -0.54 -26.56 -31.21
N GLU E 619 -0.38 -25.53 -30.36
CA GLU E 619 -0.94 -24.17 -30.61
C GLU E 619 0.06 -23.02 -30.41
N VAL E 620 1.31 -23.31 -30.09
CA VAL E 620 2.33 -22.22 -30.00
C VAL E 620 2.61 -21.52 -31.34
N PRO E 621 2.72 -22.19 -32.51
CA PRO E 621 3.07 -21.47 -33.74
C PRO E 621 1.98 -20.51 -34.20
N VAL E 622 0.80 -20.54 -33.56
CA VAL E 622 -0.25 -19.55 -33.88
C VAL E 622 0.29 -18.14 -33.55
N ALA E 623 1.15 -18.02 -32.54
CA ALA E 623 1.71 -16.72 -32.17
C ALA E 623 2.96 -16.40 -32.99
N ILE E 624 3.97 -17.25 -32.92
CA ILE E 624 5.21 -17.05 -33.67
C ILE E 624 4.99 -17.42 -35.13
N ASN E 641 13.83 -28.17 -33.05
CA ASN E 641 13.44 -29.25 -32.14
C ASN E 641 12.25 -28.83 -31.30
N VAL E 642 11.37 -29.79 -31.01
CA VAL E 642 10.23 -29.58 -30.13
C VAL E 642 10.15 -30.77 -29.18
N PHE E 643 9.93 -30.48 -27.90
CA PHE E 643 9.95 -31.49 -26.85
C PHE E 643 8.94 -31.08 -25.80
N GLN E 644 7.98 -31.96 -25.50
CA GLN E 644 6.89 -31.64 -24.58
C GLN E 644 7.33 -31.98 -23.16
N THR E 645 7.81 -30.97 -22.44
CA THR E 645 8.10 -31.06 -21.02
C THR E 645 6.83 -30.80 -20.22
N ARG E 646 6.79 -31.34 -19.00
CA ARG E 646 5.63 -31.11 -18.13
C ARG E 646 5.45 -29.64 -17.80
N ALA E 647 6.54 -28.86 -17.81
CA ALA E 647 6.43 -27.43 -17.54
C ALA E 647 6.04 -26.63 -18.77
N GLY E 648 5.94 -27.24 -19.96
CA GLY E 648 5.63 -26.53 -21.21
C GLY E 648 6.45 -27.06 -22.36
N CYS E 649 6.45 -26.40 -23.52
CA CYS E 649 7.14 -26.91 -24.73
C CYS E 649 8.54 -26.32 -24.85
N LEU E 650 9.58 -27.15 -24.75
CA LEU E 650 10.98 -26.70 -24.84
C LEU E 650 11.39 -26.75 -26.31
N ILE E 651 11.45 -25.59 -26.99
CA ILE E 651 11.78 -25.47 -28.40
C ILE E 651 13.23 -25.01 -28.53
N GLY E 652 13.95 -25.65 -29.44
CA GLY E 652 15.34 -25.33 -29.70
C GLY E 652 16.34 -26.18 -28.95
N ALA E 653 15.89 -27.08 -28.07
CA ALA E 653 16.76 -27.96 -27.31
C ALA E 653 16.42 -29.42 -27.63
N GLU E 654 17.41 -30.20 -28.00
CA GLU E 654 17.21 -31.59 -28.34
C GLU E 654 17.16 -32.44 -27.06
N HIS E 655 16.25 -33.41 -27.03
CA HIS E 655 16.14 -34.29 -25.87
C HIS E 655 17.15 -35.42 -25.99
N VAL E 656 17.90 -35.65 -24.91
CA VAL E 656 18.91 -36.70 -24.85
C VAL E 656 18.55 -37.64 -23.70
N ASN E 657 18.66 -38.94 -23.95
CA ASN E 657 18.28 -39.94 -22.96
C ASN E 657 19.26 -40.04 -21.81
N ASN E 658 20.51 -39.62 -22.01
CA ASN E 658 21.49 -39.64 -20.93
C ASN E 658 21.12 -38.62 -19.86
N SER E 659 21.29 -39.00 -18.60
CA SER E 659 20.94 -38.14 -17.46
C SER E 659 22.21 -37.59 -16.84
N TYR E 660 22.40 -36.27 -16.95
CA TYR E 660 23.50 -35.58 -16.31
C TYR E 660 23.00 -34.77 -15.12
N GLU E 661 23.93 -34.21 -14.36
CA GLU E 661 23.56 -33.33 -13.26
C GLU E 661 22.98 -32.03 -13.81
N CYS E 662 22.07 -31.44 -13.03
CA CYS E 662 21.33 -30.27 -13.49
C CYS E 662 22.27 -29.09 -13.72
N ASP E 663 22.05 -28.40 -14.84
CA ASP E 663 22.81 -27.22 -15.21
C ASP E 663 21.90 -26.00 -15.26
N ILE E 664 20.83 -26.09 -16.03
CA ILE E 664 19.81 -25.05 -16.14
C ILE E 664 18.46 -25.70 -15.84
N PRO E 665 17.84 -25.46 -14.68
CA PRO E 665 16.63 -26.21 -14.34
C PRO E 665 15.43 -25.72 -15.13
N ILE E 666 14.82 -26.62 -15.90
CA ILE E 666 13.58 -26.31 -16.58
C ILE E 666 12.40 -26.46 -15.64
N GLY E 667 12.31 -27.59 -14.94
CA GLY E 667 11.22 -27.87 -14.03
C GLY E 667 10.69 -29.28 -14.20
N ALA E 668 10.06 -29.81 -13.16
CA ALA E 668 9.48 -31.15 -13.18
C ALA E 668 10.55 -32.21 -13.48
N GLY E 669 11.75 -32.01 -12.94
CA GLY E 669 12.82 -32.95 -13.09
C GLY E 669 13.65 -32.81 -14.35
N ILE E 670 13.29 -31.90 -15.24
CA ILE E 670 14.00 -31.69 -16.49
C ILE E 670 14.96 -30.52 -16.34
N CYS E 671 16.18 -30.68 -16.84
CA CYS E 671 17.18 -29.64 -16.87
C CYS E 671 17.79 -29.58 -18.26
N ALA E 672 18.35 -28.41 -18.59
CA ALA E 672 18.96 -28.18 -19.88
C ALA E 672 20.42 -27.78 -19.69
N SER E 673 21.22 -28.03 -20.72
CA SER E 673 22.65 -27.74 -20.65
C SER E 673 23.20 -27.62 -22.06
N TYR E 674 24.40 -27.05 -22.15
CA TYR E 674 25.12 -26.87 -23.41
C TYR E 674 26.21 -27.92 -23.50
N GLN E 675 26.08 -28.83 -24.46
CA GLN E 675 26.98 -29.96 -24.60
C GLN E 675 27.29 -30.19 -26.08
N THR E 676 28.32 -31.00 -26.33
CA THR E 676 28.73 -31.36 -27.68
C THR E 676 28.88 -32.86 -27.82
N SER E 689 28.00 -29.28 -34.07
CA SER E 689 28.21 -30.45 -33.23
C SER E 689 28.00 -30.14 -31.74
N GLN E 690 27.64 -28.90 -31.43
CA GLN E 690 27.42 -28.48 -30.05
C GLN E 690 26.14 -27.67 -29.99
N SER E 691 25.24 -28.06 -29.08
CA SER E 691 23.89 -27.51 -29.06
C SER E 691 23.32 -27.62 -27.65
N ILE E 692 22.13 -27.05 -27.47
CA ILE E 692 21.43 -27.09 -26.19
C ILE E 692 20.73 -28.43 -26.08
N ILE E 693 21.00 -29.15 -24.99
CA ILE E 693 20.37 -30.43 -24.73
C ILE E 693 19.39 -30.29 -23.58
N ALA E 694 18.42 -31.20 -23.52
CA ALA E 694 17.46 -31.29 -22.43
C ALA E 694 17.37 -32.74 -21.98
N TYR E 695 17.33 -32.95 -20.66
CA TYR E 695 17.40 -34.29 -20.11
C TYR E 695 16.75 -34.31 -18.73
N THR E 696 16.51 -35.52 -18.23
CA THR E 696 16.07 -35.70 -16.86
C THR E 696 17.29 -35.71 -15.95
N MET E 697 17.31 -34.82 -14.97
CA MET E 697 18.51 -34.63 -14.16
C MET E 697 18.83 -35.88 -13.35
N SER E 698 20.12 -36.17 -13.23
CA SER E 698 20.60 -37.28 -12.42
C SER E 698 20.89 -36.81 -11.01
N LEU E 699 20.35 -37.53 -10.03
CA LEU E 699 20.48 -37.14 -8.63
C LEU E 699 21.88 -37.41 -8.08
N GLY E 700 22.58 -38.40 -8.59
CA GLY E 700 23.92 -38.68 -8.13
C GLY E 700 24.40 -40.02 -8.64
N ALA E 701 25.70 -40.26 -8.45
CA ALA E 701 26.28 -41.53 -8.84
C ALA E 701 25.66 -42.66 -8.04
N GLU E 702 25.28 -43.73 -8.73
CA GLU E 702 24.63 -44.87 -8.11
C GLU E 702 25.68 -45.64 -7.30
N ASN E 703 25.31 -46.04 -6.09
CA ASN E 703 26.24 -46.67 -5.16
C ASN E 703 25.51 -47.78 -4.41
N SER E 704 25.99 -49.01 -4.55
CA SER E 704 25.52 -50.13 -3.76
C SER E 704 26.55 -50.42 -2.67
N VAL E 705 26.34 -49.88 -1.48
CA VAL E 705 27.29 -50.07 -0.38
C VAL E 705 27.32 -51.54 0.00
N ALA E 706 28.52 -52.08 0.17
CA ALA E 706 28.71 -53.50 0.43
C ALA E 706 28.39 -53.90 1.86
N TYR E 707 27.14 -53.71 2.28
CA TYR E 707 26.75 -54.06 3.64
C TYR E 707 26.79 -55.57 3.86
N SER E 708 27.26 -55.97 5.04
CA SER E 708 27.20 -57.35 5.47
C SER E 708 27.16 -57.35 6.99
N ASN E 709 26.63 -58.43 7.57
CA ASN E 709 26.42 -58.46 9.01
C ASN E 709 27.70 -58.69 9.79
N ASN E 710 28.82 -59.00 9.12
CA ASN E 710 30.11 -59.11 9.81
C ASN E 710 31.24 -58.47 9.01
N SER E 711 30.98 -57.35 8.34
CA SER E 711 32.00 -56.63 7.58
C SER E 711 31.97 -55.16 7.96
N ILE E 712 33.14 -54.60 8.23
CA ILE E 712 33.30 -53.20 8.58
C ILE E 712 34.44 -52.62 7.75
N ALA E 713 34.25 -51.39 7.27
CA ALA E 713 35.27 -50.66 6.53
C ALA E 713 35.83 -49.56 7.41
N ILE E 714 37.14 -49.61 7.66
CA ILE E 714 37.82 -48.67 8.54
C ILE E 714 38.82 -47.88 7.70
N PRO E 715 38.80 -46.55 7.73
CA PRO E 715 39.78 -45.80 6.93
C PRO E 715 41.20 -46.05 7.41
N THR E 716 42.14 -46.13 6.47
CA THR E 716 43.56 -46.40 6.83
C THR E 716 44.37 -45.12 6.71
N ASN E 717 43.73 -44.03 6.26
CA ASN E 717 44.43 -42.74 6.05
C ASN E 717 43.38 -41.63 6.09
N PHE E 718 43.80 -40.38 5.92
CA PHE E 718 42.83 -39.26 6.07
C PHE E 718 43.13 -38.13 5.09
N THR E 719 42.30 -37.08 5.14
CA THR E 719 42.49 -35.89 4.34
C THR E 719 42.01 -34.68 5.12
N ILE E 720 42.80 -33.61 5.11
CA ILE E 720 42.43 -32.37 5.75
C ILE E 720 41.90 -31.43 4.68
N SER E 721 40.61 -31.10 4.76
CA SER E 721 39.94 -30.29 3.76
C SER E 721 39.48 -28.98 4.37
N VAL E 722 39.80 -27.89 3.68
CA VAL E 722 39.42 -26.54 4.10
C VAL E 722 38.32 -26.04 3.18
N THR E 723 37.07 -26.14 3.63
CA THR E 723 35.94 -25.71 2.81
C THR E 723 35.50 -24.31 3.22
N THR E 724 35.54 -23.38 2.28
CA THR E 724 35.15 -22.00 2.57
C THR E 724 33.63 -21.88 2.56
N GLU E 725 33.09 -21.13 3.53
CA GLU E 725 31.67 -20.85 3.62
C GLU E 725 31.48 -19.34 3.73
N ILE E 726 30.54 -18.82 2.94
CA ILE E 726 30.31 -17.38 2.81
C ILE E 726 28.90 -17.07 3.28
N LEU E 727 28.77 -16.09 4.17
CA LEU E 727 27.49 -15.71 4.75
C LEU E 727 27.35 -14.19 4.73
N PRO E 728 26.24 -13.63 4.24
CA PRO E 728 26.00 -12.20 4.46
C PRO E 728 25.78 -11.90 5.93
N VAL E 729 26.16 -10.69 6.33
CA VAL E 729 26.04 -10.24 7.72
C VAL E 729 25.21 -8.98 7.78
N SER E 730 25.50 -8.02 6.91
CA SER E 730 24.82 -6.73 6.93
C SER E 730 24.56 -6.28 5.49
N MET E 731 23.83 -5.18 5.37
CA MET E 731 23.57 -4.56 4.08
C MET E 731 23.70 -3.05 4.22
N THR E 732 23.58 -2.35 3.10
CA THR E 732 23.83 -0.91 3.09
C THR E 732 22.79 -0.19 3.94
N LYS E 733 23.23 0.88 4.61
CA LYS E 733 22.38 1.63 5.53
C LYS E 733 21.76 2.83 4.78
N THR E 734 20.83 2.51 3.89
CA THR E 734 20.13 3.55 3.16
C THR E 734 19.14 4.27 4.08
N SER E 735 18.92 5.55 3.79
CA SER E 735 17.93 6.34 4.50
C SER E 735 17.50 7.47 3.59
N VAL E 736 16.18 7.61 3.41
CA VAL E 736 15.61 8.53 2.44
C VAL E 736 14.66 9.47 3.16
N ASP E 737 14.72 10.75 2.81
CA ASP E 737 13.79 11.75 3.32
C ASP E 737 12.47 11.61 2.58
N CYS E 738 11.41 11.25 3.30
CA CYS E 738 10.12 11.06 2.66
C CYS E 738 9.60 12.35 2.06
N THR E 739 9.77 13.48 2.76
CA THR E 739 9.27 14.75 2.27
C THR E 739 10.00 15.17 0.99
N MET E 740 11.32 15.01 0.97
CA MET E 740 12.09 15.47 -0.19
C MET E 740 11.96 14.50 -1.36
N TYR E 741 11.89 13.19 -1.10
CA TYR E 741 11.72 12.24 -2.19
C TYR E 741 10.40 12.46 -2.90
N ILE E 742 9.30 12.55 -2.14
CA ILE E 742 7.99 12.71 -2.76
C ILE E 742 7.92 14.02 -3.52
N CYS E 743 8.38 15.11 -2.91
CA CYS E 743 8.49 16.38 -3.64
C CYS E 743 9.49 17.27 -2.91
N GLY E 744 10.66 17.45 -3.51
CA GLY E 744 11.67 18.29 -2.89
C GLY E 744 11.53 19.75 -3.29
N ASP E 745 12.05 20.61 -2.41
CA ASP E 745 12.07 22.07 -2.59
C ASP E 745 10.76 22.60 -3.18
N SER E 746 9.65 22.16 -2.60
CA SER E 746 8.33 22.66 -3.01
C SER E 746 7.46 22.74 -1.76
N THR E 747 7.32 23.95 -1.23
CA THR E 747 6.52 24.13 -0.01
C THR E 747 5.11 24.01 -0.56
N GLU E 748 4.89 24.25 -1.86
CA GLU E 748 3.54 24.06 -2.47
C GLU E 748 3.08 22.63 -2.19
N CYS E 749 3.81 21.62 -2.65
CA CYS E 749 3.46 20.18 -2.49
C CYS E 749 3.55 19.71 -1.04
N SER E 750 4.47 20.22 -0.22
CA SER E 750 4.68 19.78 1.18
C SER E 750 3.38 19.88 2.00
N ASN E 751 2.63 20.99 1.92
CA ASN E 751 1.36 21.20 2.60
C ASN E 751 0.34 20.15 2.22
N LEU E 752 0.37 19.68 0.97
CA LEU E 752 -0.51 18.58 0.56
C LEU E 752 -0.07 17.28 1.21
N LEU E 753 1.23 17.08 1.40
CA LEU E 753 1.72 15.84 1.98
C LEU E 753 1.39 15.74 3.46
N LEU E 754 1.22 16.87 4.14
CA LEU E 754 0.83 16.85 5.55
C LEU E 754 -0.57 16.32 5.75
N GLN E 755 -1.41 16.34 4.70
CA GLN E 755 -2.75 15.78 4.82
C GLN E 755 -2.74 14.28 5.06
N TYR E 756 -1.65 13.59 4.68
CA TYR E 756 -1.56 12.15 4.85
C TYR E 756 -1.07 11.74 6.23
N GLY E 757 -0.80 12.68 7.12
CA GLY E 757 -0.49 12.33 8.49
C GLY E 757 0.98 11.97 8.67
N SER E 758 1.22 10.90 9.41
CA SER E 758 2.57 10.51 9.80
C SER E 758 3.15 9.39 8.94
N PHE E 759 2.71 9.25 7.68
CA PHE E 759 3.27 8.22 6.83
C PHE E 759 4.77 8.44 6.62
N CYS E 760 5.19 9.69 6.50
CA CYS E 760 6.61 9.98 6.33
C CYS E 760 7.40 9.63 7.59
N THR E 761 6.82 9.88 8.77
CA THR E 761 7.52 9.53 10.01
C THR E 761 7.68 8.03 10.15
N GLN E 762 6.67 7.26 9.75
CA GLN E 762 6.79 5.80 9.79
C GLN E 762 7.88 5.30 8.87
N LEU E 763 7.95 5.85 7.65
CA LEU E 763 8.94 5.40 6.69
C LEU E 763 10.36 5.75 7.15
N ASN E 764 10.54 6.97 7.66
CA ASN E 764 11.84 7.35 8.21
C ASN E 764 12.20 6.50 9.42
N ARG E 765 11.21 6.27 10.30
CA ARG E 765 11.45 5.44 11.48
C ARG E 765 11.76 4.00 11.08
N ALA E 766 11.05 3.47 10.09
CA ALA E 766 11.25 2.09 9.68
C ALA E 766 12.65 1.90 9.10
N LEU E 767 13.10 2.84 8.27
CA LEU E 767 14.42 2.72 7.67
C LEU E 767 15.53 2.96 8.69
N THR E 768 15.27 3.79 9.71
CA THR E 768 16.25 3.98 10.76
C THR E 768 16.43 2.71 11.59
N GLY E 769 15.33 2.00 11.84
CA GLY E 769 15.43 0.73 12.55
C GLY E 769 16.24 -0.29 11.77
N ILE E 770 16.09 -0.32 10.44
CA ILE E 770 16.90 -1.20 9.62
C ILE E 770 18.37 -0.81 9.70
N ALA E 771 18.65 0.49 9.61
CA ALA E 771 20.03 0.96 9.61
C ALA E 771 20.74 0.61 10.91
N VAL E 772 20.08 0.84 12.05
CA VAL E 772 20.68 0.49 13.33
C VAL E 772 20.90 -1.00 13.42
N GLU E 773 19.99 -1.79 12.83
CA GLU E 773 20.11 -3.24 12.90
C GLU E 773 21.37 -3.74 12.20
N GLN E 774 21.79 -3.08 11.11
CA GLN E 774 22.97 -3.54 10.40
C GLN E 774 24.22 -3.42 11.26
N ASP E 775 24.32 -2.35 12.06
CA ASP E 775 25.44 -2.23 12.98
C ASP E 775 25.34 -3.27 14.09
N LYS E 776 24.11 -3.65 14.46
CA LYS E 776 23.93 -4.72 15.43
C LYS E 776 24.39 -6.06 14.86
N ASN E 777 24.11 -6.29 13.57
CA ASN E 777 24.53 -7.54 12.94
C ASN E 777 26.04 -7.68 12.92
N THR E 778 26.73 -6.62 12.48
CA THR E 778 28.19 -6.69 12.39
C THR E 778 28.82 -6.79 13.77
N GLN E 779 28.19 -6.19 14.79
CA GLN E 779 28.74 -6.23 16.13
C GLN E 779 28.76 -7.66 16.67
N GLU E 780 27.62 -8.35 16.61
CA GLU E 780 27.51 -9.67 17.21
C GLU E 780 28.36 -10.71 16.47
N VAL E 781 28.47 -10.60 15.15
CA VAL E 781 29.23 -11.60 14.39
C VAL E 781 30.72 -11.47 14.69
N PHE E 782 31.24 -10.24 14.66
CA PHE E 782 32.68 -10.02 14.74
C PHE E 782 33.16 -9.68 16.15
N ALA E 783 32.42 -8.84 16.89
CA ALA E 783 32.86 -8.40 18.21
C ALA E 783 32.61 -9.45 19.29
N GLN E 784 33.15 -10.65 19.10
CA GLN E 784 33.04 -11.72 20.09
C GLN E 784 34.30 -11.87 20.92
N VAL E 785 35.27 -10.97 20.79
CA VAL E 785 36.53 -11.02 21.52
C VAL E 785 36.60 -9.82 22.46
N LYS E 786 36.83 -10.09 23.74
CA LYS E 786 36.94 -9.02 24.71
C LYS E 786 38.25 -8.25 24.56
N GLN E 787 39.28 -8.89 23.99
CA GLN E 787 40.59 -8.27 23.79
C GLN E 787 41.09 -8.54 22.39
N ILE E 788 41.97 -7.67 21.91
CA ILE E 788 42.54 -7.78 20.56
C ILE E 788 43.83 -8.58 20.70
N TYR E 789 43.75 -9.88 20.42
CA TYR E 789 44.91 -10.74 20.52
C TYR E 789 45.84 -10.54 19.33
N LYS E 790 47.13 -10.70 19.57
CA LYS E 790 48.16 -10.56 18.53
C LYS E 790 48.93 -11.87 18.37
N THR E 791 49.13 -12.25 17.12
CA THR E 791 49.99 -13.39 16.82
C THR E 791 51.43 -13.05 17.20
N PRO E 792 52.22 -14.03 17.65
CA PRO E 792 53.60 -13.73 18.04
C PRO E 792 54.44 -13.33 16.83
N PRO E 793 55.58 -12.67 17.06
CA PRO E 793 56.42 -12.25 15.91
C PRO E 793 56.95 -13.41 15.09
N ILE E 794 57.08 -14.60 15.66
CA ILE E 794 57.58 -15.78 14.97
C ILE E 794 56.46 -16.81 14.90
N LYS E 795 56.50 -17.63 13.84
CA LYS E 795 55.35 -18.47 13.48
C LYS E 795 55.67 -19.95 13.62
N ASP E 796 56.28 -20.35 14.74
CA ASP E 796 56.57 -21.76 15.00
C ASP E 796 55.29 -22.48 15.43
N PHE E 797 54.39 -22.66 14.47
CA PHE E 797 53.12 -23.32 14.68
C PHE E 797 53.15 -24.80 14.29
N GLY E 798 54.30 -25.45 14.38
CA GLY E 798 54.37 -26.86 14.10
C GLY E 798 54.27 -27.22 12.64
N GLY E 799 54.58 -26.30 11.74
CA GLY E 799 54.55 -26.55 10.32
C GLY E 799 53.33 -25.97 9.60
N PHE E 800 52.31 -25.61 10.37
CA PHE E 800 51.07 -25.04 9.77
C PHE E 800 51.35 -23.60 9.35
N ASN E 801 51.11 -23.29 8.07
CA ASN E 801 51.43 -21.93 7.55
C ASN E 801 50.12 -21.13 7.49
N PHE E 802 50.09 -19.98 8.17
CA PHE E 802 48.85 -19.16 8.22
C PHE E 802 49.10 -17.81 7.58
N SER E 803 50.19 -17.67 6.82
CA SER E 803 50.49 -16.40 6.20
C SER E 803 49.38 -15.95 5.26
N GLN E 804 48.68 -16.90 4.64
CA GLN E 804 47.60 -16.56 3.72
C GLN E 804 46.38 -15.99 4.44
N ILE E 805 46.26 -16.21 5.75
CA ILE E 805 45.09 -15.76 6.50
C ILE E 805 45.42 -14.75 7.59
N LEU E 806 46.66 -14.70 8.08
CA LEU E 806 47.02 -13.69 9.05
C LEU E 806 47.35 -12.37 8.35
N PRO E 807 47.09 -11.23 8.99
CA PRO E 807 47.35 -9.94 8.32
C PRO E 807 48.85 -9.66 8.21
N ASP E 808 49.19 -8.89 7.18
CA ASP E 808 50.56 -8.43 6.96
C ASP E 808 50.61 -6.90 7.13
N PRO E 809 51.46 -6.35 8.01
CA PRO E 809 51.46 -4.89 8.18
C PRO E 809 51.84 -4.11 6.93
N SER E 810 52.50 -4.74 5.95
CA SER E 810 53.01 -4.01 4.80
C SER E 810 51.90 -3.34 3.99
N LYS E 811 50.68 -3.87 4.02
CA LYS E 811 49.59 -3.24 3.29
C LYS E 811 49.14 -1.96 3.99
N PRO E 812 48.59 -0.99 3.25
CA PRO E 812 48.00 0.18 3.94
C PRO E 812 46.87 -0.18 4.86
N SER E 813 46.05 -1.17 4.49
CA SER E 813 45.02 -1.73 5.35
C SER E 813 45.46 -3.14 5.76
N LYS E 814 45.34 -3.44 7.05
CA LYS E 814 45.88 -4.69 7.58
C LYS E 814 44.91 -5.84 7.32
N ARG E 815 44.69 -6.14 6.05
CA ARG E 815 43.89 -7.29 5.66
C ARG E 815 44.81 -8.42 5.19
N SER E 816 44.40 -9.65 5.49
CA SER E 816 45.18 -10.80 5.07
C SER E 816 45.15 -10.96 3.55
N PHE E 817 45.96 -11.89 3.05
CA PHE E 817 46.02 -12.10 1.61
C PHE E 817 44.69 -12.62 1.08
N ILE E 818 44.06 -13.55 1.79
CA ILE E 818 42.76 -14.05 1.35
C ILE E 818 41.68 -13.02 1.60
N GLU E 819 41.86 -12.16 2.59
CA GLU E 819 40.84 -11.16 2.90
C GLU E 819 40.70 -10.15 1.76
N ASP E 820 41.82 -9.63 1.24
CA ASP E 820 41.72 -8.59 0.23
C ASP E 820 41.36 -9.17 -1.13
N LEU E 821 41.56 -10.47 -1.34
CA LEU E 821 40.99 -11.12 -2.51
C LEU E 821 39.47 -11.07 -2.47
N LEU E 822 38.89 -11.31 -1.30
CA LEU E 822 37.44 -11.24 -1.15
C LEU E 822 36.94 -9.81 -1.37
N PHE E 823 37.68 -8.83 -0.87
CA PHE E 823 37.26 -7.43 -1.02
C PHE E 823 37.36 -6.97 -2.48
N ASN E 824 38.26 -7.57 -3.26
CA ASN E 824 38.42 -7.19 -4.66
C ASN E 824 37.44 -7.90 -5.58
N LYS E 825 36.72 -8.91 -5.10
CA LYS E 825 35.81 -9.68 -5.95
C LYS E 825 34.38 -9.19 -5.89
N VAL E 826 33.96 -8.57 -4.79
CA VAL E 826 32.61 -8.07 -4.67
C VAL E 826 32.53 -6.68 -5.27
N LYS E 854 21.52 11.21 -6.14
CA LYS E 854 21.72 12.19 -5.07
C LYS E 854 20.62 13.25 -5.10
N PHE E 855 20.05 13.49 -6.29
CA PHE E 855 19.01 14.51 -6.42
C PHE E 855 17.77 14.19 -5.59
N ASN E 856 17.53 12.91 -5.29
CA ASN E 856 16.20 12.44 -4.90
C ASN E 856 16.03 12.26 -3.40
N GLY E 857 16.83 12.94 -2.58
CA GLY E 857 16.61 12.89 -1.15
C GLY E 857 16.94 11.58 -0.48
N LEU E 858 17.88 10.82 -1.04
CA LEU E 858 18.30 9.54 -0.48
C LEU E 858 19.78 9.60 -0.12
N THR E 859 20.12 8.98 1.01
CA THR E 859 21.48 8.99 1.52
C THR E 859 21.88 7.59 1.96
N VAL E 860 23.16 7.27 1.80
CA VAL E 860 23.72 5.99 2.24
C VAL E 860 24.60 6.29 3.45
N LEU E 861 24.17 5.84 4.62
CA LEU E 861 24.91 6.09 5.84
C LEU E 861 26.13 5.18 5.93
N PRO E 862 27.17 5.58 6.65
CA PRO E 862 28.37 4.75 6.74
C PRO E 862 28.24 3.73 7.85
N PRO E 863 28.90 2.56 7.75
CA PRO E 863 28.86 1.61 8.86
C PRO E 863 29.58 2.16 10.09
N LEU E 864 29.12 1.73 11.26
CA LEU E 864 29.79 2.11 12.49
C LEU E 864 31.22 1.55 12.54
N LEU E 865 31.38 0.28 12.19
CA LEU E 865 32.69 -0.35 12.13
C LEU E 865 33.24 -0.26 10.73
N THR E 866 34.34 0.46 10.55
CA THR E 866 34.98 0.53 9.25
C THR E 866 35.61 -0.83 8.91
N ASP E 867 35.93 -1.01 7.62
CA ASP E 867 36.52 -2.27 7.18
C ASP E 867 37.86 -2.51 7.85
N GLU E 868 38.53 -1.46 8.32
CA GLU E 868 39.79 -1.65 9.05
C GLU E 868 39.53 -2.15 10.46
N MET E 869 38.39 -1.79 11.06
CA MET E 869 38.05 -2.28 12.39
C MET E 869 37.56 -3.71 12.35
N ILE E 870 36.79 -4.07 11.32
CA ILE E 870 36.34 -5.45 11.18
C ILE E 870 37.54 -6.36 10.89
N ALA E 871 38.51 -5.87 10.12
CA ALA E 871 39.71 -6.65 9.86
C ALA E 871 40.55 -6.83 11.12
N GLN E 872 40.44 -5.89 12.06
CA GLN E 872 41.12 -6.06 13.35
C GLN E 872 40.46 -7.15 14.17
N TYR E 873 39.13 -7.23 14.11
CA TYR E 873 38.41 -8.24 14.88
C TYR E 873 38.73 -9.64 14.39
N THR E 874 38.75 -9.83 13.06
CA THR E 874 39.05 -11.15 12.52
C THR E 874 40.48 -11.56 12.83
N SER E 875 41.42 -10.62 12.76
CA SER E 875 42.80 -10.95 13.11
C SER E 875 42.93 -11.24 14.60
N ALA E 876 42.10 -10.61 15.43
CA ALA E 876 42.09 -10.95 16.85
C ALA E 876 41.53 -12.35 17.07
N LEU E 877 40.50 -12.73 16.30
CA LEU E 877 39.96 -14.08 16.40
C LEU E 877 40.95 -15.10 15.89
N LEU E 878 41.67 -14.78 14.81
CA LEU E 878 42.69 -15.68 14.29
C LEU E 878 43.83 -15.86 15.28
N ALA E 879 44.34 -14.75 15.83
CA ALA E 879 45.45 -14.83 16.76
C ALA E 879 45.07 -15.58 18.02
N GLY E 880 43.85 -15.38 18.51
CA GLY E 880 43.40 -16.12 19.67
C GLY E 880 43.25 -17.60 19.38
N THR E 881 42.65 -17.93 18.23
CA THR E 881 42.44 -19.33 17.87
C THR E 881 43.76 -20.04 17.64
N ILE E 882 44.68 -19.40 16.92
CA ILE E 882 45.94 -20.05 16.57
C ILE E 882 46.78 -20.28 17.82
N THR E 883 46.85 -19.29 18.70
CA THR E 883 47.71 -19.37 19.88
C THR E 883 47.05 -20.03 21.08
N SER E 884 45.72 -19.99 21.18
CA SER E 884 45.02 -20.54 22.33
C SER E 884 43.88 -21.48 21.96
N GLY E 885 43.25 -21.31 20.80
CA GLY E 885 42.26 -22.29 20.36
C GLY E 885 40.89 -22.00 20.97
N TRP E 886 40.45 -22.90 21.85
CA TRP E 886 39.09 -22.83 22.39
C TRP E 886 39.03 -22.02 23.67
N THR E 887 40.17 -21.78 24.32
CA THR E 887 40.16 -21.23 25.67
C THR E 887 39.81 -19.75 25.69
N PHE E 888 40.20 -19.00 24.66
CA PHE E 888 39.94 -17.57 24.67
C PHE E 888 38.46 -17.24 24.54
N GLY E 889 37.64 -18.18 24.11
CA GLY E 889 36.20 -17.99 24.08
C GLY E 889 35.55 -18.28 25.42
N ALA E 890 36.19 -19.15 26.21
CA ALA E 890 35.66 -19.49 27.52
C ALA E 890 36.18 -18.59 28.63
N GLY E 891 37.18 -17.76 28.36
CA GLY E 891 37.74 -16.88 29.36
C GLY E 891 39.02 -16.23 28.90
N ALA E 892 40.04 -16.21 29.77
CA ALA E 892 41.33 -15.67 29.38
C ALA E 892 42.03 -16.62 28.42
N ALA E 893 42.69 -16.05 27.41
CA ALA E 893 43.38 -16.86 26.41
C ALA E 893 44.56 -17.57 27.04
N LEU E 894 44.54 -18.90 27.00
CA LEU E 894 45.59 -19.75 27.55
C LEU E 894 46.41 -20.30 26.41
N GLN E 895 47.68 -19.89 26.33
CA GLN E 895 48.53 -20.32 25.23
C GLN E 895 48.76 -21.82 25.27
N ILE E 896 48.93 -22.42 24.09
CA ILE E 896 49.22 -23.84 23.96
C ILE E 896 49.89 -24.04 22.61
N PRO E 897 50.89 -24.92 22.47
CA PRO E 897 51.49 -25.14 21.15
C PRO E 897 50.46 -25.62 20.15
N PHE E 898 50.58 -25.14 18.90
CA PHE E 898 49.58 -25.49 17.90
C PHE E 898 49.63 -26.97 17.56
N ALA E 899 50.81 -27.59 17.67
CA ALA E 899 50.88 -29.04 17.49
C ALA E 899 50.07 -29.76 18.55
N MET E 900 50.10 -29.28 19.79
CA MET E 900 49.27 -29.86 20.84
C MET E 900 47.81 -29.44 20.73
N GLN E 901 47.55 -28.23 20.20
CA GLN E 901 46.17 -27.79 20.04
C GLN E 901 45.42 -28.70 19.07
N MET E 902 46.03 -28.99 17.91
CA MET E 902 45.36 -29.86 16.94
C MET E 902 45.27 -31.29 17.45
N ALA E 903 46.19 -31.71 18.31
CA ALA E 903 46.11 -33.05 18.88
C ALA E 903 44.86 -33.21 19.74
N TYR E 904 44.46 -32.16 20.45
CA TYR E 904 43.20 -32.21 21.20
C TYR E 904 42.01 -32.15 20.25
N ARG E 905 42.18 -31.51 19.09
CA ARG E 905 41.08 -31.39 18.14
C ARG E 905 40.87 -32.68 17.36
N PHE E 906 41.91 -33.50 17.23
CA PHE E 906 41.71 -34.88 16.78
C PHE E 906 41.09 -35.72 17.89
N ASN E 907 41.53 -35.49 19.13
CA ASN E 907 40.97 -36.24 20.26
C ASN E 907 39.50 -35.92 20.46
N GLY E 908 39.02 -34.79 19.94
CA GLY E 908 37.62 -34.45 20.04
C GLY E 908 36.73 -35.11 19.01
N ILE E 909 37.31 -35.60 17.92
CA ILE E 909 36.56 -36.28 16.87
C ILE E 909 36.74 -37.79 16.91
N GLY E 910 37.24 -38.33 18.02
CA GLY E 910 37.37 -39.77 18.17
C GLY E 910 38.64 -40.36 17.61
N VAL E 911 39.61 -39.54 17.22
CA VAL E 911 40.90 -40.00 16.72
C VAL E 911 41.94 -39.68 17.78
N THR E 912 42.71 -40.70 18.18
CA THR E 912 43.65 -40.53 19.28
C THR E 912 44.70 -39.48 18.94
N GLN E 913 45.40 -39.02 19.98
CA GLN E 913 46.39 -37.95 19.80
C GLN E 913 47.53 -38.38 18.89
N ASN E 914 48.02 -39.61 19.06
CA ASN E 914 49.20 -40.06 18.33
C ASN E 914 48.96 -40.12 16.83
N VAL E 915 47.70 -40.18 16.38
CA VAL E 915 47.42 -40.16 14.95
C VAL E 915 47.92 -38.86 14.31
N LEU E 916 47.96 -37.77 15.08
CA LEU E 916 48.55 -36.53 14.60
C LEU E 916 50.06 -36.54 14.77
N TYR E 917 50.52 -36.86 15.97
CA TYR E 917 51.94 -36.75 16.28
C TYR E 917 52.79 -37.66 15.41
N GLU E 918 52.36 -38.88 15.18
CA GLU E 918 53.14 -39.80 14.37
C GLU E 918 53.18 -39.41 12.90
N ASN E 919 52.26 -38.56 12.44
CA ASN E 919 52.29 -38.06 11.06
C ASN E 919 51.95 -36.57 11.05
N GLN E 920 52.57 -35.80 11.94
CA GLN E 920 52.29 -34.37 12.02
C GLN E 920 52.68 -33.64 10.75
N LYS E 921 53.82 -34.01 10.14
CA LYS E 921 54.28 -33.32 8.95
C LYS E 921 53.30 -33.51 7.78
N LEU E 922 52.72 -34.71 7.66
CA LEU E 922 51.75 -34.94 6.60
C LEU E 922 50.53 -34.03 6.78
N ILE E 923 50.05 -33.88 8.02
CA ILE E 923 48.88 -33.05 8.26
C ILE E 923 49.19 -31.59 7.98
N ALA E 924 50.39 -31.13 8.35
CA ALA E 924 50.75 -29.74 8.10
C ALA E 924 50.78 -29.44 6.61
N ASN E 925 51.34 -30.36 5.82
CA ASN E 925 51.37 -30.16 4.38
C ASN E 925 49.97 -30.16 3.77
N GLN E 926 49.09 -31.04 4.26
CA GLN E 926 47.73 -31.08 3.74
C GLN E 926 46.98 -29.80 4.03
N PHE E 927 47.18 -29.23 5.23
CA PHE E 927 46.54 -27.95 5.55
C PHE E 927 47.10 -26.83 4.69
N ASN E 928 48.43 -26.79 4.54
CA ASN E 928 49.07 -25.72 3.77
C ASN E 928 48.62 -25.74 2.32
N SER E 929 48.60 -26.94 1.72
CA SER E 929 48.15 -27.04 0.34
C SER E 929 46.65 -26.78 0.21
N ALA E 930 45.88 -27.17 1.23
CA ALA E 930 44.44 -26.91 1.21
C ALA E 930 44.15 -25.42 1.27
N ILE E 931 44.92 -24.68 2.08
CA ILE E 931 44.73 -23.23 2.15
C ILE E 931 45.16 -22.58 0.84
N GLY E 932 46.21 -23.09 0.22
CA GLY E 932 46.65 -22.53 -1.05
C GLY E 932 45.59 -22.63 -2.13
N LYS E 933 44.85 -23.74 -2.15
CA LYS E 933 43.79 -23.91 -3.14
C LYS E 933 42.63 -22.96 -2.91
N ILE E 934 42.53 -22.36 -1.73
CA ILE E 934 41.53 -21.30 -1.53
C ILE E 934 41.90 -20.07 -2.34
N GLN E 935 43.19 -19.74 -2.38
CA GLN E 935 43.65 -18.61 -3.19
C GLN E 935 43.36 -18.85 -4.67
N ASP E 936 43.64 -20.06 -5.16
CA ASP E 936 43.40 -20.37 -6.56
C ASP E 936 41.91 -20.27 -6.89
N SER E 937 41.05 -20.81 -6.01
CA SER E 937 39.62 -20.74 -6.24
C SER E 937 39.13 -19.29 -6.25
N LEU E 938 39.64 -18.48 -5.32
CA LEU E 938 39.23 -17.09 -5.25
C LEU E 938 39.85 -16.27 -6.39
N SER E 939 41.13 -16.52 -6.70
CA SER E 939 41.79 -15.81 -7.77
C SER E 939 41.20 -16.15 -9.15
N SER E 940 40.53 -17.29 -9.28
CA SER E 940 39.94 -17.66 -10.55
C SER E 940 38.68 -16.84 -10.81
N THR E 941 38.19 -16.95 -12.05
CA THR E 941 37.01 -16.20 -12.48
C THR E 941 35.72 -16.71 -11.85
N ALA E 942 35.75 -17.86 -11.15
CA ALA E 942 34.54 -18.40 -10.55
C ALA E 942 33.96 -17.42 -9.52
N SER E 943 32.65 -17.22 -9.59
CA SER E 943 31.97 -16.32 -8.67
C SER E 943 31.59 -17.03 -7.38
N ALA E 944 32.57 -17.30 -6.53
CA ALA E 944 32.29 -17.97 -5.27
C ALA E 944 31.56 -17.06 -4.29
N LEU E 945 31.69 -15.74 -4.45
CA LEU E 945 31.10 -14.77 -3.55
C LEU E 945 29.70 -14.34 -3.99
N GLY E 946 28.97 -15.21 -4.67
CA GLY E 946 27.64 -14.84 -5.14
C GLY E 946 26.68 -14.49 -4.03
N LYS E 947 26.87 -15.08 -2.85
CA LYS E 947 25.99 -14.77 -1.73
C LYS E 947 26.11 -13.32 -1.31
N LEU E 948 27.33 -12.79 -1.28
CA LEU E 948 27.52 -11.38 -0.90
C LEU E 948 27.14 -10.46 -2.05
N GLN E 949 27.38 -10.88 -3.30
CA GLN E 949 27.06 -10.03 -4.44
C GLN E 949 25.56 -9.85 -4.59
N ASP E 950 24.77 -10.87 -4.22
CA ASP E 950 23.33 -10.73 -4.28
C ASP E 950 22.84 -9.62 -3.34
N VAL E 951 23.48 -9.48 -2.18
CA VAL E 951 23.12 -8.42 -1.25
C VAL E 951 23.37 -7.07 -1.89
N VAL E 952 24.52 -6.92 -2.57
CA VAL E 952 24.83 -5.65 -3.22
C VAL E 952 23.89 -5.41 -4.40
N ASN E 953 23.67 -6.44 -5.22
CA ASN E 953 22.82 -6.29 -6.39
C ASN E 953 21.38 -5.97 -6.00
N GLN E 954 20.85 -6.66 -4.98
CA GLN E 954 19.49 -6.41 -4.56
C GLN E 954 19.32 -5.00 -4.01
N ASN E 955 20.30 -4.52 -3.24
CA ASN E 955 20.23 -3.16 -2.72
C ASN E 955 20.27 -2.14 -3.84
N ALA E 956 21.15 -2.35 -4.82
CA ALA E 956 21.28 -1.40 -5.92
C ALA E 956 20.01 -1.37 -6.77
N GLN E 957 19.47 -2.54 -7.09
CA GLN E 957 18.25 -2.59 -7.90
C GLN E 957 17.05 -2.01 -7.15
N ALA E 958 17.01 -2.19 -5.83
CA ALA E 958 15.91 -1.63 -5.05
C ALA E 958 15.94 -0.11 -5.11
N LEU E 959 17.13 0.49 -5.04
CA LEU E 959 17.24 1.94 -5.12
C LEU E 959 16.97 2.44 -6.53
N ASN E 960 17.48 1.74 -7.54
CA ASN E 960 17.25 2.15 -8.93
C ASN E 960 15.76 2.14 -9.25
N THR E 961 15.04 1.12 -8.79
CA THR E 961 13.60 1.10 -8.97
C THR E 961 12.93 2.26 -8.24
N LEU E 962 13.41 2.56 -7.03
CA LEU E 962 12.81 3.65 -6.27
C LEU E 962 13.02 4.99 -6.95
N VAL E 963 14.23 5.25 -7.46
CA VAL E 963 14.49 6.53 -8.10
C VAL E 963 13.76 6.64 -9.42
N LYS E 964 13.72 5.55 -10.19
CA LYS E 964 13.04 5.58 -11.48
C LYS E 964 11.54 5.69 -11.36
N GLN E 965 10.98 5.47 -10.17
CA GLN E 965 9.56 5.72 -9.96
C GLN E 965 9.23 7.20 -9.93
N LEU E 966 10.25 8.07 -9.83
CA LEU E 966 10.02 9.51 -9.90
C LEU E 966 9.74 9.96 -11.33
N SER E 967 10.23 9.23 -12.33
CA SER E 967 9.97 9.58 -13.72
C SER E 967 8.57 9.21 -14.16
N SER E 968 7.86 8.37 -13.41
CA SER E 968 6.49 8.03 -13.73
C SER E 968 5.56 9.16 -13.32
N ASN E 969 4.51 9.37 -14.11
CA ASN E 969 3.55 10.45 -13.86
C ASN E 969 2.32 10.00 -13.08
N PHE E 970 2.04 8.70 -13.02
CA PHE E 970 0.93 8.16 -12.23
C PHE E 970 -0.40 8.78 -12.63
N GLY E 971 -0.56 9.14 -13.90
CA GLY E 971 -1.77 9.78 -14.37
C GLY E 971 -1.74 11.30 -14.35
N ALA E 972 -0.72 11.91 -13.76
CA ALA E 972 -0.60 13.35 -13.80
C ALA E 972 -0.18 13.81 -15.19
N ILE E 973 -0.33 15.12 -15.43
CA ILE E 973 0.02 15.66 -16.73
C ILE E 973 1.51 15.54 -17.00
N SER E 974 2.34 15.61 -15.96
CA SER E 974 3.78 15.52 -16.12
C SER E 974 4.36 14.83 -14.89
N SER E 975 5.53 14.20 -15.08
CA SER E 975 6.22 13.54 -13.99
C SER E 975 7.10 14.48 -13.18
N VAL E 976 7.40 15.67 -13.71
CA VAL E 976 8.24 16.65 -13.03
C VAL E 976 7.31 17.57 -12.25
N LEU E 977 7.58 17.71 -10.95
CA LEU E 977 6.64 18.41 -10.09
C LEU E 977 6.84 19.92 -10.15
N ASN E 978 8.08 20.38 -10.37
CA ASN E 978 8.28 21.79 -10.64
C ASN E 978 7.53 22.23 -11.89
N ASP E 979 7.30 21.29 -12.80
CA ASP E 979 6.70 21.62 -14.10
C ASP E 979 5.18 21.75 -14.01
N ILE E 980 4.54 20.96 -13.16
CA ILE E 980 3.10 21.12 -12.94
C ILE E 980 2.83 22.47 -12.30
N LEU E 981 3.65 22.84 -11.31
CA LEU E 981 3.41 24.08 -10.58
C LEU E 981 3.57 25.30 -11.49
N SER E 982 4.57 25.30 -12.37
CA SER E 982 4.77 26.42 -13.27
C SER E 982 3.76 26.43 -14.41
N ARG E 983 3.13 25.30 -14.72
CA ARG E 983 2.14 25.26 -15.78
C ARG E 983 0.74 25.57 -15.27
N LEU E 984 0.41 25.08 -14.07
CA LEU E 984 -0.94 25.17 -13.53
C LEU E 984 -0.95 25.99 -12.25
N ASP E 985 -2.09 26.59 -11.97
CA ASP E 985 -2.33 27.36 -10.76
C ASP E 985 -2.92 26.45 -9.67
N PRO E 986 -2.89 26.88 -8.40
CA PRO E 986 -3.21 25.96 -7.28
C PRO E 986 -4.57 25.27 -7.40
N PRO E 987 -5.62 25.93 -7.88
CA PRO E 987 -6.95 25.27 -7.86
C PRO E 987 -7.01 23.93 -8.59
N GLU E 988 -6.28 23.75 -9.69
CA GLU E 988 -6.17 22.45 -10.34
C GLU E 988 -4.76 21.89 -10.37
N ALA E 989 -3.76 22.63 -9.92
CA ALA E 989 -2.44 22.04 -9.72
C ALA E 989 -2.48 20.98 -8.63
N GLU E 990 -3.23 21.25 -7.55
CA GLU E 990 -3.32 20.30 -6.45
C GLU E 990 -3.91 18.96 -6.90
N VAL E 991 -4.81 18.98 -7.87
CA VAL E 991 -5.37 17.74 -8.40
C VAL E 991 -4.28 16.90 -9.05
N GLN E 992 -3.43 17.55 -9.85
CA GLN E 992 -2.32 16.85 -10.49
C GLN E 992 -1.22 16.50 -9.49
N ILE E 993 -0.98 17.38 -8.51
CA ILE E 993 0.03 17.09 -7.50
C ILE E 993 -0.37 15.87 -6.69
N ASP E 994 -1.65 15.78 -6.31
CA ASP E 994 -2.11 14.67 -5.49
C ASP E 994 -1.93 13.31 -6.17
N ARG E 995 -1.89 13.27 -7.49
CA ARG E 995 -1.65 12.01 -8.17
C ARG E 995 -0.20 11.59 -8.02
N LEU E 996 0.72 12.56 -7.94
CA LEU E 996 2.12 12.24 -7.70
C LEU E 996 2.50 11.82 -6.28
N ILE E 997 1.86 12.41 -5.27
CA ILE E 997 2.12 12.02 -3.89
C ILE E 997 1.63 10.61 -3.54
N THR E 998 0.46 10.27 -4.09
CA THR E 998 -0.10 8.94 -3.85
C THR E 998 0.82 7.96 -4.58
N GLY E 999 1.23 8.30 -5.81
CA GLY E 999 2.10 7.41 -6.55
C GLY E 999 3.48 7.29 -5.94
N ARG E 1000 4.09 8.43 -5.57
CA ARG E 1000 5.43 8.39 -5.01
C ARG E 1000 5.41 7.86 -3.58
N LEU E 1001 4.37 8.19 -2.82
CA LEU E 1001 4.22 7.63 -1.48
C LEU E 1001 4.04 6.12 -1.55
N GLN E 1002 3.22 5.65 -2.49
CA GLN E 1002 3.07 4.21 -2.69
C GLN E 1002 4.37 3.59 -3.16
N SER E 1003 5.10 4.28 -4.05
CA SER E 1003 6.36 3.76 -4.54
C SER E 1003 7.43 3.74 -3.44
N LEU E 1004 7.24 4.54 -2.39
CA LEU E 1004 8.20 4.57 -1.29
C LEU E 1004 7.83 3.58 -0.20
N GLN E 1005 6.52 3.36 0.02
CA GLN E 1005 6.10 2.33 0.96
C GLN E 1005 6.52 0.95 0.49
N THR E 1006 6.46 0.71 -0.80
CA THR E 1006 6.89 -0.57 -1.35
C THR E 1006 8.38 -0.80 -1.10
N TYR E 1007 9.18 0.26 -1.24
CA TYR E 1007 10.62 0.13 -1.01
C TYR E 1007 10.92 -0.19 0.45
N VAL E 1008 10.25 0.52 1.38
CA VAL E 1008 10.50 0.29 2.80
C VAL E 1008 10.01 -1.09 3.22
N THR E 1009 8.86 -1.52 2.67
CA THR E 1009 8.32 -2.82 3.04
C THR E 1009 9.24 -3.95 2.61
N GLN E 1010 9.81 -3.86 1.42
CA GLN E 1010 10.69 -4.92 0.94
C GLN E 1010 12.05 -4.88 1.64
N GLN E 1011 12.51 -3.69 2.04
CA GLN E 1011 13.74 -3.60 2.83
C GLN E 1011 13.54 -4.19 4.21
N LEU E 1012 12.35 -4.03 4.79
CA LEU E 1012 12.06 -4.67 6.07
C LEU E 1012 12.10 -6.18 5.95
N ILE E 1013 11.61 -6.71 4.83
CA ILE E 1013 11.67 -8.16 4.60
C ILE E 1013 13.11 -8.59 4.34
N ARG E 1014 13.86 -7.79 3.59
CA ARG E 1014 15.26 -8.12 3.33
C ARG E 1014 16.10 -8.01 4.60
N ALA E 1015 15.81 -7.01 5.44
CA ALA E 1015 16.56 -6.86 6.68
C ALA E 1015 16.36 -8.07 7.58
N ALA E 1016 15.15 -8.62 7.61
CA ALA E 1016 14.92 -9.85 8.37
C ALA E 1016 15.70 -11.02 7.77
N GLU E 1017 15.79 -11.08 6.44
CA GLU E 1017 16.57 -12.12 5.80
C GLU E 1017 18.04 -12.00 6.14
N ILE E 1018 18.58 -10.78 6.12
CA ILE E 1018 19.98 -10.58 6.50
C ILE E 1018 20.16 -10.81 8.00
N ARG E 1019 19.17 -10.40 8.80
CA ARG E 1019 19.25 -10.61 10.24
C ARG E 1019 19.32 -12.10 10.57
N ALA E 1020 18.58 -12.91 9.82
CA ALA E 1020 18.65 -14.36 10.03
C ALA E 1020 20.03 -14.91 9.66
N SER E 1021 20.64 -14.35 8.62
CA SER E 1021 21.97 -14.81 8.22
C SER E 1021 23.05 -14.25 9.13
N ALA E 1022 22.81 -13.09 9.76
CA ALA E 1022 23.77 -12.57 10.72
C ALA E 1022 23.73 -13.35 12.02
N ASN E 1023 22.55 -13.86 12.38
CA ASN E 1023 22.45 -14.72 13.56
C ASN E 1023 23.12 -16.07 13.31
N LEU E 1024 23.06 -16.56 12.07
CA LEU E 1024 23.75 -17.80 11.73
C LEU E 1024 25.26 -17.58 11.68
N ALA E 1025 25.69 -16.46 11.10
CA ALA E 1025 27.12 -16.16 11.06
C ALA E 1025 27.67 -15.96 12.45
N ALA E 1026 26.89 -15.33 13.34
CA ALA E 1026 27.33 -15.18 14.72
C ALA E 1026 27.38 -16.52 15.44
N THR E 1027 26.47 -17.44 15.11
CA THR E 1027 26.49 -18.77 15.71
C THR E 1027 27.67 -19.58 15.19
N LYS E 1028 27.99 -19.45 13.89
CA LYS E 1028 29.15 -20.14 13.35
C LYS E 1028 30.44 -19.62 13.99
N MET E 1029 30.53 -18.31 14.19
CA MET E 1029 31.71 -17.75 14.85
C MET E 1029 31.86 -18.28 16.27
N SER E 1030 30.75 -18.31 17.02
CA SER E 1030 30.81 -18.76 18.40
C SER E 1030 31.18 -20.24 18.48
N GLU E 1031 30.62 -21.06 17.60
CA GLU E 1031 30.72 -22.51 17.73
C GLU E 1031 31.83 -23.11 16.89
N CYS E 1032 32.05 -22.59 15.67
CA CYS E 1032 33.09 -23.13 14.81
C CYS E 1032 34.46 -22.50 15.10
N VAL E 1033 34.53 -21.18 15.23
CA VAL E 1033 35.81 -20.51 15.45
C VAL E 1033 36.24 -20.62 16.90
N LEU E 1034 35.42 -20.11 17.82
CA LEU E 1034 35.77 -20.08 19.23
C LEU E 1034 35.78 -21.45 19.88
N GLY E 1035 35.29 -22.49 19.20
CA GLY E 1035 35.36 -23.84 19.73
C GLY E 1035 35.38 -24.89 18.64
N GLN E 1036 35.09 -26.14 19.01
CA GLN E 1036 35.00 -27.24 18.07
C GLN E 1036 33.59 -27.79 18.11
N SER E 1037 32.98 -27.96 16.95
CA SER E 1037 31.57 -28.27 16.83
C SER E 1037 31.37 -29.75 16.53
N LYS E 1038 30.55 -30.41 17.33
CA LYS E 1038 30.14 -31.77 17.07
C LYS E 1038 28.92 -31.86 16.16
N ARG E 1039 28.33 -30.72 15.80
CA ARG E 1039 27.16 -30.69 14.93
C ARG E 1039 27.57 -31.07 13.52
N VAL E 1040 26.85 -32.02 12.91
CA VAL E 1040 27.26 -32.56 11.62
C VAL E 1040 26.92 -31.58 10.52
N ASP E 1041 27.89 -31.34 9.64
CA ASP E 1041 27.76 -30.45 8.49
C ASP E 1041 27.41 -29.02 8.86
N PHE E 1042 27.59 -28.64 10.13
CA PHE E 1042 27.42 -27.24 10.51
C PHE E 1042 28.66 -26.43 10.15
N CYS E 1043 29.81 -26.81 10.69
CA CYS E 1043 31.09 -26.18 10.37
C CYS E 1043 31.83 -27.05 9.35
N GLY E 1044 31.24 -27.17 8.16
CA GLY E 1044 31.87 -27.86 7.06
C GLY E 1044 31.53 -29.34 6.99
N LYS E 1045 31.79 -29.91 5.81
CA LYS E 1045 31.48 -31.31 5.53
C LYS E 1045 32.62 -32.19 6.03
N GLY E 1046 32.35 -32.97 7.06
CA GLY E 1046 33.29 -33.89 7.65
C GLY E 1046 33.35 -33.70 9.14
N TYR E 1047 34.43 -34.17 9.75
CA TYR E 1047 34.65 -34.04 11.19
C TYR E 1047 35.39 -32.72 11.43
N HIS E 1048 34.70 -31.77 12.05
CA HIS E 1048 35.24 -30.42 12.19
C HIS E 1048 36.45 -30.40 13.11
N LEU E 1049 37.51 -29.75 12.67
CA LEU E 1049 38.68 -29.49 13.49
C LEU E 1049 38.69 -28.06 14.01
N MET E 1050 38.68 -27.07 13.12
CA MET E 1050 38.59 -25.67 13.50
C MET E 1050 38.25 -24.86 12.27
N SER E 1051 37.84 -23.60 12.50
CA SER E 1051 37.48 -22.68 11.45
C SER E 1051 38.23 -21.37 11.66
N PHE E 1052 38.42 -20.65 10.55
CA PHE E 1052 39.13 -19.38 10.54
C PHE E 1052 38.28 -18.30 9.91
N PRO E 1053 37.97 -17.19 10.59
CA PRO E 1053 37.10 -16.18 9.98
C PRO E 1053 37.88 -15.22 9.10
N GLN E 1054 37.28 -14.87 7.97
CA GLN E 1054 37.82 -13.87 7.06
C GLN E 1054 36.73 -12.87 6.70
N SER E 1055 37.06 -11.59 6.81
CA SER E 1055 36.09 -10.56 6.50
C SER E 1055 35.86 -10.46 4.99
N ALA E 1056 34.68 -9.98 4.62
CA ALA E 1056 34.35 -9.71 3.24
C ALA E 1056 33.33 -8.58 3.21
N PRO E 1057 33.16 -7.91 2.07
CA PRO E 1057 32.16 -6.83 2.00
C PRO E 1057 30.77 -7.31 2.32
N HIS E 1058 30.17 -6.75 3.37
CA HIS E 1058 28.81 -7.07 3.79
C HIS E 1058 28.64 -8.54 4.15
N GLY E 1059 29.68 -9.16 4.73
CA GLY E 1059 29.58 -10.54 5.10
C GLY E 1059 30.86 -11.05 5.74
N VAL E 1060 30.86 -12.34 6.04
CA VAL E 1060 32.01 -13.00 6.65
C VAL E 1060 32.23 -14.33 5.94
N VAL E 1061 33.49 -14.77 5.92
CA VAL E 1061 33.89 -16.00 5.26
C VAL E 1061 34.60 -16.89 6.28
N PHE E 1062 34.15 -18.12 6.40
CA PHE E 1062 34.73 -19.09 7.34
C PHE E 1062 35.49 -20.13 6.54
N LEU E 1063 36.74 -20.39 6.92
CA LEU E 1063 37.56 -21.43 6.31
C LEU E 1063 37.52 -22.65 7.23
N HIS E 1064 36.58 -23.54 6.98
CA HIS E 1064 36.31 -24.67 7.86
C HIS E 1064 37.35 -25.77 7.60
N VAL E 1065 38.35 -25.85 8.46
CA VAL E 1065 39.27 -26.99 8.43
C VAL E 1065 38.53 -28.22 8.94
N THR E 1066 38.67 -29.34 8.23
CA THR E 1066 37.85 -30.51 8.49
C THR E 1066 38.65 -31.77 8.23
N TYR E 1067 38.34 -32.82 8.99
CA TYR E 1067 38.98 -34.12 8.86
C TYR E 1067 38.01 -35.09 8.21
N VAL E 1068 38.30 -35.47 6.96
CA VAL E 1068 37.50 -36.43 6.21
C VAL E 1068 38.35 -37.69 6.03
N PRO E 1069 37.86 -38.87 6.41
CA PRO E 1069 38.67 -40.08 6.22
C PRO E 1069 38.80 -40.47 4.76
N ALA E 1070 39.80 -41.31 4.49
CA ALA E 1070 40.08 -41.76 3.13
C ALA E 1070 40.78 -43.11 3.19
N GLN E 1071 40.87 -43.77 2.04
CA GLN E 1071 41.54 -45.06 1.89
C GLN E 1071 40.91 -46.12 2.80
N GLU E 1072 39.65 -46.45 2.51
CA GLU E 1072 38.94 -47.46 3.27
C GLU E 1072 39.52 -48.84 2.99
N LYS E 1073 39.31 -49.76 3.94
CA LYS E 1073 39.74 -51.17 3.75
C LYS E 1073 38.75 -52.07 4.48
N ASN E 1074 38.15 -53.04 3.78
CA ASN E 1074 37.12 -53.92 4.38
C ASN E 1074 37.78 -54.85 5.41
N PHE E 1075 37.09 -55.12 6.53
CA PHE E 1075 37.63 -56.02 7.58
C PHE E 1075 36.49 -56.79 8.23
N THR E 1076 36.71 -58.05 8.60
CA THR E 1076 35.70 -58.82 9.33
C THR E 1076 35.66 -58.36 10.77
N THR E 1077 34.44 -58.21 11.30
CA THR E 1077 34.23 -57.62 12.62
C THR E 1077 33.33 -58.53 13.45
N ALA E 1078 33.46 -58.40 14.77
CA ALA E 1078 32.67 -59.15 15.72
C ALA E 1078 32.20 -58.22 16.83
N PRO E 1079 30.98 -58.39 17.34
CA PRO E 1079 30.56 -57.57 18.49
C PRO E 1079 31.44 -57.74 19.72
N ALA E 1080 31.92 -58.95 19.98
CA ALA E 1080 32.62 -59.23 21.22
C ALA E 1080 33.52 -60.45 21.04
N ILE E 1081 34.30 -60.74 22.09
CA ILE E 1081 35.23 -61.86 22.12
C ILE E 1081 34.90 -62.73 23.32
N CYS E 1082 34.68 -64.02 23.07
CA CYS E 1082 34.42 -64.99 24.14
C CYS E 1082 35.71 -65.73 24.46
N HIS E 1083 36.38 -65.33 25.55
CA HIS E 1083 37.68 -65.91 25.88
C HIS E 1083 37.60 -67.09 26.84
N ASP E 1084 37.26 -66.84 28.11
CA ASP E 1084 36.95 -67.91 29.05
C ASP E 1084 35.45 -68.02 29.27
N GLY E 1085 34.69 -68.19 28.19
CA GLY E 1085 33.25 -68.17 28.32
C GLY E 1085 32.68 -66.84 28.76
N LYS E 1086 33.48 -65.77 28.75
CA LYS E 1086 33.10 -64.45 29.21
C LYS E 1086 33.41 -63.44 28.11
N ALA E 1087 32.43 -62.59 27.81
CA ALA E 1087 32.45 -61.77 26.60
C ALA E 1087 33.21 -60.47 26.85
N HIS E 1088 34.17 -60.18 25.97
CA HIS E 1088 34.94 -58.95 25.99
C HIS E 1088 34.41 -57.99 24.94
N PHE E 1089 34.08 -56.78 25.36
CA PHE E 1089 33.66 -55.72 24.46
C PHE E 1089 34.72 -54.64 24.40
N PRO E 1090 34.84 -53.89 23.30
CA PRO E 1090 35.88 -52.85 23.25
C PRO E 1090 35.56 -51.70 24.17
N ARG E 1091 36.56 -51.27 24.95
CA ARG E 1091 36.40 -50.07 25.76
C ARG E 1091 36.17 -48.86 24.85
N GLU E 1092 36.94 -48.76 23.78
CA GLU E 1092 36.71 -47.77 22.74
C GLU E 1092 37.39 -48.26 21.46
N GLY E 1093 36.61 -48.37 20.41
CA GLY E 1093 37.06 -48.95 19.16
C GLY E 1093 36.22 -50.14 18.74
N VAL E 1094 36.69 -50.82 17.69
CA VAL E 1094 35.99 -51.93 17.07
C VAL E 1094 36.93 -53.12 16.98
N PHE E 1095 36.36 -54.31 17.07
CA PHE E 1095 37.10 -55.53 16.80
C PHE E 1095 37.14 -55.80 15.30
N VAL E 1096 38.35 -56.02 14.78
CA VAL E 1096 38.55 -56.31 13.36
C VAL E 1096 39.55 -57.44 13.24
N SER E 1097 39.58 -58.05 12.05
CA SER E 1097 40.53 -59.16 11.77
C SER E 1097 41.02 -59.03 10.33
N ASN E 1098 42.29 -59.37 10.08
CA ASN E 1098 42.87 -59.35 8.71
C ASN E 1098 42.53 -60.68 8.02
N GLY E 1099 41.60 -61.48 8.55
CA GLY E 1099 41.16 -62.77 7.97
C GLY E 1099 41.73 -63.96 8.71
N THR E 1100 42.71 -63.77 9.60
CA THR E 1100 43.28 -64.86 10.46
C THR E 1100 43.50 -64.39 11.89
N HIS E 1101 44.02 -63.17 12.10
CA HIS E 1101 44.26 -62.62 13.43
C HIS E 1101 43.32 -61.46 13.71
N TRP E 1102 42.81 -61.39 14.93
CA TRP E 1102 41.87 -60.36 15.35
C TRP E 1102 42.61 -59.23 16.05
N PHE E 1103 42.08 -58.00 15.90
CA PHE E 1103 42.65 -56.83 16.53
C PHE E 1103 41.53 -55.94 17.01
N VAL E 1104 41.88 -55.00 17.89
CA VAL E 1104 40.99 -53.93 18.34
C VAL E 1104 41.58 -52.62 17.89
N THR E 1105 40.78 -51.83 17.17
CA THR E 1105 41.24 -50.60 16.56
C THR E 1105 40.21 -49.50 16.77
N GLN E 1106 40.68 -48.26 16.77
CA GLN E 1106 39.77 -47.13 16.81
C GLN E 1106 38.95 -47.08 15.51
N ARG E 1107 37.76 -46.50 15.62
CA ARG E 1107 36.80 -46.57 14.52
C ARG E 1107 37.23 -45.73 13.32
N ASN E 1108 37.80 -44.55 13.57
CA ASN E 1108 38.03 -43.56 12.52
C ASN E 1108 39.42 -43.63 11.91
N PHE E 1109 40.24 -44.61 12.28
CA PHE E 1109 41.58 -44.72 11.74
C PHE E 1109 42.11 -46.11 12.06
N TYR E 1110 42.55 -46.84 11.04
CA TYR E 1110 42.99 -48.22 11.24
C TYR E 1110 44.33 -48.21 11.97
N GLU E 1111 44.28 -48.45 13.28
CA GLU E 1111 45.47 -48.57 14.11
C GLU E 1111 45.33 -49.84 14.94
N PRO E 1112 45.56 -51.01 14.33
CA PRO E 1112 45.26 -52.26 15.05
C PRO E 1112 46.15 -52.44 16.26
N GLN E 1113 45.54 -52.91 17.36
CA GLN E 1113 46.23 -53.21 18.59
C GLN E 1113 45.87 -54.62 19.02
N ILE E 1114 46.85 -55.32 19.61
CA ILE E 1114 46.59 -56.67 20.09
C ILE E 1114 45.54 -56.60 21.20
N ILE E 1115 44.54 -57.49 21.11
CA ILE E 1115 43.42 -57.47 22.05
C ILE E 1115 43.95 -57.89 23.42
N THR E 1116 43.69 -57.07 24.43
CA THR E 1116 44.09 -57.37 25.79
C THR E 1116 42.97 -56.93 26.73
N THR E 1117 43.14 -57.26 28.02
CA THR E 1117 42.18 -56.84 29.02
C THR E 1117 42.24 -55.34 29.31
N ASP E 1118 43.30 -54.66 28.88
CA ASP E 1118 43.42 -53.23 29.13
C ASP E 1118 42.52 -52.41 28.21
N ASN E 1119 42.26 -52.89 26.99
CA ASN E 1119 41.43 -52.19 26.02
C ASN E 1119 40.08 -52.86 25.78
N THR E 1120 39.72 -53.86 26.59
CA THR E 1120 38.42 -54.50 26.52
C THR E 1120 37.86 -54.70 27.91
N PHE E 1121 36.55 -54.57 28.04
CA PHE E 1121 35.86 -54.73 29.32
C PHE E 1121 34.88 -55.90 29.23
N VAL E 1122 34.85 -56.72 30.28
CA VAL E 1122 34.04 -57.93 30.30
C VAL E 1122 32.63 -57.61 30.80
N SER E 1123 31.65 -58.35 30.30
CA SER E 1123 30.27 -58.22 30.77
C SER E 1123 29.53 -59.52 30.53
N GLY E 1124 29.48 -60.41 31.50
CA GLY E 1124 28.62 -61.59 31.35
C GLY E 1124 29.17 -62.74 30.56
N ASN E 1125 28.35 -63.77 30.39
CA ASN E 1125 28.77 -64.99 29.66
C ASN E 1125 28.62 -64.75 28.17
N CYS E 1126 29.14 -65.67 27.36
CA CYS E 1126 29.14 -65.40 25.92
C CYS E 1126 28.12 -66.27 25.22
N ASP E 1127 27.05 -66.65 25.92
CA ASP E 1127 25.99 -67.41 25.19
C ASP E 1127 24.76 -66.52 25.01
N VAL E 1128 24.92 -65.19 25.11
CA VAL E 1128 23.81 -64.18 24.94
C VAL E 1128 24.08 -63.27 23.74
N VAL E 1129 25.31 -62.79 23.53
CA VAL E 1129 25.66 -61.84 22.43
C VAL E 1129 25.45 -62.59 21.11
N ILE E 1130 24.96 -61.93 20.06
CA ILE E 1130 24.76 -62.53 18.71
C ILE E 1130 25.91 -62.04 17.84
N GLY E 1131 26.82 -62.91 17.41
CA GLY E 1131 28.02 -62.53 16.63
C GLY E 1131 29.30 -62.70 17.41
N ILE E 1132 29.23 -63.12 18.66
CA ILE E 1132 30.43 -63.34 19.51
C ILE E 1132 31.36 -64.29 18.77
N VAL E 1133 32.68 -64.00 18.70
CA VAL E 1133 33.70 -64.84 18.02
C VAL E 1133 34.67 -65.33 19.07
N ASN E 1134 35.07 -66.61 19.06
CA ASN E 1134 35.92 -67.13 20.15
C ASN E 1134 37.34 -66.68 19.85
N ASN E 1135 38.01 -66.11 20.82
CA ASN E 1135 39.40 -65.66 20.60
C ASN E 1135 40.08 -65.45 21.96
N THR E 1136 41.39 -65.66 22.03
CA THR E 1136 42.14 -65.38 23.24
C THR E 1136 42.27 -63.87 23.45
N VAL E 1137 42.19 -63.45 24.71
CA VAL E 1137 42.44 -62.07 25.10
C VAL E 1137 43.57 -62.09 26.13
N TYR E 1138 44.68 -61.44 25.80
CA TYR E 1138 45.88 -61.53 26.60
C TYR E 1138 45.81 -60.59 27.79
N ASP E 1139 46.31 -61.06 28.94
CA ASP E 1139 46.44 -60.23 30.14
C ASP E 1139 47.89 -59.81 30.29
N PRO E 1140 48.24 -58.51 30.28
CA PRO E 1140 49.65 -58.13 30.34
C PRO E 1140 50.34 -58.48 31.65
N LEU E 1141 49.61 -58.95 32.66
CA LEU E 1141 50.24 -59.36 33.92
C LEU E 1141 50.75 -60.79 33.89
N GLN E 1142 50.46 -61.55 32.84
CA GLN E 1142 50.93 -62.93 32.78
C GLN E 1142 52.46 -63.04 32.84
N PRO E 1143 53.24 -62.23 32.11
CA PRO E 1143 54.70 -62.36 32.24
C PRO E 1143 55.27 -61.69 33.48
N GLU E 1144 54.47 -60.97 34.25
CA GLU E 1144 54.96 -60.12 35.33
C GLU E 1144 54.64 -60.63 36.73
N LEU E 1145 53.57 -61.41 36.89
CA LEU E 1145 53.07 -61.73 38.23
C LEU E 1145 54.04 -62.59 39.04
N ASP E 1146 55.05 -63.18 38.43
CA ASP E 1146 55.98 -64.01 39.17
C ASP E 1146 56.80 -63.16 40.15
N SER E 1147 57.22 -63.78 41.24
CA SER E 1147 58.01 -63.11 42.26
C SER E 1147 59.34 -62.65 41.69
N ALA F 27 -54.48 -19.12 12.95
CA ALA F 27 -53.53 -20.10 13.54
C ALA F 27 -52.11 -19.66 13.20
N TYR F 28 -51.10 -20.47 13.51
CA TYR F 28 -49.69 -20.20 13.15
C TYR F 28 -48.99 -21.55 13.01
N THR F 29 -47.93 -21.63 12.20
CA THR F 29 -47.17 -22.85 11.97
C THR F 29 -45.74 -22.46 11.60
N ASN F 30 -44.85 -23.45 11.66
CA ASN F 30 -43.43 -23.22 11.51
C ASN F 30 -43.02 -23.41 10.06
N SER F 31 -42.37 -22.39 9.49
CA SER F 31 -41.77 -22.48 8.16
C SER F 31 -40.31 -22.85 8.34
N PHE F 32 -40.04 -24.16 8.35
CA PHE F 32 -38.72 -24.67 8.74
C PHE F 32 -37.61 -24.13 7.85
N THR F 33 -37.64 -24.51 6.57
CA THR F 33 -36.60 -24.10 5.63
C THR F 33 -37.20 -23.74 4.27
N ARG F 34 -38.42 -23.24 4.27
CA ARG F 34 -39.14 -22.91 3.05
C ARG F 34 -38.86 -21.48 2.63
N GLY F 35 -39.29 -21.14 1.41
CA GLY F 35 -39.21 -19.77 0.93
C GLY F 35 -37.89 -19.35 0.34
N VAL F 36 -36.97 -20.29 0.08
CA VAL F 36 -35.72 -19.97 -0.58
C VAL F 36 -35.90 -20.11 -2.08
N TYR F 37 -35.19 -19.27 -2.84
CA TYR F 37 -35.38 -19.20 -4.28
C TYR F 37 -34.05 -18.89 -4.96
N TYR F 38 -34.03 -19.06 -6.27
CA TYR F 38 -32.88 -18.70 -7.09
C TYR F 38 -32.78 -17.19 -7.21
N PRO F 39 -31.85 -16.51 -6.53
CA PRO F 39 -31.88 -15.04 -6.53
C PRO F 39 -31.65 -14.38 -7.88
N ASP F 40 -31.00 -15.07 -8.83
CA ASP F 40 -30.61 -14.42 -10.07
C ASP F 40 -30.64 -15.44 -11.21
N LYS F 41 -30.37 -14.94 -12.42
CA LYS F 41 -30.45 -15.74 -13.64
C LYS F 41 -29.09 -16.31 -14.01
N VAL F 42 -28.21 -16.52 -13.03
CA VAL F 42 -26.84 -16.96 -13.25
C VAL F 42 -26.71 -18.41 -12.82
N PHE F 43 -26.15 -19.24 -13.70
CA PHE F 43 -25.93 -20.64 -13.38
C PHE F 43 -24.66 -20.80 -12.54
N ARG F 44 -24.77 -21.53 -11.44
CA ARG F 44 -23.64 -21.82 -10.58
C ARG F 44 -23.72 -23.27 -10.15
N SER F 45 -22.57 -23.94 -10.11
CA SER F 45 -22.49 -25.35 -9.78
C SER F 45 -21.30 -25.61 -8.87
N SER F 46 -21.53 -26.41 -7.83
CA SER F 46 -20.49 -26.80 -6.89
C SER F 46 -19.80 -25.58 -6.29
N VAL F 47 -20.60 -24.71 -5.68
CA VAL F 47 -20.08 -23.50 -5.04
C VAL F 47 -21.08 -23.04 -4.00
N LEU F 48 -20.56 -22.50 -2.91
CA LEU F 48 -21.36 -21.91 -1.84
C LEU F 48 -21.34 -20.40 -2.01
N HIS F 49 -22.48 -19.83 -2.40
CA HIS F 49 -22.60 -18.42 -2.73
C HIS F 49 -23.37 -17.69 -1.64
N SER F 50 -22.82 -16.57 -1.19
CA SER F 50 -23.41 -15.79 -0.09
C SER F 50 -24.22 -14.62 -0.64
N THR F 51 -25.46 -14.92 -1.00
CA THR F 51 -26.36 -13.90 -1.56
C THR F 51 -27.07 -13.16 -0.44
N GLN F 52 -27.27 -11.84 -0.60
CA GLN F 52 -28.03 -11.01 0.37
C GLN F 52 -29.28 -10.49 -0.34
N ASP F 53 -30.47 -10.99 -0.01
CA ASP F 53 -31.71 -10.64 -0.74
C ASP F 53 -32.90 -10.84 0.20
N LEU F 54 -34.09 -10.36 -0.16
CA LEU F 54 -35.31 -10.55 0.64
C LEU F 54 -35.62 -12.05 0.71
N PHE F 55 -35.22 -12.75 1.77
CA PHE F 55 -35.50 -14.16 2.00
C PHE F 55 -36.41 -14.30 3.21
N LEU F 56 -37.21 -15.36 3.21
CA LEU F 56 -38.00 -15.70 4.38
C LEU F 56 -37.07 -16.28 5.44
N PRO F 57 -37.00 -15.72 6.66
CA PRO F 57 -36.10 -16.29 7.66
C PRO F 57 -36.43 -17.74 7.98
N PHE F 58 -35.39 -18.51 8.25
CA PHE F 58 -35.56 -19.92 8.62
C PHE F 58 -36.31 -20.02 9.94
N PHE F 59 -37.20 -21.02 10.02
CA PHE F 59 -38.00 -21.29 11.21
C PHE F 59 -38.82 -20.07 11.62
N SER F 60 -39.34 -19.34 10.65
CA SER F 60 -40.20 -18.20 10.93
C SER F 60 -41.65 -18.64 11.08
N ASN F 61 -42.43 -17.77 11.74
CA ASN F 61 -43.88 -18.07 11.97
C ASN F 61 -44.70 -17.58 10.78
N VAL F 62 -45.38 -18.49 10.11
CA VAL F 62 -46.23 -18.16 8.96
C VAL F 62 -47.68 -18.37 9.36
N THR F 63 -48.49 -17.33 9.19
CA THR F 63 -49.89 -17.39 9.55
C THR F 63 -50.63 -18.38 8.64
N TRP F 64 -51.46 -19.22 9.26
CA TRP F 64 -52.21 -20.25 8.55
C TRP F 64 -53.68 -19.83 8.52
N PHE F 65 -54.20 -19.59 7.32
CA PHE F 65 -55.56 -19.08 7.13
C PHE F 65 -56.46 -20.20 6.63
N HIS F 66 -57.61 -20.36 7.28
CA HIS F 66 -58.66 -21.25 6.79
C HIS F 66 -59.73 -20.42 6.08
N ALA F 67 -59.46 -20.12 4.81
CA ALA F 67 -60.35 -19.28 4.02
C ALA F 67 -61.74 -19.88 3.88
N ILE F 68 -61.88 -21.20 3.92
CA ILE F 68 -63.16 -21.87 3.82
C ILE F 68 -63.44 -22.57 5.14
N HIS F 69 -64.69 -22.50 5.58
CA HIS F 69 -65.08 -23.03 6.89
C HIS F 69 -64.86 -24.53 6.95
N ASP F 80 -62.38 -17.16 5.73
CA ASP F 80 -62.62 -16.16 4.69
C ASP F 80 -61.29 -15.58 4.23
N ASN F 81 -61.35 -14.66 3.25
CA ASN F 81 -60.15 -14.08 2.66
C ASN F 81 -59.93 -12.69 3.25
N PRO F 82 -58.99 -12.50 4.17
CA PRO F 82 -58.66 -11.14 4.62
C PRO F 82 -57.66 -10.47 3.69
N VAL F 83 -57.70 -9.14 3.69
CA VAL F 83 -56.73 -8.36 2.94
C VAL F 83 -55.48 -8.20 3.80
N LEU F 84 -54.38 -8.80 3.34
CA LEU F 84 -53.16 -8.90 4.12
C LEU F 84 -52.13 -7.87 3.65
N PRO F 85 -51.20 -7.47 4.50
CA PRO F 85 -50.17 -6.52 4.05
C PRO F 85 -49.15 -7.18 3.14
N PHE F 86 -48.39 -6.33 2.44
CA PHE F 86 -47.31 -6.74 1.55
C PHE F 86 -46.10 -5.89 1.97
N ASN F 87 -45.38 -6.36 2.99
CA ASN F 87 -44.37 -5.50 3.62
C ASN F 87 -43.17 -5.28 2.73
N ASP F 88 -42.45 -6.34 2.39
CA ASP F 88 -41.33 -6.27 1.46
C ASP F 88 -41.51 -7.34 0.39
N GLY F 89 -41.95 -8.51 0.82
CA GLY F 89 -42.34 -9.59 -0.05
C GLY F 89 -43.31 -10.47 0.71
N VAL F 90 -43.77 -11.52 0.05
CA VAL F 90 -44.71 -12.46 0.65
C VAL F 90 -44.38 -13.85 0.16
N TYR F 91 -44.14 -14.76 1.11
CA TYR F 91 -44.06 -16.19 0.82
C TYR F 91 -45.44 -16.80 1.00
N PHE F 92 -46.04 -17.23 -0.10
CA PHE F 92 -47.38 -17.78 -0.10
C PHE F 92 -47.30 -19.28 -0.38
N ALA F 93 -47.97 -20.07 0.46
CA ALA F 93 -47.97 -21.51 0.34
C ALA F 93 -49.39 -22.02 0.47
N SER F 94 -49.65 -23.18 -0.12
CA SER F 94 -50.97 -23.79 -0.07
C SER F 94 -50.83 -25.28 -0.33
N THR F 95 -51.79 -26.05 0.19
CA THR F 95 -51.83 -27.49 0.02
C THR F 95 -53.27 -27.93 -0.26
N GLU F 96 -53.99 -27.14 -1.06
CA GLU F 96 -55.40 -27.41 -1.28
C GLU F 96 -55.58 -28.64 -2.16
N LYS F 97 -56.72 -29.32 -1.98
CA LYS F 97 -56.96 -30.61 -2.60
C LYS F 97 -57.54 -30.52 -4.00
N SER F 98 -58.15 -29.39 -4.38
CA SER F 98 -58.84 -29.29 -5.67
C SER F 98 -58.60 -27.96 -6.37
N ASN F 99 -57.50 -27.27 -6.05
CA ASN F 99 -57.13 -26.02 -6.73
C ASN F 99 -58.23 -24.98 -6.61
N ILE F 100 -58.49 -24.56 -5.36
CA ILE F 100 -59.47 -23.50 -5.13
C ILE F 100 -58.80 -22.13 -5.29
N ILE F 101 -57.52 -22.03 -4.94
CA ILE F 101 -56.79 -20.78 -5.13
C ILE F 101 -56.51 -20.62 -6.62
N ARG F 102 -56.92 -19.48 -7.18
CA ARG F 102 -56.81 -19.21 -8.61
C ARG F 102 -55.94 -17.99 -8.93
N GLY F 103 -55.44 -17.29 -7.91
CA GLY F 103 -54.63 -16.12 -8.17
C GLY F 103 -54.67 -15.17 -6.98
N TRP F 104 -54.19 -13.95 -7.22
CA TRP F 104 -54.02 -12.96 -6.16
C TRP F 104 -54.34 -11.57 -6.70
N ILE F 105 -54.60 -10.67 -5.77
CA ILE F 105 -54.81 -9.25 -6.06
C ILE F 105 -53.77 -8.47 -5.28
N PHE F 106 -53.09 -7.53 -5.94
CA PHE F 106 -52.07 -6.71 -5.31
C PHE F 106 -52.37 -5.23 -5.55
N GLY F 107 -51.96 -4.41 -4.59
CA GLY F 107 -52.18 -2.97 -4.70
C GLY F 107 -51.99 -2.30 -3.36
N THR F 108 -52.39 -1.03 -3.30
CA THR F 108 -52.27 -0.24 -2.09
C THR F 108 -53.64 0.24 -1.59
N THR F 109 -54.47 0.75 -2.50
CA THR F 109 -55.81 1.20 -2.11
C THR F 109 -56.88 0.18 -2.49
N LEU F 110 -56.73 -0.49 -3.64
CA LEU F 110 -57.66 -1.53 -4.08
C LEU F 110 -59.09 -0.99 -4.20
N ASP F 111 -59.21 0.29 -4.61
CA ASP F 111 -60.52 0.89 -4.76
C ASP F 111 -60.66 1.77 -6.00
N SER F 112 -59.86 1.54 -7.04
CA SER F 112 -59.88 2.26 -8.31
C SER F 112 -59.26 3.64 -8.22
N LYS F 113 -58.84 4.10 -7.04
CA LYS F 113 -58.14 5.37 -6.91
C LYS F 113 -56.66 5.26 -7.22
N THR F 114 -56.12 4.04 -7.30
CA THR F 114 -54.71 3.84 -7.60
C THR F 114 -54.58 2.54 -8.40
N GLN F 115 -53.51 2.45 -9.19
CA GLN F 115 -53.30 1.27 -10.01
C GLN F 115 -53.10 0.03 -9.12
N SER F 116 -53.64 -1.09 -9.57
CA SER F 116 -53.57 -2.34 -8.84
C SER F 116 -53.34 -3.48 -9.82
N LEU F 117 -52.66 -4.52 -9.34
CA LEU F 117 -52.26 -5.65 -10.16
C LEU F 117 -53.19 -6.83 -9.88
N LEU F 118 -53.61 -7.51 -10.94
CA LEU F 118 -54.48 -8.68 -10.85
C LEU F 118 -53.82 -9.87 -11.54
N ILE F 119 -53.74 -10.98 -10.81
CA ILE F 119 -53.36 -12.27 -11.39
C ILE F 119 -54.49 -13.23 -11.07
N VAL F 120 -55.15 -13.73 -12.11
CA VAL F 120 -56.19 -14.73 -11.96
C VAL F 120 -56.05 -15.74 -13.09
N ASN F 121 -55.96 -17.01 -12.73
CA ASN F 121 -55.70 -18.08 -13.72
C ASN F 121 -57.00 -18.77 -14.06
N ASN F 122 -57.58 -18.48 -15.22
CA ASN F 122 -58.81 -19.18 -15.63
C ASN F 122 -58.42 -20.57 -16.10
N ALA F 123 -59.41 -21.42 -16.35
CA ALA F 123 -59.13 -22.80 -16.76
C ALA F 123 -58.12 -22.87 -17.91
N THR F 124 -58.10 -21.90 -18.84
CA THR F 124 -57.20 -22.09 -19.97
C THR F 124 -56.13 -21.02 -20.10
N ASN F 125 -56.24 -19.91 -19.36
CA ASN F 125 -55.27 -18.78 -19.55
C ASN F 125 -55.11 -17.89 -18.33
N VAL F 126 -53.86 -17.64 -17.89
CA VAL F 126 -53.63 -16.64 -16.84
C VAL F 126 -53.73 -15.26 -17.47
N VAL F 127 -54.31 -14.33 -16.74
CA VAL F 127 -54.38 -12.93 -17.15
C VAL F 127 -53.69 -12.10 -16.09
N ILE F 128 -52.51 -11.57 -16.42
CA ILE F 128 -51.75 -10.68 -15.56
C ILE F 128 -52.01 -9.27 -16.06
N LYS F 129 -52.59 -8.43 -15.20
CA LYS F 129 -53.20 -7.20 -15.65
C LYS F 129 -53.08 -6.14 -14.55
N VAL F 130 -52.70 -4.92 -14.94
CA VAL F 130 -52.58 -3.79 -14.03
C VAL F 130 -53.47 -2.69 -14.57
N CYS F 131 -54.59 -2.45 -13.87
CA CYS F 131 -55.50 -1.37 -14.22
C CYS F 131 -55.85 -0.62 -12.94
N GLU F 132 -56.74 0.36 -13.06
CA GLU F 132 -57.33 1.02 -11.90
C GLU F 132 -58.60 0.27 -11.48
N PHE F 133 -58.37 -0.92 -10.92
CA PHE F 133 -59.45 -1.84 -10.64
C PHE F 133 -60.40 -1.29 -9.58
N GLN F 134 -61.70 -1.51 -9.81
CA GLN F 134 -62.72 -1.25 -8.78
C GLN F 134 -63.09 -2.59 -8.13
N PHE F 135 -62.18 -3.05 -7.28
CA PHE F 135 -62.32 -4.37 -6.68
C PHE F 135 -63.54 -4.44 -5.77
N CYS F 136 -64.23 -5.58 -5.83
CA CYS F 136 -65.32 -5.83 -4.90
C CYS F 136 -64.77 -6.11 -3.51
N ASN F 137 -65.63 -5.92 -2.51
CA ASN F 137 -65.19 -6.11 -1.12
C ASN F 137 -64.77 -7.54 -0.84
N ASP F 138 -65.40 -8.52 -1.50
CA ASP F 138 -65.08 -9.94 -1.38
C ASP F 138 -64.79 -10.49 -2.77
N PRO F 139 -63.58 -10.28 -3.30
CA PRO F 139 -63.26 -10.84 -4.61
C PRO F 139 -63.33 -12.36 -4.63
N PHE F 140 -63.81 -12.89 -5.75
CA PHE F 140 -63.80 -14.33 -5.99
C PHE F 140 -64.08 -14.57 -7.46
N LEU F 141 -63.77 -15.79 -7.91
CA LEU F 141 -63.94 -16.19 -9.29
C LEU F 141 -65.13 -17.12 -9.41
N GLY F 142 -66.01 -16.84 -10.38
CA GLY F 142 -67.20 -17.64 -10.56
C GLY F 142 -66.90 -18.97 -11.24
N VAL F 143 -67.96 -19.72 -11.47
CA VAL F 143 -67.85 -21.01 -12.16
C VAL F 143 -69.06 -21.19 -13.09
N VAL F 159 -64.34 -13.88 -15.42
CA VAL F 159 -65.53 -13.47 -14.68
C VAL F 159 -65.21 -12.29 -13.78
N TYR F 160 -63.94 -12.13 -13.42
CA TYR F 160 -63.47 -11.04 -12.57
C TYR F 160 -62.42 -10.25 -13.34
N SER F 161 -62.74 -9.00 -13.67
CA SER F 161 -61.84 -8.16 -14.45
C SER F 161 -62.35 -6.72 -14.44
N SER F 162 -61.54 -5.83 -15.02
CA SER F 162 -61.91 -4.44 -15.21
C SER F 162 -60.99 -3.84 -16.25
N ALA F 163 -61.37 -2.66 -16.75
CA ALA F 163 -60.62 -1.97 -17.81
C ALA F 163 -60.55 -0.47 -17.61
N ASN F 164 -60.67 0.02 -16.38
CA ASN F 164 -60.69 1.46 -16.12
C ASN F 164 -59.29 2.03 -16.18
N ASN F 165 -59.03 2.92 -17.15
CA ASN F 165 -57.70 3.57 -17.28
C ASN F 165 -56.64 2.50 -17.05
N CYS F 166 -56.54 1.53 -17.94
CA CYS F 166 -55.66 0.41 -17.67
C CYS F 166 -54.33 0.57 -18.40
N THR F 167 -53.28 -0.07 -17.87
CA THR F 167 -51.92 0.16 -18.34
C THR F 167 -51.06 -1.08 -18.47
N PHE F 168 -51.61 -2.30 -18.40
CA PHE F 168 -50.82 -3.50 -18.57
C PHE F 168 -51.76 -4.68 -18.74
N GLU F 169 -51.34 -5.62 -19.60
CA GLU F 169 -52.04 -6.89 -19.74
C GLU F 169 -51.08 -7.91 -20.33
N TYR F 170 -51.16 -9.14 -19.83
CA TYR F 170 -50.34 -10.24 -20.33
C TYR F 170 -51.15 -11.52 -20.18
N VAL F 171 -51.85 -11.90 -21.25
CA VAL F 171 -52.62 -13.13 -21.25
C VAL F 171 -51.78 -14.24 -21.85
N SER F 172 -51.65 -15.35 -21.13
CA SER F 172 -50.74 -16.42 -21.53
C SER F 172 -51.19 -17.73 -20.89
N GLN F 173 -50.32 -18.73 -20.96
CA GLN F 173 -50.62 -20.05 -20.44
C GLN F 173 -50.75 -20.00 -18.92
N PRO F 174 -51.64 -20.80 -18.31
CA PRO F 174 -51.77 -20.74 -16.85
C PRO F 174 -50.71 -21.57 -16.14
N PHE F 175 -50.28 -21.04 -14.98
CA PHE F 175 -49.35 -21.74 -14.11
C PHE F 175 -50.03 -22.42 -12.93
N LEU F 176 -51.32 -22.14 -12.70
CA LEU F 176 -52.10 -22.80 -11.67
C LEU F 176 -53.13 -23.70 -12.32
N MET F 177 -53.01 -25.00 -12.08
CA MET F 177 -53.89 -25.99 -12.68
C MET F 177 -54.25 -27.04 -11.65
N ASP F 178 -55.27 -27.85 -11.91
CA ASP F 178 -55.75 -28.85 -10.90
C ASP F 178 -54.87 -30.12 -10.94
N LEU F 179 -53.68 -30.08 -10.35
CA LEU F 179 -52.73 -31.23 -10.45
C LEU F 179 -52.95 -32.28 -9.36
N GLU F 180 -53.74 -31.98 -8.33
CA GLU F 180 -53.90 -32.91 -7.17
C GLU F 180 -54.60 -34.22 -7.55
N GLY F 181 -55.49 -34.21 -8.54
CA GLY F 181 -56.25 -35.43 -8.86
C GLY F 181 -55.33 -36.57 -9.24
N LYS F 182 -54.26 -36.29 -9.98
CA LYS F 182 -53.28 -37.33 -10.38
C LYS F 182 -52.56 -37.89 -9.14
N GLN F 183 -52.21 -37.05 -8.18
CA GLN F 183 -51.42 -37.50 -7.00
C GLN F 183 -52.28 -38.34 -6.06
N GLY F 184 -53.61 -38.36 -6.24
CA GLY F 184 -54.48 -39.07 -5.29
C GLY F 184 -54.37 -38.46 -3.90
N ASN F 185 -54.13 -39.28 -2.88
CA ASN F 185 -54.09 -38.77 -1.48
C ASN F 185 -52.95 -37.77 -1.30
N PHE F 186 -51.79 -38.02 -1.91
CA PHE F 186 -50.62 -37.12 -1.76
C PHE F 186 -51.07 -35.75 -2.26
N LYS F 187 -50.72 -34.69 -1.55
CA LYS F 187 -51.26 -33.37 -1.95
C LYS F 187 -50.15 -32.41 -2.41
N ASN F 188 -50.30 -31.81 -3.59
CA ASN F 188 -49.36 -30.81 -4.04
C ASN F 188 -49.22 -29.68 -3.02
N LEU F 189 -47.97 -29.31 -2.73
CA LEU F 189 -47.70 -28.11 -1.94
C LEU F 189 -47.24 -26.99 -2.86
N ARG F 190 -48.17 -26.12 -3.24
CA ARG F 190 -47.87 -24.99 -4.11
C ARG F 190 -47.26 -23.88 -3.27
N GLU F 191 -46.07 -23.43 -3.65
CA GLU F 191 -45.36 -22.37 -2.95
C GLU F 191 -45.11 -21.21 -3.91
N PHE F 192 -45.24 -19.99 -3.40
CA PHE F 192 -44.99 -18.80 -4.19
C PHE F 192 -44.26 -17.77 -3.34
N VAL F 193 -43.42 -16.97 -3.99
CA VAL F 193 -42.73 -15.85 -3.37
C VAL F 193 -42.91 -14.63 -4.27
N PHE F 194 -43.50 -13.57 -3.74
CA PHE F 194 -43.78 -12.35 -4.51
C PHE F 194 -42.80 -11.31 -4.01
N LYS F 195 -42.31 -10.43 -4.86
CA LYS F 195 -41.39 -9.32 -4.48
C LYS F 195 -41.79 -8.13 -5.33
N ASN F 196 -41.40 -6.92 -4.97
CA ASN F 196 -41.68 -5.70 -5.75
C ASN F 196 -40.50 -4.77 -5.52
N ILE F 197 -39.40 -4.94 -6.26
CA ILE F 197 -38.17 -4.17 -6.09
C ILE F 197 -37.67 -3.71 -7.45
N ASP F 198 -37.13 -2.49 -7.49
CA ASP F 198 -36.54 -1.93 -8.70
C ASP F 198 -37.55 -1.87 -9.84
N GLY F 199 -38.82 -1.66 -9.51
CA GLY F 199 -39.86 -1.53 -10.51
C GLY F 199 -40.31 -2.83 -11.14
N TYR F 200 -39.83 -3.98 -10.66
CA TYR F 200 -40.22 -5.29 -11.17
C TYR F 200 -41.05 -6.01 -10.12
N PHE F 201 -42.15 -6.64 -10.56
CA PHE F 201 -42.90 -7.55 -9.71
C PHE F 201 -42.43 -8.97 -10.02
N LYS F 202 -41.61 -9.52 -9.13
CA LYS F 202 -40.98 -10.81 -9.35
C LYS F 202 -41.77 -11.90 -8.64
N ILE F 203 -42.06 -12.99 -9.35
CA ILE F 203 -42.80 -14.13 -8.82
C ILE F 203 -41.93 -15.37 -8.97
N TYR F 204 -41.82 -16.14 -7.90
CA TYR F 204 -41.12 -17.41 -7.88
C TYR F 204 -42.11 -18.49 -7.47
N SER F 205 -41.85 -19.74 -7.86
CA SER F 205 -42.78 -20.81 -7.57
C SER F 205 -42.11 -22.16 -7.58
N LYS F 206 -42.76 -23.12 -6.93
CA LYS F 206 -42.27 -24.53 -6.89
C LYS F 206 -43.42 -25.39 -6.33
N HIS F 207 -43.78 -26.48 -6.99
CA HIS F 207 -44.88 -27.37 -6.56
C HIS F 207 -44.27 -28.75 -6.29
N THR F 208 -44.53 -29.35 -5.14
CA THR F 208 -43.86 -30.65 -4.78
C THR F 208 -44.88 -31.63 -4.20
N PRO F 209 -44.86 -32.99 -4.40
CA PRO F 209 -45.83 -33.86 -3.73
C PRO F 209 -45.47 -34.08 -2.27
N ILE F 210 -46.47 -33.98 -1.39
CA ILE F 210 -46.28 -34.21 0.04
C ILE F 210 -47.50 -34.93 0.59
N ASN F 211 -47.33 -35.51 1.78
CA ASN F 211 -48.41 -36.13 2.53
C ASN F 211 -48.62 -35.51 3.91
N LEU F 212 -47.68 -34.71 4.40
CA LEU F 212 -47.83 -34.07 5.70
C LEU F 212 -49.05 -33.15 5.68
N VAL F 213 -49.86 -33.22 6.75
CA VAL F 213 -51.18 -32.61 6.76
C VAL F 213 -51.15 -31.22 7.38
N ARG F 214 -50.76 -31.14 8.66
CA ARG F 214 -51.03 -29.95 9.45
C ARG F 214 -49.97 -28.86 9.33
N ASP F 215 -48.78 -29.17 8.81
CA ASP F 215 -47.70 -28.20 8.78
C ASP F 215 -46.87 -28.39 7.53
N LEU F 216 -46.00 -27.42 7.27
CA LEU F 216 -45.17 -27.45 6.07
C LEU F 216 -44.12 -28.55 6.20
N PRO F 217 -43.60 -29.07 5.08
CA PRO F 217 -42.66 -30.19 5.17
C PRO F 217 -41.35 -29.81 5.83
N GLN F 218 -40.72 -30.81 6.46
CA GLN F 218 -39.37 -30.68 6.99
C GLN F 218 -38.40 -31.06 5.87
N GLY F 219 -38.21 -30.12 4.95
CA GLY F 219 -37.40 -30.39 3.78
C GLY F 219 -36.94 -29.10 3.14
N PHE F 220 -36.22 -29.25 2.03
CA PHE F 220 -35.62 -28.14 1.31
C PHE F 220 -35.94 -28.25 -0.18
N SER F 221 -36.35 -27.13 -0.77
CA SER F 221 -36.59 -27.06 -2.21
C SER F 221 -36.59 -25.60 -2.62
N ALA F 222 -35.70 -25.22 -3.52
CA ALA F 222 -35.55 -23.83 -3.92
C ALA F 222 -36.59 -23.46 -4.97
N LEU F 223 -37.28 -22.34 -4.73
CA LEU F 223 -38.29 -21.87 -5.67
C LEU F 223 -37.64 -21.27 -6.90
N GLU F 224 -38.28 -21.47 -8.06
CA GLU F 224 -37.77 -20.98 -9.34
C GLU F 224 -38.66 -19.85 -9.87
N PRO F 225 -38.12 -18.91 -10.65
CA PRO F 225 -38.94 -17.80 -11.15
C PRO F 225 -40.09 -18.27 -12.02
N LEU F 226 -41.21 -17.54 -11.93
CA LEU F 226 -42.32 -17.67 -12.89
C LEU F 226 -42.28 -16.54 -13.91
N VAL F 227 -42.36 -15.30 -13.43
CA VAL F 227 -42.39 -14.12 -14.28
C VAL F 227 -41.46 -13.08 -13.66
N ASP F 228 -41.09 -12.10 -14.49
CA ASP F 228 -40.35 -10.94 -14.02
C ASP F 228 -41.03 -9.73 -14.69
N LEU F 229 -42.07 -9.22 -14.04
CA LEU F 229 -42.96 -8.26 -14.69
C LEU F 229 -42.44 -6.84 -14.50
N PRO F 230 -42.20 -6.07 -15.59
CA PRO F 230 -41.91 -4.64 -15.42
C PRO F 230 -43.19 -3.88 -15.14
N ILE F 231 -43.40 -3.49 -13.88
CA ILE F 231 -44.70 -3.03 -13.42
C ILE F 231 -44.58 -1.61 -12.85
N GLY F 232 -43.79 -1.46 -11.79
CA GLY F 232 -43.45 -0.15 -11.26
C GLY F 232 -44.48 0.48 -10.33
N ILE F 233 -45.50 -0.26 -9.91
CA ILE F 233 -46.52 0.31 -9.02
C ILE F 233 -46.10 0.14 -7.57
N ASN F 234 -46.85 0.83 -6.69
CA ASN F 234 -46.62 0.73 -5.23
C ASN F 234 -47.55 -0.34 -4.68
N ILE F 235 -47.00 -1.40 -4.10
CA ILE F 235 -47.77 -2.52 -3.56
C ILE F 235 -47.58 -2.53 -2.06
N THR F 236 -48.70 -2.52 -1.32
CA THR F 236 -48.69 -2.56 0.14
C THR F 236 -49.65 -3.57 0.74
N ARG F 237 -50.69 -3.97 0.02
CA ARG F 237 -51.65 -4.95 0.51
C ARG F 237 -51.97 -5.93 -0.61
N PHE F 238 -52.45 -7.11 -0.22
CA PHE F 238 -52.80 -8.13 -1.20
C PHE F 238 -53.85 -9.06 -0.58
N GLN F 239 -54.52 -9.82 -1.45
CA GLN F 239 -55.45 -10.84 -0.99
C GLN F 239 -55.63 -11.90 -2.06
N THR F 240 -55.90 -13.12 -1.61
CA THR F 240 -56.19 -14.21 -2.53
C THR F 240 -57.64 -14.15 -2.98
N LEU F 241 -57.88 -14.61 -4.21
CA LEU F 241 -59.21 -14.79 -4.75
C LEU F 241 -59.43 -16.27 -5.04
N LEU F 242 -60.64 -16.74 -4.75
CA LEU F 242 -60.96 -18.16 -4.76
C LEU F 242 -62.01 -18.46 -5.82
N ALA F 243 -62.10 -19.73 -6.19
CA ALA F 243 -63.13 -20.20 -7.12
C ALA F 243 -64.30 -20.76 -6.33
N LEU F 244 -65.44 -20.09 -6.39
CA LEU F 244 -66.63 -20.46 -5.63
C LEU F 244 -67.74 -20.86 -6.59
N HIS F 245 -68.29 -22.06 -6.40
CA HIS F 245 -69.41 -22.49 -7.23
C HIS F 245 -70.67 -21.70 -6.93
N ARG F 246 -70.93 -21.43 -5.65
CA ARG F 246 -72.09 -20.65 -5.22
C ARG F 246 -71.65 -19.21 -5.00
N SER F 247 -72.13 -18.31 -5.85
CA SER F 247 -71.64 -16.93 -5.89
C SER F 247 -72.34 -16.05 -4.85
N TYR F 248 -71.97 -16.22 -3.59
CA TYR F 248 -72.44 -15.32 -2.53
C TYR F 248 -71.64 -14.04 -2.54
N LEU F 249 -72.12 -13.02 -3.27
CA LEU F 249 -71.44 -11.73 -3.35
C LEU F 249 -71.77 -10.92 -2.10
N THR F 250 -71.11 -11.28 -1.01
CA THR F 250 -71.32 -10.63 0.27
C THR F 250 -70.53 -9.33 0.36
N ALA F 264 -55.98 -23.18 4.93
CA ALA F 264 -56.07 -23.39 3.49
C ALA F 264 -54.77 -22.97 2.81
N TYR F 265 -54.23 -21.83 3.24
CA TYR F 265 -52.99 -21.32 2.68
C TYR F 265 -52.20 -20.59 3.76
N TYR F 266 -50.88 -20.65 3.63
CA TYR F 266 -49.95 -20.05 4.59
C TYR F 266 -49.33 -18.81 3.97
N VAL F 267 -49.05 -17.81 4.81
CA VAL F 267 -48.48 -16.54 4.37
C VAL F 267 -47.31 -16.20 5.29
N GLY F 268 -46.15 -15.92 4.69
CA GLY F 268 -45.01 -15.42 5.42
C GLY F 268 -44.43 -14.23 4.69
N TYR F 269 -43.66 -13.43 5.43
CA TYR F 269 -43.15 -12.16 4.94
C TYR F 269 -41.62 -12.22 4.86
N LEU F 270 -41.08 -11.79 3.74
CA LEU F 270 -39.64 -11.79 3.54
C LEU F 270 -38.99 -10.65 4.32
N GLN F 271 -37.70 -10.81 4.61
CA GLN F 271 -36.90 -9.79 5.26
C GLN F 271 -35.52 -9.79 4.63
N PRO F 272 -34.78 -8.67 4.72
CA PRO F 272 -33.39 -8.68 4.22
C PRO F 272 -32.52 -9.64 5.00
N ARG F 273 -32.05 -10.70 4.35
CA ARG F 273 -31.26 -11.74 4.99
C ARG F 273 -30.14 -12.18 4.06
N THR F 274 -28.98 -12.48 4.65
CA THR F 274 -27.87 -13.04 3.92
C THR F 274 -27.94 -14.57 4.01
N PHE F 275 -27.99 -15.23 2.86
CA PHE F 275 -28.11 -16.69 2.77
C PHE F 275 -26.87 -17.25 2.08
N LEU F 276 -26.36 -18.36 2.61
CA LEU F 276 -25.26 -19.09 1.98
C LEU F 276 -25.86 -20.27 1.24
N LEU F 277 -25.95 -20.15 -0.09
CA LEU F 277 -26.66 -21.10 -0.93
C LEU F 277 -25.68 -22.13 -1.49
N LYS F 278 -26.01 -23.40 -1.34
CA LYS F 278 -25.16 -24.51 -1.80
C LYS F 278 -25.71 -25.03 -3.12
N TYR F 279 -24.91 -24.89 -4.18
CA TYR F 279 -25.27 -25.38 -5.50
C TYR F 279 -24.57 -26.72 -5.73
N ASN F 280 -25.33 -27.75 -6.07
CA ASN F 280 -24.74 -29.06 -6.31
C ASN F 280 -24.12 -29.08 -7.71
N GLU F 281 -23.58 -30.24 -8.09
CA GLU F 281 -22.88 -30.33 -9.37
C GLU F 281 -23.82 -30.09 -10.55
N ASN F 282 -25.11 -30.41 -10.38
CA ASN F 282 -26.09 -30.15 -11.43
C ASN F 282 -26.58 -28.71 -11.46
N GLY F 283 -26.19 -27.89 -10.49
CA GLY F 283 -26.52 -26.48 -10.52
C GLY F 283 -27.75 -26.08 -9.74
N THR F 284 -28.34 -26.98 -8.97
CA THR F 284 -29.54 -26.69 -8.19
C THR F 284 -29.18 -26.41 -6.74
N ILE F 285 -29.95 -25.54 -6.11
CA ILE F 285 -29.74 -25.24 -4.69
C ILE F 285 -30.31 -26.39 -3.87
N THR F 286 -29.43 -27.10 -3.17
CA THR F 286 -29.83 -28.28 -2.41
C THR F 286 -29.97 -28.02 -0.92
N ASP F 287 -29.26 -27.04 -0.38
CA ASP F 287 -29.39 -26.70 1.03
C ASP F 287 -28.86 -25.29 1.20
N ALA F 288 -29.21 -24.65 2.31
CA ALA F 288 -28.81 -23.27 2.54
C ALA F 288 -28.71 -23.01 4.04
N VAL F 289 -28.00 -21.92 4.37
CA VAL F 289 -27.80 -21.49 5.75
C VAL F 289 -28.32 -20.06 5.89
N ASP F 290 -29.18 -19.84 6.88
CA ASP F 290 -29.64 -18.50 7.22
C ASP F 290 -28.62 -17.90 8.19
N CYS F 291 -27.81 -16.97 7.69
CA CYS F 291 -26.64 -16.52 8.43
C CYS F 291 -26.99 -15.83 9.74
N ALA F 292 -28.19 -15.26 9.86
CA ALA F 292 -28.61 -14.56 11.06
C ALA F 292 -29.53 -15.37 11.96
N LEU F 293 -29.73 -16.65 11.66
CA LEU F 293 -30.65 -17.47 12.45
C LEU F 293 -30.12 -17.68 13.86
N ASP F 294 -28.88 -18.11 13.98
CA ASP F 294 -28.29 -18.45 15.26
C ASP F 294 -26.78 -18.35 15.14
N PRO F 295 -26.05 -18.37 16.26
CA PRO F 295 -24.58 -18.25 16.16
C PRO F 295 -23.93 -19.35 15.34
N LEU F 296 -24.47 -20.57 15.38
CA LEU F 296 -23.87 -21.64 14.58
C LEU F 296 -23.96 -21.34 13.09
N SER F 297 -25.12 -20.84 12.64
CA SER F 297 -25.28 -20.50 11.24
C SER F 297 -24.36 -19.35 10.86
N GLU F 298 -24.21 -18.36 11.74
CA GLU F 298 -23.31 -17.25 11.45
C GLU F 298 -21.87 -17.74 11.33
N THR F 299 -21.45 -18.68 12.16
CA THR F 299 -20.12 -19.26 12.03
C THR F 299 -19.98 -19.98 10.69
N LYS F 300 -21.02 -20.75 10.30
CA LYS F 300 -21.00 -21.41 9.01
C LYS F 300 -20.97 -20.40 7.87
N CYS F 301 -21.68 -19.28 8.04
CA CYS F 301 -21.69 -18.25 7.03
C CYS F 301 -20.35 -17.54 6.93
N THR F 302 -19.71 -17.25 8.06
CA THR F 302 -18.43 -16.55 8.04
C THR F 302 -17.35 -17.39 7.39
N LEU F 303 -17.32 -18.69 7.68
CA LEU F 303 -16.34 -19.59 7.09
C LEU F 303 -16.69 -20.00 5.67
N LYS F 304 -17.87 -19.64 5.17
CA LYS F 304 -18.31 -20.05 3.84
C LYS F 304 -18.28 -21.56 3.70
N SER F 305 -18.77 -22.24 4.73
CA SER F 305 -18.80 -23.70 4.75
C SER F 305 -20.02 -24.15 5.54
N PHE F 306 -20.48 -25.35 5.24
CA PHE F 306 -21.66 -25.93 5.88
C PHE F 306 -21.32 -26.83 7.05
N THR F 307 -20.08 -27.32 7.13
CA THR F 307 -19.57 -28.03 8.29
C THR F 307 -18.36 -27.28 8.83
N VAL F 308 -18.30 -27.15 10.15
CA VAL F 308 -17.23 -26.42 10.83
C VAL F 308 -16.51 -27.38 11.77
N GLU F 309 -15.19 -27.26 11.85
CA GLU F 309 -14.40 -28.07 12.74
C GLU F 309 -14.37 -27.47 14.14
N LYS F 310 -13.89 -28.25 15.09
CA LYS F 310 -13.81 -27.79 16.48
C LYS F 310 -12.89 -26.58 16.58
N GLY F 311 -13.31 -25.59 17.35
CA GLY F 311 -12.50 -24.40 17.55
C GLY F 311 -13.35 -23.24 18.00
N ILE F 312 -12.70 -22.09 18.07
CA ILE F 312 -13.34 -20.83 18.43
C ILE F 312 -13.16 -19.86 17.27
N TYR F 313 -14.26 -19.36 16.74
CA TYR F 313 -14.28 -18.54 15.54
C TYR F 313 -14.89 -17.18 15.85
N GLN F 314 -14.23 -16.12 15.41
CA GLN F 314 -14.82 -14.78 15.50
C GLN F 314 -15.75 -14.57 14.32
N THR F 315 -17.03 -14.37 14.61
CA THR F 315 -18.07 -14.31 13.58
C THR F 315 -18.53 -12.89 13.26
N SER F 316 -18.69 -12.03 14.26
CA SER F 316 -19.20 -10.69 14.04
C SER F 316 -18.70 -9.81 15.18
N ASN F 317 -19.20 -8.57 15.22
CA ASN F 317 -18.84 -7.60 16.23
C ASN F 317 -20.09 -7.13 16.96
N PHE F 318 -20.09 -7.31 18.27
CA PHE F 318 -21.18 -6.80 19.10
C PHE F 318 -20.99 -5.31 19.36
N ARG F 319 -22.10 -4.56 19.34
CA ARG F 319 -22.04 -3.10 19.59
C ARG F 319 -23.33 -2.67 20.27
N VAL F 320 -23.27 -2.17 21.51
CA VAL F 320 -24.48 -1.65 22.18
C VAL F 320 -24.95 -0.49 21.31
N GLN F 321 -26.26 -0.40 21.04
CA GLN F 321 -26.74 0.65 20.11
C GLN F 321 -27.32 1.81 20.94
N PRO F 322 -27.32 3.11 20.51
CA PRO F 322 -27.83 4.17 21.37
C PRO F 322 -29.35 4.09 21.51
N THR F 323 -29.83 4.33 22.74
CA THR F 323 -31.26 4.21 23.00
C THR F 323 -32.06 5.37 22.45
N GLU F 324 -31.57 6.61 22.61
CA GLU F 324 -32.27 7.79 22.11
C GLU F 324 -31.25 8.86 21.73
N SER F 325 -31.75 9.90 21.06
CA SER F 325 -30.93 11.00 20.60
C SER F 325 -31.07 12.18 21.55
N ILE F 326 -29.96 12.85 21.84
CA ILE F 326 -29.91 13.96 22.79
C ILE F 326 -29.38 15.19 22.06
N VAL F 327 -30.05 16.31 22.22
CA VAL F 327 -29.64 17.59 21.66
C VAL F 327 -29.56 18.61 22.78
N ARG F 328 -28.42 19.29 22.88
CA ARG F 328 -28.19 20.30 23.91
C ARG F 328 -27.59 21.53 23.25
N PHE F 329 -28.41 22.53 22.98
CA PHE F 329 -28.03 23.77 22.34
C PHE F 329 -28.06 24.91 23.36
N PRO F 330 -27.36 26.01 23.10
CA PRO F 330 -27.38 27.13 24.04
C PRO F 330 -28.77 27.77 24.12
N ASN F 331 -29.03 28.39 25.27
CA ASN F 331 -30.33 29.00 25.55
C ASN F 331 -30.41 30.38 24.88
N ILE F 332 -30.46 30.35 23.55
CA ILE F 332 -30.54 31.56 22.74
C ILE F 332 -31.91 31.56 22.06
N THR F 333 -32.58 32.73 22.07
CA THR F 333 -33.93 32.86 21.56
C THR F 333 -34.09 33.86 20.43
N ASN F 334 -33.25 34.90 20.38
CA ASN F 334 -33.44 35.98 19.41
C ASN F 334 -33.27 35.46 17.99
N LEU F 335 -34.19 35.83 17.10
CA LEU F 335 -34.05 35.51 15.69
C LEU F 335 -33.02 36.43 15.05
N CYS F 336 -32.48 35.97 13.92
CA CYS F 336 -31.22 36.52 13.45
C CYS F 336 -31.47 37.46 12.26
N PRO F 337 -30.74 38.61 12.15
CA PRO F 337 -31.10 39.64 11.17
C PRO F 337 -30.59 39.38 9.75
N PHE F 338 -31.14 38.34 9.11
CA PHE F 338 -30.93 38.19 7.67
C PHE F 338 -31.75 39.20 6.88
N GLY F 339 -32.86 39.68 7.44
CA GLY F 339 -33.65 40.69 6.74
C GLY F 339 -32.85 41.93 6.45
N GLU F 340 -32.03 42.37 7.41
CA GLU F 340 -31.17 43.53 7.19
C GLU F 340 -30.16 43.27 6.08
N VAL F 341 -29.81 42.00 5.86
CA VAL F 341 -28.82 41.66 4.84
C VAL F 341 -29.44 41.71 3.45
N PHE F 342 -30.56 41.01 3.26
CA PHE F 342 -31.13 40.83 1.93
C PHE F 342 -32.07 41.96 1.52
N ASN F 343 -32.76 42.58 2.49
CA ASN F 343 -33.75 43.65 2.20
C ASN F 343 -33.11 45.02 2.39
N ALA F 344 -31.78 45.15 2.30
CA ALA F 344 -31.15 46.46 2.39
C ALA F 344 -31.52 47.30 1.16
N THR F 345 -31.78 48.60 1.41
CA THR F 345 -32.19 49.48 0.33
C THR F 345 -31.11 49.61 -0.73
N ARG F 346 -29.87 49.78 -0.32
CA ARG F 346 -28.73 49.94 -1.21
C ARG F 346 -27.69 48.88 -0.93
N PHE F 347 -27.31 48.13 -1.97
CA PHE F 347 -26.19 47.21 -1.87
C PHE F 347 -24.90 47.94 -2.23
N ALA F 348 -23.80 47.48 -1.63
CA ALA F 348 -22.52 48.15 -1.79
C ALA F 348 -21.94 47.88 -3.18
N SER F 349 -21.12 48.82 -3.64
CA SER F 349 -20.35 48.59 -4.86
C SER F 349 -19.38 47.43 -4.65
N VAL F 350 -19.13 46.65 -5.69
CA VAL F 350 -18.39 45.41 -5.53
C VAL F 350 -16.97 45.67 -5.06
N TYR F 351 -16.38 46.80 -5.45
CA TYR F 351 -15.04 47.11 -4.96
C TYR F 351 -15.03 47.42 -3.47
N ALA F 352 -16.20 47.73 -2.90
CA ALA F 352 -16.36 48.02 -1.47
C ALA F 352 -17.43 47.12 -0.88
N TRP F 353 -17.31 45.83 -1.14
CA TRP F 353 -18.29 44.86 -0.65
C TRP F 353 -18.42 44.92 0.86
N ASN F 354 -19.65 44.81 1.34
CA ASN F 354 -19.94 44.92 2.76
C ASN F 354 -19.43 43.70 3.52
N ARG F 355 -19.38 43.84 4.86
CA ARG F 355 -18.85 42.80 5.73
C ARG F 355 -19.61 42.88 7.06
N LYS F 356 -20.69 42.08 7.16
CA LYS F 356 -21.56 42.12 8.37
C LYS F 356 -21.45 40.81 9.13
N ARG F 357 -20.72 40.81 10.26
CA ARG F 357 -20.59 39.58 11.08
C ARG F 357 -21.94 39.23 11.68
N ILE F 358 -22.28 37.95 11.73
CA ILE F 358 -23.56 37.47 12.31
C ILE F 358 -23.22 36.54 13.47
N SER F 359 -23.51 36.95 14.71
CA SER F 359 -23.18 36.18 15.90
C SER F 359 -24.35 36.24 16.88
N ASN F 360 -24.41 35.24 17.75
CA ASN F 360 -25.48 35.12 18.74
C ASN F 360 -26.85 35.14 18.04
N CYS F 361 -27.04 34.12 17.22
CA CYS F 361 -28.25 33.94 16.41
C CYS F 361 -28.91 32.60 16.64
N VAL F 362 -30.20 32.57 16.31
CA VAL F 362 -30.91 31.36 15.94
C VAL F 362 -31.31 31.52 14.48
N ALA F 363 -30.46 31.04 13.58
CA ALA F 363 -30.57 31.31 12.15
C ALA F 363 -31.35 30.20 11.48
N ASP F 364 -32.42 30.58 10.76
CA ASP F 364 -33.24 29.65 9.99
C ASP F 364 -32.96 29.86 8.51
N TYR F 365 -32.22 28.93 7.91
CA TYR F 365 -31.83 29.04 6.51
C TYR F 365 -32.84 28.43 5.55
N SER F 366 -33.86 27.73 6.06
CA SER F 366 -34.83 27.10 5.16
C SER F 366 -35.61 28.14 4.37
N VAL F 367 -36.02 29.23 5.03
CA VAL F 367 -36.78 30.26 4.33
C VAL F 367 -35.94 30.90 3.24
N LEU F 368 -34.64 31.06 3.47
CA LEU F 368 -33.75 31.55 2.41
C LEU F 368 -33.70 30.58 1.25
N TYR F 369 -33.60 29.27 1.54
CA TYR F 369 -33.42 28.29 0.48
C TYR F 369 -34.69 28.14 -0.36
N ASN F 370 -35.85 27.99 0.29
CA ASN F 370 -37.08 27.72 -0.43
C ASN F 370 -37.71 28.97 -1.02
N SER F 371 -37.20 30.15 -0.71
CA SER F 371 -37.72 31.38 -1.31
C SER F 371 -37.40 31.42 -2.79
N ALA F 372 -38.43 31.73 -3.60
CA ALA F 372 -38.25 31.80 -5.04
C ALA F 372 -37.56 33.08 -5.49
N SER F 373 -37.32 34.02 -4.58
CA SER F 373 -36.72 35.30 -4.96
C SER F 373 -35.29 35.15 -5.46
N PHE F 374 -34.61 34.05 -5.12
CA PHE F 374 -33.20 33.86 -5.44
C PHE F 374 -33.08 33.05 -6.74
N SER F 375 -32.45 33.65 -7.74
CA SER F 375 -32.22 32.97 -9.01
C SER F 375 -31.03 32.01 -8.96
N THR F 376 -30.15 32.15 -7.98
CA THR F 376 -29.00 31.27 -7.84
C THR F 376 -28.77 31.00 -6.36
N PHE F 377 -28.65 29.72 -6.02
CA PHE F 377 -28.42 29.32 -4.63
C PHE F 377 -27.57 28.04 -4.66
N LYS F 378 -26.25 28.22 -4.55
CA LYS F 378 -25.31 27.11 -4.55
C LYS F 378 -24.39 27.25 -3.34
N CYS F 379 -24.25 26.17 -2.58
CA CYS F 379 -23.35 26.11 -1.44
C CYS F 379 -22.24 25.10 -1.74
N TYR F 380 -21.00 25.46 -1.42
CA TYR F 380 -19.85 24.67 -1.81
C TYR F 380 -19.45 23.66 -0.73
N GLY F 381 -19.13 24.12 0.48
CA GLY F 381 -18.64 23.23 1.56
C GLY F 381 -19.76 22.65 2.40
N VAL F 382 -20.98 23.18 2.30
CA VAL F 382 -22.17 22.74 3.09
C VAL F 382 -23.28 22.43 2.10
N SER F 383 -24.28 21.66 2.50
CA SER F 383 -25.45 21.33 1.64
C SER F 383 -26.56 22.32 1.96
N PRO F 384 -27.27 22.93 0.99
CA PRO F 384 -28.25 23.95 1.33
C PRO F 384 -29.30 23.44 2.33
N THR F 385 -29.75 22.20 2.19
CA THR F 385 -30.77 21.58 3.07
C THR F 385 -30.27 21.39 4.50
N LYS F 386 -28.99 21.07 4.71
CA LYS F 386 -28.45 20.69 6.05
C LYS F 386 -27.95 21.90 6.85
N LEU F 387 -28.06 23.11 6.33
CA LEU F 387 -27.56 24.33 7.03
C LEU F 387 -28.31 24.48 8.35
N ASN F 388 -29.60 24.17 8.39
CA ASN F 388 -30.41 24.40 9.61
C ASN F 388 -29.88 23.56 10.78
N ASP F 389 -29.60 22.27 10.55
CA ASP F 389 -29.18 21.35 11.64
C ASP F 389 -27.75 21.69 12.07
N LEU F 390 -26.91 22.24 11.17
CA LEU F 390 -25.48 22.54 11.50
C LEU F 390 -25.38 23.78 12.39
N CYS F 391 -24.42 23.81 13.31
CA CYS F 391 -24.18 24.95 14.24
C CYS F 391 -22.84 25.58 13.79
N PHE F 392 -22.78 26.87 13.45
CA PHE F 392 -21.57 27.53 12.89
C PHE F 392 -21.11 28.71 13.74
N THR F 393 -19.81 28.91 13.92
CA THR F 393 -19.21 30.06 14.66
C THR F 393 -18.91 31.13 13.62
N ASN F 394 -18.96 32.42 13.98
CA ASN F 394 -18.58 33.56 13.10
C ASN F 394 -19.13 33.44 11.66
N VAL F 395 -20.45 33.35 11.47
CA VAL F 395 -21.04 33.40 10.08
C VAL F 395 -20.75 34.82 9.58
N TYR F 396 -20.67 35.09 8.28
CA TYR F 396 -20.49 36.46 7.72
C TYR F 396 -21.45 36.64 6.54
N ALA F 397 -21.80 37.86 6.15
CA ALA F 397 -22.62 38.13 4.94
C ALA F 397 -21.97 39.24 4.10
N ASP F 398 -21.63 38.99 2.83
CA ASP F 398 -20.98 39.98 1.95
C ASP F 398 -21.94 40.45 0.85
N SER F 399 -22.41 41.69 0.88
CA SER F 399 -23.42 42.20 -0.08
C SER F 399 -22.78 43.07 -1.15
N PHE F 400 -22.85 42.67 -2.42
CA PHE F 400 -22.30 43.47 -3.55
C PHE F 400 -23.11 43.22 -4.84
N VAL F 401 -23.26 44.22 -5.71
CA VAL F 401 -23.97 44.07 -7.02
C VAL F 401 -22.95 43.69 -8.08
N ILE F 402 -23.25 42.73 -8.95
CA ILE F 402 -22.39 42.26 -10.03
C ILE F 402 -23.00 42.67 -11.36
N ARG F 403 -22.14 42.79 -12.38
CA ARG F 403 -22.57 43.28 -13.67
C ARG F 403 -23.67 42.42 -14.27
N GLY F 404 -23.54 41.10 -14.18
CA GLY F 404 -24.46 40.22 -14.88
C GLY F 404 -24.17 38.77 -14.58
N ASP F 405 -24.09 37.98 -15.65
CA ASP F 405 -23.84 36.54 -15.54
C ASP F 405 -22.39 36.22 -15.22
N GLU F 406 -21.59 37.24 -14.89
CA GLU F 406 -20.23 37.01 -14.40
C GLU F 406 -20.23 36.66 -12.91
N VAL F 407 -21.41 36.42 -12.32
CA VAL F 407 -21.51 35.92 -10.95
C VAL F 407 -20.86 34.55 -10.86
N ARG F 408 -20.71 33.86 -11.99
CA ARG F 408 -19.94 32.63 -12.02
C ARG F 408 -18.50 32.84 -11.55
N GLN F 409 -17.98 34.06 -11.66
CA GLN F 409 -16.70 34.40 -11.05
C GLN F 409 -16.74 34.30 -9.54
N ILE F 410 -17.93 34.34 -8.93
CA ILE F 410 -18.06 34.20 -7.49
C ILE F 410 -18.13 32.71 -7.17
N ALA F 411 -16.96 32.08 -7.07
CA ALA F 411 -16.83 30.68 -6.73
C ALA F 411 -15.39 30.44 -6.30
N PRO F 412 -15.12 29.30 -5.63
CA PRO F 412 -13.76 29.06 -5.14
C PRO F 412 -12.72 29.00 -6.25
N GLY F 413 -11.69 29.85 -6.14
CA GLY F 413 -10.56 29.78 -7.03
C GLY F 413 -10.80 30.21 -8.46
N GLN F 414 -11.82 31.03 -8.71
CA GLN F 414 -12.08 31.51 -10.06
C GLN F 414 -11.17 32.68 -10.40
N THR F 415 -11.12 33.01 -11.69
CA THR F 415 -10.33 34.13 -12.20
C THR F 415 -11.21 35.01 -13.07
N GLY F 416 -11.04 36.31 -12.93
CA GLY F 416 -11.84 37.28 -13.68
C GLY F 416 -11.72 38.67 -13.12
N LYS F 417 -12.43 39.64 -13.70
CA LYS F 417 -12.34 41.00 -13.23
C LYS F 417 -12.78 41.13 -11.78
N ILE F 418 -13.88 40.47 -11.42
CA ILE F 418 -14.35 40.48 -10.04
C ILE F 418 -13.41 39.65 -9.17
N ALA F 419 -13.01 38.49 -9.65
CA ALA F 419 -12.22 37.58 -8.83
C ALA F 419 -10.80 38.09 -8.62
N ASP F 420 -10.30 38.94 -9.52
CA ASP F 420 -8.91 39.39 -9.44
C ASP F 420 -8.76 40.70 -8.68
N TYR F 421 -9.71 41.62 -8.84
CA TYR F 421 -9.53 43.00 -8.40
C TYR F 421 -10.64 43.53 -7.49
N ASN F 422 -11.77 42.83 -7.36
CA ASN F 422 -12.88 43.34 -6.57
C ASN F 422 -13.20 42.44 -5.38
N TYR F 423 -13.42 41.15 -5.62
CA TYR F 423 -13.84 40.23 -4.57
C TYR F 423 -13.31 38.84 -4.90
N LYS F 424 -12.35 38.37 -4.12
CA LYS F 424 -11.78 37.04 -4.26
C LYS F 424 -12.16 36.21 -3.04
N LEU F 425 -12.42 34.92 -3.26
CA LEU F 425 -12.73 33.98 -2.19
C LEU F 425 -11.93 32.70 -2.38
N PRO F 426 -11.55 32.02 -1.30
CA PRO F 426 -10.51 30.98 -1.40
C PRO F 426 -11.03 29.71 -2.05
N ASP F 427 -10.07 28.87 -2.44
CA ASP F 427 -10.40 27.58 -3.05
C ASP F 427 -11.08 26.65 -2.07
N ASP F 428 -10.70 26.71 -0.78
CA ASP F 428 -11.35 25.90 0.26
C ASP F 428 -12.50 26.65 0.92
N PHE F 429 -13.16 27.53 0.17
CA PHE F 429 -14.25 28.34 0.71
C PHE F 429 -15.39 27.45 1.19
N THR F 430 -15.87 27.73 2.40
CA THR F 430 -17.02 27.04 2.99
C THR F 430 -18.12 28.06 3.20
N GLY F 431 -19.14 28.01 2.34
CA GLY F 431 -20.21 28.97 2.42
C GLY F 431 -21.19 28.80 1.28
N CYS F 432 -22.11 29.77 1.20
CA CYS F 432 -23.17 29.78 0.20
C CYS F 432 -23.13 31.09 -0.58
N VAL F 433 -23.28 30.99 -1.89
CA VAL F 433 -23.34 32.14 -2.79
C VAL F 433 -24.79 32.30 -3.23
N ILE F 434 -25.34 33.48 -2.99
CA ILE F 434 -26.75 33.78 -3.26
C ILE F 434 -26.79 34.99 -4.18
N ALA F 435 -27.55 34.89 -5.27
CA ALA F 435 -27.63 35.97 -6.25
C ALA F 435 -29.04 36.02 -6.83
N TRP F 436 -29.47 37.22 -7.23
CA TRP F 436 -30.80 37.41 -7.87
C TRP F 436 -30.73 38.64 -8.78
N ASN F 437 -31.52 38.67 -9.87
CA ASN F 437 -31.58 39.86 -10.75
C ASN F 437 -32.17 41.00 -9.91
N SER F 438 -31.60 42.20 -9.96
CA SER F 438 -32.04 43.35 -9.12
C SER F 438 -32.28 44.60 -9.97
N ASN F 439 -32.91 44.48 -11.14
CA ASN F 439 -33.17 45.61 -12.07
C ASN F 439 -34.28 46.48 -11.47
N ASN F 440 -35.27 45.88 -10.82
CA ASN F 440 -36.45 46.59 -10.26
C ASN F 440 -36.08 47.52 -9.10
N LEU F 441 -34.91 47.35 -8.46
CA LEU F 441 -34.51 48.13 -7.30
C LEU F 441 -33.28 48.99 -7.55
N ASP F 442 -32.32 48.51 -8.34
CA ASP F 442 -31.07 49.22 -8.57
C ASP F 442 -31.12 50.12 -9.81
N SER F 443 -32.27 50.21 -10.47
CA SER F 443 -32.40 51.07 -11.64
C SER F 443 -33.87 51.36 -11.93
N GLY F 447 -29.21 57.51 -16.70
CA GLY F 447 -29.26 56.21 -16.05
C GLY F 447 -28.75 56.24 -14.63
N ASN F 448 -28.45 55.06 -14.09
CA ASN F 448 -27.92 54.92 -12.73
C ASN F 448 -26.45 54.55 -12.80
N TYR F 449 -25.62 55.30 -12.06
CA TYR F 449 -24.18 55.08 -12.06
C TYR F 449 -23.59 55.04 -10.65
N ASN F 450 -24.43 54.87 -9.62
CA ASN F 450 -23.93 54.82 -8.25
C ASN F 450 -23.26 53.50 -7.89
N TYR F 451 -23.34 52.50 -8.75
CA TYR F 451 -22.66 51.22 -8.56
C TYR F 451 -21.36 51.23 -9.35
N LEU F 452 -20.27 50.79 -8.70
CA LEU F 452 -18.94 50.89 -9.28
C LEU F 452 -18.17 49.60 -9.04
N TYR F 453 -17.10 49.44 -9.82
CA TYR F 453 -16.20 48.30 -9.69
C TYR F 453 -14.82 48.70 -10.17
N ARG F 454 -13.82 47.93 -9.76
CA ARG F 454 -12.42 48.24 -10.03
C ARG F 454 -11.97 47.53 -11.30
N LEU F 455 -11.30 48.27 -12.18
CA LEU F 455 -10.86 47.71 -13.46
C LEU F 455 -9.56 46.94 -13.33
N PHE F 456 -8.60 47.47 -12.57
CA PHE F 456 -7.28 46.87 -12.47
C PHE F 456 -6.72 47.12 -11.07
N ARG F 457 -5.80 46.23 -10.68
CA ARG F 457 -5.00 46.41 -9.48
C ARG F 457 -3.58 45.94 -9.80
N LYS F 458 -2.61 46.54 -9.12
CA LYS F 458 -1.21 46.21 -9.38
C LYS F 458 -0.92 44.74 -9.12
N SER F 459 -1.68 44.10 -8.22
CA SER F 459 -1.58 42.67 -8.00
C SER F 459 -2.96 42.14 -7.65
N ASN F 460 -3.16 40.85 -7.93
CA ASN F 460 -4.45 40.23 -7.66
C ASN F 460 -4.74 40.20 -6.16
N LEU F 461 -6.01 40.34 -5.82
CA LEU F 461 -6.42 40.39 -4.43
C LEU F 461 -6.36 39.01 -3.79
N LYS F 462 -5.90 38.96 -2.54
CA LYS F 462 -6.00 37.76 -1.75
C LYS F 462 -7.47 37.53 -1.37
N PRO F 463 -7.84 36.30 -1.02
CA PRO F 463 -9.25 36.03 -0.71
C PRO F 463 -9.75 36.88 0.45
N PHE F 464 -10.98 37.38 0.32
CA PHE F 464 -11.60 38.27 1.29
C PHE F 464 -10.81 39.55 1.52
N GLU F 465 -10.01 39.97 0.52
CA GLU F 465 -9.31 41.23 0.58
C GLU F 465 -10.14 42.32 -0.08
N ARG F 466 -9.95 43.56 0.39
CA ARG F 466 -10.69 44.71 -0.12
C ARG F 466 -9.72 45.85 -0.41
N ASP F 467 -10.14 46.72 -1.33
CA ASP F 467 -9.35 47.88 -1.71
C ASP F 467 -10.30 49.06 -1.91
N ILE F 468 -10.22 50.03 -1.00
CA ILE F 468 -11.07 51.22 -1.08
C ILE F 468 -10.35 52.40 -1.73
N SER F 469 -9.02 52.36 -1.84
CA SER F 469 -8.27 53.48 -2.38
C SER F 469 -8.63 53.71 -3.84
N THR F 470 -8.54 54.98 -4.26
CA THR F 470 -8.82 55.39 -5.63
C THR F 470 -7.60 56.08 -6.25
N GLU F 471 -6.40 55.62 -5.91
CA GLU F 471 -5.20 56.16 -6.52
C GLU F 471 -5.16 55.83 -8.01
N ILE F 472 -4.51 56.71 -8.77
CA ILE F 472 -4.48 56.55 -10.22
C ILE F 472 -3.66 55.32 -10.56
N TYR F 473 -4.22 54.44 -11.38
CA TYR F 473 -3.58 53.17 -11.72
C TYR F 473 -2.72 53.34 -12.96
N GLN F 474 -1.45 52.98 -12.84
CA GLN F 474 -0.52 53.03 -13.97
C GLN F 474 -0.64 51.72 -14.75
N ALA F 475 -0.98 51.81 -16.03
CA ALA F 475 -1.18 50.64 -16.87
C ALA F 475 0.09 50.18 -17.59
N GLY F 476 1.23 50.82 -17.33
CA GLY F 476 2.46 50.44 -17.99
C GLY F 476 3.67 50.93 -17.23
N SER F 477 4.84 50.65 -17.81
CA SER F 477 6.10 51.03 -17.17
C SER F 477 6.38 52.52 -17.29
N THR F 478 5.65 53.24 -18.14
CA THR F 478 5.92 54.67 -18.31
C THR F 478 5.59 55.40 -17.01
N PRO F 479 6.33 56.47 -16.69
CA PRO F 479 6.01 57.23 -15.47
C PRO F 479 4.63 57.88 -15.56
N CYS F 480 4.20 58.42 -14.43
CA CYS F 480 2.93 59.14 -14.34
C CYS F 480 3.06 60.26 -13.33
N ASN F 481 2.24 61.30 -13.51
CA ASN F 481 2.24 62.47 -12.65
C ASN F 481 0.91 62.62 -11.90
N GLY F 482 0.29 61.50 -11.53
CA GLY F 482 -0.96 61.53 -10.80
C GLY F 482 -2.10 62.18 -11.56
N VAL F 483 -2.23 61.87 -12.85
CA VAL F 483 -3.30 62.42 -13.67
C VAL F 483 -3.83 61.30 -14.56
N GLU F 484 -5.05 61.47 -15.05
CA GLU F 484 -5.67 60.47 -15.91
C GLU F 484 -5.13 60.56 -17.33
N GLY F 485 -3.83 60.33 -17.50
CA GLY F 485 -3.17 60.43 -18.78
C GLY F 485 -3.04 59.08 -19.46
N PHE F 486 -2.13 59.04 -20.44
CA PHE F 486 -1.87 57.81 -21.18
C PHE F 486 -1.21 56.78 -20.27
N ASN F 487 -1.76 55.57 -20.26
CA ASN F 487 -1.28 54.49 -19.40
C ASN F 487 -1.28 54.90 -17.93
N CYS F 488 -2.23 55.76 -17.55
CA CYS F 488 -2.40 56.17 -16.16
C CYS F 488 -3.85 56.63 -16.02
N TYR F 489 -4.69 55.82 -15.37
CA TYR F 489 -6.13 55.99 -15.42
C TYR F 489 -6.75 55.87 -14.04
N PHE F 490 -7.95 56.43 -13.91
CA PHE F 490 -8.73 56.29 -12.69
C PHE F 490 -9.21 54.85 -12.57
N PRO F 491 -8.95 54.16 -11.45
CA PRO F 491 -9.15 52.70 -11.43
C PRO F 491 -10.60 52.25 -11.48
N LEU F 492 -11.53 52.99 -10.88
CA LEU F 492 -12.91 52.54 -10.78
C LEU F 492 -13.72 52.96 -12.00
N GLN F 493 -14.77 52.19 -12.28
CA GLN F 493 -15.70 52.49 -13.36
C GLN F 493 -17.09 52.01 -12.96
N SER F 494 -18.10 52.69 -13.47
CA SER F 494 -19.49 52.36 -13.14
C SER F 494 -20.08 51.39 -14.15
N TYR F 495 -21.04 50.58 -13.67
CA TYR F 495 -21.73 49.65 -14.55
C TYR F 495 -22.63 50.37 -15.55
N GLY F 496 -23.34 51.38 -15.10
CA GLY F 496 -24.34 52.03 -15.94
C GLY F 496 -25.56 51.16 -16.13
N PHE F 497 -26.29 50.89 -15.06
CA PHE F 497 -27.47 50.05 -15.09
C PHE F 497 -28.66 50.85 -15.61
N GLN F 498 -29.46 50.23 -16.47
CA GLN F 498 -30.67 50.82 -17.01
C GLN F 498 -31.79 49.79 -16.90
N PRO F 499 -33.06 50.24 -16.87
CA PRO F 499 -34.17 49.28 -16.79
C PRO F 499 -34.31 48.39 -18.01
N THR F 500 -33.68 48.73 -19.14
CA THR F 500 -33.78 47.96 -20.37
C THR F 500 -32.43 47.47 -20.86
N ASN F 501 -31.48 47.26 -19.97
CA ASN F 501 -30.18 46.73 -20.37
C ASN F 501 -30.33 45.31 -20.92
N GLY F 502 -29.43 44.96 -21.84
CA GLY F 502 -29.46 43.65 -22.44
C GLY F 502 -29.04 42.56 -21.48
N VAL F 503 -29.17 41.31 -21.94
CA VAL F 503 -28.82 40.17 -21.12
C VAL F 503 -27.33 40.20 -20.82
N GLY F 504 -26.97 39.87 -19.59
CA GLY F 504 -25.59 39.90 -19.16
C GLY F 504 -25.12 41.22 -18.59
N TYR F 505 -25.99 42.24 -18.57
CA TYR F 505 -25.65 43.55 -18.05
C TYR F 505 -26.61 44.05 -16.99
N GLN F 506 -27.81 43.47 -16.89
CA GLN F 506 -28.74 43.88 -15.85
C GLN F 506 -28.15 43.57 -14.47
N PRO F 507 -28.43 44.41 -13.47
CA PRO F 507 -27.76 44.23 -12.17
C PRO F 507 -28.13 42.92 -11.50
N TYR F 508 -27.17 42.35 -10.79
CA TYR F 508 -27.34 41.12 -10.03
C TYR F 508 -26.88 41.37 -8.60
N ARG F 509 -27.84 41.52 -7.68
CA ARG F 509 -27.49 41.61 -6.27
C ARG F 509 -26.98 40.25 -5.78
N VAL F 510 -25.91 40.27 -4.98
CA VAL F 510 -25.25 39.06 -4.53
C VAL F 510 -25.04 39.13 -3.03
N VAL F 511 -25.31 38.02 -2.34
CA VAL F 511 -25.02 37.86 -0.93
C VAL F 511 -24.25 36.57 -0.75
N VAL F 512 -23.05 36.62 -0.14
CA VAL F 512 -22.16 35.41 0.04
C VAL F 512 -22.02 35.12 1.54
N LEU F 513 -22.67 34.07 2.06
CA LEU F 513 -22.66 33.78 3.52
C LEU F 513 -21.52 32.80 3.87
N SER F 514 -20.39 33.30 4.37
CA SER F 514 -19.22 32.45 4.74
C SER F 514 -19.50 31.66 6.02
N PHE F 515 -18.88 30.50 6.21
CA PHE F 515 -19.02 29.67 7.45
C PHE F 515 -17.68 29.08 7.88
N GLU F 516 -17.41 28.97 9.19
CA GLU F 516 -16.22 28.26 9.75
C GLU F 516 -16.82 27.56 10.97
N LEU F 517 -16.83 26.21 11.04
CA LEU F 517 -17.59 25.53 12.12
C LEU F 517 -16.82 24.57 13.02
N LEU F 518 -17.10 24.55 14.34
CA LEU F 518 -16.52 23.61 15.30
C LEU F 518 -15.03 23.78 15.52
N HIS F 519 -14.42 24.81 14.91
CA HIS F 519 -13.05 25.17 15.26
C HIS F 519 -13.01 25.89 16.60
N ALA F 520 -14.09 26.58 16.95
CA ALA F 520 -14.28 27.23 18.24
C ALA F 520 -15.71 26.92 18.68
N PRO F 521 -16.08 27.13 19.97
CA PRO F 521 -17.46 26.96 20.43
C PRO F 521 -18.44 27.69 19.51
N ALA F 522 -19.51 27.04 19.07
CA ALA F 522 -20.41 27.60 18.05
C ALA F 522 -21.35 28.66 18.63
N THR F 523 -21.41 29.86 18.02
CA THR F 523 -22.23 31.00 18.50
C THR F 523 -23.53 31.11 17.69
N VAL F 524 -23.50 31.01 16.36
CA VAL F 524 -24.72 31.00 15.49
C VAL F 524 -25.10 29.53 15.42
N CYS F 525 -26.36 29.23 15.61
CA CYS F 525 -26.76 27.81 15.65
C CYS F 525 -28.17 27.83 15.08
N GLY F 526 -28.59 26.81 14.34
CA GLY F 526 -29.90 26.85 13.68
C GLY F 526 -31.04 26.61 14.65
N PRO F 527 -32.28 26.31 14.20
CA PRO F 527 -33.42 26.21 15.11
C PRO F 527 -33.53 24.98 16.00
N LYS F 528 -32.64 23.99 15.92
CA LYS F 528 -32.80 22.70 16.65
C LYS F 528 -33.14 22.94 18.11
N LYS F 529 -34.13 22.22 18.64
CA LYS F 529 -34.63 22.45 20.01
C LYS F 529 -33.80 21.66 21.00
N SER F 530 -33.71 22.11 22.25
CA SER F 530 -32.96 21.40 23.31
C SER F 530 -33.80 20.37 24.07
N THR F 531 -33.43 19.10 24.02
CA THR F 531 -34.14 18.03 24.72
C THR F 531 -33.60 17.91 26.14
N ASN F 532 -34.20 17.01 26.91
CA ASN F 532 -33.72 16.75 28.25
C ASN F 532 -32.38 16.03 28.19
N LEU F 533 -31.79 15.81 29.37
CA LEU F 533 -30.51 15.14 29.51
C LEU F 533 -30.70 13.82 30.25
N VAL F 534 -30.08 12.78 29.67
CA VAL F 534 -30.10 11.38 30.19
C VAL F 534 -28.64 10.97 30.30
N LYS F 535 -28.28 10.17 31.32
CA LYS F 535 -26.88 9.79 31.59
C LYS F 535 -26.82 8.31 31.99
N ASN F 536 -25.65 7.68 31.86
CA ASN F 536 -25.43 6.26 32.28
C ASN F 536 -26.14 5.34 31.30
N LYS F 537 -26.25 5.70 30.02
CA LYS F 537 -26.83 4.86 28.99
C LYS F 537 -26.38 5.36 27.62
N CYS F 538 -26.15 4.43 26.70
CA CYS F 538 -25.61 4.79 25.40
C CYS F 538 -26.61 5.62 24.63
N VAL F 539 -26.19 6.81 24.19
CA VAL F 539 -27.04 7.73 23.44
C VAL F 539 -26.16 8.50 22.47
N ASN F 540 -26.72 8.83 21.31
CA ASN F 540 -26.07 9.74 20.38
C ASN F 540 -26.45 11.16 20.75
N PHE F 541 -25.45 12.00 20.94
CA PHE F 541 -25.64 13.31 21.55
C PHE F 541 -25.20 14.40 20.57
N ASN F 542 -25.54 15.64 20.93
CA ASN F 542 -25.23 16.80 20.09
C ASN F 542 -25.10 18.01 21.02
N PHE F 543 -23.87 18.37 21.37
CA PHE F 543 -23.59 19.52 22.21
C PHE F 543 -23.03 20.63 21.32
N ASN F 544 -23.89 21.58 20.97
CA ASN F 544 -23.49 22.72 20.14
C ASN F 544 -22.86 22.28 18.83
N GLY F 545 -23.42 21.23 18.23
CA GLY F 545 -22.90 20.69 16.99
C GLY F 545 -21.87 19.60 17.15
N LEU F 546 -21.31 19.44 18.35
CA LEU F 546 -20.36 18.36 18.60
C LEU F 546 -21.10 17.03 18.65
N THR F 547 -21.09 16.30 17.53
CA THR F 547 -21.88 15.09 17.38
C THR F 547 -21.03 13.87 17.77
N GLY F 548 -21.65 12.96 18.50
CA GLY F 548 -20.96 11.75 18.91
C GLY F 548 -21.94 10.74 19.48
N THR F 549 -21.39 9.64 19.96
CA THR F 549 -22.19 8.58 20.58
C THR F 549 -21.40 7.97 21.73
N GLY F 550 -22.07 7.81 22.86
CA GLY F 550 -21.43 7.25 24.04
C GLY F 550 -22.33 7.38 25.24
N VAL F 551 -21.78 7.03 26.40
CA VAL F 551 -22.50 7.10 27.67
C VAL F 551 -22.05 8.38 28.36
N LEU F 552 -23.01 9.26 28.65
CA LEU F 552 -22.70 10.48 29.39
C LEU F 552 -22.72 10.18 30.89
N THR F 553 -21.66 10.61 31.58
CA THR F 553 -21.45 10.24 32.97
C THR F 553 -20.89 11.44 33.73
N GLU F 554 -21.11 11.44 35.05
CA GLU F 554 -20.52 12.46 35.90
C GLU F 554 -18.99 12.39 35.81
N SER F 555 -18.36 13.55 35.88
CA SER F 555 -16.93 13.68 35.65
C SER F 555 -16.26 14.36 36.84
N ASN F 556 -15.04 13.92 37.15
CA ASN F 556 -14.19 14.58 38.13
C ASN F 556 -13.25 15.60 37.49
N LYS F 557 -13.36 15.84 36.19
CA LYS F 557 -12.46 16.74 35.49
C LYS F 557 -12.85 18.18 35.78
N LYS F 558 -11.91 18.95 36.33
CA LYS F 558 -12.16 20.34 36.70
C LYS F 558 -11.80 21.22 35.50
N PHE F 559 -12.77 21.38 34.60
CA PHE F 559 -12.61 22.29 33.48
C PHE F 559 -12.43 23.71 33.98
N LEU F 560 -11.47 24.42 33.42
CA LEU F 560 -11.36 25.84 33.68
C LEU F 560 -12.54 26.54 33.01
N PRO F 561 -12.89 27.75 33.48
CA PRO F 561 -14.14 28.37 33.00
C PRO F 561 -14.23 28.54 31.49
N PHE F 562 -13.11 28.77 30.82
CA PHE F 562 -13.11 29.01 29.39
C PHE F 562 -13.14 27.72 28.56
N GLN F 563 -12.89 26.56 29.17
CA GLN F 563 -12.82 25.32 28.43
C GLN F 563 -14.21 24.72 28.25
N GLN F 564 -14.47 24.19 27.05
CA GLN F 564 -15.77 23.66 26.69
C GLN F 564 -15.81 22.14 26.56
N PHE F 565 -14.72 21.51 26.13
CA PHE F 565 -14.68 20.06 25.98
C PHE F 565 -13.26 19.57 26.18
N GLY F 566 -13.14 18.28 26.47
CA GLY F 566 -11.84 17.66 26.72
C GLY F 566 -11.41 16.75 25.60
N ARG F 567 -10.17 16.26 25.66
CA ARG F 567 -9.66 15.33 24.66
C ARG F 567 -8.61 14.43 25.29
N ASP F 568 -8.52 13.21 24.76
CA ASP F 568 -7.67 12.17 25.31
C ASP F 568 -6.25 12.33 24.75
N ILE F 569 -5.30 11.50 25.23
CA ILE F 569 -3.96 11.49 24.67
C ILE F 569 -3.99 11.20 23.18
N ALA F 570 -4.98 10.42 22.74
CA ALA F 570 -5.20 10.18 21.32
C ALA F 570 -6.00 11.29 20.64
N ASP F 571 -6.24 12.41 21.33
CA ASP F 571 -7.03 13.54 20.86
C ASP F 571 -8.51 13.19 20.64
N THR F 572 -8.95 12.02 21.11
CA THR F 572 -10.37 11.70 21.07
C THR F 572 -11.09 12.42 22.21
N THR F 573 -12.23 13.01 21.89
CA THR F 573 -12.99 13.74 22.90
C THR F 573 -13.51 12.80 23.97
N ASP F 574 -13.23 13.12 25.23
CA ASP F 574 -13.65 12.31 26.36
C ASP F 574 -14.40 13.10 27.43
N ALA F 575 -14.74 14.36 27.16
CA ALA F 575 -15.51 15.15 28.10
C ALA F 575 -16.08 16.35 27.36
N VAL F 576 -17.26 16.79 27.81
CA VAL F 576 -17.93 17.94 27.22
C VAL F 576 -18.66 18.68 28.34
N ARG F 577 -18.62 20.01 28.25
CA ARG F 577 -19.36 20.87 29.17
C ARG F 577 -20.81 20.97 28.68
N ASP F 578 -21.75 20.73 29.58
CA ASP F 578 -23.16 20.88 29.24
C ASP F 578 -23.43 22.35 28.93
N PRO F 579 -23.90 22.71 27.72
CA PRO F 579 -24.04 24.14 27.40
C PRO F 579 -25.08 24.88 28.21
N GLN F 580 -25.92 24.18 28.97
CA GLN F 580 -26.97 24.80 29.77
C GLN F 580 -26.71 24.68 31.27
N THR F 581 -26.48 23.47 31.77
CA THR F 581 -26.18 23.29 33.19
C THR F 581 -24.71 23.56 33.51
N LEU F 582 -23.85 23.63 32.50
CA LEU F 582 -22.42 23.89 32.70
C LEU F 582 -21.73 22.79 33.51
N GLU F 583 -22.36 21.61 33.60
CA GLU F 583 -21.70 20.48 34.22
C GLU F 583 -20.85 19.75 33.20
N ILE F 584 -19.73 19.19 33.66
CA ILE F 584 -18.79 18.50 32.79
C ILE F 584 -19.19 17.03 32.74
N LEU F 585 -19.49 16.54 31.54
CA LEU F 585 -19.96 15.18 31.34
C LEU F 585 -18.87 14.35 30.69
N ASP F 586 -18.45 13.28 31.37
CA ASP F 586 -17.53 12.33 30.76
C ASP F 586 -18.21 11.59 29.62
N ILE F 587 -17.46 11.34 28.55
CA ILE F 587 -17.96 10.63 27.38
C ILE F 587 -17.10 9.38 27.19
N THR F 588 -17.76 8.22 27.16
CA THR F 588 -17.12 6.95 26.90
C THR F 588 -17.92 6.21 25.84
N PRO F 589 -17.28 5.62 24.82
CA PRO F 589 -18.06 4.85 23.85
C PRO F 589 -18.67 3.62 24.50
N CYS F 590 -19.95 3.40 24.24
CA CYS F 590 -20.64 2.29 24.87
C CYS F 590 -20.12 0.96 24.31
N SER F 591 -20.36 -0.11 25.07
CA SER F 591 -19.59 -1.34 24.93
C SER F 591 -19.65 -1.90 23.52
N PHE F 592 -18.49 -2.34 23.03
CA PHE F 592 -18.37 -3.06 21.77
C PHE F 592 -17.28 -4.11 21.94
N GLY F 593 -17.30 -5.10 21.07
CA GLY F 593 -16.30 -6.15 21.12
C GLY F 593 -16.70 -7.31 20.25
N GLY F 594 -15.69 -7.93 19.66
CA GLY F 594 -15.93 -9.07 18.80
C GLY F 594 -16.55 -10.23 19.56
N VAL F 595 -17.51 -10.88 18.91
CA VAL F 595 -18.16 -12.08 19.46
C VAL F 595 -17.51 -13.30 18.85
N SER F 596 -17.07 -14.22 19.69
CA SER F 596 -16.40 -15.44 19.27
C SER F 596 -17.32 -16.63 19.53
N VAL F 597 -17.49 -17.47 18.52
CA VAL F 597 -18.38 -18.62 18.61
C VAL F 597 -17.54 -19.86 18.90
N ILE F 598 -17.79 -20.49 20.04
CA ILE F 598 -17.13 -21.72 20.44
C ILE F 598 -18.02 -22.88 20.06
N THR F 599 -17.52 -23.77 19.20
CA THR F 599 -18.26 -24.93 18.74
C THR F 599 -17.34 -26.16 18.82
N PRO F 600 -17.88 -27.34 19.18
CA PRO F 600 -17.06 -28.55 19.11
C PRO F 600 -17.07 -29.20 17.73
N GLY F 601 -17.57 -28.47 16.73
CA GLY F 601 -17.68 -29.00 15.39
C GLY F 601 -19.06 -29.57 15.12
N THR F 602 -19.61 -29.28 13.94
CA THR F 602 -20.94 -29.77 13.59
C THR F 602 -20.98 -31.30 13.50
N ASN F 603 -19.82 -31.92 13.31
CA ASN F 603 -19.74 -33.41 13.25
C ASN F 603 -20.07 -33.98 14.63
N THR F 604 -19.62 -33.31 15.70
CA THR F 604 -19.85 -33.77 17.06
C THR F 604 -21.23 -33.36 17.56
N SER F 605 -21.52 -32.06 17.55
CA SER F 605 -22.81 -31.58 18.01
C SER F 605 -23.04 -30.18 17.46
N ASN F 606 -24.31 -29.81 17.32
CA ASN F 606 -24.69 -28.47 16.90
C ASN F 606 -24.81 -27.49 18.05
N GLN F 607 -24.57 -27.93 19.29
CA GLN F 607 -24.61 -27.01 20.42
C GLN F 607 -23.44 -26.03 20.34
N VAL F 608 -23.67 -24.81 20.81
CA VAL F 608 -22.73 -23.71 20.63
C VAL F 608 -22.74 -22.80 21.84
N ALA F 609 -21.57 -22.26 22.17
CA ALA F 609 -21.40 -21.22 23.16
C ALA F 609 -20.81 -19.99 22.49
N VAL F 610 -21.15 -18.82 23.02
CA VAL F 610 -20.77 -17.54 22.43
C VAL F 610 -20.01 -16.74 23.47
N LEU F 611 -18.87 -16.17 23.07
CA LEU F 611 -18.03 -15.35 23.94
C LEU F 611 -18.07 -13.91 23.43
N TYR F 612 -18.59 -13.01 24.26
CA TYR F 612 -18.58 -11.58 23.97
C TYR F 612 -17.31 -10.99 24.57
N GLN F 613 -16.37 -10.61 23.71
CA GLN F 613 -15.03 -10.29 24.17
C GLN F 613 -14.98 -8.94 24.89
N GLY F 614 -14.46 -8.96 26.12
CA GLY F 614 -14.14 -7.74 26.86
C GLY F 614 -15.35 -6.84 27.05
N VAL F 615 -16.46 -7.44 27.47
CA VAL F 615 -17.66 -6.68 27.82
C VAL F 615 -18.32 -7.34 29.02
N ASN F 616 -18.74 -6.50 29.98
CA ASN F 616 -19.68 -6.96 30.98
C ASN F 616 -20.95 -7.45 30.28
N CYS F 617 -21.39 -8.66 30.65
CA CYS F 617 -22.62 -9.19 30.09
C CYS F 617 -23.86 -8.80 30.86
N THR F 618 -23.83 -7.66 31.57
CA THR F 618 -25.04 -6.89 31.78
C THR F 618 -25.44 -6.16 30.51
N GLU F 619 -24.53 -6.02 29.55
CA GLU F 619 -24.78 -5.29 28.30
C GLU F 619 -25.23 -6.18 27.16
N VAL F 620 -24.82 -7.44 27.13
CA VAL F 620 -25.11 -8.33 26.00
C VAL F 620 -26.60 -8.46 25.69
N PRO F 621 -27.52 -8.54 26.66
CA PRO F 621 -28.93 -8.74 26.28
C PRO F 621 -29.52 -7.58 25.50
N VAL F 622 -28.88 -6.41 25.52
CA VAL F 622 -29.46 -5.22 24.87
C VAL F 622 -29.55 -5.41 23.36
N ALA F 623 -28.53 -6.02 22.75
CA ALA F 623 -28.52 -6.14 21.29
C ALA F 623 -29.61 -7.07 20.77
N ILE F 624 -30.20 -7.89 21.63
CA ILE F 624 -31.28 -8.79 21.23
C ILE F 624 -32.43 -8.71 22.24
N ASN F 641 -26.61 -20.74 30.27
CA ASN F 641 -25.83 -20.20 31.37
C ASN F 641 -25.17 -18.88 30.99
N VAL F 642 -24.71 -18.14 31.99
CA VAL F 642 -23.97 -16.90 31.79
C VAL F 642 -22.80 -16.92 32.76
N PHE F 643 -21.60 -16.62 32.25
CA PHE F 643 -20.37 -16.82 33.01
C PHE F 643 -19.38 -15.73 32.62
N GLN F 644 -19.18 -14.72 33.46
CA GLN F 644 -18.15 -13.67 33.16
C GLN F 644 -16.75 -14.21 33.38
N THR F 645 -15.82 -13.94 32.46
CA THR F 645 -14.42 -14.42 32.49
C THR F 645 -13.53 -13.24 32.12
N ARG F 646 -12.22 -13.33 32.24
CA ARG F 646 -11.37 -12.14 31.97
C ARG F 646 -11.33 -11.86 30.46
N ALA F 647 -11.58 -12.85 29.62
CA ALA F 647 -11.58 -12.67 28.14
C ALA F 647 -12.95 -12.24 27.64
N GLY F 648 -13.94 -12.07 28.52
CA GLY F 648 -15.29 -11.82 28.09
C GLY F 648 -16.25 -12.62 28.94
N CYS F 649 -17.52 -12.61 28.55
CA CYS F 649 -18.56 -13.34 29.26
C CYS F 649 -19.13 -14.41 28.35
N LEU F 650 -19.03 -15.66 28.77
CA LEU F 650 -19.53 -16.79 27.99
C LEU F 650 -21.01 -17.02 28.26
N ILE F 651 -21.76 -17.26 27.18
CA ILE F 651 -23.15 -17.68 27.26
C ILE F 651 -23.29 -19.02 26.57
N GLY F 652 -24.02 -19.94 27.21
CA GLY F 652 -24.19 -21.28 26.69
C GLY F 652 -23.18 -22.29 27.17
N ALA F 653 -22.13 -21.86 27.89
CA ALA F 653 -21.12 -22.75 28.42
C ALA F 653 -21.16 -22.71 29.94
N GLU F 654 -21.19 -23.88 30.56
CA GLU F 654 -21.32 -24.01 32.01
C GLU F 654 -19.94 -24.06 32.65
N HIS F 655 -19.74 -23.26 33.69
CA HIS F 655 -18.48 -23.29 34.44
C HIS F 655 -18.43 -24.53 35.31
N VAL F 656 -17.26 -25.17 35.36
CA VAL F 656 -17.04 -26.36 36.16
C VAL F 656 -15.78 -26.17 36.99
N ASN F 657 -15.84 -26.61 38.24
CA ASN F 657 -14.73 -26.44 39.17
C ASN F 657 -13.52 -27.31 38.83
N ASN F 658 -13.70 -28.34 38.02
CA ASN F 658 -12.58 -29.19 37.64
C ASN F 658 -11.64 -28.45 36.69
N SER F 659 -10.48 -29.06 36.43
CA SER F 659 -9.50 -28.55 35.50
C SER F 659 -9.06 -29.68 34.57
N TYR F 660 -9.00 -29.38 33.27
CA TYR F 660 -8.62 -30.36 32.27
C TYR F 660 -7.64 -29.71 31.30
N GLU F 661 -7.04 -30.54 30.45
CA GLU F 661 -6.17 -30.02 29.40
C GLU F 661 -6.99 -29.14 28.45
N CYS F 662 -6.35 -28.11 27.93
CA CYS F 662 -7.05 -27.12 27.11
C CYS F 662 -7.54 -27.76 25.82
N ASP F 663 -8.85 -27.63 25.55
CA ASP F 663 -9.45 -28.17 24.33
C ASP F 663 -9.69 -27.04 23.34
N ILE F 664 -10.44 -26.03 23.74
CA ILE F 664 -10.72 -24.85 22.93
C ILE F 664 -10.27 -23.63 23.74
N PRO F 665 -9.20 -22.92 23.36
CA PRO F 665 -8.67 -21.86 24.24
C PRO F 665 -9.52 -20.60 24.19
N ILE F 666 -10.24 -20.35 25.29
CA ILE F 666 -10.99 -19.11 25.41
C ILE F 666 -10.05 -17.92 25.60
N GLY F 667 -9.05 -18.07 26.46
CA GLY F 667 -8.10 -17.02 26.77
C GLY F 667 -8.11 -16.69 28.25
N ALA F 668 -7.01 -16.06 28.67
CA ALA F 668 -6.84 -15.63 30.05
C ALA F 668 -6.90 -16.80 31.02
N GLY F 669 -6.33 -17.93 30.61
CA GLY F 669 -6.18 -19.07 31.50
C GLY F 669 -7.38 -19.98 31.60
N ILE F 670 -8.37 -19.84 30.73
CA ILE F 670 -9.55 -20.70 30.71
C ILE F 670 -9.73 -21.26 29.32
N CYS F 671 -10.30 -22.47 29.25
CA CYS F 671 -10.58 -23.14 28.00
C CYS F 671 -11.96 -23.76 28.09
N ALA F 672 -12.49 -24.15 26.93
CA ALA F 672 -13.82 -24.74 26.84
C ALA F 672 -13.73 -26.07 26.10
N SER F 673 -14.64 -26.98 26.45
CA SER F 673 -14.68 -28.30 25.83
C SER F 673 -16.11 -28.82 25.88
N TYR F 674 -16.38 -29.81 25.02
CA TYR F 674 -17.69 -30.44 24.91
C TYR F 674 -17.62 -31.81 25.56
N GLN F 675 -18.23 -31.93 26.74
CA GLN F 675 -18.26 -33.20 27.46
C GLN F 675 -19.32 -33.09 28.55
N THR F 676 -19.66 -34.25 29.11
CA THR F 676 -20.70 -34.32 30.15
C THR F 676 -20.29 -33.50 31.38
N SER F 689 -25.95 -35.64 30.40
CA SER F 689 -25.98 -35.30 28.98
C SER F 689 -24.77 -34.44 28.61
N GLN F 690 -24.35 -34.53 27.36
CA GLN F 690 -23.19 -33.78 26.89
C GLN F 690 -23.50 -32.29 26.85
N SER F 691 -22.50 -31.47 27.17
CA SER F 691 -22.64 -30.03 27.19
C SER F 691 -21.27 -29.39 26.99
N ILE F 692 -21.29 -28.11 26.67
CA ILE F 692 -20.05 -27.34 26.50
C ILE F 692 -19.67 -26.78 27.88
N ILE F 693 -18.55 -27.24 28.41
CA ILE F 693 -18.07 -26.80 29.72
C ILE F 693 -16.99 -25.75 29.53
N ALA F 694 -16.78 -24.93 30.56
CA ALA F 694 -15.71 -23.96 30.60
C ALA F 694 -14.96 -24.12 31.91
N TYR F 695 -13.63 -24.15 31.84
CA TYR F 695 -12.81 -24.47 32.99
C TYR F 695 -11.48 -23.75 32.89
N THR F 696 -10.78 -23.67 34.02
CA THR F 696 -9.41 -23.17 34.02
C THR F 696 -8.47 -24.34 33.68
N MET F 697 -7.63 -24.12 32.67
CA MET F 697 -6.83 -25.21 32.12
C MET F 697 -5.78 -25.69 33.12
N SER F 698 -5.53 -26.99 33.12
CA SER F 698 -4.48 -27.58 33.93
C SER F 698 -3.19 -27.67 33.13
N LEU F 699 -2.06 -27.56 33.82
CA LEU F 699 -0.75 -27.58 33.17
C LEU F 699 -0.12 -28.96 33.17
N GLY F 700 -0.53 -29.84 34.07
CA GLY F 700 -0.01 -31.20 34.07
C GLY F 700 -0.27 -31.85 35.41
N ALA F 701 0.00 -33.15 35.45
CA ALA F 701 -0.16 -33.91 36.68
C ALA F 701 0.82 -33.41 37.72
N GLU F 702 0.30 -32.95 38.86
CA GLU F 702 1.16 -32.46 39.92
C GLU F 702 2.09 -33.58 40.39
N ASN F 703 3.37 -33.26 40.51
CA ASN F 703 4.39 -34.23 40.82
C ASN F 703 5.32 -33.68 41.89
N SER F 704 5.72 -34.55 42.82
CA SER F 704 6.67 -34.22 43.86
C SER F 704 7.79 -35.25 43.83
N VAL F 705 8.91 -34.89 43.22
CA VAL F 705 10.05 -35.80 43.08
C VAL F 705 10.73 -35.95 44.43
N ALA F 706 11.02 -37.18 44.81
CA ALA F 706 11.52 -37.49 46.15
C ALA F 706 13.00 -37.16 46.29
N TYR F 707 13.36 -35.89 46.18
CA TYR F 707 14.75 -35.49 46.32
C TYR F 707 15.21 -35.64 47.76
N SER F 708 16.42 -36.16 47.92
CA SER F 708 17.10 -36.19 49.21
C SER F 708 18.59 -36.17 48.95
N ASN F 709 19.37 -35.76 49.97
CA ASN F 709 20.78 -35.54 49.77
C ASN F 709 21.59 -36.82 49.55
N ASN F 710 20.98 -38.00 49.77
CA ASN F 710 21.72 -39.24 49.56
C ASN F 710 20.89 -40.34 48.90
N SER F 711 19.94 -39.99 48.03
CA SER F 711 19.16 -40.97 47.28
C SER F 711 19.18 -40.62 45.81
N ILE F 712 19.31 -41.65 44.97
CA ILE F 712 19.36 -41.49 43.52
C ILE F 712 18.49 -42.56 42.89
N ALA F 713 17.78 -42.18 41.82
CA ALA F 713 16.98 -43.11 41.05
C ALA F 713 17.70 -43.41 39.74
N ILE F 714 17.91 -44.69 39.46
CA ILE F 714 18.64 -45.15 38.29
C ILE F 714 17.71 -46.05 37.48
N PRO F 715 17.59 -45.87 36.17
CA PRO F 715 16.70 -46.75 35.39
C PRO F 715 17.15 -48.21 35.46
N THR F 716 16.18 -49.12 35.45
CA THR F 716 16.52 -50.57 35.47
C THR F 716 16.14 -51.18 34.12
N ASN F 717 15.46 -50.40 33.26
CA ASN F 717 14.99 -50.90 31.94
C ASN F 717 14.80 -49.68 31.04
N PHE F 718 14.51 -49.90 29.75
CA PHE F 718 14.43 -48.74 28.81
C PHE F 718 13.27 -48.88 27.84
N THR F 719 13.03 -47.83 27.05
CA THR F 719 12.01 -47.87 26.00
C THR F 719 12.56 -47.15 24.78
N ILE F 720 12.47 -47.80 23.62
CA ILE F 720 12.93 -47.20 22.37
C ILE F 720 11.77 -46.47 21.73
N SER F 721 11.66 -45.17 22.01
CA SER F 721 10.59 -44.36 21.48
C SER F 721 10.93 -43.86 20.08
N VAL F 722 9.94 -43.91 19.20
CA VAL F 722 10.06 -43.38 17.84
C VAL F 722 8.94 -42.38 17.63
N THR F 723 9.29 -41.11 17.55
CA THR F 723 8.33 -40.01 17.47
C THR F 723 8.45 -39.33 16.11
N THR F 724 7.32 -39.14 15.43
CA THR F 724 7.32 -38.49 14.14
C THR F 724 7.30 -36.96 14.31
N GLU F 725 8.03 -36.28 13.43
CA GLU F 725 8.09 -34.83 13.42
C GLU F 725 7.91 -34.34 11.98
N ILE F 726 7.00 -33.40 11.78
CA ILE F 726 6.64 -32.90 10.46
C ILE F 726 7.08 -31.44 10.36
N LEU F 727 7.77 -31.11 9.27
CA LEU F 727 8.28 -29.77 9.03
C LEU F 727 7.95 -29.34 7.60
N PRO F 728 7.28 -28.21 7.38
CA PRO F 728 7.18 -27.69 6.02
C PRO F 728 8.56 -27.35 5.46
N VAL F 729 8.73 -27.60 4.16
CA VAL F 729 10.01 -27.37 3.50
C VAL F 729 9.83 -26.38 2.36
N SER F 730 8.77 -26.54 1.58
CA SER F 730 8.52 -25.66 0.44
C SER F 730 7.02 -25.41 0.34
N MET F 731 6.64 -24.64 -0.68
CA MET F 731 5.25 -24.35 -0.95
C MET F 731 5.05 -24.20 -2.46
N THR F 732 3.81 -23.98 -2.86
CA THR F 732 3.48 -23.93 -4.27
C THR F 732 4.21 -22.77 -4.96
N LYS F 733 4.68 -23.03 -6.19
CA LYS F 733 5.43 -22.04 -6.96
C LYS F 733 4.45 -21.24 -7.84
N THR F 734 3.57 -20.52 -7.17
CA THR F 734 2.60 -19.70 -7.89
C THR F 734 3.29 -18.48 -8.49
N SER F 735 2.76 -18.07 -9.63
CA SER F 735 3.28 -16.87 -10.29
C SER F 735 2.08 -16.18 -10.92
N VAL F 736 1.99 -14.88 -10.68
CA VAL F 736 0.83 -14.10 -11.18
C VAL F 736 1.35 -13.05 -12.15
N ASP F 737 0.73 -12.97 -13.33
CA ASP F 737 1.10 -11.93 -14.30
C ASP F 737 0.37 -10.66 -13.87
N CYS F 738 1.09 -9.61 -13.48
CA CYS F 738 0.53 -8.44 -13.01
C CYS F 738 -0.25 -7.78 -14.07
N THR F 739 0.25 -7.70 -15.28
CA THR F 739 -0.47 -6.95 -16.34
C THR F 739 -1.79 -7.65 -16.66
N MET F 740 -1.78 -8.96 -16.83
CA MET F 740 -3.01 -9.70 -17.18
C MET F 740 -3.99 -9.74 -16.00
N TYR F 741 -3.46 -9.88 -14.79
CA TYR F 741 -4.35 -9.91 -13.62
C TYR F 741 -5.07 -8.56 -13.49
N ILE F 742 -4.35 -7.47 -13.59
CA ILE F 742 -4.98 -6.12 -13.44
C ILE F 742 -5.91 -5.94 -14.62
N CYS F 743 -5.45 -6.22 -15.83
CA CYS F 743 -6.35 -6.17 -16.99
C CYS F 743 -5.79 -6.96 -18.16
N GLY F 744 -6.45 -8.05 -18.53
CA GLY F 744 -5.99 -8.86 -19.66
C GLY F 744 -6.82 -8.56 -20.89
N ASP F 745 -6.24 -8.72 -22.07
CA ASP F 745 -6.99 -8.52 -23.34
C ASP F 745 -7.50 -7.08 -23.43
N SER F 746 -6.73 -6.12 -22.92
CA SER F 746 -7.15 -4.70 -23.06
C SER F 746 -5.92 -3.82 -23.17
N THR F 747 -5.64 -3.28 -24.36
CA THR F 747 -4.52 -2.31 -24.50
C THR F 747 -4.91 -0.99 -23.84
N GLU F 748 -6.20 -0.67 -23.81
CA GLU F 748 -6.63 0.63 -23.24
C GLU F 748 -6.24 0.68 -21.77
N CYS F 749 -6.46 -0.41 -21.03
CA CYS F 749 -6.03 -0.46 -19.61
C CYS F 749 -4.51 -0.60 -19.50
N SER F 750 -3.89 -1.36 -20.40
CA SER F 750 -2.43 -1.62 -20.29
C SER F 750 -1.69 -0.30 -20.42
N ASN F 751 -2.10 0.57 -21.33
CA ASN F 751 -1.43 1.88 -21.51
C ASN F 751 -1.58 2.70 -20.24
N LEU F 752 -2.73 2.64 -19.60
CA LEU F 752 -2.93 3.35 -18.31
C LEU F 752 -2.03 2.73 -17.25
N LEU F 753 -1.83 1.42 -17.27
CA LEU F 753 -1.02 0.74 -16.25
C LEU F 753 0.45 1.12 -16.39
N LEU F 754 0.95 1.36 -17.60
CA LEU F 754 2.36 1.74 -17.79
C LEU F 754 2.60 3.09 -17.09
N GLN F 755 1.57 3.92 -16.88
CA GLN F 755 1.76 5.22 -16.20
C GLN F 755 2.24 5.00 -14.77
N TYR F 756 1.90 3.88 -14.16
CA TYR F 756 2.30 3.62 -12.78
C TYR F 756 3.75 3.16 -12.66
N GLY F 757 4.44 2.93 -13.77
CA GLY F 757 5.85 2.60 -13.72
C GLY F 757 6.15 1.11 -13.65
N SER F 758 7.15 0.75 -12.86
CA SER F 758 7.62 -0.62 -12.78
C SER F 758 7.03 -1.39 -11.61
N PHE F 759 5.79 -1.08 -11.20
CA PHE F 759 5.16 -1.85 -10.14
C PHE F 759 4.97 -3.31 -10.54
N CYS F 760 4.56 -3.54 -11.79
CA CYS F 760 4.31 -4.91 -12.23
C CYS F 760 5.61 -5.70 -12.35
N THR F 761 6.68 -5.06 -12.81
CA THR F 761 7.96 -5.74 -12.90
C THR F 761 8.45 -6.16 -11.51
N GLN F 762 8.28 -5.29 -10.52
CA GLN F 762 8.73 -5.57 -9.17
C GLN F 762 7.97 -6.76 -8.58
N LEU F 763 6.66 -6.81 -8.78
CA LEU F 763 5.86 -7.90 -8.23
C LEU F 763 6.22 -9.23 -8.88
N ASN F 764 6.38 -9.23 -10.21
CA ASN F 764 6.80 -10.45 -10.90
C ASN F 764 8.18 -10.89 -10.43
N ARG F 765 9.08 -9.94 -10.23
CA ARG F 765 10.41 -10.27 -9.73
C ARG F 765 10.33 -10.92 -8.36
N ALA F 766 9.50 -10.36 -7.47
CA ALA F 766 9.35 -10.93 -6.14
C ALA F 766 8.79 -12.33 -6.18
N LEU F 767 7.76 -12.55 -7.00
CA LEU F 767 7.16 -13.88 -7.10
C LEU F 767 8.13 -14.89 -7.69
N THR F 768 8.92 -14.48 -8.69
CA THR F 768 9.93 -15.37 -9.25
C THR F 768 11.01 -15.70 -8.21
N GLY F 769 11.40 -14.72 -7.40
CA GLY F 769 12.33 -14.99 -6.33
C GLY F 769 11.79 -16.01 -5.34
N ILE F 770 10.52 -15.87 -4.97
CA ILE F 770 9.89 -16.84 -4.07
C ILE F 770 9.89 -18.23 -4.72
N ALA F 771 9.56 -18.29 -6.01
CA ALA F 771 9.48 -19.58 -6.70
C ALA F 771 10.83 -20.28 -6.71
N VAL F 772 11.90 -19.54 -7.03
CA VAL F 772 13.23 -20.14 -7.02
C VAL F 772 13.64 -20.51 -5.60
N GLU F 773 13.22 -19.71 -4.62
CA GLU F 773 13.52 -20.00 -3.23
C GLU F 773 12.93 -21.32 -2.79
N GLN F 774 11.74 -21.68 -3.30
CA GLN F 774 11.16 -22.97 -2.95
C GLN F 774 12.02 -24.13 -3.44
N ASP F 775 12.51 -24.05 -4.67
CA ASP F 775 13.40 -25.09 -5.18
C ASP F 775 14.69 -25.16 -4.37
N LYS F 776 15.23 -24.00 -3.98
CA LYS F 776 16.42 -24.00 -3.13
C LYS F 776 16.12 -24.66 -1.79
N ASN F 777 14.94 -24.40 -1.24
CA ASN F 777 14.55 -24.98 0.04
C ASN F 777 14.50 -26.50 -0.06
N THR F 778 13.88 -27.02 -1.11
CA THR F 778 13.83 -28.48 -1.27
C THR F 778 15.23 -29.05 -1.47
N GLN F 779 16.06 -28.37 -2.26
CA GLN F 779 17.41 -28.88 -2.54
C GLN F 779 18.24 -28.95 -1.28
N GLU F 780 18.28 -27.87 -0.49
CA GLU F 780 19.11 -27.84 0.69
C GLU F 780 18.69 -28.87 1.73
N VAL F 781 17.40 -29.21 1.78
CA VAL F 781 16.92 -30.19 2.76
C VAL F 781 17.23 -31.61 2.29
N PHE F 782 16.82 -31.95 1.07
CA PHE F 782 16.90 -33.35 0.63
C PHE F 782 18.23 -33.68 -0.04
N ALA F 783 18.77 -32.80 -0.88
CA ALA F 783 19.99 -33.09 -1.62
C ALA F 783 21.25 -32.94 -0.78
N GLN F 784 21.39 -33.77 0.27
CA GLN F 784 22.59 -33.77 1.10
C GLN F 784 23.51 -34.93 0.82
N VAL F 785 23.02 -35.99 0.17
CA VAL F 785 23.85 -37.15 -0.17
C VAL F 785 24.48 -36.92 -1.54
N LYS F 786 25.79 -37.19 -1.62
CA LYS F 786 26.48 -37.08 -2.90
C LYS F 786 26.13 -38.24 -3.83
N GLN F 787 25.87 -39.42 -3.28
CA GLN F 787 25.61 -40.62 -4.05
C GLN F 787 24.32 -41.26 -3.59
N ILE F 788 23.64 -41.94 -4.53
CA ILE F 788 22.38 -42.60 -4.24
C ILE F 788 22.67 -44.00 -3.69
N TYR F 789 22.68 -44.13 -2.37
CA TYR F 789 23.00 -45.40 -1.75
C TYR F 789 21.83 -46.37 -1.87
N LYS F 790 22.13 -47.65 -2.01
CA LYS F 790 21.13 -48.70 -2.13
C LYS F 790 21.22 -49.67 -0.96
N THR F 791 20.07 -49.99 -0.38
CA THR F 791 20.01 -51.04 0.62
C THR F 791 20.36 -52.38 -0.03
N PRO F 792 21.06 -53.27 0.67
CA PRO F 792 21.44 -54.54 0.07
C PRO F 792 20.22 -55.40 -0.22
N PRO F 793 20.31 -56.34 -1.18
CA PRO F 793 19.17 -57.22 -1.43
C PRO F 793 18.80 -58.07 -0.23
N ILE F 794 19.77 -58.45 0.59
CA ILE F 794 19.54 -59.21 1.82
C ILE F 794 19.65 -58.23 2.99
N LYS F 795 18.67 -58.30 3.91
CA LYS F 795 18.47 -57.23 4.88
C LYS F 795 18.62 -57.74 6.31
N ASP F 796 19.70 -58.48 6.58
CA ASP F 796 20.00 -58.94 7.93
C ASP F 796 20.56 -57.79 8.77
N PHE F 797 19.65 -56.96 9.28
CA PHE F 797 19.98 -55.80 10.10
C PHE F 797 19.91 -56.09 11.59
N GLY F 798 20.18 -57.32 12.00
CA GLY F 798 20.19 -57.64 13.42
C GLY F 798 18.84 -57.71 14.07
N GLY F 799 17.78 -57.91 13.29
CA GLY F 799 16.43 -57.99 13.81
C GLY F 799 15.59 -56.74 13.61
N PHE F 800 16.25 -55.62 13.31
CA PHE F 800 15.52 -54.34 13.11
C PHE F 800 14.83 -54.38 11.75
N ASN F 801 13.50 -54.20 11.74
CA ASN F 801 12.74 -54.29 10.46
C ASN F 801 12.45 -52.88 9.96
N PHE F 802 12.88 -52.56 8.74
CA PHE F 802 12.71 -51.20 8.19
C PHE F 802 11.84 -51.28 6.94
N SER F 803 11.07 -52.35 6.78
CA SER F 803 10.26 -52.52 5.59
C SER F 803 9.23 -51.41 5.42
N GLN F 804 8.80 -50.77 6.51
CA GLN F 804 7.82 -49.71 6.40
C GLN F 804 8.40 -48.40 5.90
N ILE F 805 9.73 -48.25 5.91
CA ILE F 805 10.37 -47.01 5.51
C ILE F 805 11.27 -47.17 4.28
N LEU F 806 11.79 -48.36 4.02
CA LEU F 806 12.54 -48.58 2.79
C LEU F 806 11.59 -48.56 1.59
N PRO F 807 12.10 -48.25 0.40
CA PRO F 807 11.20 -48.03 -0.73
C PRO F 807 10.48 -49.31 -1.13
N ASP F 808 9.28 -49.14 -1.67
CA ASP F 808 8.48 -50.27 -2.13
C ASP F 808 8.65 -50.38 -3.64
N PRO F 809 9.38 -51.37 -4.16
CA PRO F 809 9.55 -51.47 -5.62
C PRO F 809 8.33 -52.00 -6.35
N SER F 810 7.25 -52.35 -5.64
CA SER F 810 6.07 -52.93 -6.26
C SER F 810 5.09 -51.87 -6.77
N LYS F 811 5.42 -50.59 -6.67
CA LYS F 811 4.56 -49.49 -7.11
C LYS F 811 5.32 -48.61 -8.07
N PRO F 812 4.61 -47.79 -8.86
CA PRO F 812 5.30 -46.98 -9.88
C PRO F 812 6.32 -46.00 -9.31
N SER F 813 6.17 -45.57 -8.06
CA SER F 813 7.04 -44.58 -7.45
C SER F 813 8.00 -45.24 -6.49
N LYS F 814 8.99 -44.47 -6.04
CA LYS F 814 9.95 -44.96 -5.07
C LYS F 814 9.43 -44.90 -3.63
N ARG F 815 8.18 -44.47 -3.44
CA ARG F 815 7.67 -44.22 -2.10
C ARG F 815 7.64 -45.51 -1.28
N SER F 816 7.99 -45.37 0.00
CA SER F 816 7.81 -46.44 0.96
C SER F 816 6.36 -46.49 1.41
N PHE F 817 6.07 -47.37 2.37
CA PHE F 817 4.70 -47.50 2.85
C PHE F 817 4.29 -46.27 3.64
N ILE F 818 5.13 -45.84 4.58
CA ILE F 818 4.79 -44.67 5.39
C ILE F 818 4.76 -43.42 4.52
N GLU F 819 5.65 -43.34 3.54
CA GLU F 819 5.57 -42.24 2.58
C GLU F 819 4.26 -42.28 1.81
N ASP F 820 3.80 -43.47 1.44
CA ASP F 820 2.51 -43.59 0.76
C ASP F 820 1.37 -43.09 1.65
N LEU F 821 1.43 -43.43 2.94
CA LEU F 821 0.43 -42.91 3.88
C LEU F 821 0.48 -41.39 3.96
N LEU F 822 1.69 -40.84 4.04
CA LEU F 822 1.84 -39.39 4.18
C LEU F 822 1.31 -38.65 2.95
N PHE F 823 1.64 -39.15 1.76
CA PHE F 823 1.20 -38.48 0.53
C PHE F 823 -0.30 -38.57 0.31
N ASN F 824 -0.98 -39.48 1.02
CA ASN F 824 -2.44 -39.57 0.91
C ASN F 824 -3.14 -38.74 1.98
N LYS F 825 -2.54 -38.61 3.17
CA LYS F 825 -3.18 -37.88 4.25
C LYS F 825 -3.29 -36.39 3.96
N VAL F 826 -2.28 -35.81 3.31
CA VAL F 826 -2.30 -34.39 2.99
C VAL F 826 -3.25 -34.14 1.82
N LYS F 854 -5.17 -20.75 -14.80
CA LYS F 854 -6.12 -20.23 -15.82
C LYS F 854 -7.17 -19.37 -15.12
N PHE F 855 -6.75 -18.49 -14.21
CA PHE F 855 -7.68 -17.64 -13.42
C PHE F 855 -7.30 -16.17 -13.59
N ASN F 856 -7.24 -15.69 -14.84
CA ASN F 856 -6.85 -14.32 -15.12
C ASN F 856 -5.43 -14.02 -14.63
N GLY F 857 -4.41 -14.69 -15.19
CA GLY F 857 -2.99 -14.38 -14.90
C GLY F 857 -2.26 -15.42 -14.08
N LEU F 858 -2.92 -16.15 -13.21
CA LEU F 858 -2.28 -17.09 -12.25
C LEU F 858 -1.58 -18.21 -13.02
N THR F 859 -0.48 -18.76 -12.50
CA THR F 859 0.29 -19.84 -13.16
C THR F 859 1.10 -20.58 -12.11
N VAL F 860 0.86 -21.86 -11.90
CA VAL F 860 1.50 -22.68 -10.89
C VAL F 860 2.64 -23.43 -11.57
N LEU F 861 3.87 -23.03 -11.28
CA LEU F 861 5.04 -23.68 -11.87
C LEU F 861 5.28 -25.03 -11.19
N PRO F 862 5.85 -26.01 -11.90
CA PRO F 862 6.08 -27.30 -11.28
C PRO F 862 7.37 -27.30 -10.48
N PRO F 863 7.45 -28.09 -9.40
CA PRO F 863 8.73 -28.18 -8.68
C PRO F 863 9.83 -28.77 -9.55
N LEU F 864 11.06 -28.32 -9.30
CA LEU F 864 12.20 -28.84 -10.04
C LEU F 864 12.39 -30.33 -9.76
N LEU F 865 12.37 -30.71 -8.49
CA LEU F 865 12.49 -32.12 -8.11
C LEU F 865 11.11 -32.73 -8.00
N THR F 866 10.81 -33.70 -8.86
CA THR F 866 9.54 -34.40 -8.77
C THR F 866 9.49 -35.22 -7.49
N ASP F 867 8.28 -35.62 -7.09
CA ASP F 867 8.12 -36.40 -5.87
C ASP F 867 8.90 -37.71 -5.95
N GLU F 868 9.06 -38.27 -7.16
CA GLU F 868 9.88 -39.46 -7.31
C GLU F 868 11.34 -39.17 -6.96
N MET F 869 11.86 -38.02 -7.38
CA MET F 869 13.24 -37.67 -7.06
C MET F 869 13.44 -37.40 -5.58
N ILE F 870 12.48 -36.74 -4.93
CA ILE F 870 12.57 -36.51 -3.50
C ILE F 870 12.51 -37.82 -2.75
N ALA F 871 11.63 -38.74 -3.19
CA ALA F 871 11.58 -40.07 -2.59
C ALA F 871 12.89 -40.82 -2.79
N GLN F 872 13.52 -40.69 -3.95
CA GLN F 872 14.82 -41.31 -4.18
C GLN F 872 15.90 -40.72 -3.27
N TYR F 873 15.87 -39.40 -3.04
CA TYR F 873 16.82 -38.80 -2.12
C TYR F 873 16.62 -39.34 -0.71
N THR F 874 15.38 -39.43 -0.25
CA THR F 874 15.13 -39.95 1.09
C THR F 874 15.52 -41.43 1.17
N SER F 875 15.32 -42.18 0.09
CA SER F 875 15.78 -43.56 0.04
C SER F 875 17.30 -43.66 0.15
N ALA F 876 18.02 -42.78 -0.54
CA ALA F 876 19.47 -42.77 -0.43
C ALA F 876 19.90 -42.46 1.00
N LEU F 877 19.25 -41.48 1.64
CA LEU F 877 19.56 -41.15 3.01
C LEU F 877 19.30 -42.33 3.95
N LEU F 878 18.15 -42.99 3.76
CA LEU F 878 17.82 -44.15 4.58
C LEU F 878 18.84 -45.27 4.41
N ALA F 879 19.19 -45.58 3.16
CA ALA F 879 20.15 -46.65 2.91
C ALA F 879 21.52 -46.33 3.49
N GLY F 880 21.98 -45.08 3.33
CA GLY F 880 23.25 -44.71 3.91
C GLY F 880 23.24 -44.79 5.42
N THR F 881 22.17 -44.29 6.05
CA THR F 881 22.08 -44.33 7.50
C THR F 881 22.06 -45.77 8.00
N ILE F 882 21.30 -46.63 7.34
CA ILE F 882 21.16 -48.01 7.82
C ILE F 882 22.43 -48.79 7.62
N THR F 883 23.07 -48.67 6.46
CA THR F 883 24.19 -49.53 6.12
C THR F 883 25.54 -48.98 6.56
N SER F 884 25.63 -47.68 6.89
CA SER F 884 26.90 -47.06 7.20
C SER F 884 26.85 -46.10 8.38
N GLY F 885 25.71 -45.97 9.05
CA GLY F 885 25.64 -45.07 10.20
C GLY F 885 25.84 -43.63 9.81
N TRP F 886 26.64 -42.91 10.59
CA TRP F 886 26.92 -41.51 10.32
C TRP F 886 28.10 -41.30 9.39
N THR F 887 28.79 -42.37 8.99
CA THR F 887 30.04 -42.22 8.25
C THR F 887 29.81 -41.62 6.86
N PHE F 888 28.64 -41.88 6.26
CA PHE F 888 28.39 -41.37 4.92
C PHE F 888 28.17 -39.86 4.91
N GLY F 889 27.87 -39.26 6.06
CA GLY F 889 27.75 -37.83 6.15
C GLY F 889 29.09 -37.14 6.27
N ALA F 890 30.09 -37.85 6.83
CA ALA F 890 31.42 -37.31 7.00
C ALA F 890 32.29 -37.52 5.76
N GLY F 891 32.02 -38.54 4.96
CA GLY F 891 32.82 -38.84 3.79
C GLY F 891 32.29 -40.03 3.03
N ALA F 892 33.18 -40.94 2.63
CA ALA F 892 32.73 -42.17 1.98
C ALA F 892 31.97 -43.04 2.96
N ALA F 893 30.93 -43.69 2.47
CA ALA F 893 30.07 -44.52 3.31
C ALA F 893 30.85 -45.76 3.76
N LEU F 894 31.15 -45.82 5.06
CA LEU F 894 31.84 -46.96 5.65
C LEU F 894 30.78 -47.93 6.17
N GLN F 895 30.71 -49.11 5.57
CA GLN F 895 29.70 -50.08 5.99
C GLN F 895 30.02 -50.59 7.39
N ILE F 896 28.97 -50.96 8.12
CA ILE F 896 29.10 -51.48 9.47
C ILE F 896 27.82 -52.26 9.79
N PRO F 897 27.88 -53.43 10.43
CA PRO F 897 26.65 -54.12 10.80
C PRO F 897 25.79 -53.26 11.71
N PHE F 898 24.47 -53.35 11.53
CA PHE F 898 23.57 -52.43 12.22
C PHE F 898 23.61 -52.64 13.72
N ALA F 899 23.89 -53.87 14.18
CA ALA F 899 24.01 -54.10 15.60
C ALA F 899 25.14 -53.29 16.21
N MET F 900 26.30 -53.28 15.54
CA MET F 900 27.43 -52.49 16.03
C MET F 900 27.17 -51.00 15.91
N GLN F 901 26.47 -50.57 14.85
CA GLN F 901 26.11 -49.18 14.72
C GLN F 901 25.23 -48.74 15.88
N MET F 902 24.24 -49.55 16.24
CA MET F 902 23.36 -49.20 17.35
C MET F 902 24.11 -49.28 18.68
N ALA F 903 25.08 -50.19 18.80
CA ALA F 903 25.89 -50.22 20.02
C ALA F 903 26.68 -48.92 20.19
N TYR F 904 27.32 -48.45 19.12
CA TYR F 904 28.07 -47.21 19.20
C TYR F 904 27.18 -45.99 19.22
N ARG F 905 25.89 -46.14 18.88
CA ARG F 905 24.94 -45.07 19.12
C ARG F 905 24.45 -45.07 20.56
N PHE F 906 24.45 -46.24 21.22
CA PHE F 906 24.24 -46.27 22.66
C PHE F 906 25.42 -45.67 23.41
N ASN F 907 26.64 -45.87 22.89
CA ASN F 907 27.79 -45.20 23.48
C ASN F 907 27.62 -43.69 23.48
N GLY F 908 26.95 -43.14 22.47
CA GLY F 908 26.80 -41.70 22.37
C GLY F 908 25.91 -41.11 23.43
N ILE F 909 25.05 -41.91 24.06
CA ILE F 909 24.11 -41.43 25.07
C ILE F 909 24.54 -41.87 26.45
N GLY F 910 25.77 -42.35 26.59
CA GLY F 910 26.30 -42.71 27.89
C GLY F 910 25.93 -44.09 28.38
N VAL F 911 25.44 -44.96 27.51
CA VAL F 911 25.08 -46.33 27.85
C VAL F 911 26.06 -47.27 27.18
N THR F 912 26.62 -48.20 27.95
CA THR F 912 27.67 -49.07 27.43
C THR F 912 27.13 -49.95 26.31
N GLN F 913 28.07 -50.54 25.55
CA GLN F 913 27.68 -51.34 24.38
C GLN F 913 26.88 -52.56 24.79
N ASN F 914 27.28 -53.24 25.86
CA ASN F 914 26.65 -54.50 26.24
C ASN F 914 25.17 -54.34 26.53
N VAL F 915 24.73 -53.13 26.89
CA VAL F 915 23.30 -52.92 27.14
C VAL F 915 22.48 -53.24 25.89
N LEU F 916 23.09 -53.16 24.70
CA LEU F 916 22.41 -53.56 23.48
C LEU F 916 22.58 -55.06 23.23
N TYR F 917 23.83 -55.53 23.19
CA TYR F 917 24.10 -56.90 22.77
C TYR F 917 23.45 -57.92 23.70
N GLU F 918 23.51 -57.69 25.02
CA GLU F 918 22.90 -58.64 25.94
C GLU F 918 21.38 -58.71 25.81
N ASN F 919 20.74 -57.65 25.31
CA ASN F 919 19.29 -57.67 25.07
C ASN F 919 18.97 -57.05 23.72
N GLN F 920 19.70 -57.46 22.68
CA GLN F 920 19.47 -56.91 21.35
C GLN F 920 18.08 -57.23 20.83
N LYS F 921 17.57 -58.44 21.10
CA LYS F 921 16.26 -58.83 20.58
C LYS F 921 15.16 -57.95 21.13
N LEU F 922 15.23 -57.61 22.43
CA LEU F 922 14.22 -56.75 23.02
C LEU F 922 14.21 -55.38 22.36
N ILE F 923 15.39 -54.82 22.10
CA ILE F 923 15.48 -53.51 21.47
C ILE F 923 14.95 -53.56 20.04
N ALA F 924 15.28 -54.63 19.32
CA ALA F 924 14.76 -54.76 17.96
C ALA F 924 13.25 -54.85 17.95
N ASN F 925 12.68 -55.63 18.88
CA ASN F 925 11.24 -55.77 18.96
C ASN F 925 10.59 -54.43 19.32
N GLN F 926 11.19 -53.69 20.25
CA GLN F 926 10.64 -52.38 20.62
C GLN F 926 10.66 -51.42 19.44
N PHE F 927 11.75 -51.41 18.68
CA PHE F 927 11.82 -50.52 17.52
C PHE F 927 10.77 -50.91 16.49
N ASN F 928 10.61 -52.21 16.24
CA ASN F 928 9.62 -52.66 15.26
C ASN F 928 8.21 -52.29 15.71
N SER F 929 7.92 -52.47 17.00
CA SER F 929 6.60 -52.11 17.51
C SER F 929 6.36 -50.61 17.40
N ALA F 930 7.38 -49.80 17.67
CA ALA F 930 7.22 -48.35 17.53
C ALA F 930 6.96 -47.95 16.08
N ILE F 931 7.67 -48.57 15.15
CA ILE F 931 7.45 -48.26 13.73
C ILE F 931 6.04 -48.67 13.32
N GLY F 932 5.59 -49.85 13.78
CA GLY F 932 4.23 -50.26 13.49
C GLY F 932 3.20 -49.32 14.08
N LYS F 933 3.47 -48.79 15.27
CA LYS F 933 2.55 -47.84 15.89
C LYS F 933 2.50 -46.53 15.11
N ILE F 934 3.64 -46.07 14.58
CA ILE F 934 3.61 -44.89 13.72
C ILE F 934 2.79 -45.17 12.47
N GLN F 935 2.98 -46.36 11.88
CA GLN F 935 2.18 -46.77 10.73
C GLN F 935 0.70 -46.70 11.05
N ASP F 936 0.29 -47.28 12.17
CA ASP F 936 -1.12 -47.28 12.55
C ASP F 936 -1.63 -45.86 12.79
N SER F 937 -0.85 -45.03 13.47
CA SER F 937 -1.27 -43.67 13.76
C SER F 937 -1.47 -42.87 12.48
N LEU F 938 -0.53 -43.00 11.54
CA LEU F 938 -0.67 -42.26 10.28
C LEU F 938 -1.84 -42.81 9.46
N SER F 939 -2.08 -44.11 9.50
CA SER F 939 -3.18 -44.70 8.75
C SER F 939 -4.54 -44.49 9.41
N SER F 940 -4.57 -43.97 10.64
CA SER F 940 -5.82 -43.77 11.35
C SER F 940 -6.47 -42.44 10.95
N THR F 941 -7.49 -42.05 11.71
CA THR F 941 -8.21 -40.82 11.45
C THR F 941 -7.48 -39.57 11.97
N ALA F 942 -6.37 -39.74 12.69
CA ALA F 942 -5.68 -38.60 13.28
C ALA F 942 -5.11 -37.70 12.18
N SER F 943 -5.24 -36.39 12.39
CA SER F 943 -4.69 -35.39 11.48
C SER F 943 -3.31 -34.92 11.95
N ALA F 944 -2.33 -35.80 11.86
CA ALA F 944 -0.99 -35.48 12.36
C ALA F 944 -0.25 -34.49 11.46
N LEU F 945 -0.63 -34.43 10.17
CA LEU F 945 0.07 -33.61 9.20
C LEU F 945 -0.52 -32.22 9.06
N GLY F 946 -1.09 -31.67 10.14
CA GLY F 946 -1.70 -30.35 10.04
C GLY F 946 -0.74 -29.25 9.67
N LYS F 947 0.57 -29.46 9.92
CA LYS F 947 1.54 -28.41 9.64
C LYS F 947 1.70 -28.18 8.13
N LEU F 948 1.58 -29.24 7.34
CA LEU F 948 1.67 -29.10 5.88
C LEU F 948 0.33 -28.70 5.28
N GLN F 949 -0.75 -29.25 5.84
CA GLN F 949 -2.08 -28.88 5.37
C GLN F 949 -2.35 -27.40 5.62
N ASP F 950 -1.78 -26.84 6.69
CA ASP F 950 -1.90 -25.42 6.93
C ASP F 950 -1.21 -24.60 5.84
N VAL F 951 -0.03 -25.01 5.40
CA VAL F 951 0.63 -24.31 4.30
C VAL F 951 -0.21 -24.38 3.04
N VAL F 952 -0.71 -25.57 2.72
CA VAL F 952 -1.54 -25.72 1.51
C VAL F 952 -2.77 -24.85 1.60
N ASN F 953 -3.45 -24.86 2.76
CA ASN F 953 -4.66 -24.07 2.94
C ASN F 953 -4.37 -22.58 2.86
N GLN F 954 -3.26 -22.14 3.43
CA GLN F 954 -2.91 -20.72 3.37
C GLN F 954 -2.65 -20.27 1.94
N ASN F 955 -1.91 -21.08 1.18
CA ASN F 955 -1.68 -20.73 -0.22
C ASN F 955 -2.99 -20.68 -1.00
N ALA F 956 -3.84 -21.68 -0.81
CA ALA F 956 -5.10 -21.73 -1.53
C ALA F 956 -5.99 -20.54 -1.16
N GLN F 957 -6.02 -20.19 0.13
CA GLN F 957 -6.84 -19.07 0.57
C GLN F 957 -6.33 -17.75 0.03
N ALA F 958 -5.00 -17.57 -0.01
CA ALA F 958 -4.45 -16.36 -0.58
C ALA F 958 -4.79 -16.23 -2.05
N LEU F 959 -4.65 -17.32 -2.81
CA LEU F 959 -5.01 -17.28 -4.22
C LEU F 959 -6.51 -17.02 -4.40
N ASN F 960 -7.34 -17.64 -3.56
CA ASN F 960 -8.78 -17.44 -3.66
C ASN F 960 -9.15 -15.99 -3.39
N THR F 961 -8.54 -15.37 -2.39
CA THR F 961 -8.82 -13.96 -2.12
C THR F 961 -8.34 -13.08 -3.27
N LEU F 962 -7.17 -13.31 -3.84
CA LEU F 962 -6.67 -12.51 -4.98
C LEU F 962 -7.72 -12.60 -6.08
N VAL F 963 -8.07 -13.79 -6.55
CA VAL F 963 -9.00 -13.98 -7.70
C VAL F 963 -10.37 -13.41 -7.38
N LYS F 964 -10.84 -13.47 -6.14
CA LYS F 964 -12.18 -12.98 -5.72
C LYS F 964 -12.17 -11.47 -5.56
N GLN F 965 -11.02 -10.80 -5.44
CA GLN F 965 -10.98 -9.35 -5.50
C GLN F 965 -10.91 -8.81 -6.93
N LEU F 966 -10.96 -9.68 -7.95
CA LEU F 966 -11.18 -9.18 -9.32
C LEU F 966 -12.63 -8.75 -9.51
N SER F 967 -13.55 -9.28 -8.72
CA SER F 967 -14.97 -8.97 -8.85
C SER F 967 -15.38 -7.68 -8.15
N SER F 968 -14.49 -7.11 -7.33
CA SER F 968 -14.79 -5.83 -6.70
C SER F 968 -14.57 -4.69 -7.67
N ASN F 969 -15.46 -3.70 -7.64
CA ASN F 969 -15.40 -2.58 -8.58
C ASN F 969 -14.61 -1.39 -8.03
N PHE F 970 -14.37 -1.32 -6.73
CA PHE F 970 -13.56 -0.28 -6.12
C PHE F 970 -14.10 1.11 -6.42
N GLY F 971 -15.42 1.23 -6.57
CA GLY F 971 -16.05 2.50 -6.88
C GLY F 971 -16.32 2.74 -8.35
N ALA F 972 -15.82 1.88 -9.24
CA ALA F 972 -16.10 2.01 -10.65
C ALA F 972 -17.55 1.63 -10.95
N ILE F 973 -18.00 1.97 -12.16
CA ILE F 973 -19.37 1.64 -12.55
C ILE F 973 -19.56 0.13 -12.61
N SER F 974 -18.51 -0.62 -12.92
CA SER F 974 -18.60 -2.06 -13.00
C SER F 974 -17.22 -2.65 -12.69
N SER F 975 -17.24 -3.92 -12.27
CA SER F 975 -16.01 -4.64 -11.95
C SER F 975 -15.46 -5.41 -13.14
N VAL F 976 -16.10 -5.34 -14.30
CA VAL F 976 -15.65 -6.02 -15.52
C VAL F 976 -15.21 -4.95 -16.50
N LEU F 977 -13.97 -5.08 -16.99
CA LEU F 977 -13.43 -4.07 -17.88
C LEU F 977 -14.10 -4.10 -19.25
N ASN F 978 -14.57 -5.26 -19.68
CA ASN F 978 -15.28 -5.34 -20.95
C ASN F 978 -16.60 -4.57 -20.92
N ASP F 979 -17.19 -4.42 -19.74
CA ASP F 979 -18.39 -3.59 -19.62
C ASP F 979 -18.04 -2.11 -19.69
N ILE F 980 -16.97 -1.70 -19.01
CA ILE F 980 -16.57 -0.29 -19.02
C ILE F 980 -16.15 0.12 -20.43
N LEU F 981 -15.38 -0.72 -21.10
CA LEU F 981 -14.87 -0.38 -22.42
C LEU F 981 -15.99 -0.39 -23.47
N SER F 982 -16.95 -1.29 -23.32
CA SER F 982 -18.05 -1.37 -24.28
C SER F 982 -19.13 -0.33 -24.02
N ARG F 983 -19.10 0.35 -22.87
CA ARG F 983 -20.11 1.35 -22.53
C ARG F 983 -19.62 2.77 -22.72
N LEU F 984 -18.37 3.05 -22.36
CA LEU F 984 -17.87 4.42 -22.26
C LEU F 984 -16.79 4.68 -23.30
N ASP F 985 -16.80 5.90 -23.82
CA ASP F 985 -15.74 6.37 -24.69
C ASP F 985 -14.46 6.56 -23.88
N PRO F 986 -13.31 6.66 -24.54
CA PRO F 986 -12.02 6.66 -23.82
C PRO F 986 -11.95 7.67 -22.68
N PRO F 987 -12.23 8.96 -22.93
CA PRO F 987 -11.99 9.93 -21.84
C PRO F 987 -12.81 9.70 -20.59
N GLU F 988 -14.02 9.12 -20.71
CA GLU F 988 -14.79 8.74 -19.53
C GLU F 988 -14.46 7.33 -19.05
N ALA F 989 -13.95 6.48 -19.93
CA ALA F 989 -13.55 5.14 -19.51
C ALA F 989 -12.27 5.17 -18.69
N GLU F 990 -11.40 6.15 -18.95
CA GLU F 990 -10.10 6.18 -18.28
C GLU F 990 -10.26 6.42 -16.78
N VAL F 991 -11.25 7.21 -16.38
CA VAL F 991 -11.41 7.51 -14.96
C VAL F 991 -11.95 6.31 -14.19
N GLN F 992 -12.63 5.38 -14.87
CA GLN F 992 -13.09 4.16 -14.22
C GLN F 992 -12.00 3.09 -14.26
N ILE F 993 -11.33 2.96 -15.41
CA ILE F 993 -10.27 1.97 -15.56
C ILE F 993 -9.12 2.30 -14.63
N ASP F 994 -8.84 3.58 -14.40
CA ASP F 994 -7.83 3.95 -13.41
C ASP F 994 -8.23 3.49 -12.03
N ARG F 995 -9.51 3.58 -11.69
CA ARG F 995 -9.99 3.11 -10.39
C ARG F 995 -9.77 1.60 -10.25
N LEU F 996 -10.14 0.84 -11.28
CA LEU F 996 -9.92 -0.60 -11.24
C LEU F 996 -8.44 -0.93 -11.17
N ILE F 997 -7.60 -0.18 -11.90
CA ILE F 997 -6.16 -0.42 -11.86
C ILE F 997 -5.63 -0.20 -10.45
N THR F 998 -6.04 0.89 -9.82
CA THR F 998 -5.57 1.18 -8.47
C THR F 998 -5.99 0.07 -7.51
N GLY F 999 -7.26 -0.33 -7.55
CA GLY F 999 -7.73 -1.36 -6.65
C GLY F 999 -7.03 -2.69 -6.86
N ARG F 1000 -6.91 -3.13 -8.10
CA ARG F 1000 -6.32 -4.42 -8.37
C ARG F 1000 -4.82 -4.42 -8.11
N LEU F 1001 -4.15 -3.28 -8.36
CA LEU F 1001 -2.74 -3.18 -8.05
C LEU F 1001 -2.51 -3.24 -6.54
N GLN F 1002 -3.36 -2.57 -5.76
CA GLN F 1002 -3.24 -2.67 -4.30
C GLN F 1002 -3.48 -4.10 -3.84
N SER F 1003 -4.46 -4.78 -4.43
CA SER F 1003 -4.73 -6.17 -4.05
C SER F 1003 -3.55 -7.07 -4.37
N LEU F 1004 -2.95 -6.89 -5.55
CA LEU F 1004 -1.81 -7.72 -5.92
C LEU F 1004 -0.60 -7.42 -5.07
N GLN F 1005 -0.39 -6.14 -4.71
CA GLN F 1005 0.70 -5.80 -3.82
C GLN F 1005 0.52 -6.44 -2.46
N THR F 1006 -0.70 -6.42 -1.92
CA THR F 1006 -0.96 -7.07 -0.64
C THR F 1006 -0.68 -8.57 -0.73
N TYR F 1007 -1.14 -9.21 -1.82
CA TYR F 1007 -0.89 -10.63 -1.99
C TYR F 1007 0.61 -10.92 -2.04
N VAL F 1008 1.36 -10.13 -2.79
CA VAL F 1008 2.79 -10.40 -2.94
C VAL F 1008 3.53 -10.16 -1.63
N THR F 1009 3.13 -9.14 -0.87
CA THR F 1009 3.78 -8.88 0.41
C THR F 1009 3.53 -10.02 1.40
N GLN F 1010 2.27 -10.45 1.51
CA GLN F 1010 1.97 -11.55 2.42
C GLN F 1010 2.65 -12.84 1.96
N GLN F 1011 2.79 -13.04 0.64
CA GLN F 1011 3.49 -14.21 0.15
C GLN F 1011 4.98 -14.13 0.46
N LEU F 1012 5.55 -12.93 0.42
CA LEU F 1012 6.95 -12.78 0.80
C LEU F 1012 7.16 -13.14 2.26
N ILE F 1013 6.26 -12.68 3.14
CA ILE F 1013 6.38 -13.03 4.55
C ILE F 1013 6.20 -14.53 4.76
N ARG F 1014 5.21 -15.12 4.07
CA ARG F 1014 4.97 -16.55 4.18
C ARG F 1014 6.17 -17.35 3.69
N ALA F 1015 6.78 -16.90 2.60
CA ALA F 1015 7.97 -17.58 2.08
C ALA F 1015 9.14 -17.42 3.02
N ALA F 1016 9.22 -16.28 3.73
CA ALA F 1016 10.28 -16.13 4.73
C ALA F 1016 10.13 -17.15 5.85
N GLU F 1017 8.91 -17.32 6.37
CA GLU F 1017 8.74 -18.31 7.43
C GLU F 1017 8.93 -19.73 6.90
N ILE F 1018 8.53 -19.99 5.65
CA ILE F 1018 8.75 -21.31 5.06
C ILE F 1018 10.24 -21.56 4.88
N ARG F 1019 11.01 -20.51 4.56
CA ARG F 1019 12.46 -20.68 4.45
C ARG F 1019 13.08 -20.95 5.81
N ALA F 1020 12.57 -20.30 6.86
CA ALA F 1020 13.03 -20.63 8.21
C ALA F 1020 12.76 -22.08 8.54
N SER F 1021 11.57 -22.57 8.21
CA SER F 1021 11.23 -23.97 8.44
C SER F 1021 12.11 -24.90 7.60
N ALA F 1022 12.42 -24.52 6.35
CA ALA F 1022 13.26 -25.34 5.50
C ALA F 1022 14.69 -25.39 6.02
N ASN F 1023 15.20 -24.27 6.52
CA ASN F 1023 16.53 -24.26 7.14
C ASN F 1023 16.55 -25.15 8.36
N LEU F 1024 15.50 -25.09 9.18
CA LEU F 1024 15.41 -25.97 10.34
C LEU F 1024 15.37 -27.44 9.90
N ALA F 1025 14.63 -27.74 8.84
CA ALA F 1025 14.54 -29.11 8.35
C ALA F 1025 15.88 -29.60 7.84
N ALA F 1026 16.61 -28.74 7.12
CA ALA F 1026 17.94 -29.12 6.65
C ALA F 1026 18.90 -29.35 7.81
N THR F 1027 18.85 -28.49 8.84
CA THR F 1027 19.67 -28.71 10.02
C THR F 1027 19.31 -30.02 10.71
N LYS F 1028 18.02 -30.31 10.83
CA LYS F 1028 17.59 -31.57 11.42
C LYS F 1028 18.11 -32.75 10.61
N MET F 1029 18.00 -32.68 9.29
CA MET F 1029 18.55 -33.74 8.45
C MET F 1029 20.03 -33.95 8.73
N SER F 1030 20.80 -32.87 8.67
CA SER F 1030 22.24 -32.97 8.81
C SER F 1030 22.64 -33.53 10.17
N GLU F 1031 21.95 -33.10 11.23
CA GLU F 1031 22.41 -33.42 12.58
C GLU F 1031 21.79 -34.69 13.14
N CYS F 1032 20.55 -35.02 12.78
CA CYS F 1032 19.87 -36.21 13.27
C CYS F 1032 20.05 -37.40 12.34
N VAL F 1033 19.89 -37.19 11.03
CA VAL F 1033 19.95 -38.31 10.10
C VAL F 1033 21.39 -38.68 9.80
N LEU F 1034 22.21 -37.71 9.40
CA LEU F 1034 23.61 -37.97 9.06
C LEU F 1034 24.49 -38.13 10.30
N GLY F 1035 23.95 -37.91 11.49
CA GLY F 1035 24.73 -38.05 12.71
C GLY F 1035 23.89 -38.37 13.92
N GLN F 1036 24.46 -38.23 15.11
CA GLN F 1036 23.73 -38.38 16.36
C GLN F 1036 23.94 -37.11 17.17
N SER F 1037 22.84 -36.47 17.55
CA SER F 1037 22.88 -35.15 18.17
C SER F 1037 22.73 -35.26 19.68
N LYS F 1038 23.59 -34.57 20.41
CA LYS F 1038 23.48 -34.43 21.85
C LYS F 1038 22.58 -33.27 22.26
N ARG F 1039 22.03 -32.53 21.29
CA ARG F 1039 21.16 -31.40 21.59
C ARG F 1039 19.85 -31.94 22.17
N VAL F 1040 19.46 -31.43 23.34
CA VAL F 1040 18.31 -31.99 24.03
C VAL F 1040 17.02 -31.58 23.33
N ASP F 1041 16.15 -32.55 23.08
CA ASP F 1041 14.85 -32.34 22.47
C ASP F 1041 14.96 -31.69 21.09
N PHE F 1042 16.13 -31.79 20.46
CA PHE F 1042 16.24 -31.36 19.07
C PHE F 1042 15.73 -32.45 18.14
N CYS F 1043 16.33 -33.63 18.20
CA CYS F 1043 15.87 -34.78 17.43
C CYS F 1043 14.98 -35.68 18.29
N GLY F 1044 13.86 -35.14 18.76
CA GLY F 1044 12.89 -35.90 19.51
C GLY F 1044 13.20 -35.96 21.00
N LYS F 1045 12.16 -36.30 21.76
CA LYS F 1045 12.29 -36.43 23.21
C LYS F 1045 13.08 -37.68 23.56
N GLY F 1046 13.81 -37.61 24.67
CA GLY F 1046 14.70 -38.68 25.08
C GLY F 1046 16.09 -38.50 24.51
N TYR F 1047 16.94 -39.48 24.76
CA TYR F 1047 18.29 -39.47 24.25
C TYR F 1047 18.30 -39.99 22.82
N HIS F 1048 18.76 -39.14 21.89
CA HIS F 1048 18.66 -39.45 20.47
C HIS F 1048 19.56 -40.63 20.11
N LEU F 1049 19.04 -41.53 19.28
CA LEU F 1049 19.82 -42.62 18.70
C LEU F 1049 20.01 -42.44 17.20
N MET F 1050 18.91 -42.29 16.46
CA MET F 1050 18.99 -42.06 15.02
C MET F 1050 17.63 -41.57 14.54
N SER F 1051 17.62 -41.01 13.33
CA SER F 1051 16.41 -40.50 12.73
C SER F 1051 16.34 -41.00 11.29
N PHE F 1052 15.11 -41.08 10.77
CA PHE F 1052 14.83 -41.58 9.45
C PHE F 1052 13.98 -40.58 8.68
N PRO F 1053 14.45 -40.02 7.55
CA PRO F 1053 13.63 -39.04 6.83
C PRO F 1053 12.57 -39.72 5.97
N GLN F 1054 11.40 -39.10 5.92
CA GLN F 1054 10.31 -39.54 5.07
C GLN F 1054 9.72 -38.33 4.36
N SER F 1055 9.46 -38.48 3.06
CA SER F 1055 8.94 -37.38 2.27
C SER F 1055 7.46 -37.19 2.51
N ALA F 1056 7.00 -35.95 2.39
CA ALA F 1056 5.59 -35.62 2.43
C ALA F 1056 5.35 -34.46 1.46
N PRO F 1057 4.11 -34.24 1.05
CA PRO F 1057 3.83 -33.09 0.16
C PRO F 1057 4.23 -31.78 0.80
N HIS F 1058 5.14 -31.05 0.15
CA HIS F 1058 5.62 -29.76 0.63
C HIS F 1058 6.23 -29.84 2.03
N GLY F 1059 6.97 -30.90 2.32
CA GLY F 1059 7.57 -31.02 3.63
C GLY F 1059 8.39 -32.29 3.76
N VAL F 1060 8.86 -32.54 4.97
CA VAL F 1060 9.65 -33.71 5.31
C VAL F 1060 9.24 -34.19 6.69
N VAL F 1061 9.26 -35.51 6.88
CA VAL F 1061 8.85 -36.15 8.13
C VAL F 1061 10.04 -36.93 8.66
N PHE F 1062 10.40 -36.68 9.91
CA PHE F 1062 11.50 -37.37 10.58
C PHE F 1062 10.94 -38.34 11.60
N LEU F 1063 11.44 -39.58 11.60
CA LEU F 1063 11.09 -40.59 12.60
C LEU F 1063 12.24 -40.68 13.59
N HIS F 1064 12.17 -39.89 14.65
CA HIS F 1064 13.27 -39.77 15.60
C HIS F 1064 13.25 -40.94 16.56
N VAL F 1065 14.18 -41.88 16.40
CA VAL F 1065 14.36 -42.97 17.36
C VAL F 1065 15.13 -42.43 18.55
N THR F 1066 14.62 -42.69 19.75
CA THR F 1066 15.21 -42.15 20.98
C THR F 1066 15.17 -43.20 22.07
N TYR F 1067 16.09 -43.07 23.03
CA TYR F 1067 16.20 -44.00 24.14
C TYR F 1067 15.59 -43.36 25.39
N VAL F 1068 14.49 -43.92 25.87
CA VAL F 1068 13.74 -43.41 27.01
C VAL F 1068 13.92 -44.38 28.17
N PRO F 1069 14.54 -43.99 29.28
CA PRO F 1069 14.62 -44.91 30.42
C PRO F 1069 13.26 -45.13 31.07
N ALA F 1070 13.13 -46.25 31.77
CA ALA F 1070 11.87 -46.64 32.37
C ALA F 1070 12.10 -47.45 33.64
N GLN F 1071 11.07 -47.50 34.48
CA GLN F 1071 11.01 -48.29 35.71
C GLN F 1071 12.30 -48.17 36.53
N GLU F 1072 12.52 -46.95 37.03
CA GLU F 1072 13.68 -46.68 37.87
C GLU F 1072 13.49 -47.25 39.27
N LYS F 1073 14.60 -47.33 40.01
CA LYS F 1073 14.62 -47.84 41.37
C LYS F 1073 15.37 -46.87 42.27
N ASN F 1074 14.85 -46.70 43.49
CA ASN F 1074 15.52 -45.89 44.50
C ASN F 1074 16.80 -46.58 44.96
N PHE F 1075 17.85 -45.79 45.16
CA PHE F 1075 19.11 -46.28 45.70
C PHE F 1075 19.75 -45.22 46.58
N THR F 1076 20.42 -45.66 47.63
CA THR F 1076 21.24 -44.77 48.44
C THR F 1076 22.59 -44.57 47.77
N THR F 1077 23.03 -43.32 47.69
CA THR F 1077 24.20 -42.94 46.92
C THR F 1077 25.14 -42.11 47.79
N ALA F 1078 26.42 -42.12 47.42
CA ALA F 1078 27.45 -41.35 48.10
C ALA F 1078 28.35 -40.69 47.07
N PRO F 1079 28.90 -39.51 47.36
CA PRO F 1079 29.88 -38.91 46.43
C PRO F 1079 31.09 -39.79 46.17
N ALA F 1080 31.60 -40.48 47.19
CA ALA F 1080 32.84 -41.23 47.06
C ALA F 1080 32.88 -42.31 48.12
N ILE F 1081 33.86 -43.21 47.97
CA ILE F 1081 34.09 -44.31 48.89
C ILE F 1081 35.42 -44.07 49.57
N CYS F 1082 35.44 -44.19 50.90
CA CYS F 1082 36.66 -44.00 51.68
C CYS F 1082 37.31 -45.33 51.97
N HIS F 1083 38.36 -45.65 51.21
CA HIS F 1083 39.21 -46.79 51.50
C HIS F 1083 40.20 -46.33 52.56
N ASP F 1084 41.31 -47.05 52.77
CA ASP F 1084 42.17 -46.83 53.93
C ASP F 1084 42.86 -45.47 53.84
N GLY F 1085 42.08 -44.44 54.17
CA GLY F 1085 42.58 -43.08 54.23
C GLY F 1085 42.49 -42.29 52.95
N LYS F 1086 41.95 -42.87 51.87
CA LYS F 1086 41.91 -42.25 50.56
C LYS F 1086 40.50 -42.29 50.00
N ALA F 1087 40.09 -41.20 49.35
CA ALA F 1087 38.76 -41.08 48.77
C ALA F 1087 38.77 -41.59 47.34
N HIS F 1088 37.85 -42.49 47.03
CA HIS F 1088 37.72 -43.09 45.71
C HIS F 1088 36.47 -42.56 45.02
N PHE F 1089 36.66 -41.94 43.86
CA PHE F 1089 35.56 -41.45 43.03
C PHE F 1089 35.39 -42.37 41.82
N PRO F 1090 34.21 -42.45 41.23
CA PRO F 1090 34.01 -43.36 40.10
C PRO F 1090 34.47 -42.74 38.79
N ARG F 1091 35.18 -43.54 37.99
CA ARG F 1091 35.60 -43.06 36.68
C ARG F 1091 34.40 -42.69 35.82
N GLU F 1092 33.40 -43.58 35.78
CA GLU F 1092 32.18 -43.33 35.04
C GLU F 1092 31.06 -44.12 35.71
N GLY F 1093 29.98 -43.42 36.03
CA GLY F 1093 28.90 -44.00 36.81
C GLY F 1093 28.84 -43.41 38.20
N VAL F 1094 27.92 -43.96 38.99
CA VAL F 1094 27.63 -43.47 40.33
C VAL F 1094 27.72 -44.62 41.33
N PHE F 1095 27.96 -44.26 42.59
CA PHE F 1095 27.91 -45.23 43.67
C PHE F 1095 26.47 -45.40 44.14
N VAL F 1096 26.05 -46.66 44.28
CA VAL F 1096 24.73 -46.99 44.78
C VAL F 1096 24.84 -48.18 45.72
N SER F 1097 23.80 -48.34 46.54
CA SER F 1097 23.78 -49.45 47.53
C SER F 1097 22.38 -50.07 47.55
N ASN F 1098 22.29 -51.37 47.80
CA ASN F 1098 20.97 -52.05 47.91
C ASN F 1098 20.50 -51.99 49.36
N GLY F 1099 21.29 -51.35 50.23
CA GLY F 1099 20.96 -51.26 51.67
C GLY F 1099 22.03 -51.96 52.48
N THR F 1100 22.62 -53.01 51.90
CA THR F 1100 23.69 -53.76 52.57
C THR F 1100 25.05 -53.56 51.89
N HIS F 1101 25.10 -53.61 50.56
CA HIS F 1101 26.34 -53.59 49.81
C HIS F 1101 26.36 -52.40 48.87
N TRP F 1102 27.56 -51.91 48.57
CA TRP F 1102 27.76 -50.76 47.68
C TRP F 1102 28.29 -51.23 46.33
N PHE F 1103 27.83 -50.58 45.27
CA PHE F 1103 28.20 -50.92 43.91
C PHE F 1103 28.42 -49.67 43.08
N VAL F 1104 29.16 -49.83 41.99
CA VAL F 1104 29.28 -48.82 40.93
C VAL F 1104 28.37 -49.22 39.79
N THR F 1105 27.64 -48.24 39.26
CA THR F 1105 26.73 -48.49 38.15
C THR F 1105 26.72 -47.28 37.22
N GLN F 1106 26.58 -47.56 35.94
CA GLN F 1106 26.42 -46.48 34.97
C GLN F 1106 25.13 -45.73 35.25
N ARG F 1107 25.14 -44.42 34.94
CA ARG F 1107 24.05 -43.55 35.37
C ARG F 1107 22.74 -43.91 34.67
N ASN F 1108 22.79 -44.26 33.39
CA ASN F 1108 21.59 -44.38 32.56
C ASN F 1108 21.00 -45.78 32.53
N PHE F 1109 21.60 -46.75 33.24
CA PHE F 1109 21.08 -48.10 33.24
C PHE F 1109 21.65 -48.85 34.43
N TYR F 1110 20.77 -49.40 35.26
CA TYR F 1110 21.21 -50.07 36.48
C TYR F 1110 21.96 -51.34 36.13
N GLU F 1111 23.28 -51.31 36.33
CA GLU F 1111 24.14 -52.47 36.09
C GLU F 1111 25.23 -52.48 37.14
N PRO F 1112 24.99 -53.10 38.30
CA PRO F 1112 25.98 -53.06 39.37
C PRO F 1112 27.31 -53.67 38.98
N GLN F 1113 28.38 -53.09 39.52
CA GLN F 1113 29.73 -53.63 39.42
C GLN F 1113 30.39 -53.54 40.79
N ILE F 1114 31.15 -54.58 41.15
CA ILE F 1114 31.90 -54.53 42.39
C ILE F 1114 32.86 -53.36 42.34
N ILE F 1115 32.99 -52.65 43.45
CA ILE F 1115 33.85 -51.48 43.50
C ILE F 1115 35.30 -51.95 43.45
N THR F 1116 36.04 -51.48 42.45
CA THR F 1116 37.43 -51.87 42.25
C THR F 1116 38.27 -50.62 42.07
N THR F 1117 39.59 -50.82 42.12
CA THR F 1117 40.51 -49.75 41.77
C THR F 1117 40.55 -49.48 40.27
N ASP F 1118 39.92 -50.33 39.45
CA ASP F 1118 39.88 -50.14 38.01
C ASP F 1118 38.81 -49.14 37.60
N ASN F 1119 37.61 -49.25 38.17
CA ASN F 1119 36.50 -48.38 37.82
C ASN F 1119 36.37 -47.15 38.71
N THR F 1120 37.22 -47.02 39.74
CA THR F 1120 37.25 -45.84 40.60
C THR F 1120 38.66 -45.27 40.66
N PHE F 1121 38.75 -43.96 40.55
CA PHE F 1121 40.02 -43.24 40.59
C PHE F 1121 40.15 -42.53 41.93
N VAL F 1122 41.31 -42.66 42.56
CA VAL F 1122 41.56 -42.07 43.87
C VAL F 1122 41.97 -40.61 43.70
N SER F 1123 41.58 -39.77 44.65
CA SER F 1123 41.98 -38.38 44.65
C SER F 1123 41.61 -37.76 45.99
N GLY F 1124 42.50 -36.90 46.49
CA GLY F 1124 42.21 -36.19 47.72
C GLY F 1124 42.32 -37.08 48.94
N ASN F 1125 41.60 -36.70 49.99
CA ASN F 1125 41.64 -37.38 51.28
C ASN F 1125 40.23 -37.74 51.71
N CYS F 1126 40.14 -38.58 52.74
CA CYS F 1126 38.86 -39.10 53.21
C CYS F 1126 38.04 -38.06 53.95
N ASP F 1127 38.61 -36.91 54.31
CA ASP F 1127 37.94 -35.93 55.15
C ASP F 1127 37.71 -34.59 54.47
N VAL F 1128 37.88 -34.49 53.15
CA VAL F 1128 37.75 -33.21 52.47
C VAL F 1128 36.36 -33.06 51.84
N VAL F 1129 35.69 -34.17 51.54
CA VAL F 1129 34.39 -34.16 50.87
C VAL F 1129 33.33 -34.59 51.88
N ILE F 1130 32.19 -33.91 51.84
CA ILE F 1130 31.04 -34.24 52.69
C ILE F 1130 30.16 -35.23 51.94
N GLY F 1131 29.80 -36.32 52.62
CA GLY F 1131 29.06 -37.42 52.02
C GLY F 1131 29.81 -38.73 51.98
N ILE F 1132 31.05 -38.76 52.49
CA ILE F 1132 31.84 -39.98 52.48
C ILE F 1132 31.11 -41.11 53.18
N VAL F 1133 31.24 -42.32 52.61
CA VAL F 1133 30.70 -43.53 53.29
C VAL F 1133 31.85 -44.55 53.33
N ASN F 1134 32.24 -44.97 54.52
CA ASN F 1134 33.40 -45.91 54.62
C ASN F 1134 33.01 -47.21 53.93
N ASN F 1135 33.89 -47.78 53.12
CA ASN F 1135 33.59 -49.03 52.38
C ASN F 1135 34.90 -49.57 51.78
N THR F 1136 35.01 -50.89 51.63
CA THR F 1136 36.19 -51.47 51.02
C THR F 1136 36.14 -51.33 49.50
N VAL F 1137 37.31 -51.16 48.91
CA VAL F 1137 37.47 -51.09 47.45
C VAL F 1137 38.32 -52.28 47.04
N TYR F 1138 37.75 -53.14 46.20
CA TYR F 1138 38.41 -54.38 45.81
C TYR F 1138 39.65 -54.07 44.97
N ASP F 1139 40.66 -54.93 45.09
CA ASP F 1139 41.93 -54.77 44.39
C ASP F 1139 42.10 -55.98 43.46
N PRO F 1140 41.70 -55.87 42.18
CA PRO F 1140 41.78 -57.04 41.30
C PRO F 1140 43.20 -57.45 40.95
N LEU F 1141 44.22 -56.66 41.31
CA LEU F 1141 45.58 -57.01 40.94
C LEU F 1141 46.10 -58.21 41.72
N GLN F 1142 45.64 -58.42 42.97
CA GLN F 1142 46.15 -59.52 43.77
C GLN F 1142 45.10 -60.15 44.68
N PRO F 1143 43.94 -60.57 44.17
CA PRO F 1143 43.10 -61.50 44.95
C PRO F 1143 43.72 -62.88 45.01
N GLU F 1144 44.11 -63.38 43.84
CA GLU F 1144 44.70 -64.71 43.71
C GLU F 1144 46.12 -64.66 43.18
N LEU F 1145 46.53 -63.51 42.62
CA LEU F 1145 47.84 -63.36 41.98
C LEU F 1145 48.99 -63.21 42.98
N ASP F 1146 48.80 -63.52 44.26
CA ASP F 1146 49.91 -63.52 45.21
C ASP F 1146 50.80 -64.73 44.97
N SER F 1147 51.55 -64.69 43.87
CA SER F 1147 52.42 -65.81 43.49
C SER F 1147 53.66 -65.85 44.37
N GLN G 1 -50.10 -18.41 -40.31
CA GLN G 1 -50.72 -19.71 -39.96
C GLN G 1 -49.69 -20.58 -39.23
N VAL G 2 -50.07 -21.24 -38.14
CA VAL G 2 -49.16 -22.17 -37.43
C VAL G 2 -49.15 -23.45 -38.26
N GLN G 3 -48.00 -23.84 -38.82
CA GLN G 3 -47.88 -24.99 -39.69
C GLN G 3 -46.52 -25.65 -39.48
N LEU G 4 -46.47 -26.94 -39.80
CA LEU G 4 -45.23 -27.72 -39.79
C LEU G 4 -45.16 -28.53 -41.07
N VAL G 5 -43.98 -28.52 -41.70
CA VAL G 5 -43.76 -29.22 -42.96
C VAL G 5 -42.48 -30.03 -42.84
N GLU G 6 -42.56 -31.31 -43.19
CA GLU G 6 -41.42 -32.22 -43.13
C GLU G 6 -40.74 -32.32 -44.49
N SER G 7 -39.53 -32.87 -44.48
CA SER G 7 -38.78 -33.10 -45.71
C SER G 7 -37.71 -34.15 -45.43
N GLY G 8 -37.17 -34.71 -46.52
CA GLY G 8 -36.10 -35.67 -46.43
C GLY G 8 -36.53 -37.13 -46.51
N GLY G 9 -37.78 -37.41 -46.84
CA GLY G 9 -38.21 -38.78 -47.01
C GLY G 9 -37.71 -39.38 -48.30
N GLY G 10 -37.71 -40.71 -48.34
CA GLY G 10 -37.24 -41.42 -49.51
C GLY G 10 -37.02 -42.89 -49.21
N VAL G 11 -36.30 -43.54 -50.11
CA VAL G 11 -36.01 -44.97 -50.02
C VAL G 11 -34.58 -45.14 -49.53
N VAL G 12 -34.39 -46.07 -48.59
CA VAL G 12 -33.09 -46.28 -47.94
C VAL G 12 -32.88 -47.78 -47.78
N GLN G 13 -31.60 -48.19 -47.83
CA GLN G 13 -31.24 -49.59 -47.62
C GLN G 13 -31.05 -49.86 -46.12
N PRO G 14 -31.24 -51.09 -45.66
CA PRO G 14 -30.92 -51.40 -44.26
C PRO G 14 -29.46 -51.12 -43.95
N GLY G 15 -29.21 -50.57 -42.76
CA GLY G 15 -27.87 -50.26 -42.33
C GLY G 15 -27.34 -48.91 -42.79
N ARG G 16 -28.09 -48.17 -43.61
CA ARG G 16 -27.68 -46.85 -44.06
C ARG G 16 -28.27 -45.81 -43.11
N SER G 17 -28.06 -44.52 -43.38
CA SER G 17 -28.54 -43.44 -42.53
C SER G 17 -29.36 -42.45 -43.36
N LEU G 18 -30.27 -41.76 -42.67
CA LEU G 18 -31.09 -40.73 -43.28
C LEU G 18 -31.44 -39.70 -42.21
N ARG G 19 -31.70 -38.47 -42.65
CA ARG G 19 -32.04 -37.37 -41.75
C ARG G 19 -33.32 -36.70 -42.23
N LEU G 20 -34.28 -36.57 -41.32
CA LEU G 20 -35.49 -35.81 -41.60
C LEU G 20 -35.32 -34.37 -41.15
N SER G 21 -36.12 -33.48 -41.74
CA SER G 21 -36.07 -32.05 -41.42
C SER G 21 -37.49 -31.50 -41.43
N CYS G 22 -37.93 -31.00 -40.28
CA CYS G 22 -39.25 -30.41 -40.11
C CYS G 22 -39.09 -28.92 -39.88
N ALA G 23 -39.65 -28.11 -40.78
CA ALA G 23 -39.55 -26.66 -40.73
C ALA G 23 -40.80 -26.08 -40.08
N ALA G 24 -40.60 -25.11 -39.19
CA ALA G 24 -41.67 -24.52 -38.41
C ALA G 24 -41.80 -23.04 -38.71
N SER G 25 -43.03 -22.57 -38.84
CA SER G 25 -43.32 -21.16 -39.09
C SER G 25 -44.67 -20.81 -38.48
N GLY G 26 -44.88 -19.52 -38.26
CA GLY G 26 -46.10 -19.03 -37.69
C GLY G 26 -46.14 -18.99 -36.18
N PHE G 27 -45.11 -19.49 -35.50
CA PHE G 27 -45.05 -19.46 -34.05
C PHE G 27 -43.60 -19.45 -33.61
N THR G 28 -43.38 -19.10 -32.34
CA THR G 28 -42.04 -19.07 -31.76
C THR G 28 -41.59 -20.51 -31.53
N PHE G 29 -40.76 -21.00 -32.45
CA PHE G 29 -40.32 -22.39 -32.41
C PHE G 29 -39.49 -22.67 -31.16
N SER G 30 -38.69 -21.69 -30.73
CA SER G 30 -37.79 -21.89 -29.60
C SER G 30 -38.53 -22.11 -28.29
N ASN G 31 -39.81 -21.75 -28.20
CA ASN G 31 -40.54 -21.86 -26.94
C ASN G 31 -41.07 -23.26 -26.68
N TYR G 32 -41.37 -24.03 -27.72
CA TYR G 32 -42.12 -25.27 -27.61
C TYR G 32 -41.22 -26.48 -27.77
N GLY G 33 -41.38 -27.45 -26.89
CA GLY G 33 -40.79 -28.76 -27.13
C GLY G 33 -41.46 -29.44 -28.31
N MET G 34 -40.68 -30.27 -29.02
CA MET G 34 -41.10 -30.84 -30.28
C MET G 34 -40.99 -32.36 -30.23
N HIS G 35 -41.84 -33.03 -31.00
CA HIS G 35 -41.93 -34.48 -31.05
C HIS G 35 -41.67 -34.99 -32.46
N TRP G 36 -41.26 -36.24 -32.55
CA TRP G 36 -41.30 -37.01 -33.78
C TRP G 36 -42.17 -38.24 -33.55
N VAL G 37 -43.10 -38.48 -34.48
CA VAL G 37 -44.03 -39.59 -34.39
C VAL G 37 -44.08 -40.28 -35.76
N ARG G 38 -44.06 -41.60 -35.73
CA ARG G 38 -44.06 -42.40 -36.95
C ARG G 38 -45.24 -43.36 -36.93
N GLN G 39 -45.69 -43.72 -38.13
CA GLN G 39 -46.83 -44.61 -38.30
C GLN G 39 -46.52 -45.59 -39.43
N ALA G 40 -46.32 -46.84 -39.07
CA ALA G 40 -46.06 -47.87 -40.07
C ALA G 40 -47.31 -48.05 -40.95
N PRO G 41 -47.14 -48.51 -42.20
CA PRO G 41 -48.30 -48.54 -43.11
C PRO G 41 -49.41 -49.46 -42.63
N GLY G 42 -50.58 -48.89 -42.37
CA GLY G 42 -51.71 -49.65 -41.88
C GLY G 42 -51.71 -49.90 -40.39
N LYS G 43 -50.78 -49.32 -39.65
CA LYS G 43 -50.65 -49.53 -38.21
C LYS G 43 -50.93 -48.22 -37.46
N GLY G 44 -50.86 -48.31 -36.13
CA GLY G 44 -51.10 -47.17 -35.27
C GLY G 44 -49.88 -46.28 -35.11
N LEU G 45 -50.09 -45.18 -34.40
CA LEU G 45 -49.01 -44.23 -34.17
C LEU G 45 -48.00 -44.80 -33.19
N GLU G 46 -46.75 -44.35 -33.33
CA GLU G 46 -45.67 -44.72 -32.42
C GLU G 46 -44.81 -43.50 -32.17
N TRP G 47 -44.60 -43.17 -30.90
CA TRP G 47 -43.79 -42.02 -30.53
C TRP G 47 -42.32 -42.34 -30.76
N VAL G 48 -41.62 -41.45 -31.47
CA VAL G 48 -40.23 -41.67 -31.85
C VAL G 48 -39.30 -41.01 -30.83
N ALA G 49 -39.40 -39.69 -30.73
CA ALA G 49 -38.50 -38.96 -29.83
C ALA G 49 -39.09 -37.60 -29.49
N ILE G 50 -38.55 -36.99 -28.44
CA ILE G 50 -38.90 -35.64 -28.01
C ILE G 50 -37.61 -34.88 -27.76
N ILE G 51 -37.67 -33.56 -27.92
CA ILE G 51 -36.54 -32.68 -27.64
C ILE G 51 -37.07 -31.47 -26.87
N SER G 52 -36.30 -31.05 -25.87
CA SER G 52 -36.68 -29.90 -25.04
C SER G 52 -36.67 -28.61 -25.86
N PHE G 53 -37.11 -27.51 -25.25
CA PHE G 53 -37.20 -26.26 -26.00
C PHE G 53 -35.82 -25.73 -26.36
N ASP G 54 -34.78 -26.16 -25.64
CA ASP G 54 -33.41 -25.74 -25.90
C ASP G 54 -32.49 -26.91 -26.26
N GLY G 55 -33.01 -28.13 -26.34
CA GLY G 55 -32.20 -29.29 -26.67
C GLY G 55 -31.47 -29.91 -25.51
N SER G 56 -31.65 -29.41 -24.30
CA SER G 56 -30.93 -29.96 -23.14
C SER G 56 -31.40 -31.36 -22.79
N ASN G 57 -32.69 -31.66 -22.94
CA ASN G 57 -33.26 -32.94 -22.58
C ASN G 57 -33.92 -33.58 -23.79
N ARG G 58 -33.53 -34.82 -24.08
CA ARG G 58 -34.07 -35.58 -25.20
C ARG G 58 -34.38 -36.99 -24.74
N TYR G 59 -35.49 -37.54 -25.24
CA TYR G 59 -35.91 -38.89 -24.91
C TYR G 59 -36.28 -39.62 -26.20
N TYR G 60 -36.03 -40.93 -26.20
CA TYR G 60 -36.27 -41.77 -27.37
C TYR G 60 -37.06 -43.00 -26.94
N ALA G 61 -37.82 -43.55 -27.88
CA ALA G 61 -38.48 -44.83 -27.66
C ALA G 61 -37.44 -45.96 -27.70
N ASP G 62 -37.77 -47.06 -27.03
CA ASP G 62 -36.84 -48.19 -26.98
C ASP G 62 -36.58 -48.79 -28.35
N SER G 63 -37.54 -48.69 -29.28
CA SER G 63 -37.33 -49.22 -30.61
C SER G 63 -36.29 -48.44 -31.40
N VAL G 64 -36.01 -47.19 -31.01
CA VAL G 64 -35.07 -46.35 -31.74
C VAL G 64 -33.95 -45.81 -30.87
N LYS G 65 -33.92 -46.10 -29.56
CA LYS G 65 -32.88 -45.55 -28.70
C LYS G 65 -31.52 -46.11 -29.09
N GLY G 66 -30.53 -45.22 -29.17
CA GLY G 66 -29.19 -45.59 -29.59
C GLY G 66 -28.97 -45.54 -31.09
N ARG G 67 -30.02 -45.63 -31.90
CA ARG G 67 -29.91 -45.56 -33.34
C ARG G 67 -30.23 -44.16 -33.86
N PHE G 68 -31.34 -43.58 -33.42
CA PHE G 68 -31.77 -42.27 -33.87
C PHE G 68 -31.19 -41.20 -32.95
N THR G 69 -31.26 -39.96 -33.42
CA THR G 69 -30.78 -38.81 -32.64
C THR G 69 -31.57 -37.59 -33.08
N ILE G 70 -32.28 -36.98 -32.12
CA ILE G 70 -33.13 -35.82 -32.38
C ILE G 70 -32.34 -34.55 -32.06
N SER G 71 -32.58 -33.51 -32.85
CA SER G 71 -31.90 -32.24 -32.67
C SER G 71 -32.75 -31.13 -33.26
N ARG G 72 -32.40 -29.89 -32.92
CA ARG G 72 -33.12 -28.73 -33.40
C ARG G 72 -32.15 -27.56 -33.52
N ASP G 73 -32.54 -26.58 -34.34
CA ASP G 73 -31.77 -25.36 -34.55
C ASP G 73 -32.75 -24.19 -34.45
N ASN G 74 -32.88 -23.63 -33.25
CA ASN G 74 -33.88 -22.60 -33.00
C ASN G 74 -33.64 -21.33 -33.82
N SER G 75 -32.42 -21.10 -34.28
CA SER G 75 -32.14 -19.95 -35.13
C SER G 75 -32.65 -20.14 -36.56
N LYS G 76 -32.99 -21.37 -36.95
CA LYS G 76 -33.57 -21.65 -38.25
C LYS G 76 -35.03 -22.11 -38.17
N ASN G 77 -35.57 -22.31 -36.98
CA ASN G 77 -36.93 -22.83 -36.81
C ASN G 77 -37.09 -24.17 -37.54
N THR G 78 -36.12 -25.07 -37.33
CA THR G 78 -36.10 -26.37 -37.98
C THR G 78 -35.80 -27.44 -36.95
N LEU G 79 -36.39 -28.62 -37.16
CA LEU G 79 -36.22 -29.77 -36.28
C LEU G 79 -35.64 -30.92 -37.09
N TYR G 80 -34.61 -31.58 -36.54
CA TYR G 80 -33.87 -32.63 -37.22
C TYR G 80 -34.03 -33.95 -36.48
N LEU G 81 -33.96 -35.04 -37.25
CA LEU G 81 -33.95 -36.40 -36.70
C LEU G 81 -32.93 -37.21 -37.49
N GLN G 82 -31.72 -37.32 -36.95
CA GLN G 82 -30.70 -38.17 -37.55
C GLN G 82 -31.04 -39.63 -37.27
N MET G 83 -31.06 -40.45 -38.33
CA MET G 83 -31.33 -41.87 -38.22
C MET G 83 -30.12 -42.65 -38.71
N ASP G 84 -29.66 -43.59 -37.89
CA ASP G 84 -28.52 -44.44 -38.22
C ASP G 84 -28.91 -45.90 -38.03
N SER G 85 -28.36 -46.76 -38.88
CA SER G 85 -28.63 -48.20 -38.83
C SER G 85 -30.12 -48.47 -39.01
N LEU G 86 -30.67 -47.95 -40.10
CA LEU G 86 -32.09 -48.16 -40.39
C LEU G 86 -32.37 -49.65 -40.62
N ARG G 87 -33.53 -50.09 -40.17
CA ARG G 87 -33.99 -51.46 -40.36
C ARG G 87 -35.35 -51.45 -41.02
N ALA G 88 -35.86 -52.66 -41.31
CA ALA G 88 -37.13 -52.79 -41.99
C ALA G 88 -38.28 -52.18 -41.19
N GLU G 89 -38.24 -52.33 -39.86
CA GLU G 89 -39.32 -51.83 -39.03
C GLU G 89 -39.46 -50.32 -39.09
N ASP G 90 -38.43 -49.60 -39.53
CA ASP G 90 -38.47 -48.14 -39.59
C ASP G 90 -39.30 -47.62 -40.76
N THR G 91 -39.90 -48.48 -41.56
CA THR G 91 -40.76 -48.03 -42.65
C THR G 91 -42.02 -47.40 -42.08
N ALA G 92 -42.14 -46.07 -42.17
CA ALA G 92 -43.27 -45.38 -41.56
C ALA G 92 -43.27 -43.93 -42.01
N VAL G 93 -44.47 -43.33 -42.02
CA VAL G 93 -44.60 -41.92 -42.30
C VAL G 93 -44.31 -41.14 -41.01
N TYR G 94 -43.37 -40.22 -41.08
CA TYR G 94 -42.86 -39.53 -39.90
C TYR G 94 -43.50 -38.15 -39.79
N TYR G 95 -44.08 -37.87 -38.62
CA TYR G 95 -44.72 -36.59 -38.31
C TYR G 95 -43.91 -35.85 -37.27
N CYS G 96 -43.89 -34.52 -37.39
CA CYS G 96 -43.37 -33.65 -36.35
C CYS G 96 -44.52 -32.87 -35.72
N ALA G 97 -44.62 -32.96 -34.40
CA ALA G 97 -45.77 -32.44 -33.67
C ALA G 97 -45.32 -31.37 -32.68
N LYS G 98 -46.03 -30.25 -32.69
CA LYS G 98 -45.78 -29.18 -31.73
C LYS G 98 -46.51 -29.45 -30.42
N ASP G 99 -45.87 -29.09 -29.31
CA ASP G 99 -46.55 -29.17 -28.02
C ASP G 99 -47.63 -28.09 -27.94
N LEU G 100 -48.78 -28.47 -27.38
CA LEU G 100 -49.81 -27.49 -27.08
C LEU G 100 -49.33 -26.49 -26.04
N SER G 101 -48.38 -26.89 -25.20
CA SER G 101 -47.89 -26.10 -24.08
C SER G 101 -46.41 -25.79 -24.27
N PHE G 102 -46.07 -24.50 -24.23
CA PHE G 102 -44.67 -24.11 -24.34
C PHE G 102 -43.98 -24.23 -22.99
N TYR G 103 -42.70 -24.59 -23.03
CA TYR G 103 -41.93 -24.82 -21.81
C TYR G 103 -41.40 -23.53 -21.20
N TYR G 104 -41.09 -22.53 -22.03
CA TYR G 104 -40.51 -21.29 -21.52
C TYR G 104 -40.61 -20.24 -22.62
N ASP G 105 -41.16 -19.07 -22.26
CA ASP G 105 -41.35 -17.97 -23.20
C ASP G 105 -40.12 -17.07 -23.12
N ILE G 106 -39.22 -17.21 -24.11
CA ILE G 106 -38.00 -16.41 -24.12
C ILE G 106 -38.28 -14.93 -24.28
N SER G 107 -39.40 -14.57 -24.92
CA SER G 107 -39.71 -13.17 -25.15
C SER G 107 -39.94 -12.41 -23.85
N THR G 108 -40.62 -13.02 -22.87
CA THR G 108 -40.94 -12.36 -21.61
C THR G 108 -40.39 -13.07 -20.39
N GLY G 109 -39.76 -14.23 -20.52
CA GLY G 109 -39.25 -14.95 -19.38
C GLY G 109 -40.28 -15.74 -18.61
N TYR G 110 -41.48 -15.91 -19.16
CA TYR G 110 -42.54 -16.63 -18.45
C TYR G 110 -42.20 -18.11 -18.40
N TYR G 111 -42.13 -18.65 -17.19
CA TYR G 111 -41.75 -20.06 -16.96
C TYR G 111 -42.90 -20.71 -16.18
N PRO G 112 -43.91 -21.27 -16.86
CA PRO G 112 -45.11 -21.72 -16.13
C PRO G 112 -44.85 -22.80 -15.09
N GLN G 113 -43.92 -23.73 -15.35
CA GLN G 113 -43.64 -24.85 -14.45
C GLN G 113 -44.84 -25.78 -14.28
N SER G 114 -45.83 -25.68 -15.15
CA SER G 114 -46.99 -26.55 -15.15
C SER G 114 -47.68 -26.43 -16.49
N TYR G 115 -47.79 -27.56 -17.20
CA TYR G 115 -48.06 -27.54 -18.63
C TYR G 115 -49.17 -28.50 -18.99
N ASN G 116 -49.97 -28.12 -20.00
CA ASN G 116 -50.97 -29.01 -20.55
C ASN G 116 -50.31 -30.10 -21.40
N SER G 117 -51.02 -31.21 -21.59
CA SER G 117 -50.43 -32.40 -22.17
C SER G 117 -50.58 -32.50 -23.69
N GLY G 118 -51.35 -31.62 -24.32
CA GLY G 118 -51.68 -31.79 -25.71
C GLY G 118 -50.54 -31.45 -26.66
N THR G 119 -50.66 -31.96 -27.89
CA THR G 119 -49.81 -31.58 -29.02
C THR G 119 -50.74 -31.13 -30.14
N ASP G 120 -51.04 -29.83 -30.17
CA ASP G 120 -52.11 -29.33 -31.02
C ASP G 120 -51.78 -29.49 -32.51
N VAL G 121 -50.59 -29.06 -32.93
CA VAL G 121 -50.24 -28.94 -34.33
C VAL G 121 -49.34 -30.10 -34.72
N TRP G 122 -49.71 -30.81 -35.78
CA TRP G 122 -48.92 -31.87 -36.37
C TRP G 122 -48.53 -31.50 -37.79
N GLY G 123 -47.41 -32.03 -38.24
CA GLY G 123 -46.96 -31.78 -39.60
C GLY G 123 -47.71 -32.65 -40.60
N GLN G 124 -47.43 -32.40 -41.87
CA GLN G 124 -48.08 -33.12 -42.96
C GLN G 124 -47.58 -34.55 -43.10
N GLY G 125 -46.29 -34.78 -42.87
CA GLY G 125 -45.72 -36.11 -42.92
C GLY G 125 -44.92 -36.40 -44.16
N THR G 126 -43.82 -37.14 -44.00
CA THR G 126 -42.96 -37.56 -45.10
C THR G 126 -42.66 -39.04 -44.94
N THR G 127 -42.83 -39.80 -46.03
CA THR G 127 -42.69 -41.24 -45.97
C THR G 127 -41.23 -41.65 -45.99
N VAL G 128 -40.90 -42.67 -45.19
CA VAL G 128 -39.59 -43.31 -45.18
C VAL G 128 -39.83 -44.81 -45.26
N THR G 129 -39.12 -45.48 -46.16
CA THR G 129 -39.22 -46.92 -46.34
C THR G 129 -37.82 -47.53 -46.36
N VAL G 130 -37.69 -48.70 -45.75
CA VAL G 130 -36.41 -49.40 -45.63
C VAL G 130 -36.60 -50.79 -46.23
N SER G 131 -35.84 -51.10 -47.27
CA SER G 131 -35.90 -52.41 -47.89
C SER G 131 -34.64 -52.62 -48.74
N SER G 132 -34.35 -53.88 -49.02
CA SER G 132 -33.21 -54.25 -49.84
C SER G 132 -33.65 -54.63 -51.25
N GLN H 1 -36.81 42.02 36.95
CA GLN H 1 -36.13 42.73 38.07
C GLN H 1 -35.29 41.70 38.83
N VAL H 2 -34.06 42.03 39.24
CA VAL H 2 -33.15 41.05 39.90
C VAL H 2 -33.73 40.70 41.27
N GLN H 3 -33.88 39.40 41.58
CA GLN H 3 -34.46 38.95 42.86
C GLN H 3 -34.09 37.50 43.16
N LEU H 4 -34.03 37.12 44.44
CA LEU H 4 -33.77 35.73 44.89
C LEU H 4 -34.92 35.38 45.84
N VAL H 5 -35.51 34.19 45.75
CA VAL H 5 -36.71 33.81 46.56
C VAL H 5 -36.53 32.40 47.12
N GLU H 6 -36.30 32.25 48.43
CA GLU H 6 -36.02 30.95 49.00
C GLU H 6 -37.31 30.14 49.16
N SER H 7 -37.14 28.83 49.33
CA SER H 7 -38.28 27.94 49.53
C SER H 7 -37.80 26.68 50.25
N GLY H 8 -38.76 25.95 50.80
CA GLY H 8 -38.49 24.72 51.49
C GLY H 8 -38.37 24.81 53.00
N GLY H 9 -38.66 25.97 53.59
CA GLY H 9 -38.58 26.12 55.02
C GLY H 9 -39.77 25.48 55.73
N GLY H 10 -39.56 25.17 57.00
CA GLY H 10 -40.61 24.59 57.80
C GLY H 10 -40.03 23.89 59.01
N VAL H 11 -40.95 23.41 59.86
CA VAL H 11 -40.57 22.68 61.07
C VAL H 11 -40.17 21.26 60.68
N VAL H 12 -39.08 20.78 61.27
CA VAL H 12 -38.54 19.46 60.98
C VAL H 12 -38.02 18.85 62.28
N GLN H 13 -38.21 17.54 62.43
CA GLN H 13 -37.70 16.86 63.61
C GLN H 13 -36.19 16.71 63.51
N PRO H 14 -35.47 16.66 64.64
CA PRO H 14 -34.03 16.40 64.56
C PRO H 14 -33.74 15.03 63.96
N GLY H 15 -32.62 14.94 63.25
CA GLY H 15 -32.21 13.70 62.61
C GLY H 15 -32.81 13.43 61.25
N ARG H 16 -33.70 14.30 60.77
CA ARG H 16 -34.34 14.10 59.48
C ARG H 16 -33.56 14.78 58.36
N SER H 17 -34.10 14.68 57.15
CA SER H 17 -33.53 15.31 55.96
C SER H 17 -34.52 16.33 55.39
N LEU H 18 -34.00 17.18 54.51
CA LEU H 18 -34.77 18.26 53.90
C LEU H 18 -34.00 18.71 52.66
N ARG H 19 -34.56 19.66 51.92
CA ARG H 19 -33.84 20.29 50.81
C ARG H 19 -34.33 21.72 50.66
N LEU H 20 -33.47 22.67 51.05
CA LEU H 20 -33.76 24.07 50.81
C LEU H 20 -33.60 24.39 49.33
N SER H 21 -34.36 25.38 48.86
CA SER H 21 -34.34 25.78 47.47
C SER H 21 -34.30 27.30 47.38
N CYS H 22 -33.72 27.79 46.29
CA CYS H 22 -33.65 29.22 46.02
C CYS H 22 -33.72 29.43 44.52
N ALA H 23 -34.63 30.31 44.10
CA ALA H 23 -34.88 30.58 42.69
C ALA H 23 -34.41 31.98 42.35
N ALA H 24 -33.94 32.14 41.11
CA ALA H 24 -33.34 33.39 40.65
C ALA H 24 -34.00 33.84 39.35
N SER H 25 -34.09 35.16 39.18
CA SER H 25 -34.64 35.74 37.96
C SER H 25 -34.13 37.16 37.83
N GLY H 26 -34.21 37.70 36.61
CA GLY H 26 -33.77 39.04 36.32
C GLY H 26 -32.30 39.20 36.01
N PHE H 27 -31.52 38.13 36.10
CA PHE H 27 -30.10 38.17 35.78
C PHE H 27 -29.66 36.80 35.29
N THR H 28 -28.51 36.78 34.61
CA THR H 28 -27.95 35.54 34.09
C THR H 28 -27.43 34.73 35.29
N PHE H 29 -28.23 33.73 35.67
CA PHE H 29 -27.91 32.94 36.86
C PHE H 29 -26.61 32.17 36.69
N SER H 30 -26.32 31.72 35.47
CA SER H 30 -25.19 30.84 35.24
C SER H 30 -23.84 31.54 35.39
N ASN H 31 -23.80 32.88 35.43
CA ASN H 31 -22.54 33.60 35.47
C ASN H 31 -22.01 33.84 36.87
N TYR H 32 -22.85 33.68 37.90
CA TYR H 32 -22.53 34.14 39.25
C TYR H 32 -22.39 32.97 40.20
N GLY H 33 -21.38 33.04 41.07
CA GLY H 33 -21.34 32.15 42.21
C GLY H 33 -22.36 32.56 43.26
N MET H 34 -22.79 31.58 44.06
CA MET H 34 -23.89 31.78 45.00
C MET H 34 -23.53 31.25 46.38
N HIS H 35 -24.14 31.86 47.40
CA HIS H 35 -23.87 31.56 48.79
C HIS H 35 -25.14 31.05 49.47
N TRP H 36 -24.95 30.39 50.61
CA TRP H 36 -26.02 30.15 51.56
C TRP H 36 -25.57 30.68 52.92
N VAL H 37 -26.38 31.56 53.50
CA VAL H 37 -26.07 32.20 54.77
C VAL H 37 -27.31 32.12 55.66
N ARG H 38 -27.09 31.75 56.92
CA ARG H 38 -28.16 31.53 57.88
C ARG H 38 -27.94 32.38 59.12
N GLN H 39 -29.03 32.74 59.77
CA GLN H 39 -29.01 33.57 60.98
C GLN H 39 -29.96 32.94 62.00
N ALA H 40 -29.39 32.36 63.05
CA ALA H 40 -30.20 31.76 64.09
C ALA H 40 -30.87 32.85 64.93
N PRO H 41 -31.94 32.50 65.68
CA PRO H 41 -32.62 33.52 66.50
C PRO H 41 -31.70 34.20 67.50
N GLY H 42 -31.47 35.50 67.32
CA GLY H 42 -30.66 36.27 68.23
C GLY H 42 -29.17 36.13 68.07
N LYS H 43 -28.70 35.34 67.10
CA LYS H 43 -27.29 35.12 66.88
C LYS H 43 -26.85 35.76 65.57
N GLY H 44 -25.53 35.89 65.41
CA GLY H 44 -24.98 36.52 64.23
C GLY H 44 -25.09 35.64 63.00
N LEU H 45 -24.78 36.25 61.86
CA LEU H 45 -24.84 35.54 60.59
C LEU H 45 -23.77 34.47 60.53
N GLU H 46 -24.11 33.34 59.92
CA GLU H 46 -23.21 32.21 59.74
C GLU H 46 -23.19 31.82 58.27
N TRP H 47 -21.99 31.76 57.69
CA TRP H 47 -21.85 31.34 56.30
C TRP H 47 -21.99 29.83 56.21
N VAL H 48 -22.91 29.36 55.37
CA VAL H 48 -23.22 27.94 55.30
C VAL H 48 -22.38 27.26 54.22
N ALA H 49 -22.54 27.70 52.97
CA ALA H 49 -21.87 27.03 51.86
C ALA H 49 -21.77 27.98 50.67
N ILE H 50 -20.89 27.63 49.74
CA ILE H 50 -20.71 28.36 48.48
C ILE H 50 -20.60 27.35 47.35
N ILE H 51 -21.05 27.76 46.18
CA ILE H 51 -20.95 26.95 44.97
C ILE H 51 -20.49 27.84 43.83
N SER H 52 -19.54 27.35 43.02
CA SER H 52 -19.02 28.12 41.90
C SER H 52 -20.11 28.29 40.84
N PHE H 53 -19.76 29.03 39.79
CA PHE H 53 -20.74 29.33 38.74
C PHE H 53 -21.20 28.08 38.02
N ASP H 54 -20.39 27.00 38.04
CA ASP H 54 -20.70 25.73 37.32
C ASP H 54 -20.75 24.52 38.27
N GLY H 55 -20.57 24.71 39.58
CA GLY H 55 -20.64 23.63 40.57
C GLY H 55 -19.34 22.86 40.76
N SER H 56 -18.26 23.25 40.10
CA SER H 56 -16.96 22.54 40.17
C SER H 56 -16.34 22.71 41.55
N ASN H 57 -16.46 23.89 42.17
CA ASN H 57 -15.83 24.17 43.46
C ASN H 57 -16.89 24.57 44.47
N ARG H 58 -16.85 23.93 45.63
CA ARG H 58 -17.77 24.23 46.73
C ARG H 58 -17.00 24.17 48.04
N TYR H 59 -17.44 24.98 49.00
CA TYR H 59 -16.80 25.06 50.31
C TYR H 59 -17.87 25.11 51.38
N TYR H 60 -17.52 24.59 52.56
CA TYR H 60 -18.44 24.51 53.68
C TYR H 60 -17.73 24.92 54.96
N ALA H 61 -18.52 25.35 55.94
CA ALA H 61 -18.00 25.73 57.24
C ALA H 61 -17.71 24.48 58.08
N ASP H 62 -16.92 24.68 59.14
CA ASP H 62 -16.55 23.56 60.01
C ASP H 62 -17.76 22.98 60.72
N SER H 63 -18.77 23.81 61.01
CA SER H 63 -20.02 23.32 61.58
C SER H 63 -20.94 22.73 60.51
N VAL H 64 -20.54 22.77 59.24
CA VAL H 64 -21.40 22.42 58.11
C VAL H 64 -20.72 21.39 57.21
N LYS H 65 -19.40 21.33 57.23
CA LYS H 65 -18.67 20.48 56.31
C LYS H 65 -18.98 19.00 56.53
N GLY H 66 -19.23 18.28 55.44
CA GLY H 66 -19.54 16.88 55.49
C GLY H 66 -20.97 16.54 55.83
N ARG H 67 -21.71 17.47 56.46
CA ARG H 67 -23.09 17.23 56.84
C ARG H 67 -24.05 17.65 55.74
N PHE H 68 -23.83 18.82 55.16
CA PHE H 68 -24.74 19.42 54.20
C PHE H 68 -24.15 19.31 52.80
N THR H 69 -24.94 19.70 51.79
CA THR H 69 -24.48 19.65 50.41
C THR H 69 -25.21 20.72 49.61
N ILE H 70 -24.44 21.58 48.94
CA ILE H 70 -24.97 22.62 48.08
C ILE H 70 -24.95 22.14 46.64
N SER H 71 -25.92 22.57 45.84
CA SER H 71 -26.00 22.20 44.44
C SER H 71 -26.82 23.24 43.70
N ARG H 72 -26.74 23.21 42.37
CA ARG H 72 -27.46 24.16 41.54
C ARG H 72 -27.77 23.53 40.19
N ASP H 73 -28.74 24.11 39.50
CA ASP H 73 -29.10 23.73 38.14
C ASP H 73 -29.23 25.04 37.37
N ASN H 74 -28.23 25.33 36.53
CA ASN H 74 -28.17 26.62 35.83
C ASN H 74 -29.17 26.73 34.70
N SER H 75 -29.77 25.62 34.26
CA SER H 75 -30.77 25.66 33.20
C SER H 75 -32.16 26.03 33.72
N LYS H 76 -32.38 26.00 35.03
CA LYS H 76 -33.65 26.37 35.63
C LYS H 76 -33.57 27.63 36.47
N ASN H 77 -32.39 28.21 36.64
CA ASN H 77 -32.18 29.37 37.51
C ASN H 77 -32.64 29.05 38.93
N THR H 78 -32.00 28.06 39.53
CA THR H 78 -32.38 27.58 40.84
C THR H 78 -31.14 27.09 41.58
N LEU H 79 -31.21 27.17 42.91
CA LEU H 79 -30.12 26.76 43.79
C LEU H 79 -30.67 25.89 44.91
N TYR H 80 -30.00 24.79 45.19
CA TYR H 80 -30.44 23.80 46.16
C TYR H 80 -29.40 23.61 47.25
N LEU H 81 -29.86 23.16 48.41
CA LEU H 81 -28.99 22.84 49.55
C LEU H 81 -29.58 21.61 50.23
N GLN H 82 -29.07 20.43 49.88
CA GLN H 82 -29.55 19.20 50.49
C GLN H 82 -29.23 19.21 51.98
N MET H 83 -30.15 18.67 52.78
CA MET H 83 -30.13 18.83 54.23
C MET H 83 -30.15 17.43 54.82
N ASP H 84 -29.13 17.09 55.61
CA ASP H 84 -29.02 15.77 56.22
C ASP H 84 -28.63 15.86 57.68
N SER H 85 -29.31 15.07 58.50
CA SER H 85 -29.00 14.93 59.92
C SER H 85 -29.02 16.29 60.63
N LEU H 86 -30.16 16.96 60.54
CA LEU H 86 -30.29 18.27 61.14
C LEU H 86 -30.24 18.17 62.66
N ARG H 87 -29.78 19.24 63.30
CA ARG H 87 -29.60 19.30 64.74
C ARG H 87 -30.24 20.57 65.28
N ALA H 88 -30.19 20.72 66.61
CA ALA H 88 -30.86 21.84 67.26
C ALA H 88 -30.30 23.18 66.80
N GLU H 89 -28.97 23.26 66.66
CA GLU H 89 -28.34 24.52 66.27
C GLU H 89 -28.73 24.96 64.86
N ASP H 90 -29.28 24.05 64.05
CA ASP H 90 -29.63 24.38 62.67
C ASP H 90 -30.82 25.32 62.56
N THR H 91 -31.54 25.57 63.65
CA THR H 91 -32.70 26.44 63.61
C THR H 91 -32.30 27.87 63.22
N ALA H 92 -32.67 28.28 62.02
CA ALA H 92 -32.27 29.59 61.51
C ALA H 92 -33.00 29.87 60.21
N VAL H 93 -33.08 31.15 59.87
CA VAL H 93 -33.59 31.57 58.56
C VAL H 93 -32.43 31.53 57.57
N TYR H 94 -32.65 30.91 56.41
CA TYR H 94 -31.60 30.65 55.44
C TYR H 94 -31.75 31.58 54.25
N TYR H 95 -30.66 32.27 53.92
CA TYR H 95 -30.62 33.24 52.82
C TYR H 95 -29.71 32.73 51.71
N CYS H 96 -30.13 32.95 50.47
CA CYS H 96 -29.28 32.72 49.30
C CYS H 96 -28.89 34.06 48.70
N ALA H 97 -27.59 34.23 48.44
CA ALA H 97 -27.04 35.53 48.05
C ALA H 97 -26.31 35.41 46.72
N LYS H 98 -26.36 36.49 45.94
CA LYS H 98 -25.68 36.56 44.66
C LYS H 98 -24.35 37.27 44.81
N ASP H 99 -23.33 36.77 44.11
CA ASP H 99 -22.04 37.46 44.09
C ASP H 99 -22.17 38.78 43.34
N LEU H 100 -21.53 39.82 43.87
CA LEU H 100 -21.56 41.12 43.21
C LEU H 100 -20.83 41.07 41.87
N SER H 101 -19.87 40.16 41.72
CA SER H 101 -19.05 40.05 40.53
C SER H 101 -19.19 38.64 39.94
N PHE H 102 -19.60 38.58 38.67
CA PHE H 102 -19.73 37.29 38.01
C PHE H 102 -18.37 36.68 37.73
N TYR H 103 -18.32 35.35 37.76
CA TYR H 103 -17.06 34.64 37.57
C TYR H 103 -16.71 34.43 36.10
N TYR H 104 -17.71 34.36 35.22
CA TYR H 104 -17.46 34.10 33.82
C TYR H 104 -18.73 34.43 33.04
N ASP H 105 -18.57 35.19 31.96
CA ASP H 105 -19.70 35.60 31.12
C ASP H 105 -19.94 34.51 30.07
N ILE H 106 -21.00 33.73 30.27
CA ILE H 106 -21.34 32.67 29.31
C ILE H 106 -21.68 33.26 27.96
N SER H 107 -22.35 34.41 27.94
CA SER H 107 -22.79 35.01 26.67
C SER H 107 -21.62 35.39 25.77
N THR H 108 -20.58 36.00 26.31
CA THR H 108 -19.46 36.50 25.52
C THR H 108 -18.13 35.81 25.83
N GLY H 109 -18.06 34.98 26.86
CA GLY H 109 -16.80 34.34 27.21
C GLY H 109 -15.86 35.20 28.02
N TYR H 110 -16.29 36.37 28.47
CA TYR H 110 -15.42 37.25 29.22
C TYR H 110 -15.07 36.64 30.56
N TYR H 111 -13.77 36.51 30.84
CA TYR H 111 -13.26 35.83 32.02
C TYR H 111 -12.34 36.80 32.77
N PRO H 112 -12.86 37.64 33.65
CA PRO H 112 -12.02 38.73 34.21
C PRO H 112 -10.78 38.26 34.95
N GLN H 113 -10.87 37.17 35.71
CA GLN H 113 -9.78 36.69 36.57
C GLN H 113 -9.47 37.64 37.73
N SER H 114 -10.29 38.67 37.92
CA SER H 114 -10.16 39.60 39.04
C SER H 114 -11.56 40.08 39.42
N TYR H 115 -11.96 39.79 40.65
CA TYR H 115 -13.38 39.85 41.03
C TYR H 115 -13.56 40.68 42.29
N ASN H 116 -14.64 41.46 42.32
CA ASN H 116 -15.01 42.20 43.51
C ASN H 116 -15.59 41.25 44.56
N SER H 117 -15.53 41.69 45.82
CA SER H 117 -15.79 40.82 46.96
C SER H 117 -17.23 40.87 47.46
N GLY H 118 -18.06 41.75 46.91
CA GLY H 118 -19.39 41.95 47.47
C GLY H 118 -20.39 40.87 47.09
N THR H 119 -21.45 40.80 47.88
CA THR H 119 -22.66 40.03 47.55
C THR H 119 -23.84 40.99 47.63
N ASP H 120 -24.32 41.43 46.47
CA ASP H 120 -25.28 42.54 46.42
C ASP H 120 -26.71 42.10 46.71
N VAL H 121 -27.17 41.02 46.09
CA VAL H 121 -28.57 40.62 46.14
C VAL H 121 -28.71 39.47 47.13
N TRP H 122 -29.63 39.62 48.08
CA TRP H 122 -29.97 38.59 49.05
C TRP H 122 -31.46 38.27 48.95
N GLY H 123 -31.80 37.00 49.05
CA GLY H 123 -33.18 36.61 49.08
C GLY H 123 -33.82 36.90 50.43
N GLN H 124 -35.16 36.89 50.44
CA GLN H 124 -35.90 37.20 51.66
C GLN H 124 -35.69 36.16 52.75
N GLY H 125 -35.50 34.91 52.39
CA GLY H 125 -35.19 33.87 53.36
C GLY H 125 -36.40 33.12 53.83
N THR H 126 -36.17 31.87 54.25
CA THR H 126 -37.21 30.99 54.76
C THR H 126 -36.75 30.39 56.08
N THR H 127 -37.68 30.26 57.02
CA THR H 127 -37.35 29.81 58.36
C THR H 127 -37.40 28.29 58.46
N VAL H 128 -36.38 27.72 59.11
CA VAL H 128 -36.32 26.29 59.40
C VAL H 128 -36.06 26.14 60.90
N THR H 129 -36.85 25.29 61.56
CA THR H 129 -36.72 25.02 62.98
C THR H 129 -36.53 23.53 63.19
N VAL H 130 -35.56 23.18 64.06
CA VAL H 130 -35.18 21.79 64.30
C VAL H 130 -35.45 21.52 65.78
N SER H 131 -36.58 20.90 66.07
CA SER H 131 -36.97 20.56 67.44
C SER H 131 -38.18 19.65 67.38
N SER H 132 -38.73 19.34 68.55
CA SER H 132 -39.92 18.51 68.66
C SER H 132 -40.81 18.97 69.80
N SER I 1 -13.64 26.64 63.32
CA SER I 1 -14.72 27.61 63.00
C SER I 1 -14.20 29.02 63.25
N TYR I 2 -13.67 29.70 62.22
CA TYR I 2 -13.11 31.07 62.33
C TYR I 2 -14.23 32.09 62.59
N GLU I 3 -13.93 33.24 63.21
CA GLU I 3 -14.92 34.27 63.49
C GLU I 3 -14.19 35.58 63.71
N LEU I 4 -14.83 36.67 63.28
CA LEU I 4 -14.25 38.01 63.37
C LEU I 4 -14.88 38.74 64.55
N THR I 5 -14.04 39.32 65.40
CA THR I 5 -14.53 39.95 66.62
C THR I 5 -15.00 41.37 66.37
N GLN I 6 -16.16 41.70 66.91
CA GLN I 6 -16.72 43.05 66.86
C GLN I 6 -17.39 43.35 68.20
N PRO I 7 -17.50 44.62 68.58
CA PRO I 7 -18.19 44.95 69.83
C PRO I 7 -19.67 44.64 69.73
N PRO I 8 -20.32 44.29 70.84
CA PRO I 8 -21.75 43.94 70.75
C PRO I 8 -22.63 45.08 70.29
N SER I 9 -22.32 46.33 70.65
CA SER I 9 -23.13 47.47 70.26
C SER I 9 -22.33 48.75 70.43
N VAL I 10 -22.78 49.80 69.76
CA VAL I 10 -22.18 51.13 69.85
C VAL I 10 -23.29 52.16 69.89
N SER I 11 -23.10 53.21 70.69
CA SER I 11 -24.07 54.27 70.88
C SER I 11 -23.63 55.52 70.13
N VAL I 12 -24.60 56.25 69.58
CA VAL I 12 -24.32 57.44 68.78
C VAL I 12 -25.56 58.33 68.79
N SER I 13 -25.34 59.66 68.69
CA SER I 13 -26.41 60.64 68.54
C SER I 13 -26.55 61.01 67.06
N PRO I 14 -27.72 61.51 66.63
CA PRO I 14 -27.85 61.94 65.23
C PRO I 14 -26.85 63.06 64.90
N GLY I 15 -26.27 62.98 63.72
CA GLY I 15 -25.31 63.96 63.25
C GLY I 15 -23.88 63.71 63.69
N GLN I 16 -23.66 62.83 64.67
CA GLN I 16 -22.31 62.55 65.13
C GLN I 16 -21.74 61.35 64.39
N THR I 17 -20.44 61.43 64.08
CA THR I 17 -19.79 60.39 63.30
C THR I 17 -19.83 59.06 64.03
N ALA I 18 -20.27 58.02 63.34
CA ALA I 18 -20.35 56.67 63.89
C ALA I 18 -19.31 55.78 63.22
N SER I 19 -18.58 55.02 64.04
CA SER I 19 -17.52 54.15 63.56
C SER I 19 -17.73 52.74 64.10
N ILE I 20 -17.32 51.76 63.31
CA ILE I 20 -17.48 50.35 63.64
C ILE I 20 -16.13 49.67 63.45
N THR I 21 -15.83 48.67 64.28
CA THR I 21 -14.58 47.94 64.24
C THR I 21 -14.83 46.46 64.02
N CYS I 22 -13.94 45.83 63.27
CA CYS I 22 -13.95 44.40 63.01
C CYS I 22 -12.51 43.93 62.91
N SER I 23 -12.17 42.88 63.65
CA SER I 23 -10.77 42.50 63.82
C SER I 23 -10.61 40.99 63.70
N GLY I 24 -9.42 40.58 63.30
CA GLY I 24 -9.04 39.18 63.19
C GLY I 24 -7.57 39.05 62.88
N ASP I 25 -6.96 37.93 63.24
CA ASP I 25 -5.51 37.77 63.13
C ASP I 25 -5.00 37.74 61.67
N LYS I 26 -5.84 37.86 60.64
CA LYS I 26 -5.38 37.86 59.26
C LYS I 26 -6.13 38.86 58.38
N LEU I 27 -6.90 39.78 58.97
CA LEU I 27 -7.87 40.54 58.20
C LEU I 27 -7.23 41.49 57.22
N GLY I 28 -5.93 41.78 57.38
CA GLY I 28 -5.22 42.57 56.38
C GLY I 28 -5.08 41.89 55.02
N ASP I 29 -4.82 40.59 55.00
CA ASP I 29 -4.59 39.88 53.75
C ASP I 29 -5.88 39.64 52.97
N LYS I 30 -6.97 39.36 53.66
CA LYS I 30 -8.25 39.14 52.99
C LYS I 30 -9.00 40.46 52.82
N TYR I 31 -10.04 40.41 51.99
CA TYR I 31 -10.93 41.56 51.81
C TYR I 31 -12.00 41.54 52.90
N ALA I 32 -12.36 42.74 53.37
CA ALA I 32 -13.42 42.89 54.36
C ALA I 32 -14.60 43.63 53.73
N CYS I 33 -15.78 43.04 53.86
CA CYS I 33 -17.02 43.60 53.34
C CYS I 33 -18.03 43.70 54.47
N TRP I 34 -18.90 44.71 54.39
CA TRP I 34 -19.82 45.05 55.46
C TRP I 34 -21.24 44.93 54.98
N TYR I 35 -22.11 44.40 55.84
CA TYR I 35 -23.54 44.26 55.57
C TYR I 35 -24.33 44.91 56.69
N GLN I 36 -25.31 45.73 56.29
CA GLN I 36 -26.21 46.39 57.23
C GLN I 36 -27.54 45.63 57.24
N GLN I 37 -27.96 45.20 58.41
CA GLN I 37 -29.17 44.38 58.58
C GLN I 37 -30.14 45.10 59.49
N LYS I 38 -31.27 45.54 58.94
CA LYS I 38 -32.36 46.01 59.78
C LYS I 38 -32.98 44.81 60.50
N PRO I 39 -33.57 45.01 61.68
CA PRO I 39 -34.28 43.90 62.33
C PRO I 39 -35.40 43.36 61.45
N GLY I 40 -35.46 42.04 61.34
CA GLY I 40 -36.51 41.41 60.56
C GLY I 40 -36.34 41.48 59.07
N GLN I 41 -35.17 41.90 58.58
CA GLN I 41 -34.90 42.02 57.15
C GLN I 41 -33.56 41.39 56.82
N SER I 42 -33.39 41.01 55.56
CA SER I 42 -32.15 40.41 55.12
C SER I 42 -31.03 41.47 55.08
N PRO I 43 -29.76 41.06 55.19
CA PRO I 43 -28.68 42.04 55.11
C PRO I 43 -28.60 42.66 53.72
N VAL I 44 -28.13 43.91 53.69
CA VAL I 44 -27.89 44.63 52.44
C VAL I 44 -26.43 45.08 52.44
N LEU I 45 -25.74 44.85 51.34
CA LEU I 45 -24.34 45.24 51.23
C LEU I 45 -24.21 46.76 51.27
N VAL I 46 -23.28 47.25 52.10
CA VAL I 46 -23.07 48.68 52.26
C VAL I 46 -21.65 49.05 51.87
N ILE I 47 -20.70 48.12 52.02
CA ILE I 47 -19.30 48.35 51.66
C ILE I 47 -18.70 47.02 51.22
N TYR I 48 -17.84 47.09 50.19
CA TYR I 48 -17.11 45.93 49.71
C TYR I 48 -15.75 46.38 49.22
N GLN I 49 -14.85 45.41 49.02
CA GLN I 49 -13.49 45.67 48.55
C GLN I 49 -12.74 46.61 49.49
N ASP I 50 -13.16 46.65 50.76
CA ASP I 50 -12.53 47.36 51.87
C ASP I 50 -12.68 48.88 51.80
N ASN I 51 -13.09 49.44 50.66
CA ASN I 51 -13.47 50.84 50.64
C ASN I 51 -14.56 51.20 49.63
N LYS I 52 -15.08 50.24 48.86
CA LYS I 52 -15.97 50.58 47.76
C LYS I 52 -17.42 50.63 48.25
N ARG I 53 -18.20 51.50 47.61
CA ARG I 53 -19.57 51.78 48.02
C ARG I 53 -20.54 51.29 46.94
N PRO I 54 -21.46 50.38 47.23
CA PRO I 54 -22.41 49.95 46.19
C PRO I 54 -23.29 51.10 45.73
N SER I 55 -23.75 51.00 44.48
CA SER I 55 -24.60 52.03 43.91
C SER I 55 -25.88 52.18 44.73
N GLY I 56 -26.29 53.43 44.93
CA GLY I 56 -27.47 53.75 45.69
C GLY I 56 -27.24 54.08 47.14
N ILE I 57 -26.11 53.67 47.72
CA ILE I 57 -25.80 54.02 49.10
C ILE I 57 -25.34 55.47 49.15
N PRO I 58 -25.80 56.30 50.09
CA PRO I 58 -25.27 57.66 50.19
C PRO I 58 -23.78 57.65 50.49
N GLU I 59 -23.09 58.69 50.02
CA GLU I 59 -21.64 58.74 50.09
C GLU I 59 -21.10 58.79 51.51
N ARG I 60 -21.94 59.07 52.51
CA ARG I 60 -21.48 59.18 53.88
C ARG I 60 -20.92 57.87 54.44
N PHE I 61 -21.26 56.73 53.83
CA PHE I 61 -20.73 55.45 54.28
C PHE I 61 -19.32 55.24 53.73
N SER I 62 -18.44 54.68 54.57
CA SER I 62 -17.06 54.44 54.17
C SER I 62 -16.49 53.32 55.02
N GLY I 63 -15.35 52.78 54.57
CA GLY I 63 -14.68 51.72 55.29
C GLY I 63 -13.20 51.70 54.98
N SER I 64 -12.46 50.98 55.81
CA SER I 64 -11.01 50.88 55.67
C SER I 64 -10.55 49.57 56.31
N ASN I 65 -9.33 49.17 55.95
CA ASN I 65 -8.76 47.93 56.46
C ASN I 65 -7.24 48.06 56.51
N SER I 66 -6.63 47.44 57.52
CA SER I 66 -5.19 47.45 57.67
C SER I 66 -4.80 46.46 58.75
N GLY I 67 -3.71 45.73 58.54
CA GLY I 67 -3.17 44.82 59.53
C GLY I 67 -4.14 43.74 59.95
N ASN I 68 -4.58 43.79 61.21
CA ASN I 68 -5.51 42.81 61.77
C ASN I 68 -6.91 43.35 61.95
N THR I 69 -7.16 44.61 61.61
CA THR I 69 -8.42 45.28 61.92
C THR I 69 -9.00 45.94 60.67
N ALA I 70 -10.31 45.80 60.50
CA ALA I 70 -11.09 46.55 59.53
C ALA I 70 -11.93 47.59 60.24
N THR I 71 -12.50 48.50 59.46
CA THR I 71 -13.25 49.61 60.03
C THR I 71 -14.33 50.06 59.05
N LEU I 72 -15.48 50.43 59.59
CA LEU I 72 -16.56 51.07 58.85
C LEU I 72 -16.96 52.34 59.57
N THR I 73 -17.14 53.42 58.80
CA THR I 73 -17.43 54.73 59.37
C THR I 73 -18.51 55.42 58.56
N ILE I 74 -19.39 56.12 59.27
CA ILE I 74 -20.44 56.94 58.67
C ILE I 74 -20.10 58.39 58.98
N SER I 75 -20.26 59.26 57.98
CA SER I 75 -19.84 60.66 58.11
C SER I 75 -21.01 61.53 58.54
N GLY I 76 -21.87 60.99 59.39
CA GLY I 76 -23.05 61.67 59.87
C GLY I 76 -24.17 60.69 60.11
N THR I 77 -24.77 60.75 61.30
CA THR I 77 -25.70 59.71 61.71
C THR I 77 -27.14 60.18 61.59
N GLN I 78 -28.00 59.30 61.08
CA GLN I 78 -29.43 59.53 60.99
C GLN I 78 -30.16 58.39 61.69
N ALA I 79 -31.47 58.58 61.89
CA ALA I 79 -32.26 57.59 62.60
C ALA I 79 -32.29 56.26 61.87
N MET I 80 -32.19 56.28 60.53
CA MET I 80 -32.25 55.05 59.77
C MET I 80 -30.97 54.22 59.89
N ASP I 81 -29.90 54.79 60.46
CA ASP I 81 -28.67 54.04 60.66
C ASP I 81 -28.76 53.04 61.81
N GLU I 82 -29.81 53.09 62.63
CA GLU I 82 -29.98 52.11 63.68
C GLU I 82 -30.20 50.74 63.07
N ALA I 83 -29.19 49.88 63.14
CA ALA I 83 -29.27 48.57 62.50
C ALA I 83 -28.12 47.72 63.02
N ASP I 84 -28.06 46.48 62.54
CA ASP I 84 -27.03 45.52 62.91
C ASP I 84 -26.05 45.38 61.75
N TYR I 85 -24.78 45.65 62.02
CA TYR I 85 -23.73 45.70 61.01
C TYR I 85 -22.79 44.52 61.19
N TYR I 86 -22.56 43.77 60.12
CA TYR I 86 -21.69 42.59 60.14
C TYR I 86 -20.57 42.74 59.13
N CYS I 87 -19.34 42.45 59.55
CA CYS I 87 -18.23 42.36 58.63
C CYS I 87 -18.07 40.94 58.11
N GLN I 88 -17.50 40.81 56.90
CA GLN I 88 -17.27 39.52 56.28
C GLN I 88 -15.83 39.46 55.76
N GLY I 89 -15.07 38.49 56.25
CA GLY I 89 -13.75 38.24 55.72
C GLY I 89 -13.84 37.44 54.43
N TRP I 90 -13.40 38.02 53.33
CA TRP I 90 -13.64 37.48 52.00
C TRP I 90 -12.31 37.14 51.34
N ASP I 91 -12.18 35.90 50.87
CA ASP I 91 -10.99 35.47 50.14
C ASP I 91 -11.40 34.31 49.23
N ARG I 92 -11.57 34.60 47.94
CA ARG I 92 -12.05 33.58 47.01
C ARG I 92 -11.03 32.48 46.80
N SER I 93 -9.73 32.79 46.93
CA SER I 93 -8.70 31.80 46.62
C SER I 93 -8.76 30.61 47.55
N THR I 94 -9.12 30.81 48.82
CA THR I 94 -9.14 29.76 49.82
C THR I 94 -10.55 29.45 50.32
N GLY I 95 -11.59 29.92 49.63
CA GLY I 95 -12.96 29.62 50.04
C GLY I 95 -13.31 30.13 51.42
N TYR I 96 -12.88 31.35 51.76
CA TYR I 96 -13.03 31.91 53.10
C TYR I 96 -14.06 33.04 53.05
N TYR I 97 -15.21 32.84 53.71
CA TYR I 97 -16.29 33.82 53.66
C TYR I 97 -17.01 34.00 54.99
N VAL I 98 -16.38 33.65 56.13
CA VAL I 98 -17.09 33.69 57.40
C VAL I 98 -17.42 35.13 57.77
N PHE I 99 -18.48 35.29 58.55
CA PHE I 99 -18.94 36.59 59.03
C PHE I 99 -18.38 36.88 60.41
N GLY I 100 -18.54 38.12 60.85
CA GLY I 100 -18.18 38.52 62.20
C GLY I 100 -19.33 38.37 63.17
N THR I 101 -19.06 38.76 64.42
CA THR I 101 -20.08 38.68 65.46
C THR I 101 -21.23 39.64 65.23
N GLY I 102 -20.97 40.80 64.63
CA GLY I 102 -22.00 41.81 64.43
C GLY I 102 -22.02 42.80 65.57
N THR I 103 -22.72 43.92 65.34
CA THR I 103 -22.80 44.98 66.32
C THR I 103 -24.07 45.78 66.09
N LYS I 104 -24.72 46.16 67.19
CA LYS I 104 -25.95 46.96 67.11
C LYS I 104 -25.60 48.44 67.23
N VAL I 105 -25.94 49.22 66.20
CA VAL I 105 -25.80 50.66 66.25
C VAL I 105 -27.03 51.24 66.94
N THR I 106 -26.81 51.98 68.02
CA THR I 106 -27.87 52.55 68.84
C THR I 106 -27.93 54.05 68.61
N VAL I 107 -29.09 54.56 68.23
CA VAL I 107 -29.31 55.98 68.02
C VAL I 107 -30.09 56.52 69.22
N LEU I 108 -29.47 57.46 69.93
CA LEU I 108 -30.06 58.02 71.15
C LEU I 108 -30.35 59.51 70.99
C1 NAG J . 46.17 15.28 18.66
C2 NAG J . 46.14 16.66 19.29
C3 NAG J . 46.59 17.70 18.26
C4 NAG J . 47.92 17.30 17.64
C5 NAG J . 47.83 15.87 17.11
C6 NAG J . 49.17 15.41 16.55
C7 NAG J . 44.41 16.84 20.99
C8 NAG J . 42.97 17.10 21.26
N2 NAG J . 44.80 17.00 19.74
O3 NAG J . 46.72 18.98 18.89
O4 NAG J . 48.23 18.17 16.56
O5 NAG J . 47.47 15.00 18.18
O6 NAG J . 49.05 14.02 16.19
O7 NAG J . 45.19 16.50 21.87
C1 NAG K . 60.65 -25.59 19.69
C2 NAG K . 60.97 -27.07 19.50
C3 NAG K . 62.46 -27.31 19.76
C4 NAG K . 63.31 -26.33 18.95
C5 NAG K . 62.84 -24.90 19.23
C6 NAG K . 63.66 -23.88 18.47
C7 NAG K . 59.00 -28.40 20.09
C8 NAG K . 58.17 -28.88 21.24
N2 NAG K . 60.19 -27.90 20.41
O3 NAG K . 62.77 -28.66 19.39
O4 NAG K . 64.68 -26.45 19.32
O5 NAG K . 61.48 -24.80 18.84
O6 NAG K . 63.18 -22.57 18.84
O7 NAG K . 58.60 -28.44 18.93
C1 NAG L . 53.83 -16.30 31.11
C2 NAG L . 53.20 -15.29 32.05
C3 NAG L . 52.93 -13.98 31.30
C4 NAG L . 54.22 -13.47 30.68
C5 NAG L . 54.77 -14.56 29.77
C6 NAG L . 56.10 -14.18 29.12
C7 NAG L . 51.73 -16.20 33.78
C8 NAG L . 50.29 -16.14 34.18
N2 NAG L . 51.94 -15.81 32.52
O3 NAG L . 52.42 -13.02 32.22
O4 NAG L . 53.95 -12.30 29.91
O5 NAG L . 55.00 -15.76 30.51
O6 NAG L . 57.16 -14.64 29.96
O7 NAG L . 52.63 -16.57 34.53
C1 NAG M . -4.58 17.82 41.11
C2 NAG M . -3.67 18.58 42.08
C3 NAG M . -3.96 18.29 43.55
C4 NAG M . -5.45 18.35 43.79
C5 NAG M . -6.08 17.28 42.93
C6 NAG M . -7.55 17.09 43.26
C7 NAG M . -1.44 19.26 41.46
C8 NAG M . -0.29 18.86 40.58
N2 NAG M . -2.29 18.28 41.78
O3 NAG M . -3.31 19.27 44.35
O4 NAG M . -5.75 18.14 45.16
O5 NAG M . -5.93 17.67 41.57
O6 NAG M . -8.27 18.30 43.03
O7 NAG M . -1.59 20.40 41.85
C1 NAG N . 66.83 -39.03 25.00
C2 NAG N . 67.40 -37.85 24.21
C3 NAG N . 67.84 -38.34 22.85
C4 NAG N . 68.85 -39.46 23.02
C5 NAG N . 68.23 -40.58 23.85
C6 NAG N . 69.24 -41.70 24.09
C7 NAG N . 66.36 -35.76 24.86
C8 NAG N . 65.11 -34.92 24.77
N2 NAG N . 66.40 -36.81 24.06
O3 NAG N . 68.44 -37.25 22.13
O4 NAG N . 69.22 -39.97 21.73
O5 NAG N . 67.81 -40.07 25.11
O6 NAG N . 68.62 -42.74 24.84
O7 NAG N . 67.26 -35.48 25.64
C1 NAG O . 58.74 -29.57 41.10
C2 NAG O . 59.71 -28.91 42.09
C3 NAG O . 60.60 -29.97 42.72
C4 NAG O . 59.72 -31.01 43.37
C5 NAG O . 58.75 -31.60 42.35
C6 NAG O . 57.84 -32.62 43.00
C7 NAG O . 60.19 -26.60 41.47
C8 NAG O . 60.99 -25.69 40.59
N2 NAG O . 60.52 -27.89 41.43
O3 NAG O . 61.46 -29.37 43.69
O4 NAG O . 60.54 -32.06 43.91
O5 NAG O . 57.97 -30.55 41.77
O6 NAG O . 56.95 -31.95 43.90
O7 NAG O . 59.29 -26.19 42.18
C1 NAG P . 40.19 -19.27 44.05
C2 NAG P . 41.06 -19.23 45.30
C3 NAG P . 40.19 -19.03 46.52
C4 NAG P . 39.35 -17.77 46.35
C5 NAG P . 38.54 -17.86 45.06
C6 NAG P . 37.76 -16.58 44.83
C7 NAG P . 43.07 -20.58 45.03
C8 NAG P . 43.48 -21.95 44.60
N2 NAG P . 41.82 -20.46 45.46
O3 NAG P . 41.01 -18.90 47.69
O4 NAG P . 38.47 -17.64 47.47
O5 NAG P . 39.40 -18.08 43.95
O6 NAG P . 37.01 -16.69 43.62
O7 NAG P . 43.83 -19.63 45.00
C1 NAG Q . 19.36 -18.50 51.44
C2 NAG Q . 19.60 -18.89 52.90
C3 NAG Q . 18.51 -18.30 53.78
C4 NAG Q . 18.42 -16.80 53.57
C5 NAG Q . 18.23 -16.49 52.09
C6 NAG Q . 18.23 -14.99 51.83
C7 NAG Q . 18.90 -21.24 52.54
C8 NAG Q . 19.61 -22.46 52.02
N2 NAG Q . 19.68 -20.32 53.10
O3 NAG Q . 18.79 -18.57 55.16
O4 NAG Q . 17.32 -16.27 54.32
O5 NAG Q . 19.26 -17.08 51.32
O6 NAG Q . 17.96 -14.77 50.44
O7 NAG Q . 17.68 -21.15 52.44
C1 NAG R . 19.28 41.88 24.45
C2 NAG R . 20.39 40.87 24.20
C3 NAG R . 21.66 41.34 24.90
C4 NAG R . 22.01 42.74 24.43
C5 NAG R . 20.84 43.68 24.68
C6 NAG R . 21.13 45.07 24.14
C7 NAG R . 19.51 38.62 23.90
C8 NAG R . 18.68 37.58 24.59
N2 NAG R . 20.04 39.55 24.68
O3 NAG R . 22.74 40.45 24.58
O4 NAG R . 23.16 43.22 25.15
O5 NAG R . 19.67 43.18 24.02
O6 NAG R . 21.12 45.04 22.71
O7 NAG R . 19.68 38.63 22.68
C1 NAG S . -2.96 47.51 7.88
C2 NAG S . -2.87 47.06 6.42
C3 NAG S . -1.45 47.20 5.91
C4 NAG S . -1.03 48.65 6.08
C5 NAG S . -1.16 49.06 7.54
C6 NAG S . -0.77 50.52 7.70
C7 NAG S . -4.51 45.34 5.89
C8 NAG S . -4.87 43.90 6.07
N2 NAG S . -3.28 45.67 6.29
O3 NAG S . -1.40 46.85 4.52
O4 NAG S . 0.34 48.80 5.67
O5 NAG S . -2.51 48.87 7.98
O6 NAG S . -1.76 51.35 7.08
O7 NAG S . -5.28 46.17 5.42
C1 NAG T . -18.75 59.65 9.87
C2 NAG T . -17.71 60.68 9.46
C3 NAG T . -18.39 61.79 8.65
C4 NAG T . -19.13 61.16 7.48
C5 NAG T . -20.10 60.12 7.97
C6 NAG T . -20.81 59.43 6.80
C7 NAG T . -15.82 60.90 10.97
C8 NAG T . -14.74 61.89 10.70
N2 NAG T . -17.04 61.27 10.61
O3 NAG T . -17.42 62.72 8.18
O4 NAG T . -19.84 62.19 6.77
O5 NAG T . -19.42 59.12 8.73
O6 NAG T . -19.84 58.71 6.03
O7 NAG T . -15.59 59.82 11.50
C1 NAG U . 19.42 10.01 36.85
C2 NAG U . 20.75 10.27 37.55
C3 NAG U . 20.74 9.64 38.93
C4 NAG U . 19.54 10.15 39.71
C5 NAG U . 18.25 9.90 38.94
C6 NAG U . 17.07 10.50 39.68
C7 NAG U . 22.55 10.45 35.91
C8 NAG U . 23.20 9.69 34.81
N2 NAG U . 21.85 9.72 36.78
O3 NAG U . 21.94 10.00 39.62
O4 NAG U . 19.48 9.48 40.97
O5 NAG U . 18.32 10.48 37.64
O6 NAG U . 17.18 11.94 39.66
O7 NAG U . 22.64 11.66 36.01
C1 NAG V . 35.51 19.96 2.74
C2 NAG V . 36.28 18.68 2.39
C3 NAG V . 37.77 18.93 2.53
C4 NAG V . 38.17 20.10 1.64
C5 NAG V . 37.34 21.33 2.01
C6 NAG V . 37.67 22.49 1.08
C7 NAG V . 35.06 16.64 2.86
C8 NAG V . 35.21 15.32 3.54
N2 NAG V . 35.89 17.60 3.26
O3 NAG V . 38.49 17.76 2.13
O4 NAG V . 39.55 20.39 1.81
O5 NAG V . 35.95 21.03 1.89
O6 NAG V . 37.22 22.17 -0.23
O7 NAG V . 34.23 16.82 1.99
C1 NAG W . -4.80 43.92 -34.54
C2 NAG W . -3.70 43.81 -33.49
C3 NAG W . -4.13 44.57 -32.24
C4 NAG W . -4.44 46.02 -32.62
C5 NAG W . -5.51 46.05 -33.70
C6 NAG W . -5.80 47.47 -34.16
C7 NAG W . -4.35 41.49 -33.07
C8 NAG W . -5.13 41.40 -31.78
N2 NAG W . -3.42 42.43 -33.13
O3 NAG W . -3.07 44.54 -31.29
O4 NAG W . -4.88 46.70 -31.44
O5 NAG W . -5.08 45.29 -34.83
O6 NAG W . -6.37 48.24 -33.10
O7 NAG W . -4.56 40.72 -34.00
C1 NAG X . 21.67 39.17 -28.30
C2 NAG X . 22.87 39.66 -27.53
C3 NAG X . 22.88 41.18 -27.51
C4 NAG X . 22.84 41.69 -28.95
C5 NAG X . 21.63 41.12 -29.67
C6 NAG X . 21.60 41.58 -31.13
C7 NAG X . 23.45 38.11 -25.74
C8 NAG X . 23.93 38.16 -24.31
N2 NAG X . 22.80 39.19 -26.15
O3 NAG X . 24.06 41.65 -26.86
O4 NAG X . 22.77 43.11 -28.95
O5 NAG X . 21.67 39.69 -29.63
O6 NAG X . 22.67 40.94 -31.84
O7 NAG X . 23.63 37.14 -26.46
C1 NAG Y . -16.52 54.04 34.66
C2 NAG Y . -17.54 54.94 35.34
C3 NAG Y . -18.90 54.31 35.10
C4 NAG Y . -19.12 54.15 33.61
C5 NAG Y . -18.02 53.29 33.01
C6 NAG Y . -18.20 53.07 31.51
C7 NAG Y . -16.41 55.85 37.30
C8 NAG Y . -15.46 55.23 38.29
N2 NAG Y . -17.29 55.02 36.76
O3 NAG Y . -19.91 55.16 35.67
O4 NAG Y . -20.39 53.50 33.38
O5 NAG Y . -16.75 53.89 33.26
O6 NAG Y . -18.01 54.30 30.81
O7 NAG Y . -16.37 57.03 37.00
C1 NAG Z . -1.23 -31.61 -26.01
C2 NAG Z . -1.44 -32.68 -24.96
C3 NAG Z . -1.66 -34.04 -25.63
C4 NAG Z . -2.73 -33.95 -26.71
C5 NAG Z . -2.40 -32.81 -27.66
C6 NAG Z . -3.46 -32.67 -28.75
C7 NAG Z . -0.34 -32.36 -22.83
C8 NAG Z . 0.94 -32.42 -22.04
N2 NAG Z . -0.28 -32.77 -24.09
O3 NAG Z . -2.06 -34.98 -24.63
O4 NAG Z . -2.81 -35.18 -27.42
O5 NAG Z . -2.35 -31.63 -26.89
O6 NAG Z . -3.32 -33.74 -29.69
O7 NAG Z . -1.38 -31.98 -22.32
C1 NAG AA . 15.60 -42.21 -26.36
C2 NAG AA . 15.75 -41.97 -27.85
C3 NAG AA . 14.39 -42.19 -28.50
C4 NAG AA . 13.85 -43.56 -28.10
C5 NAG AA . 13.77 -43.70 -26.59
C6 NAG AA . 13.30 -45.07 -26.16
C7 NAG AA . 17.44 -40.32 -28.39
C8 NAG AA . 17.75 -38.89 -28.66
N2 NAG AA . 16.18 -40.61 -28.10
O3 NAG AA . 14.51 -42.11 -29.92
O4 NAG AA . 12.54 -43.75 -28.68
O5 NAG AA . 15.07 -43.51 -26.08
O6 NAG AA . 14.42 -45.96 -26.19
O7 NAG AA . 18.29 -41.19 -28.43
C1 NAG BA . 25.67 -63.28 10.13
C2 NAG BA . 25.92 -63.76 11.55
C3 NAG BA . 26.33 -65.23 11.50
C4 NAG BA . 25.31 -66.03 10.73
C5 NAG BA . 25.11 -65.41 9.35
C6 NAG BA . 24.11 -66.17 8.51
C7 NAG BA . 26.71 -61.95 12.96
C8 NAG BA . 27.90 -61.12 13.34
N2 NAG BA . 26.97 -63.01 12.20
O3 NAG BA . 26.44 -65.74 12.84
O4 NAG BA . 25.78 -67.37 10.57
O5 NAG BA . 24.67 -64.07 9.51
O6 NAG BA . 23.98 -65.52 7.24
O7 NAG BA . 25.58 -61.67 13.31
C1 NAG CA . 36.69 8.49 -25.86
C2 NAG CA . 37.20 7.24 -26.58
C3 NAG CA . 38.70 7.05 -26.33
C4 NAG CA . 39.46 8.33 -26.58
C5 NAG CA . 38.84 9.47 -25.79
C6 NAG CA . 39.55 10.75 -26.13
C7 NAG CA . 36.34 5.53 -25.02
C8 NAG CA . 35.38 4.39 -24.93
N2 NAG CA . 36.48 6.04 -26.25
O3 NAG CA . 39.21 5.98 -27.14
O4 NAG CA . 40.83 8.17 -26.16
O5 NAG CA . 37.49 9.60 -26.20
O6 NAG CA . 39.22 11.08 -27.48
O7 NAG CA . 36.94 5.94 -24.03
C1 NAG DA . -33.66 -14.87 -37.45
C2 NAG DA . -32.71 -15.95 -37.93
C3 NAG DA . -32.73 -16.07 -39.45
C4 NAG DA . -34.17 -16.11 -39.96
C5 NAG DA . -34.98 -14.94 -39.41
C6 NAG DA . -36.41 -14.98 -39.91
C7 NAG DA . -30.55 -14.72 -37.70
C8 NAG DA . -29.22 -14.83 -37.03
N2 NAG DA . -31.36 -15.76 -37.46
O3 NAG DA . -32.03 -17.23 -39.88
O4 NAG DA . -34.18 -16.05 -41.40
O5 NAG DA . -34.97 -15.03 -37.99
O6 NAG DA . -37.11 -13.84 -39.40
O7 NAG DA . -30.82 -13.75 -38.41
C1 NAG EA . 54.10 -19.66 4.03
C2 NAG EA . 55.62 -19.73 4.10
C3 NAG EA . 56.22 -18.48 3.47
C4 NAG EA . 55.70 -18.32 2.05
C5 NAG EA . 54.17 -18.30 2.05
C6 NAG EA . 53.62 -18.21 0.65
C7 NAG EA . 56.33 -20.97 6.08
C8 NAG EA . 56.12 -20.99 7.56
N2 NAG EA . 56.07 -19.81 5.48
O3 NAG EA . 57.64 -18.58 3.46
O4 NAG EA . 56.19 -17.10 1.50
O5 NAG EA . 53.68 -19.48 2.68
O6 NAG EA . 52.19 -18.12 0.73
O7 NAG EA . 56.72 -21.94 5.45
C1 NAG FA . 47.35 -60.82 10.15
C2 NAG FA . 48.30 -61.49 9.16
C3 NAG FA . 49.21 -62.46 9.88
C4 NAG FA . 49.96 -61.72 10.98
C5 NAG FA . 48.95 -61.05 11.91
C6 NAG FA . 49.69 -60.27 13.00
C7 NAG FA . 47.23 -61.63 6.97
C8 NAG FA . 46.05 -62.26 6.28
N2 NAG FA . 47.58 -62.20 8.12
O3 NAG FA . 50.15 -63.02 8.96
O4 NAG FA . 50.75 -62.65 11.73
O5 NAG FA . 48.10 -60.17 11.17
O6 NAG FA . 50.31 -59.12 12.43
O7 NAG FA . 47.82 -60.68 6.49
C1 NAG GA . 47.99 -40.58 3.27
C2 NAG GA . 49.19 -41.38 2.77
C3 NAG GA . 50.31 -40.43 2.34
C4 NAG GA . 49.77 -39.46 1.30
C5 NAG GA . 48.55 -38.73 1.84
C6 NAG GA . 47.95 -37.85 0.77
C7 NAG GA . 49.31 -43.55 3.85
C8 NAG GA . 49.49 -44.23 5.18
N2 NAG GA . 49.69 -42.28 3.79
O3 NAG GA . 51.38 -41.19 1.79
O4 NAG GA . 50.79 -38.53 0.95
O5 NAG GA . 47.57 -39.67 2.26
O6 NAG GA . 46.80 -37.18 1.30
O7 NAG GA . 48.84 -44.12 2.89
C1 NAG HA . 35.40 -53.58 -0.13
C2 NAG HA . 36.52 -53.20 -1.09
C3 NAG HA . 35.97 -52.48 -2.31
C4 NAG HA . 34.88 -53.33 -2.96
C5 NAG HA . 33.81 -53.71 -1.94
C6 NAG HA . 32.79 -54.67 -2.55
C7 NAG HA . 37.48 -51.15 -0.05
C8 NAG HA . 38.39 -50.19 -0.75
N2 NAG HA . 37.58 -52.43 -0.44
O3 NAG HA . 37.01 -52.27 -3.27
O4 NAG HA . 34.30 -52.58 -4.04
O5 NAG HA . 34.40 -54.34 -0.81
O6 NAG HA . 32.06 -54.04 -3.60
O7 NAG HA . 36.71 -50.76 0.82
C1 NAG IA . 33.07 -71.11 20.69
C2 NAG IA . 32.33 -71.54 19.45
C3 NAG IA . 31.10 -72.34 19.82
C4 NAG IA . 31.47 -73.49 20.72
C5 NAG IA . 32.25 -72.99 21.93
C6 NAG IA . 32.80 -74.14 22.74
C7 NAG IA . 32.39 -70.15 17.46
C8 NAG IA . 32.10 -68.80 16.90
N2 NAG IA . 31.92 -70.38 18.69
O3 NAG IA . 30.51 -72.86 18.62
O4 NAG IA . 30.28 -74.15 21.17
O5 NAG IA . 33.37 -72.23 21.52
O6 NAG IA . 34.21 -73.93 22.88
O7 NAG IA . 33.01 -71.00 16.85
C1 NAG JA . 22.49 26.86 -55.35
C2 NAG JA . 23.17 27.98 -56.14
C3 NAG JA . 23.05 29.29 -55.38
C4 NAG JA . 21.58 29.57 -55.07
C5 NAG JA . 20.96 28.40 -54.32
C6 NAG JA . 19.45 28.56 -54.18
C7 NAG JA . 24.97 27.22 -57.59
C8 NAG JA . 26.32 26.57 -57.63
N2 NAG JA . 24.58 27.71 -56.42
O3 NAG JA . 23.58 30.34 -56.18
O4 NAG JA . 21.54 30.76 -54.29
O5 NAG JA . 21.14 27.20 -55.06
O6 NAG JA . 19.09 29.81 -53.57
O7 NAG JA . 24.26 27.30 -58.58
C1 NAG KA . 15.60 -11.65 -47.85
C2 NAG KA . 16.48 -11.89 -49.08
C3 NAG KA . 16.73 -13.38 -49.25
C4 NAG KA . 17.31 -13.95 -47.96
C5 NAG KA . 16.41 -13.62 -46.77
C6 NAG KA . 17.04 -14.09 -45.46
C7 NAG KA . 14.62 -11.29 -50.65
C8 NAG KA . 14.16 -12.39 -51.57
N2 NAG KA . 15.92 -11.32 -50.30
O3 NAG KA . 17.65 -13.58 -50.31
O4 NAG KA . 17.45 -15.37 -48.08
O5 NAG KA . 16.18 -12.23 -46.67
O6 NAG KA . 18.16 -13.25 -45.16
O7 NAG KA . 13.86 -10.42 -50.27
C1 NAG LA . -1.62 10.91 -47.39
C2 NAG LA . -3.00 10.78 -46.75
C3 NAG LA . -3.56 9.39 -46.99
C4 NAG LA . -3.61 9.14 -48.48
C5 NAG LA . -2.22 9.30 -49.07
C6 NAG LA . -2.24 9.09 -50.57
C7 NAG LA . -3.31 12.22 -44.82
C8 NAG LA . -3.39 12.28 -43.32
N2 NAG LA . -2.96 11.04 -45.32
O3 NAG LA . -4.88 9.31 -46.45
O4 NAG LA . -4.07 7.81 -48.73
O5 NAG LA . -1.71 10.62 -48.79
O6 NAG LA . -2.88 10.21 -51.19
O7 NAG LA . -3.54 13.19 -45.52
C1 NAG MA . -2.54 28.31 -56.25
C2 NAG MA . -2.80 27.76 -57.65
C3 NAG MA . -3.97 28.49 -58.29
C4 NAG MA . -5.19 28.43 -57.39
C5 NAG MA . -4.85 28.95 -55.99
C6 NAG MA . -6.01 28.79 -55.02
C7 NAG MA . -1.11 28.94 -59.03
C8 NAG MA . -0.96 28.91 -60.53
N2 NAG MA . -1.62 27.82 -58.49
O3 NAG MA . -4.29 27.90 -59.55
O4 NAG MA . -6.24 29.19 -57.96
O5 NAG MA . -3.73 28.25 -55.46
O6 NAG MA . -7.12 29.59 -55.44
O7 NAG MA . -0.76 29.91 -58.39
C1 NAG NA . 34.58 -16.80 -21.18
C2 NAG NA . 35.15 -17.08 -19.79
C3 NAG NA . 36.67 -17.13 -19.88
C4 NAG NA . 37.08 -18.17 -20.91
C5 NAG NA . 36.44 -17.85 -22.25
C6 NAG NA . 36.78 -18.92 -23.29
C7 NAG NA . 33.73 -16.23 -18.03
C8 NAG NA . 33.02 -14.97 -17.61
N2 NAG NA . 34.75 -16.06 -18.85
O3 NAG NA . 37.21 -17.49 -18.60
O4 NAG NA . 38.50 -18.17 -21.05
O5 NAG NA . 35.03 -17.78 -22.11
O6 NAG NA . 36.08 -20.12 -22.97
O7 NAG NA . 33.38 -17.33 -17.64
C1 NAG OA . -39.63 14.25 -35.74
C2 NAG OA . -38.59 13.14 -35.73
C3 NAG OA . -37.25 13.72 -36.14
C4 NAG OA . -37.33 14.63 -37.36
C5 NAG OA . -38.65 15.40 -37.53
C6 NAG OA . -38.86 15.78 -38.98
C7 NAG OA . -38.42 11.20 -34.32
C8 NAG OA . -39.15 10.45 -35.39
N2 NAG OA . -38.52 12.52 -34.42
O3 NAG OA . -36.35 12.64 -36.43
O4 NAG OA . -36.26 15.58 -37.27
O5 NAG OA . -39.77 14.64 -37.10
O6 NAG OA . -37.80 16.60 -39.46
O7 NAG OA . -37.81 10.64 -33.43
C1 NAG PA . -18.93 -37.56 12.15
C2 NAG PA . -17.71 -38.17 11.47
C3 NAG PA . -17.87 -39.68 11.39
C4 NAG PA . -18.11 -40.22 12.79
C5 NAG PA . -19.31 -39.54 13.43
C6 NAG PA . -19.52 -40.02 14.86
C7 NAG PA . -16.70 -36.64 9.88
C8 NAG PA . -17.03 -35.78 8.70
N2 NAG PA . -17.53 -37.64 10.13
O3 NAG PA . -16.69 -40.27 10.85
O4 NAG PA . -18.34 -41.63 12.73
O5 NAG PA . -19.13 -38.13 13.45
O6 NAG PA . -20.70 -39.41 15.39
O7 NAG PA . -15.72 -36.43 10.58
C1 NAG QA . -18.41 -5.48 35.38
C2 NAG QA . -19.08 -5.36 36.73
C3 NAG QA . -18.04 -5.02 37.79
C4 NAG QA . -16.88 -6.01 37.74
C5 NAG QA . -16.35 -6.09 36.32
C6 NAG QA . -15.23 -7.12 36.21
C7 NAG QA . -21.35 -4.58 36.42
C8 NAG QA . -22.28 -3.41 36.42
N2 NAG QA . -20.09 -4.32 36.71
O3 NAG QA . -18.61 -5.05 39.10
O4 NAG QA . -15.85 -5.53 38.60
O5 NAG QA . -17.41 -6.49 35.46
O6 NAG QA . -15.83 -8.41 36.32
O7 NAG QA . -21.74 -5.72 36.16
C1 NAG RA . -18.01 -25.43 42.82
C2 NAG RA . -18.98 -26.21 43.69
C3 NAG RA . -20.08 -25.30 44.18
C4 NAG RA . -19.48 -24.09 44.88
C5 NAG RA . -18.51 -23.39 43.94
C6 NAG RA . -17.87 -22.17 44.61
C7 NAG RA . -19.00 -28.53 42.89
C8 NAG RA . -19.75 -29.53 42.05
N2 NAG RA . -19.56 -27.32 42.95
O3 NAG RA . -20.94 -26.00 45.08
O4 NAG RA . -20.51 -23.18 45.27
O5 NAG RA . -17.50 -24.32 43.56
O6 NAG RA . -17.18 -21.41 43.62
O7 NAG RA . -17.97 -28.80 43.46
C1 NAG SA . 21.73 -35.34 54.70
C2 NAG SA . 23.05 -35.11 55.44
C3 NAG SA . 22.94 -35.72 56.83
C4 NAG SA . 21.70 -35.21 57.54
C5 NAG SA . 20.49 -35.45 56.67
C6 NAG SA . 19.23 -34.92 57.32
C7 NAG SA . 24.84 -35.11 53.77
C8 NAG SA . 25.79 -35.97 53.02
N2 NAG SA . 24.15 -35.74 54.72
O3 NAG SA . 24.11 -35.41 57.60
O4 NAG SA . 21.55 -35.89 58.79
O5 NAG SA . 20.67 -34.77 55.44
O6 NAG SA . 19.06 -33.57 56.85
O7 NAG SA . 24.71 -33.92 53.52
C1 NAG TA . 11.52 -43.53 46.33
C2 NAG TA . 10.36 -43.79 45.38
C3 NAG TA . 9.37 -42.65 45.49
C4 NAG TA . 8.95 -42.49 46.94
C5 NAG TA . 10.18 -42.24 47.78
C6 NAG TA . 9.84 -42.11 49.26
C7 NAG TA . 10.83 -44.98 43.31
C8 NAG TA . 11.31 -44.85 41.91
N2 NAG TA . 10.81 -43.86 44.01
O3 NAG TA . 8.22 -42.93 44.69
O4 NAG TA . 8.03 -41.40 47.05
O5 NAG TA . 11.06 -43.35 47.66
O6 NAG TA . 10.20 -43.33 49.89
O7 NAG TA . 10.47 -46.07 43.76
C1 NAG UA . -33.67 29.19 29.30
C2 NAG UA . -34.56 27.96 29.22
C3 NAG UA . -35.94 28.24 29.78
C4 NAG UA . -35.82 28.88 31.15
C5 NAG UA . -34.92 30.10 31.06
C6 NAG UA . -34.84 30.83 32.38
C7 NAG UA . -34.49 26.27 27.46
C8 NAG UA . -33.93 26.09 26.08
N2 NAG UA . -34.72 27.52 27.84
O3 NAG UA . -36.68 27.03 29.89
O4 NAG UA . -37.11 29.27 31.62
O5 NAG UA . -33.62 29.68 30.64
O6 NAG UA . -34.09 32.03 32.20
O7 NAG UA . -34.72 25.32 28.19
C1 NAG VA . -27.02 -34.71 -12.61
C2 NAG VA . -27.64 -35.73 -11.64
C3 NAG VA . -27.17 -37.15 -11.96
C4 NAG VA . -27.41 -37.46 -13.42
C5 NAG VA . -26.77 -36.38 -14.29
C6 NAG VA . -26.98 -36.67 -15.78
C7 NAG VA . -28.03 -35.68 -9.21
C8 NAG VA . -27.51 -35.14 -7.91
N2 NAG VA . -27.25 -35.45 -10.27
O3 NAG VA . -27.88 -38.10 -11.15
O4 NAG VA . -26.83 -38.73 -13.71
O5 NAG VA . -27.34 -35.10 -13.95
O6 NAG VA . -28.38 -36.55 -16.10
O7 NAG VA . -29.08 -36.29 -9.30
C1 NAG WA . 35.27 -43.84 58.70
C2 NAG WA . 34.27 -43.07 59.56
C3 NAG WA . 34.99 -41.94 60.29
C4 NAG WA . 36.15 -42.50 61.09
C5 NAG WA . 37.08 -43.29 60.18
C6 NAG WA . 38.20 -43.94 60.98
C7 NAG WA . 32.05 -43.11 58.55
C8 NAG WA . 31.25 -42.63 57.38
N2 NAG WA . 33.22 -42.50 58.75
O3 NAG WA . 34.06 -41.29 61.16
O4 NAG WA . 36.87 -41.44 61.71
O5 NAG WA . 36.36 -44.31 59.50
O6 NAG WA . 37.65 -45.00 61.77
O7 NAG WA . 31.66 -44.01 59.28
C1 NAG XA . 22.84 -56.66 48.06
C2 NAG XA . 22.05 -57.76 48.77
C3 NAG XA . 23.01 -58.74 49.42
C4 NAG XA . 23.94 -59.29 48.34
C5 NAG XA . 24.65 -58.14 47.65
C6 NAG XA . 25.55 -58.70 46.55
C7 NAG XA . 19.91 -56.88 49.57
C8 NAG XA . 19.28 -56.00 50.59
N2 NAG XA . 21.18 -57.20 49.81
O3 NAG XA . 22.27 -59.81 50.01
O4 NAG XA . 24.90 -60.16 48.95
O5 NAG XA . 23.71 -57.24 47.09
O6 NAG XA . 24.74 -59.21 45.48
O7 NAG XA . 19.31 -57.28 48.59
C1 NAG YA . 11.80 -54.05 29.79
C2 NAG YA . 11.57 -55.45 30.34
C3 NAG YA . 11.05 -56.36 29.23
C4 NAG YA . 9.80 -55.77 28.63
C5 NAG YA . 10.10 -54.36 28.13
C6 NAG YA . 8.84 -53.71 27.57
C7 NAG YA . 13.05 -55.92 32.20
C8 NAG YA . 14.50 -56.04 32.58
N2 NAG YA . 12.78 -56.02 30.90
O3 NAG YA . 10.77 -57.66 29.78
O4 NAG YA . 9.35 -56.59 27.55
O5 NAG YA . 10.59 -53.56 29.20
O6 NAG YA . 9.17 -52.44 27.01
O7 NAG YA . 12.18 -55.75 33.03
C1 NAG ZA . 9.68 -57.61 8.42
C2 NAG ZA . 8.31 -57.14 7.95
C3 NAG ZA . 7.74 -58.16 6.98
C4 NAG ZA . 8.73 -58.37 5.84
C5 NAG ZA . 10.09 -58.79 6.39
C6 NAG ZA . 11.09 -58.93 5.26
C7 NAG ZA . 7.09 -55.73 9.49
C8 NAG ZA . 7.21 -55.49 10.96
N2 NAG ZA . 7.40 -56.95 9.06
O3 NAG ZA . 6.50 -57.67 6.46
O4 NAG ZA . 8.23 -59.38 4.96
O5 NAG ZA . 10.56 -57.82 7.32
O6 NAG ZA . 11.31 -57.65 4.68
O7 NAG ZA . 6.74 -54.85 8.71
C1 NAG AB . -59.50 -16.78 -19.94
C2 NAG AB . -60.75 -17.16 -20.73
C3 NAG AB . -60.60 -16.77 -22.18
C4 NAG AB . -60.32 -15.29 -22.27
C5 NAG AB . -59.08 -14.96 -21.44
C6 NAG AB . -58.83 -13.46 -21.49
C7 NAG AB . -62.09 -19.06 -20.06
C8 NAG AB . -62.01 -20.49 -19.61
N2 NAG AB . -61.01 -18.58 -20.67
O3 NAG AB . -61.81 -17.06 -22.88
O4 NAG AB . -60.13 -14.88 -23.63
O5 NAG AB . -59.27 -15.38 -20.09
O6 NAG AB . -59.21 -12.96 -22.79
O7 NAG AB . -63.08 -18.38 -19.86
C1 NAG BB . -43.20 -18.01 16.81
C2 NAG BB . -44.37 -18.42 17.69
C3 NAG BB . -43.86 -18.95 19.02
C4 NAG BB . -42.84 -20.05 18.79
C5 NAG BB . -41.72 -19.57 17.87
C6 NAG BB . -40.77 -20.71 17.53
C7 NAG BB . -46.37 -17.12 17.19
C8 NAG BB . -46.77 -15.70 16.96
N2 NAG BB . -45.26 -17.31 17.92
O3 NAG BB . -44.97 -19.47 19.76
O4 NAG BB . -42.28 -20.46 20.04
O5 NAG BB . -42.25 -19.06 16.65
O6 NAG BB . -41.44 -21.65 16.68
O7 NAG BB . -47.01 -18.06 16.74
C1 NAG CB . -47.30 3.21 -0.98
C2 NAG CB . -46.41 4.38 -0.58
C3 NAG CB . -46.40 4.54 0.93
C4 NAG CB . -47.82 4.70 1.43
C5 NAG CB . -48.66 3.52 0.97
C6 NAG CB . -50.11 3.70 1.40
C7 NAG CB . -44.61 4.75 -2.18
C8 NAG CB . -43.34 4.18 -2.72
N2 NAG CB . -45.05 4.21 -1.05
O3 NAG CB . -45.63 5.70 1.28
O4 NAG CB . -47.83 4.76 2.86
O5 NAG CB . -48.61 3.40 -0.46
O6 NAG CB . -50.67 4.78 0.66
O7 NAG CB . -45.23 5.63 -2.75
C1 NAG DB . -59.80 7.65 -15.78
C2 NAG DB . -61.29 7.35 -15.94
C3 NAG DB . -62.04 8.65 -16.22
C4 NAG DB . -61.71 9.66 -15.12
C5 NAG DB . -60.21 9.86 -14.99
C6 NAG DB . -59.89 10.80 -13.84
C7 NAG DB . -62.47 6.13 -17.79
C8 NAG DB . -62.23 6.27 -19.26
N2 NAG DB . -61.42 6.37 -17.00
O3 NAG DB . -63.46 8.46 -16.19
O4 NAG DB . -62.33 10.91 -15.43
O5 NAG DB . -59.56 8.62 -14.77
O6 NAG DB . -60.25 10.16 -12.61
O7 NAG DB . -63.56 5.80 -17.32
C1 NAG EB . -37.21 40.46 3.38
C2 NAG EB . -36.68 39.27 4.18
C3 NAG EB . -37.45 38.00 3.80
C4 NAG EB . -38.95 38.22 3.92
C5 NAG EB . -39.40 39.45 3.13
C6 NAG EB . -40.86 39.74 3.38
C7 NAG EB . -34.61 38.01 3.70
C8 NAG EB . -33.94 37.44 4.92
N2 NAG EB . -35.27 39.15 3.87
O3 NAG EB . -37.14 36.93 4.71
O4 NAG EB . -39.64 37.08 3.44
O5 NAG EB . -38.63 40.59 3.50
O6 NAG EB . -41.28 40.83 2.54
O7 NAG EB . -34.54 37.46 2.61
#